data_9PNT
#
_entry.id   9PNT
#
_cell.length_a   1.00
_cell.length_b   1.00
_cell.length_c   1.00
_cell.angle_alpha   90.00
_cell.angle_beta   90.00
_cell.angle_gamma   90.00
#
_symmetry.space_group_name_H-M   'P 1'
#
_entity_poly.entity_id   1
_entity_poly.type   'polypeptide(L)'
_entity_poly.pdbx_seq_one_letter_code
;MSVFDRLAGFADSVTNAKQVDVSTATAQKKAEQGVTTPLVSPDAAYQMQAARTGNVGANAFEPGTVQSDFMNLTPMQIMN
KYGVEQGLQLINARADAGNQVFNDSVTTRTPGEELGDIATGVGLGFVNTLGGIGALGAGLLNDDAGAVVAQQLSKFNDAV
HATQSQALQDKRKLFAARNLMNEVESERQYQTDKKEGTNDIVASLSKFGRDFVGSIENAAQTDSIISDGLAEGVGSLLGA
GPVLRGASLLGKAVVPANTLRSAALAGAIDAGTGTQSLARIASTVGRAAPGMVGVGAMEAGGAYQQTADEIMKMSLKDLE
KSPVYQQHIKDGMSPEQARRQTASETGLTAAAIQLPIAAATGPLVSRFEMAPFRAGSLGAVGMNLARETVEEGVQGATGQ
LAQNIAQQQNIDKNQDLLKGVGTQAGLGALYGFGSAGVVQAPAGAARLAGAATAPVLRTTMAGVKAAGSVAGKVVSPIKN
TLVARGERVMKQNEEASPVADDYVAQAAQEAMAQAPEAEVTIRDAVEATDATPEQKVAAHQYVSDLMNATRFNPENYQEA
PEHIRNAVAGSTDQVQVIQKLADLVNTLDESNPQALMEAASYMYDAVSEFEQFINRDPAALDSIPKDSPAIELLNRYTNL
TANIQNTPKVIGALNVINRMINESAQNGSLNVTEESSPQEMQNVALAAEVAPEKLNPESVNVVLKHAADGRIKLNNRQIA
ALQNAAAILKGAREYDAEAARLGLRPQDIVSKQIKTDESRTQEGQYSALQHANRIRSAYNSGNFELASAYLNDFMQFAQH
MQNKVGALNEHLVTGNADKNKSVHYQALTADREWVRSRTGLGVNPYDTKSVKFAQQVALEAKTVADIANALASAYPELKV
SHIKVTPLDSRLNAPAAEVVKAFRQGNRDVASSQPKADSVNQVKETPVTKQEPVTSTVQTKTPVSESVKTEPTTKESSPQ
AIKEPVNQSEKQDVNLTNEDNIKQPTESVKETETSTKESTVTEELKEGIDAVYPSLVGTADSKAEGIKNYFKLSFTLPEE
QKSRTVGSEAPLKDVAQALSSRARYELFTEKETANPAFNGEVIKRYKELMEHGEGIADILRSRLAKFLNTKDVGKRFAQG
TEANRWVGGKLLNIVEQDGDTFKYNEQLLQTAVLAGLQWRLTATSNTAIKDAKDVAAITGIDQALLPEGLVEQFDTGMTL
TEAVSSLAQKIESYWGLSRNPNAPLGYTKGIPTAMAAEILAAFVESTDVVENIVDMSEIDPDNKKTIGLYTITELDSFDP
INSFPTAIEEAVLVNPTEKMFFGDDIPPVANTQLRNPAVRNTPEQKAALKAEQATEFYVHTPMVQFYETLGKDRILELMG
AGTLNKELLNDNHAKSLEGKNRSVEDSYNQLFSVIEQVRAQSEDISTVPIHYAYNMTRVGRMQMLGKYNPQSAKLVREAI
LPTKATLDLSNQNNEDFSAFQLGLAQALDIKVHTMTREVMSDELTKLLEGNLKPAIDMMVEFNTTGSLPENAVDVLNTAL
GDRKSFVALMALMEYSRYLVAEDKSAFVTPLYVEADGVTNGPINAMMLMTGGLFTPDWIRNIAKGGLFIGSPNKTMNEHR
STADNNDLYQASTNALMESLGKLRSNYASNMPIQSQIDSLLSLMDLFLPDINLGENGALELKRGIAKNPLTITIYGSGAR
GIAGKLVSSVTDAIYERMSDVLKARAKDPNISAAMAMFGKQAASEAHAEELLARFLKDMETLTSTVPVKRKGVLELQSTG
TGAKGKINPKTYTIKGEQLKALQENMLHFFVEPLRNGITQTVGESLVYSTEQLQKATQIQSVVLEDMFKQRVQEKLAEKA
KDPTWKKGDFLTQKELNDIQASLNNLAPMIETGSQTFYIAGSENAEVANQVLATNLDDRMRVPMSIYAPAQAGVAGIPFM
TIGTGDGMMMQTLSTMKGAPKNTLKIFDGMNIGLNDITDASRKANEAVYTSWQGNPIKNVYESYAKFMKNVDFSKLSPEA
LEAIGKSALEYDQRENATVDDIANAASLIERNLRNIALGVDIRHKVLDKVNLSIDQMAAVGAPYQNNGKIDLSNMTPEQQ
ADELNKLFREELEARKQKVAKARAEVKEETVSEKEPVNPDFGMVGREHKASGVRILSATAIRNLAKISNLPSTQAATLAE
IQKSLAAKDYKIIYGTPTQVAEYARQKNVTELTSQEMEEAQAGNIYGWTNFDDKTIYLVSPSMETLIHELVHASTFEEVY
SFYQGNEVSPTSKQAIENLEGLMEQFRSLDISKDSPEMREAYADAIATIEGHLSNGFVDPAISKAAALNEFMAWGLANRA
LAAKQKRTSSLVQMVKDVYQAIKKLIWGRKQAPALGEDMFSNLLFNSAILMRSQPTTQAVAKDGTLFHSKAYGNNERLSQ
LNQTFDKLVTDYLRTDPVTEVERRGNVANALMSATRLVRDVQSHGFNMTAQEQSVFQMVTAALATEAAIDPHAMARAQEL
YTHVMKHLTVEHFMADPDSTNPADRYYAQQKYDTISGANLVEVDAKGRTSLLPTFLGLAMVNEELRSIIKEMPVPKADKK
LGNDIDTLLTNAGTQVMESLNRRMAGDQKATNVQDSIDALSETIMAAALKRESFYDAVATPTGNFIDRANQYVTDSIERL
SETVIEKADKVIANPSNIAAKGVAHLAKLTAAIASEKQGEIVAQGVMTAMNQGKVWQPFHDLVNDIVGRTKTNANVYDLI
KLVKSQISQDRQQFREHLPTVIAGKFSRKLTDTEWSAMHTGLGKTDLAVLRETMSMAEIRDLLSSSKKVKDEISTLEKEI
QNQAGRNWNLVQKKSKQLAQYMIMGEVGNNLLRNAHAISRLLGERITNGPVADVAAIDKLITLYSLELMNKSDRDLLSEL
AQSEVEGMEFSIAYMVGQRTEEMRKAKGDNRTLLNHFKGYIPVENQQGVNLIIADDKEFAKLNSQSFTRIGTYQGSTGFR
TGSKGYYFSPVAARAPYSQGILQNVRNTAGGVDIGTGFTLGTMVAGRITDKPTVERITKALAKGERGREPLMPIYNSKGQ
VVAYEQSVDPNMLKHLNQDNHFAKMVGVWRGRQVEEAKAQRFNDILIEQLHAMYEKDIKDSSANKSQYVNLLGKIDDPVL
ADAINLMNIETRHKAEELFGKDELWVRRDMLNDALGYRAASIGDVWTGNSRWSPSTLDTVKKMFLGAFGNKAYHVVMNAE
NTIQNLVKDAKTVIVVKAVVVPAVNFLANIYQMIGRGVPVKDIAVNIPRKTSEINQYIKSRLRQIDAEAELRAAEGNPNL
VRKLKTEIQSITDSHRRMSIWPLIEAGEFSSIADAGISRDDLLVAEGKIHEYMEKLANKLPEKVRNAGRYALIAKDTALF
QGIQKTVEYSDFIAKAIIYDDLVKRKKKSSSEALGQVTEEFINYDRLPGRFRGYMESMGLMWFYNFKIRSIKVAMSMIRN
NPVHSLIATVVPAPTMFGNVGLPIQDNMLTMLAEGRLDYSLGFGQGLRAPTLNPWFNLTH
;
_entity_poly.pdbx_strand_id   A
#
# COMPACT_ATOMS: atom_id res chain seq x y z
N GLU A 1007 -56.97 35.75 32.88
CA GLU A 1007 -58.41 35.58 33.04
C GLU A 1007 -58.97 34.61 31.99
N GLY A 1008 -58.09 34.16 31.10
CA GLY A 1008 -58.49 33.20 30.09
C GLY A 1008 -58.81 31.84 30.66
N ILE A 1009 -57.79 31.16 31.19
CA ILE A 1009 -58.01 29.87 31.84
C ILE A 1009 -58.47 30.05 33.28
N ASP A 1010 -58.27 31.22 33.87
CA ASP A 1010 -58.69 31.47 35.24
C ASP A 1010 -60.20 31.64 35.37
N ALA A 1011 -60.92 31.81 34.26
CA ALA A 1011 -62.37 31.90 34.28
C ALA A 1011 -63.05 30.59 33.93
N VAL A 1012 -62.33 29.62 33.37
CA VAL A 1012 -62.91 28.32 33.06
C VAL A 1012 -62.84 27.39 34.28
N TYR A 1013 -61.81 27.51 35.11
CA TYR A 1013 -61.65 26.69 36.31
C TYR A 1013 -61.41 27.61 37.50
N PRO A 1014 -62.45 28.32 37.97
CA PRO A 1014 -62.26 29.25 39.09
C PRO A 1014 -62.28 28.60 40.46
N SER A 1015 -62.64 27.32 40.55
CA SER A 1015 -62.76 26.64 41.83
C SER A 1015 -61.53 25.81 42.19
N LEU A 1016 -60.49 25.84 41.36
CA LEU A 1016 -59.28 25.09 41.66
C LEU A 1016 -58.57 25.66 42.88
N VAL A 1017 -57.88 24.79 43.62
CA VAL A 1017 -57.24 25.17 44.87
C VAL A 1017 -55.93 25.86 44.56
N GLY A 1018 -55.72 27.03 45.18
CA GLY A 1018 -54.47 27.74 45.07
C GLY A 1018 -54.55 28.88 44.06
N THR A 1019 -53.68 29.87 44.26
CA THR A 1019 -53.61 31.02 43.37
C THR A 1019 -52.74 30.69 42.15
N ALA A 1020 -52.88 31.54 41.12
CA ALA A 1020 -52.16 31.36 39.86
C ALA A 1020 -50.95 32.28 39.75
N ASP A 1021 -50.26 32.54 40.85
CA ASP A 1021 -49.08 33.37 40.87
C ASP A 1021 -47.86 32.52 41.20
N SER A 1022 -46.79 32.68 40.42
CA SER A 1022 -45.59 31.89 40.61
C SER A 1022 -44.75 32.35 41.79
N LYS A 1023 -44.98 33.57 42.29
CA LYS A 1023 -44.23 34.12 43.41
C LYS A 1023 -45.16 34.43 44.58
N ALA A 1024 -46.12 33.53 44.83
CA ALA A 1024 -47.05 33.71 45.92
C ALA A 1024 -46.43 33.22 47.23
N GLU A 1025 -47.24 33.18 48.29
CA GLU A 1025 -46.79 32.76 49.61
C GLU A 1025 -47.37 31.43 50.04
N GLY A 1026 -48.62 31.14 49.69
CA GLY A 1026 -49.26 29.92 50.12
C GLY A 1026 -49.21 28.81 49.09
N ILE A 1027 -50.38 28.39 48.61
CA ILE A 1027 -50.49 27.30 47.65
C ILE A 1027 -50.64 27.90 46.26
N LYS A 1028 -49.81 27.43 45.32
CA LYS A 1028 -49.85 27.88 43.94
C LYS A 1028 -50.37 26.74 43.05
N ASN A 1029 -51.28 27.08 42.15
CA ASN A 1029 -51.85 26.11 41.22
C ASN A 1029 -51.00 26.06 39.97
N TYR A 1030 -50.27 24.96 39.79
CA TYR A 1030 -49.39 24.79 38.65
C TYR A 1030 -50.10 24.23 37.42
N PHE A 1031 -51.39 23.88 37.54
CA PHE A 1031 -52.17 23.53 36.36
C PHE A 1031 -52.49 24.76 35.53
N LYS A 1032 -52.92 25.84 36.19
CA LYS A 1032 -53.22 27.09 35.49
C LYS A 1032 -51.96 27.86 35.10
N LEU A 1033 -50.82 27.54 35.69
CA LEU A 1033 -49.55 28.19 35.35
C LEU A 1033 -48.83 27.50 34.20
N SER A 1034 -49.31 26.34 33.75
CA SER A 1034 -48.63 25.57 32.72
C SER A 1034 -49.45 25.38 31.45
N PHE A 1035 -50.76 25.61 31.47
CA PHE A 1035 -51.61 25.39 30.31
C PHE A 1035 -52.42 26.64 30.03
N THR A 1036 -52.68 26.87 28.73
CA THR A 1036 -53.41 28.04 28.28
C THR A 1036 -54.47 27.63 27.27
N LEU A 1037 -55.50 28.46 27.15
CA LEU A 1037 -56.57 28.17 26.21
C LEU A 1037 -56.11 28.39 24.77
N PRO A 1038 -56.55 27.56 23.83
CA PRO A 1038 -56.17 27.76 22.43
C PRO A 1038 -57.01 28.85 21.77
N GLU A 1039 -56.49 29.35 20.65
CA GLU A 1039 -57.21 30.38 19.90
C GLU A 1039 -58.50 29.82 19.32
N GLU A 1040 -58.43 28.66 18.68
CA GLU A 1040 -59.60 27.96 18.16
C GLU A 1040 -59.75 26.63 18.91
N GLN A 1041 -61.00 26.26 19.19
CA GLN A 1041 -61.25 25.07 19.98
C GLN A 1041 -60.81 23.81 19.25
N LYS A 1042 -60.32 22.84 20.03
CA LYS A 1042 -59.89 21.56 19.51
C LYS A 1042 -60.66 20.37 20.08
N SER A 1043 -61.36 20.54 21.19
CA SER A 1043 -62.15 19.49 21.79
C SER A 1043 -63.53 20.04 22.13
N ARG A 1044 -64.54 19.17 22.00
CA ARG A 1044 -65.92 19.56 22.23
C ARG A 1044 -66.35 19.40 23.69
N THR A 1045 -65.48 18.87 24.55
CA THR A 1045 -65.80 18.67 25.96
C THR A 1045 -65.38 19.84 26.82
N VAL A 1046 -64.75 20.87 26.26
CA VAL A 1046 -64.31 22.03 27.03
C VAL A 1046 -65.52 22.92 27.31
N GLY A 1047 -65.74 23.22 28.59
CA GLY A 1047 -66.85 24.05 29.01
C GLY A 1047 -68.07 23.28 29.48
N SER A 1048 -68.15 21.99 29.16
CA SER A 1048 -69.27 21.17 29.59
C SER A 1048 -69.14 20.82 31.08
N GLU A 1049 -70.26 20.38 31.65
CA GLU A 1049 -70.31 20.00 33.06
C GLU A 1049 -70.19 18.49 33.26
N ALA A 1050 -70.81 17.69 32.40
CA ALA A 1050 -70.78 16.23 32.49
C ALA A 1050 -70.37 15.67 31.14
N PRO A 1051 -69.07 15.66 30.82
CA PRO A 1051 -68.62 15.08 29.54
C PRO A 1051 -69.01 13.62 29.38
N LEU A 1052 -69.01 12.84 30.46
CA LEU A 1052 -69.38 11.43 30.35
C LEU A 1052 -70.87 11.24 30.07
N LYS A 1053 -71.69 12.27 30.30
CA LYS A 1053 -73.11 12.21 30.02
C LYS A 1053 -73.50 12.88 28.71
N ASP A 1054 -72.79 13.95 28.33
CA ASP A 1054 -73.09 14.61 27.07
C ASP A 1054 -72.65 13.76 25.88
N VAL A 1055 -71.47 13.13 25.98
CA VAL A 1055 -70.98 12.27 24.91
C VAL A 1055 -71.84 11.02 24.79
N ALA A 1056 -72.25 10.46 25.94
CA ALA A 1056 -73.11 9.28 25.91
C ALA A 1056 -74.46 9.59 25.29
N GLN A 1057 -74.96 10.82 25.47
CA GLN A 1057 -76.21 11.21 24.83
C GLN A 1057 -76.06 11.30 23.31
N ALA A 1058 -74.91 11.79 22.84
CA ALA A 1058 -74.69 11.92 21.41
C ALA A 1058 -74.50 10.58 20.72
N LEU A 1059 -74.18 9.53 21.47
CA LEU A 1059 -73.97 8.21 20.91
C LEU A 1059 -75.22 7.33 20.93
N SER A 1060 -76.36 7.89 21.34
CA SER A 1060 -77.58 7.11 21.49
C SER A 1060 -78.43 7.06 20.22
N SER A 1061 -78.08 7.83 19.19
CA SER A 1061 -78.87 7.83 17.97
C SER A 1061 -78.01 8.38 16.83
N ARG A 1062 -78.46 8.12 15.61
CA ARG A 1062 -77.77 8.65 14.43
C ARG A 1062 -78.03 10.14 14.25
N ALA A 1063 -79.26 10.59 14.54
CA ALA A 1063 -79.58 12.01 14.40
C ALA A 1063 -78.82 12.84 15.43
N ARG A 1064 -78.72 12.35 16.67
CA ARG A 1064 -77.99 13.08 17.70
C ARG A 1064 -76.49 13.10 17.40
N TYR A 1065 -75.97 12.01 16.87
CA TYR A 1065 -74.54 11.96 16.53
C TYR A 1065 -74.19 12.98 15.46
N GLU A 1066 -75.05 13.12 14.45
CA GLU A 1066 -74.80 14.11 13.41
C GLU A 1066 -74.91 15.53 13.94
N LEU A 1067 -75.88 15.78 14.82
CA LEU A 1067 -76.04 17.12 15.37
C LEU A 1067 -74.86 17.51 16.25
N PHE A 1068 -74.40 16.60 17.10
CA PHE A 1068 -73.27 16.89 17.98
C PHE A 1068 -72.00 17.12 17.17
N THR A 1069 -71.74 16.27 16.18
CA THR A 1069 -70.56 16.39 15.34
C THR A 1069 -70.69 17.50 14.30
N GLU A 1070 -71.91 17.93 13.99
CA GLU A 1070 -72.19 18.93 12.97
C GLU A 1070 -71.71 18.47 11.59
N LYS A 1071 -72.29 17.35 11.15
CA LYS A 1071 -72.02 16.78 9.84
C LYS A 1071 -73.35 16.39 9.18
N GLU A 1072 -73.34 16.37 7.85
CA GLU A 1072 -74.56 16.05 7.10
C GLU A 1072 -75.01 14.62 7.37
N THR A 1073 -74.07 13.67 7.33
CA THR A 1073 -74.39 12.27 7.56
C THR A 1073 -73.25 11.62 8.33
N ALA A 1074 -73.59 10.58 9.10
CA ALA A 1074 -72.63 9.86 9.89
C ALA A 1074 -72.08 8.67 9.11
N ASN A 1075 -71.18 7.93 9.73
CA ASN A 1075 -70.62 6.74 9.09
C ASN A 1075 -71.70 5.68 8.93
N PRO A 1076 -71.80 5.05 7.75
CA PRO A 1076 -72.83 4.01 7.57
C PRO A 1076 -72.65 2.81 8.49
N ALA A 1077 -71.44 2.56 9.00
CA ALA A 1077 -71.23 1.45 9.92
C ALA A 1077 -71.85 1.69 11.28
N PHE A 1078 -72.22 2.93 11.59
CA PHE A 1078 -72.84 3.27 12.88
C PHE A 1078 -74.32 2.88 12.84
N ASN A 1079 -74.55 1.57 12.88
CA ASN A 1079 -75.89 1.01 12.80
C ASN A 1079 -76.44 0.76 14.20
N GLY A 1080 -77.58 0.08 14.27
CA GLY A 1080 -78.23 -0.17 15.56
C GLY A 1080 -77.43 -1.08 16.46
N GLU A 1081 -76.82 -2.12 15.88
CA GLU A 1081 -76.05 -3.08 16.69
C GLU A 1081 -74.84 -2.41 17.33
N VAL A 1082 -74.17 -1.52 16.58
CA VAL A 1082 -73.03 -0.80 17.14
C VAL A 1082 -73.49 0.16 18.23
N ILE A 1083 -74.67 0.78 18.05
CA ILE A 1083 -75.19 1.70 19.04
C ILE A 1083 -75.45 0.99 20.36
N LYS A 1084 -76.01 -0.22 20.30
CA LYS A 1084 -76.30 -0.97 21.53
C LYS A 1084 -75.02 -1.31 22.28
N ARG A 1085 -73.95 -1.66 21.57
CA ARG A 1085 -72.70 -2.02 22.23
C ARG A 1085 -72.06 -0.82 22.93
N TYR A 1086 -72.20 0.38 22.36
CA TYR A 1086 -71.62 1.56 22.99
C TYR A 1086 -72.37 2.00 24.23
N LYS A 1087 -73.64 1.59 24.37
CA LYS A 1087 -74.38 1.88 25.60
C LYS A 1087 -73.77 1.16 26.79
N GLU A 1088 -73.35 -0.08 26.60
CA GLU A 1088 -72.71 -0.82 27.70
C GLU A 1088 -71.32 -0.29 28.00
N LEU A 1089 -70.59 0.17 26.97
CA LEU A 1089 -69.25 0.72 27.19
C LEU A 1089 -69.31 2.00 28.02
N MET A 1090 -70.30 2.85 27.76
CA MET A 1090 -70.44 4.08 28.55
C MET A 1090 -70.75 3.77 30.00
N GLU A 1091 -71.59 2.76 30.25
CA GLU A 1091 -71.88 2.35 31.61
C GLU A 1091 -70.65 1.77 32.30
N HIS A 1092 -69.79 1.09 31.54
CA HIS A 1092 -68.53 0.62 32.10
C HIS A 1092 -67.60 1.77 32.47
N GLY A 1093 -67.62 2.85 31.68
CA GLY A 1093 -66.80 4.00 31.99
C GLY A 1093 -67.26 4.78 33.21
N GLU A 1094 -68.53 4.67 33.58
CA GLU A 1094 -69.01 5.30 34.80
C GLU A 1094 -68.50 4.59 36.04
N GLY A 1095 -68.31 3.27 35.96
CA GLY A 1095 -67.74 2.53 37.08
C GLY A 1095 -66.26 2.74 37.26
N ILE A 1096 -65.55 3.10 36.20
CA ILE A 1096 -64.13 3.43 36.33
C ILE A 1096 -63.95 4.71 37.13
N ALA A 1097 -64.84 5.68 36.91
CA ALA A 1097 -64.75 6.95 37.65
C ALA A 1097 -65.01 6.75 39.13
N ASP A 1098 -65.87 5.80 39.50
CA ASP A 1098 -66.13 5.55 40.92
C ASP A 1098 -64.90 4.99 41.62
N ILE A 1099 -64.08 4.21 40.90
CA ILE A 1099 -62.85 3.68 41.50
C ILE A 1099 -61.86 4.80 41.74
N LEU A 1100 -61.70 5.71 40.77
CA LEU A 1100 -60.78 6.83 40.94
C LEU A 1100 -61.20 7.74 42.07
N ARG A 1101 -62.50 8.02 42.19
CA ARG A 1101 -62.99 8.88 43.25
C ARG A 1101 -62.82 8.26 44.63
N SER A 1102 -62.74 6.93 44.72
CA SER A 1102 -62.54 6.27 46.00
C SER A 1102 -61.07 6.14 46.37
N ARG A 1103 -60.18 6.08 45.39
CA ARG A 1103 -58.75 6.03 45.67
C ARG A 1103 -58.20 7.37 46.14
N LEU A 1104 -58.82 8.48 45.72
CA LEU A 1104 -58.36 9.79 46.17
C LEU A 1104 -58.74 10.03 47.62
N ALA A 1105 -59.89 9.54 48.07
CA ALA A 1105 -60.29 9.69 49.46
C ALA A 1105 -59.37 8.93 50.40
N LYS A 1106 -58.90 7.76 49.98
CA LYS A 1106 -57.95 7.00 50.80
C LYS A 1106 -56.60 7.71 50.86
N PHE A 1107 -56.18 8.34 49.77
CA PHE A 1107 -54.90 9.04 49.75
C PHE A 1107 -54.89 10.21 50.71
N LEU A 1108 -55.99 10.96 50.77
CA LEU A 1108 -56.08 12.11 51.66
C LEU A 1108 -56.29 11.73 53.12
N ASN A 1109 -56.56 10.47 53.41
CA ASN A 1109 -56.81 10.03 54.78
C ASN A 1109 -55.56 9.45 55.46
N THR A 1110 -54.71 8.77 54.70
CA THR A 1110 -53.50 8.19 55.27
C THR A 1110 -52.47 9.27 55.56
N LYS A 1111 -51.89 9.22 56.77
CA LYS A 1111 -50.83 10.12 57.21
C LYS A 1111 -51.27 11.59 57.21
N ASP A 1112 -52.58 11.84 57.26
CA ASP A 1112 -53.13 13.19 57.36
C ASP A 1112 -52.63 14.08 56.23
N VAL A 1113 -52.63 13.54 55.01
CA VAL A 1113 -52.21 14.34 53.85
C VAL A 1113 -53.20 15.48 53.61
N GLY A 1114 -54.49 15.21 53.70
CA GLY A 1114 -55.48 16.24 53.49
C GLY A 1114 -55.44 17.32 54.56
N LYS A 1115 -55.22 16.93 55.81
CA LYS A 1115 -55.14 17.90 56.90
C LYS A 1115 -53.94 18.82 56.72
N ARG A 1116 -52.80 18.27 56.34
CA ARG A 1116 -51.60 19.09 56.14
C ARG A 1116 -51.75 19.99 54.92
N PHE A 1117 -52.35 19.46 53.85
CA PHE A 1117 -52.49 20.25 52.62
C PHE A 1117 -53.40 21.46 52.83
N ALA A 1118 -54.35 21.36 53.76
CA ALA A 1118 -55.24 22.49 54.04
C ALA A 1118 -54.62 23.51 54.98
N GLN A 1119 -53.49 23.18 55.61
CA GLN A 1119 -52.82 24.09 56.52
C GLN A 1119 -51.74 24.93 55.84
N GLY A 1120 -51.50 24.72 54.55
CA GLY A 1120 -50.50 25.46 53.82
C GLY A 1120 -49.32 24.64 53.34
N THR A 1121 -49.26 23.36 53.67
CA THR A 1121 -48.16 22.52 53.22
C THR A 1121 -48.26 22.30 51.71
N GLU A 1122 -47.14 22.50 51.00
CA GLU A 1122 -47.11 22.36 49.56
C GLU A 1122 -47.03 20.88 49.18
N ALA A 1123 -48.15 20.18 49.38
CA ALA A 1123 -48.24 18.77 49.07
C ALA A 1123 -48.44 18.49 47.59
N ASN A 1124 -48.80 19.50 46.80
CA ASN A 1124 -49.02 19.32 45.37
C ASN A 1124 -47.73 19.35 44.56
N ARG A 1125 -46.59 19.64 45.19
CA ARG A 1125 -45.30 19.63 44.52
C ARG A 1125 -44.53 18.34 44.73
N TRP A 1126 -45.11 17.37 45.43
CA TRP A 1126 -44.46 16.09 45.64
C TRP A 1126 -44.47 15.27 44.35
N VAL A 1127 -43.65 14.22 44.33
CA VAL A 1127 -43.58 13.36 43.16
C VAL A 1127 -44.87 12.54 43.01
N GLY A 1128 -45.56 12.29 44.12
CA GLY A 1128 -46.80 11.53 44.07
C GLY A 1128 -48.03 12.37 44.32
N GLY A 1129 -47.84 13.63 44.68
CA GLY A 1129 -48.96 14.51 44.97
C GLY A 1129 -49.27 15.48 43.85
N LYS A 1130 -48.76 15.21 42.65
CA LYS A 1130 -48.96 16.10 41.51
C LYS A 1130 -50.42 16.14 41.02
N LEU A 1131 -51.25 15.22 41.48
CA LEU A 1131 -52.66 15.22 41.12
C LEU A 1131 -53.50 16.17 41.96
N LEU A 1132 -52.90 16.83 42.94
CA LEU A 1132 -53.61 17.77 43.80
C LEU A 1132 -53.78 19.14 43.17
N ASN A 1133 -53.32 19.32 41.94
CA ASN A 1133 -53.47 20.59 41.23
C ASN A 1133 -54.78 20.69 40.46
N ILE A 1134 -55.57 19.62 40.43
CA ILE A 1134 -56.82 19.61 39.67
C ILE A 1134 -57.98 19.25 40.60
N VAL A 1135 -57.84 19.55 41.89
CA VAL A 1135 -58.88 19.27 42.87
C VAL A 1135 -59.47 20.59 43.35
N GLU A 1136 -60.67 20.50 43.93
CA GLU A 1136 -61.37 21.65 44.46
C GLU A 1136 -61.77 21.38 45.91
N GLN A 1137 -61.83 22.45 46.69
CA GLN A 1137 -62.20 22.33 48.09
C GLN A 1137 -63.68 22.00 48.22
N ASP A 1138 -63.99 21.04 49.10
CA ASP A 1138 -65.38 20.62 49.34
C ASP A 1138 -65.52 20.42 50.85
N GLY A 1139 -66.13 21.40 51.52
CA GLY A 1139 -66.24 21.32 52.96
C GLY A 1139 -64.87 21.34 53.60
N ASP A 1140 -64.59 20.34 54.43
CA ASP A 1140 -63.29 20.18 55.06
C ASP A 1140 -62.35 19.26 54.29
N THR A 1141 -62.80 18.73 53.14
CA THR A 1141 -61.98 17.84 52.34
C THR A 1141 -61.89 18.33 50.90
N PHE A 1142 -61.32 17.53 50.01
CA PHE A 1142 -61.12 17.90 48.62
C PHE A 1142 -61.76 16.86 47.72
N LYS A 1143 -62.01 17.27 46.47
CA LYS A 1143 -62.65 16.40 45.49
C LYS A 1143 -62.14 16.76 44.10
N TYR A 1144 -62.31 15.81 43.18
CA TYR A 1144 -61.87 16.01 41.81
C TYR A 1144 -62.69 17.08 41.10
N ASN A 1145 -62.14 17.58 39.99
CA ASN A 1145 -62.89 18.43 39.09
C ASN A 1145 -63.60 17.54 38.07
N GLU A 1146 -64.93 17.68 37.99
CA GLU A 1146 -65.72 16.74 37.20
C GLU A 1146 -65.38 16.81 35.72
N GLN A 1147 -65.20 18.03 35.19
CA GLN A 1147 -64.90 18.17 33.76
C GLN A 1147 -63.56 17.55 33.41
N LEU A 1148 -62.55 17.77 34.25
CA LEU A 1148 -61.22 17.22 33.95
C LEU A 1148 -61.18 15.72 34.18
N LEU A 1149 -61.86 15.22 35.21
CA LEU A 1149 -61.80 13.80 35.54
C LEU A 1149 -62.56 12.98 34.50
N GLN A 1150 -63.77 13.40 34.13
CA GLN A 1150 -64.59 12.63 33.22
C GLN A 1150 -64.05 12.66 31.80
N THR A 1151 -63.36 13.74 31.42
CA THR A 1151 -62.73 13.78 30.10
C THR A 1151 -61.58 12.80 30.01
N ALA A 1152 -60.81 12.62 31.09
CA ALA A 1152 -59.72 11.65 31.08
C ALA A 1152 -60.23 10.23 31.00
N VAL A 1153 -61.40 9.96 31.58
CA VAL A 1153 -61.99 8.62 31.52
C VAL A 1153 -62.36 8.28 30.08
N LEU A 1154 -62.89 9.25 29.33
CA LEU A 1154 -63.25 9.01 27.94
C LEU A 1154 -62.03 8.65 27.11
N ALA A 1155 -60.90 9.32 27.36
CA ALA A 1155 -59.67 8.98 26.65
C ALA A 1155 -59.19 7.58 26.98
N GLY A 1156 -59.41 7.12 28.22
CA GLY A 1156 -59.02 5.77 28.57
C GLY A 1156 -59.83 4.71 27.84
N LEU A 1157 -61.12 4.97 27.63
CA LEU A 1157 -61.96 4.03 26.90
C LEU A 1157 -61.50 3.89 25.45
N GLN A 1158 -61.18 5.01 24.80
CA GLN A 1158 -60.68 4.95 23.42
C GLN A 1158 -59.32 4.27 23.36
N TRP A 1159 -58.45 4.54 24.35
CA TRP A 1159 -57.15 3.88 24.39
C TRP A 1159 -57.29 2.37 24.54
N ARG A 1160 -58.24 1.93 25.35
CA ARG A 1160 -58.44 0.50 25.58
C ARG A 1160 -58.83 -0.24 24.30
N LEU A 1161 -59.35 0.46 23.30
CA LEU A 1161 -59.86 -0.20 22.11
C LEU A 1161 -58.86 -0.31 20.98
N THR A 1162 -57.91 0.62 20.86
CA THR A 1162 -57.02 0.67 19.71
C THR A 1162 -55.54 0.82 20.07
N ALA A 1163 -55.17 0.62 21.34
CA ALA A 1163 -53.77 0.74 21.72
C ALA A 1163 -52.92 -0.34 21.08
N THR A 1164 -53.42 -1.58 21.05
CA THR A 1164 -52.62 -2.70 20.56
C THR A 1164 -52.27 -2.55 19.08
N SER A 1165 -53.23 -2.11 18.27
CA SER A 1165 -53.03 -2.01 16.83
C SER A 1165 -52.21 -0.79 16.41
N ASN A 1166 -51.56 -0.10 17.35
CA ASN A 1166 -50.76 1.07 17.03
C ASN A 1166 -49.38 1.08 17.65
N THR A 1167 -49.09 0.19 18.60
CA THR A 1167 -47.78 0.17 19.23
C THR A 1167 -46.72 -0.32 18.26
N ALA A 1168 -45.49 0.14 18.47
CA ALA A 1168 -44.38 -0.21 17.61
C ALA A 1168 -43.92 -1.65 17.89
N ILE A 1169 -43.04 -2.14 17.03
CA ILE A 1169 -42.50 -3.49 17.12
C ILE A 1169 -41.07 -3.41 17.67
N LYS A 1170 -40.79 -4.21 18.69
CA LYS A 1170 -39.49 -4.22 19.34
C LYS A 1170 -38.64 -5.36 18.77
N ASP A 1171 -37.42 -5.04 18.38
CA ASP A 1171 -36.48 -6.01 17.86
C ASP A 1171 -35.57 -6.50 18.97
N ALA A 1172 -34.54 -7.26 18.61
CA ALA A 1172 -33.60 -7.77 19.62
C ALA A 1172 -32.76 -6.65 20.23
N LYS A 1173 -32.43 -5.62 19.44
CA LYS A 1173 -31.63 -4.52 19.95
C LYS A 1173 -32.37 -3.74 21.04
N ASP A 1174 -33.67 -3.48 20.83
CA ASP A 1174 -34.44 -2.72 21.80
C ASP A 1174 -34.60 -3.50 23.11
N VAL A 1175 -34.83 -4.81 23.03
CA VAL A 1175 -35.01 -5.62 24.22
C VAL A 1175 -33.71 -5.66 25.03
N ALA A 1176 -32.57 -5.73 24.35
CA ALA A 1176 -31.29 -5.77 25.05
C ALA A 1176 -31.05 -4.49 25.85
N ALA A 1177 -31.40 -3.34 25.27
CA ALA A 1177 -31.21 -2.08 25.99
C ALA A 1177 -32.10 -2.00 27.23
N ILE A 1178 -33.35 -2.47 27.12
CA ILE A 1178 -34.27 -2.41 28.26
C ILE A 1178 -33.81 -3.33 29.37
N THR A 1179 -33.47 -4.58 29.02
CA THR A 1179 -33.08 -5.55 30.03
C THR A 1179 -31.65 -5.33 30.53
N GLY A 1180 -30.76 -4.85 29.66
CA GLY A 1180 -29.37 -4.71 29.99
C GLY A 1180 -28.50 -5.91 29.65
N ILE A 1181 -29.12 -7.03 29.26
CA ILE A 1181 -28.35 -8.21 28.87
C ILE A 1181 -27.75 -8.00 27.49
N ASP A 1182 -26.64 -8.68 27.22
CA ASP A 1182 -25.99 -8.57 25.92
C ASP A 1182 -26.89 -9.11 24.82
N GLN A 1183 -26.82 -8.46 23.65
CA GLN A 1183 -27.67 -8.85 22.53
C GLN A 1183 -27.37 -10.27 22.07
N ALA A 1184 -26.09 -10.64 22.02
CA ALA A 1184 -25.71 -11.97 21.55
C ALA A 1184 -26.03 -13.07 22.55
N LEU A 1185 -26.41 -12.72 23.78
CA LEU A 1185 -26.71 -13.71 24.82
C LEU A 1185 -28.15 -13.61 25.29
N LEU A 1186 -29.04 -13.13 24.43
CA LEU A 1186 -30.45 -13.04 24.79
C LEU A 1186 -31.05 -14.43 24.94
N PRO A 1187 -31.83 -14.69 26.00
CA PRO A 1187 -32.43 -16.02 26.17
C PRO A 1187 -33.43 -16.38 25.09
N GLU A 1188 -33.97 -17.59 25.15
CA GLU A 1188 -34.93 -18.07 24.16
C GLU A 1188 -36.34 -17.63 24.55
N GLY A 1189 -37.01 -16.96 23.62
CA GLY A 1189 -38.37 -16.51 23.84
C GLY A 1189 -38.50 -15.18 24.57
N LEU A 1190 -37.40 -14.57 24.98
CA LEU A 1190 -37.48 -13.28 25.67
C LEU A 1190 -38.02 -12.20 24.75
N VAL A 1191 -37.56 -12.18 23.50
CA VAL A 1191 -38.04 -11.17 22.55
C VAL A 1191 -39.52 -11.40 22.23
N GLU A 1192 -39.91 -12.67 22.05
CA GLU A 1192 -41.30 -12.98 21.75
C GLU A 1192 -42.21 -12.63 22.93
N GLN A 1193 -41.69 -12.68 24.16
CA GLN A 1193 -42.48 -12.31 25.32
C GLN A 1193 -42.64 -10.79 25.43
N PHE A 1194 -41.62 -10.03 25.02
CA PHE A 1194 -41.65 -8.59 25.24
C PHE A 1194 -42.64 -7.89 24.32
N ASP A 1195 -42.67 -8.26 23.04
CA ASP A 1195 -43.56 -7.59 22.09
C ASP A 1195 -45.01 -8.03 22.23
N THR A 1196 -45.28 -9.08 23.01
CA THR A 1196 -46.67 -9.45 23.29
C THR A 1196 -47.39 -8.37 24.06
N GLY A 1197 -46.72 -7.77 25.05
CA GLY A 1197 -47.28 -6.69 25.82
C GLY A 1197 -46.50 -5.41 25.69
N MET A 1198 -46.70 -4.47 26.62
CA MET A 1198 -46.01 -3.19 26.60
C MET A 1198 -45.43 -2.91 27.98
N THR A 1199 -44.29 -2.22 28.00
CA THR A 1199 -43.66 -1.85 29.25
C THR A 1199 -44.44 -0.72 29.93
N LEU A 1200 -44.04 -0.40 31.16
CA LEU A 1200 -44.72 0.65 31.92
C LEU A 1200 -44.57 2.01 31.22
N THR A 1201 -43.38 2.30 30.71
CA THR A 1201 -43.16 3.58 30.02
C THR A 1201 -44.00 3.68 28.76
N GLU A 1202 -44.09 2.59 27.98
CA GLU A 1202 -44.85 2.63 26.75
C GLU A 1202 -46.34 2.80 27.01
N ALA A 1203 -46.87 2.12 28.03
CA ALA A 1203 -48.30 2.19 28.30
C ALA A 1203 -48.69 3.56 28.85
N VAL A 1204 -47.89 4.09 29.78
CA VAL A 1204 -48.25 5.35 30.42
C VAL A 1204 -48.10 6.51 29.44
N SER A 1205 -46.99 6.54 28.68
CA SER A 1205 -46.74 7.66 27.79
C SER A 1205 -47.78 7.75 26.69
N SER A 1206 -48.17 6.60 26.12
CA SER A 1206 -49.19 6.60 25.08
C SER A 1206 -50.54 7.01 25.62
N LEU A 1207 -50.89 6.54 26.83
CA LEU A 1207 -52.16 6.92 27.43
C LEU A 1207 -52.18 8.40 27.77
N ALA A 1208 -51.07 8.94 28.28
CA ALA A 1208 -51.02 10.35 28.65
C ALA A 1208 -51.13 11.26 27.42
N GLN A 1209 -50.69 10.79 26.25
CA GLN A 1209 -50.80 11.59 25.04
C GLN A 1209 -52.25 11.82 24.66
N LYS A 1210 -53.09 10.79 24.81
CA LYS A 1210 -54.51 10.95 24.48
C LYS A 1210 -55.22 11.84 25.49
N ILE A 1211 -54.83 11.78 26.76
CA ILE A 1211 -55.47 12.61 27.78
C ILE A 1211 -55.25 14.09 27.49
N GLU A 1212 -54.03 14.45 27.12
CA GLU A 1212 -53.73 15.85 26.80
C GLU A 1212 -54.51 16.32 25.57
N SER A 1213 -54.64 15.45 24.56
CA SER A 1213 -55.39 15.82 23.37
C SER A 1213 -56.86 16.07 23.68
N TYR A 1214 -57.46 15.25 24.54
CA TYR A 1214 -58.87 15.42 24.86
C TYR A 1214 -59.12 16.63 25.75
N TRP A 1215 -58.11 17.02 26.55
CA TRP A 1215 -58.27 18.20 27.39
C TRP A 1215 -58.35 19.47 26.57
N GLY A 1216 -57.73 19.49 25.39
CA GLY A 1216 -57.84 20.62 24.48
C GLY A 1216 -57.20 21.91 24.98
N LEU A 1217 -56.00 21.83 25.53
CA LEU A 1217 -55.27 23.00 26.00
C LEU A 1217 -53.90 23.05 25.32
N SER A 1218 -53.17 24.14 25.57
CA SER A 1218 -51.87 24.37 24.98
C SER A 1218 -50.83 24.56 26.08
N ARG A 1219 -49.65 23.97 25.88
CA ARG A 1219 -48.60 24.07 26.87
C ARG A 1219 -47.99 25.47 26.91
N ASN A 1220 -47.50 25.84 28.08
CA ASN A 1220 -46.82 27.12 28.25
C ASN A 1220 -45.32 26.93 28.05
N PRO A 1221 -44.70 27.58 27.07
CA PRO A 1221 -43.27 27.35 26.82
C PRO A 1221 -42.37 27.83 27.96
N ASN A 1222 -42.87 28.64 28.89
CA ASN A 1222 -42.08 29.14 30.01
C ASN A 1222 -42.42 28.44 31.32
N ALA A 1223 -43.04 27.26 31.26
CA ALA A 1223 -43.39 26.52 32.45
C ALA A 1223 -42.50 25.29 32.59
N PRO A 1224 -42.12 24.92 33.82
CA PRO A 1224 -41.19 23.80 34.01
C PRO A 1224 -41.75 22.50 33.45
N LEU A 1225 -40.84 21.67 32.93
CA LEU A 1225 -41.22 20.40 32.33
C LEU A 1225 -41.74 19.39 33.36
N GLY A 1226 -41.53 19.65 34.65
CA GLY A 1226 -42.04 18.75 35.67
C GLY A 1226 -43.52 18.84 35.93
N TYR A 1227 -44.20 19.82 35.34
CA TYR A 1227 -45.64 20.01 35.48
C TYR A 1227 -46.38 19.92 34.17
N THR A 1228 -45.83 20.48 33.08
CA THR A 1228 -46.47 20.34 31.78
C THR A 1228 -46.46 18.89 31.31
N LYS A 1229 -45.47 18.11 31.74
CA LYS A 1229 -45.39 16.70 31.39
C LYS A 1229 -45.75 15.78 32.55
N GLY A 1230 -45.78 16.29 33.77
CA GLY A 1230 -46.04 15.46 34.94
C GLY A 1230 -47.51 15.32 35.29
N ILE A 1231 -48.26 16.42 35.19
CA ILE A 1231 -49.70 16.36 35.49
C ILE A 1231 -50.44 15.42 34.56
N PRO A 1232 -50.28 15.48 33.23
CA PRO A 1232 -50.90 14.45 32.39
C PRO A 1232 -50.39 13.04 32.67
N THR A 1233 -49.12 12.90 33.06
CA THR A 1233 -48.57 11.58 33.33
C THR A 1233 -49.12 11.01 34.63
N ALA A 1234 -49.33 11.86 35.65
CA ALA A 1234 -49.87 11.38 36.91
C ALA A 1234 -51.31 10.88 36.76
N MET A 1235 -52.07 11.48 35.84
CA MET A 1235 -53.42 11.01 35.57
C MET A 1235 -53.41 9.68 34.81
N ALA A 1236 -52.45 9.51 33.90
CA ALA A 1236 -52.37 8.26 33.14
C ALA A 1236 -52.04 7.08 34.05
N ALA A 1237 -51.16 7.29 35.03
CA ALA A 1237 -50.81 6.21 35.95
C ALA A 1237 -51.99 5.81 36.83
N GLU A 1238 -52.86 6.76 37.17
CA GLU A 1238 -54.01 6.45 38.00
C GLU A 1238 -55.07 5.68 37.21
N ILE A 1239 -55.27 6.04 35.94
CA ILE A 1239 -56.24 5.35 35.11
C ILE A 1239 -55.77 3.93 34.81
N LEU A 1240 -54.47 3.75 34.56
CA LEU A 1240 -53.94 2.42 34.31
C LEU A 1240 -54.10 1.52 35.52
N ALA A 1241 -53.93 2.08 36.72
CA ALA A 1241 -54.14 1.31 37.94
C ALA A 1241 -55.60 0.88 38.08
N ALA A 1242 -56.53 1.77 37.72
CA ALA A 1242 -57.95 1.43 37.79
C ALA A 1242 -58.31 0.33 36.81
N PHE A 1243 -57.68 0.34 35.63
CA PHE A 1243 -57.96 -0.70 34.64
C PHE A 1243 -57.49 -2.07 35.12
N VAL A 1244 -56.38 -2.11 35.86
CA VAL A 1244 -55.89 -3.37 36.41
C VAL A 1244 -56.89 -3.94 37.41
N GLU A 1245 -57.43 -3.08 38.27
CA GLU A 1245 -58.42 -3.52 39.26
C GLU A 1245 -59.69 -4.02 38.58
N SER A 1246 -60.02 -3.49 37.42
CA SER A 1246 -61.21 -3.89 36.67
C SER A 1246 -60.95 -5.07 35.75
N THR A 1247 -59.76 -5.66 35.80
CA THR A 1247 -59.36 -6.83 35.01
C THR A 1247 -59.37 -6.54 33.51
N ASP A 1248 -59.37 -5.26 33.12
CA ASP A 1248 -59.24 -4.91 31.72
C ASP A 1248 -57.79 -5.05 31.23
N VAL A 1249 -56.83 -4.83 32.12
CA VAL A 1249 -55.41 -4.94 31.81
C VAL A 1249 -54.78 -5.89 32.80
N VAL A 1250 -53.98 -6.84 32.30
CA VAL A 1250 -53.32 -7.84 33.12
C VAL A 1250 -51.85 -7.45 33.26
N GLU A 1251 -51.36 -7.46 34.48
CA GLU A 1251 -49.98 -7.06 34.79
C GLU A 1251 -49.15 -8.30 35.10
N ASN A 1252 -48.01 -8.41 34.43
CA ASN A 1252 -47.07 -9.50 34.64
C ASN A 1252 -45.70 -8.92 34.98
N ILE A 1253 -45.00 -9.58 35.91
CA ILE A 1253 -43.70 -9.14 36.37
C ILE A 1253 -42.67 -10.20 35.99
N VAL A 1254 -41.62 -9.78 35.31
CA VAL A 1254 -40.51 -10.65 34.93
C VAL A 1254 -39.27 -10.19 35.70
N ASP A 1255 -38.58 -11.15 36.32
CA ASP A 1255 -37.41 -10.87 37.13
C ASP A 1255 -36.16 -11.30 36.36
N MET A 1256 -35.23 -10.36 36.18
CA MET A 1256 -33.99 -10.66 35.48
C MET A 1256 -33.03 -11.48 36.32
N SER A 1257 -33.24 -11.57 37.64
CA SER A 1257 -32.36 -12.35 38.48
C SER A 1257 -32.52 -13.85 38.27
N GLU A 1258 -33.68 -14.28 37.76
CA GLU A 1258 -33.89 -15.70 37.50
C GLU A 1258 -32.94 -16.21 36.41
N ILE A 1259 -32.78 -15.44 35.35
CA ILE A 1259 -31.87 -15.83 34.27
C ILE A 1259 -30.45 -15.35 34.55
N ASP A 1260 -30.28 -14.11 34.97
CA ASP A 1260 -28.98 -13.54 35.29
C ASP A 1260 -28.98 -13.09 36.75
N PRO A 1261 -28.45 -13.89 37.68
CA PRO A 1261 -28.44 -13.49 39.09
C PRO A 1261 -27.68 -12.20 39.35
N ASP A 1262 -26.70 -11.87 38.50
CA ASP A 1262 -25.97 -10.61 38.66
C ASP A 1262 -26.81 -9.39 38.27
N ASN A 1263 -27.97 -9.59 37.65
CA ASN A 1263 -28.85 -8.50 37.25
C ASN A 1263 -30.00 -8.40 38.25
N LYS A 1264 -30.20 -7.21 38.80
CA LYS A 1264 -31.24 -6.97 39.80
C LYS A 1264 -32.43 -6.19 39.24
N LYS A 1265 -32.49 -6.00 37.94
CA LYS A 1265 -33.58 -5.22 37.35
C LYS A 1265 -34.89 -5.99 37.39
N THR A 1266 -35.98 -5.26 37.56
CA THR A 1266 -37.33 -5.81 37.54
C THR A 1266 -38.16 -5.03 36.53
N ILE A 1267 -38.84 -5.74 35.64
CA ILE A 1267 -39.62 -5.13 34.56
C ILE A 1267 -41.04 -5.66 34.63
N GLY A 1268 -42.01 -4.77 34.51
CA GLY A 1268 -43.42 -5.15 34.47
C GLY A 1268 -43.97 -5.02 33.07
N LEU A 1269 -44.85 -5.95 32.69
CA LEU A 1269 -45.45 -5.98 31.37
C LEU A 1269 -46.97 -5.94 31.50
N TYR A 1270 -47.60 -5.13 30.67
CA TYR A 1270 -49.05 -4.94 30.69
C TYR A 1270 -49.64 -5.35 29.34
N THR A 1271 -50.68 -6.18 29.39
CA THR A 1271 -51.38 -6.62 28.19
C THR A 1271 -52.86 -6.29 28.33
N ILE A 1272 -53.45 -5.80 27.25
CA ILE A 1272 -54.86 -5.41 27.24
C ILE A 1272 -55.68 -6.64 26.86
N THR A 1273 -56.70 -6.93 27.66
CA THR A 1273 -57.59 -8.05 27.36
C THR A 1273 -58.36 -7.76 26.07
N GLU A 1274 -58.32 -8.71 25.15
CA GLU A 1274 -58.91 -8.52 23.83
C GLU A 1274 -60.38 -8.91 23.82
N LEU A 1275 -61.14 -8.29 22.93
CA LEU A 1275 -62.55 -8.57 22.77
C LEU A 1275 -62.76 -9.76 21.84
N ASP A 1276 -64.01 -10.20 21.75
CA ASP A 1276 -64.35 -11.31 20.88
C ASP A 1276 -64.23 -10.89 19.41
N SER A 1277 -63.96 -11.88 18.56
CA SER A 1277 -63.83 -11.61 17.13
C SER A 1277 -65.16 -11.27 16.48
N PHE A 1278 -66.28 -11.64 17.11
CA PHE A 1278 -67.61 -11.35 16.59
C PHE A 1278 -68.24 -10.13 17.26
N ASP A 1279 -67.47 -9.35 18.00
CA ASP A 1279 -68.00 -8.19 18.67
C ASP A 1279 -68.42 -7.14 17.65
N PRO A 1280 -69.67 -6.67 17.68
CA PRO A 1280 -70.09 -5.64 16.70
C PRO A 1280 -69.32 -4.34 16.81
N ILE A 1281 -68.70 -4.05 17.96
CA ILE A 1281 -67.95 -2.82 18.11
C ILE A 1281 -66.66 -2.81 17.29
N ASN A 1282 -66.25 -3.96 16.76
CA ASN A 1282 -65.02 -4.02 15.97
C ASN A 1282 -65.18 -3.40 14.59
N SER A 1283 -66.42 -3.20 14.14
CA SER A 1283 -66.67 -2.61 12.83
C SER A 1283 -66.62 -1.09 12.83
N PHE A 1284 -66.58 -0.46 14.00
CA PHE A 1284 -66.48 0.99 14.12
C PHE A 1284 -65.95 1.36 15.50
N PRO A 1285 -64.67 1.15 15.77
CA PRO A 1285 -64.12 1.40 17.11
C PRO A 1285 -63.60 2.81 17.35
N THR A 1286 -63.92 3.77 16.50
CA THR A 1286 -63.43 5.14 16.63
C THR A 1286 -64.58 6.14 16.71
N ALA A 1287 -65.68 5.74 17.36
CA ALA A 1287 -66.82 6.64 17.52
C ALA A 1287 -66.55 7.72 18.56
N ILE A 1288 -65.88 7.36 19.66
CA ILE A 1288 -65.59 8.33 20.71
C ILE A 1288 -64.60 9.38 20.20
N GLU A 1289 -63.57 8.94 19.49
CA GLU A 1289 -62.54 9.86 19.02
C GLU A 1289 -63.11 10.89 18.05
N GLU A 1290 -63.97 10.46 17.14
CA GLU A 1290 -64.54 11.37 16.16
C GLU A 1290 -65.62 12.27 16.73
N ALA A 1291 -66.08 12.01 17.95
CA ALA A 1291 -67.11 12.83 18.59
C ALA A 1291 -66.54 13.91 19.50
N VAL A 1292 -65.29 13.77 19.93
CA VAL A 1292 -64.67 14.72 20.85
C VAL A 1292 -63.72 15.67 20.10
N LEU A 1293 -62.84 15.12 19.27
CA LEU A 1293 -61.86 15.92 18.57
C LEU A 1293 -62.45 16.53 17.30
N VAL A 1294 -62.15 17.81 17.07
CA VAL A 1294 -62.57 18.47 15.84
C VAL A 1294 -61.84 17.88 14.65
N ASN A 1295 -60.58 17.50 14.82
CA ASN A 1295 -59.76 16.90 13.76
C ASN A 1295 -59.30 15.53 14.26
N PRO A 1296 -60.12 14.50 14.09
CA PRO A 1296 -59.75 13.17 14.57
C PRO A 1296 -58.50 12.65 13.89
N THR A 1297 -57.70 11.90 14.65
CA THR A 1297 -56.47 11.30 14.16
C THR A 1297 -56.64 9.84 13.76
N GLU A 1298 -57.40 9.07 14.54
CA GLU A 1298 -57.62 7.66 14.25
C GLU A 1298 -58.91 7.51 13.45
N LYS A 1299 -58.77 7.08 12.20
CA LYS A 1299 -59.91 6.85 11.32
C LYS A 1299 -59.42 6.05 10.12
N MET A 1300 -60.36 5.60 9.30
CA MET A 1300 -60.07 4.89 8.06
C MET A 1300 -60.62 5.70 6.90
N PHE A 1301 -59.81 5.90 5.87
CA PHE A 1301 -60.11 6.84 4.80
C PHE A 1301 -60.82 6.12 3.65
N PHE A 1302 -61.94 6.70 3.21
CA PHE A 1302 -62.74 6.15 2.14
C PHE A 1302 -62.92 7.17 1.04
N GLY A 1303 -62.82 6.70 -0.21
CA GLY A 1303 -63.12 7.53 -1.36
C GLY A 1303 -62.27 8.77 -1.51
N ASP A 1304 -62.88 9.94 -1.31
CA ASP A 1304 -62.21 11.22 -1.48
C ASP A 1304 -61.54 11.71 -0.21
N ASP A 1305 -61.57 10.94 0.87
CA ASP A 1305 -60.90 11.32 2.11
C ASP A 1305 -59.43 10.99 1.99
N ILE A 1306 -58.59 12.01 1.87
CA ILE A 1306 -57.16 11.87 1.67
C ILE A 1306 -56.45 12.18 2.98
N PRO A 1307 -55.55 11.32 3.46
CA PRO A 1307 -54.84 11.63 4.70
C PRO A 1307 -53.94 12.84 4.52
N PRO A 1308 -53.71 13.61 5.59
CA PRO A 1308 -52.79 14.75 5.51
C PRO A 1308 -51.34 14.29 5.50
N VAL A 1309 -50.47 15.22 5.12
CA VAL A 1309 -49.03 14.95 5.00
C VAL A 1309 -48.35 15.36 6.30
N ALA A 1310 -47.55 14.45 6.86
CA ALA A 1310 -46.82 14.72 8.09
C ALA A 1310 -45.74 15.77 7.85
N ASN A 1311 -45.42 16.52 8.91
CA ASN A 1311 -44.43 17.59 8.83
C ASN A 1311 -43.08 17.21 9.43
N THR A 1312 -43.00 16.14 10.20
CA THR A 1312 -41.76 15.74 10.85
C THR A 1312 -41.54 14.24 10.69
N GLN A 1313 -40.30 13.83 10.84
CA GLN A 1313 -39.94 12.42 10.70
C GLN A 1313 -40.54 11.59 11.82
N LEU A 1314 -40.52 10.27 11.64
CA LEU A 1314 -41.06 9.36 12.64
C LEU A 1314 -40.18 9.36 13.89
N ARG A 1315 -40.78 9.65 15.04
CA ARG A 1315 -40.11 9.67 16.35
C ARG A 1315 -38.81 10.49 16.32
N ASN A 1316 -38.72 11.43 15.39
CA ASN A 1316 -37.58 12.34 15.29
C ASN A 1316 -38.10 13.76 15.10
N PRO A 1317 -38.65 14.36 16.16
CA PRO A 1317 -39.28 15.68 16.02
C PRO A 1317 -38.33 16.79 15.60
N ALA A 1318 -37.03 16.62 15.83
CA ALA A 1318 -36.08 17.67 15.48
C ALA A 1318 -35.81 17.75 13.97
N VAL A 1319 -36.22 16.75 13.21
CA VAL A 1319 -35.98 16.71 11.77
C VAL A 1319 -37.31 16.85 11.04
N ARG A 1320 -37.35 17.73 10.05
CA ARG A 1320 -38.53 17.98 9.25
C ARG A 1320 -38.34 17.41 7.84
N ASN A 1321 -39.43 16.93 7.26
CA ASN A 1321 -39.38 16.37 5.92
C ASN A 1321 -39.07 17.46 4.89
N THR A 1322 -38.16 17.14 3.96
CA THR A 1322 -37.81 18.07 2.91
C THR A 1322 -38.96 18.21 1.93
N PRO A 1323 -39.01 19.31 1.17
CA PRO A 1323 -40.06 19.45 0.15
C PRO A 1323 -40.09 18.32 -0.85
N GLU A 1324 -38.93 17.76 -1.22
CA GLU A 1324 -38.91 16.61 -2.11
C GLU A 1324 -39.53 15.39 -1.44
N GLN A 1325 -39.26 15.20 -0.14
CA GLN A 1325 -39.83 14.05 0.57
C GLN A 1325 -41.33 14.21 0.77
N LYS A 1326 -41.82 15.44 0.96
CA LYS A 1326 -43.26 15.64 1.13
C LYS A 1326 -44.02 15.36 -0.16
N ALA A 1327 -43.40 15.62 -1.31
CA ALA A 1327 -44.06 15.32 -2.58
C ALA A 1327 -44.21 13.83 -2.79
N ALA A 1328 -43.21 13.04 -2.37
CA ALA A 1328 -43.30 11.60 -2.49
C ALA A 1328 -44.41 11.02 -1.61
N LEU A 1329 -44.57 11.56 -0.40
CA LEU A 1329 -45.64 11.08 0.48
C LEU A 1329 -47.01 11.37 -0.10
N LYS A 1330 -47.17 12.53 -0.74
CA LYS A 1330 -48.46 12.90 -1.31
C LYS A 1330 -48.86 11.95 -2.44
N ALA A 1331 -47.89 11.54 -3.26
CA ALA A 1331 -48.19 10.64 -4.37
C ALA A 1331 -48.55 9.23 -3.86
N GLU A 1332 -47.90 8.79 -2.79
CA GLU A 1332 -48.17 7.45 -2.28
C GLU A 1332 -49.52 7.36 -1.59
N GLN A 1333 -50.01 8.47 -1.03
CA GLN A 1333 -51.29 8.47 -0.35
C GLN A 1333 -52.47 8.67 -1.28
N ALA A 1334 -52.23 8.88 -2.58
CA ALA A 1334 -53.29 9.04 -3.56
C ALA A 1334 -53.66 7.73 -4.25
N THR A 1335 -52.97 6.64 -3.94
CA THR A 1335 -53.27 5.34 -4.54
C THR A 1335 -54.50 4.74 -3.89
N GLU A 1336 -55.34 4.11 -4.70
CA GLU A 1336 -56.57 3.50 -4.23
C GLU A 1336 -56.41 1.98 -4.15
N PHE A 1337 -56.80 1.42 -3.02
CA PHE A 1337 -56.75 -0.02 -2.80
C PHE A 1337 -58.15 -0.60 -2.87
N TYR A 1338 -58.24 -1.86 -3.28
CA TYR A 1338 -59.53 -2.53 -3.47
C TYR A 1338 -59.47 -3.92 -2.87
N VAL A 1339 -60.64 -4.43 -2.48
CA VAL A 1339 -60.76 -5.73 -1.83
C VAL A 1339 -61.07 -6.79 -2.89
N HIS A 1340 -60.28 -7.87 -2.88
CA HIS A 1340 -60.47 -8.98 -3.81
C HIS A 1340 -61.45 -9.97 -3.17
N THR A 1341 -62.67 -10.01 -3.70
CA THR A 1341 -63.71 -10.86 -3.11
C THR A 1341 -63.37 -12.35 -3.14
N PRO A 1342 -62.92 -12.94 -4.24
CA PRO A 1342 -62.62 -14.39 -4.21
C PRO A 1342 -61.59 -14.78 -3.17
N MET A 1343 -60.60 -13.92 -2.91
CA MET A 1343 -59.61 -14.23 -1.89
C MET A 1343 -60.21 -14.16 -0.48
N VAL A 1344 -61.15 -13.23 -0.26
CA VAL A 1344 -61.74 -13.08 1.07
C VAL A 1344 -62.63 -14.28 1.40
N GLN A 1345 -63.44 -14.72 0.44
CA GLN A 1345 -64.33 -15.85 0.70
C GLN A 1345 -63.56 -17.14 0.96
N PHE A 1346 -62.39 -17.30 0.32
CA PHE A 1346 -61.59 -18.50 0.56
C PHE A 1346 -61.05 -18.53 1.98
N TYR A 1347 -60.68 -17.36 2.52
CA TYR A 1347 -60.14 -17.31 3.87
C TYR A 1347 -61.19 -17.70 4.90
N GLU A 1348 -62.41 -17.17 4.78
CA GLU A 1348 -63.44 -17.44 5.77
C GLU A 1348 -64.02 -18.84 5.64
N THR A 1349 -64.03 -19.40 4.43
CA THR A 1349 -64.50 -20.77 4.25
C THR A 1349 -63.52 -21.76 4.86
N LEU A 1350 -62.22 -21.51 4.68
CA LEU A 1350 -61.21 -22.39 5.28
C LEU A 1350 -61.26 -22.32 6.81
N GLY A 1351 -61.46 -21.13 7.36
CA GLY A 1351 -61.51 -20.95 8.79
C GLY A 1351 -60.15 -20.62 9.38
N LYS A 1352 -60.18 -20.05 10.59
CA LYS A 1352 -58.95 -19.66 11.26
C LYS A 1352 -58.15 -20.88 11.73
N ASP A 1353 -58.83 -21.95 12.12
CA ASP A 1353 -58.14 -23.14 12.58
C ASP A 1353 -57.34 -23.80 11.46
N ARG A 1354 -57.94 -23.93 10.28
CA ARG A 1354 -57.24 -24.56 9.16
C ARG A 1354 -56.16 -23.65 8.58
N ILE A 1355 -56.32 -22.33 8.70
CA ILE A 1355 -55.28 -21.41 8.28
C ILE A 1355 -54.03 -21.59 9.15
N LEU A 1356 -54.22 -21.70 10.47
CA LEU A 1356 -53.09 -21.94 11.36
C LEU A 1356 -52.47 -23.30 11.12
N GLU A 1357 -53.30 -24.31 10.82
CA GLU A 1357 -52.77 -25.64 10.56
C GLU A 1357 -51.96 -25.68 9.26
N LEU A 1358 -52.36 -24.87 8.26
CA LEU A 1358 -51.70 -24.91 6.97
C LEU A 1358 -50.44 -24.03 6.94
N MET A 1359 -50.60 -22.75 7.23
CA MET A 1359 -49.52 -21.78 7.10
C MET A 1359 -48.81 -21.49 8.42
N GLY A 1360 -49.17 -22.20 9.50
CA GLY A 1360 -48.54 -22.02 10.79
C GLY A 1360 -48.12 -23.36 11.37
N ALA A 1361 -48.01 -23.38 12.70
CA ALA A 1361 -47.61 -24.57 13.42
C ALA A 1361 -48.78 -25.45 13.83
N GLY A 1362 -50.01 -25.00 13.63
CA GLY A 1362 -51.16 -25.80 14.03
C GLY A 1362 -51.31 -25.87 15.53
N THR A 1363 -52.04 -26.89 15.98
CA THR A 1363 -52.21 -27.13 17.40
C THR A 1363 -50.91 -27.65 18.01
N LEU A 1364 -50.75 -27.42 19.31
CA LEU A 1364 -49.53 -27.76 20.03
C LEU A 1364 -49.85 -28.72 21.16
N ASN A 1365 -49.10 -29.82 21.21
CA ASN A 1365 -49.16 -30.78 22.32
C ASN A 1365 -47.86 -30.61 23.12
N LYS A 1366 -47.95 -29.89 24.24
CA LYS A 1366 -46.75 -29.53 25.00
C LYS A 1366 -46.13 -30.72 25.73
N GLU A 1367 -46.83 -31.86 25.80
CA GLU A 1367 -46.25 -33.04 26.42
C GLU A 1367 -45.22 -33.73 25.54
N LEU A 1368 -45.16 -33.38 24.25
CA LEU A 1368 -44.22 -33.98 23.31
C LEU A 1368 -43.43 -32.90 22.59
N LEU A 1369 -43.07 -31.84 23.30
CA LEU A 1369 -42.32 -30.73 22.72
C LEU A 1369 -41.25 -30.26 23.69
N ASN A 1370 -40.16 -29.77 23.14
CA ASN A 1370 -39.11 -29.16 23.95
C ASN A 1370 -39.57 -27.79 24.45
N ASP A 1371 -39.06 -27.41 25.63
CA ASP A 1371 -39.45 -26.14 26.22
C ASP A 1371 -39.04 -24.96 25.34
N ASN A 1372 -37.82 -25.00 24.80
CA ASN A 1372 -37.37 -23.93 23.92
C ASN A 1372 -38.02 -24.01 22.55
N HIS A 1373 -38.28 -25.21 22.05
CA HIS A 1373 -38.93 -25.36 20.75
C HIS A 1373 -40.37 -24.84 20.78
N ALA A 1374 -41.08 -25.10 21.88
CA ALA A 1374 -42.47 -24.66 21.97
C ALA A 1374 -42.58 -23.14 22.02
N LYS A 1375 -41.58 -22.46 22.57
CA LYS A 1375 -41.63 -21.00 22.62
C LYS A 1375 -41.60 -20.39 21.23
N SER A 1376 -40.79 -20.95 20.33
CA SER A 1376 -40.72 -20.41 18.97
C SER A 1376 -41.98 -20.71 18.17
N LEU A 1377 -42.60 -21.87 18.40
CA LEU A 1377 -43.80 -22.23 17.66
C LEU A 1377 -44.95 -21.28 17.99
N GLU A 1378 -45.06 -20.88 19.26
CA GLU A 1378 -46.14 -19.97 19.66
C GLU A 1378 -46.00 -18.62 18.98
N GLY A 1379 -44.77 -18.12 18.86
CA GLY A 1379 -44.55 -16.85 18.17
C GLY A 1379 -44.95 -16.90 16.71
N LYS A 1380 -44.71 -18.04 16.06
CA LYS A 1380 -45.13 -18.19 14.66
C LYS A 1380 -46.65 -18.18 14.55
N ASN A 1381 -47.34 -18.83 15.49
CA ASN A 1381 -48.80 -18.86 15.45
C ASN A 1381 -49.41 -17.50 15.75
N ARG A 1382 -48.76 -16.71 16.62
CA ARG A 1382 -49.32 -15.43 17.03
C ARG A 1382 -49.38 -14.46 15.85
N SER A 1383 -48.34 -14.44 15.01
CA SER A 1383 -48.31 -13.51 13.89
C SER A 1383 -49.43 -13.80 12.89
N VAL A 1384 -49.65 -15.08 12.59
CA VAL A 1384 -50.69 -15.44 11.63
C VAL A 1384 -52.07 -15.17 12.21
N GLU A 1385 -52.28 -15.52 13.48
CA GLU A 1385 -53.59 -15.34 14.08
C GLU A 1385 -53.95 -13.86 14.21
N ASP A 1386 -52.99 -13.02 14.62
CA ASP A 1386 -53.27 -11.60 14.75
C ASP A 1386 -53.55 -10.96 13.40
N SER A 1387 -52.81 -11.36 12.37
CA SER A 1387 -53.05 -10.83 11.03
C SER A 1387 -54.43 -11.22 10.52
N TYR A 1388 -54.86 -12.45 10.80
CA TYR A 1388 -56.18 -12.90 10.36
C TYR A 1388 -57.28 -12.08 11.01
N ASN A 1389 -57.14 -11.79 12.31
CA ASN A 1389 -58.17 -11.03 13.01
C ASN A 1389 -58.24 -9.59 12.52
N GLN A 1390 -57.07 -8.98 12.25
CA GLN A 1390 -57.05 -7.59 11.82
C GLN A 1390 -57.71 -7.41 10.45
N LEU A 1391 -57.48 -8.35 9.53
CA LEU A 1391 -58.01 -8.22 8.19
C LEU A 1391 -59.54 -8.24 8.18
N PHE A 1392 -60.14 -9.15 8.95
CA PHE A 1392 -61.59 -9.30 8.92
C PHE A 1392 -62.33 -8.21 9.70
N SER A 1393 -61.63 -7.47 10.55
CA SER A 1393 -62.25 -6.29 11.17
C SER A 1393 -62.38 -5.14 10.17
N VAL A 1394 -61.41 -5.02 9.25
CA VAL A 1394 -61.50 -4.00 8.21
C VAL A 1394 -62.60 -4.35 7.21
N ILE A 1395 -62.72 -5.63 6.87
CA ILE A 1395 -63.73 -6.05 5.89
C ILE A 1395 -65.13 -5.73 6.40
N GLU A 1396 -65.36 -5.86 7.71
CA GLU A 1396 -66.67 -5.54 8.27
C GLU A 1396 -67.00 -4.07 8.09
N GLN A 1397 -66.02 -3.19 8.29
CA GLN A 1397 -66.26 -1.76 8.13
C GLN A 1397 -66.48 -1.40 6.66
N VAL A 1398 -65.71 -1.99 5.76
CA VAL A 1398 -65.85 -1.69 4.34
C VAL A 1398 -67.18 -2.19 3.81
N ARG A 1399 -67.65 -3.32 4.33
CA ARG A 1399 -68.91 -3.90 3.83
C ARG A 1399 -70.11 -3.02 4.11
N ALA A 1400 -70.02 -2.10 5.08
CA ALA A 1400 -71.12 -1.23 5.42
C ALA A 1400 -71.19 0.02 4.54
N GLN A 1401 -70.12 0.34 3.82
CA GLN A 1401 -70.13 1.56 3.00
C GLN A 1401 -70.96 1.39 1.73
N SER A 1402 -70.99 0.19 1.15
CA SER A 1402 -71.72 -0.03 -0.08
C SER A 1402 -72.07 -1.51 -0.18
N GLU A 1403 -73.03 -1.80 -1.06
CA GLU A 1403 -73.44 -3.20 -1.28
C GLU A 1403 -72.37 -3.99 -2.01
N ASP A 1404 -71.62 -3.35 -2.90
CA ASP A 1404 -70.53 -3.98 -3.64
C ASP A 1404 -69.22 -3.62 -2.94
N ILE A 1405 -68.64 -4.58 -2.23
CA ILE A 1405 -67.44 -4.33 -1.45
C ILE A 1405 -66.22 -4.11 -2.33
N SER A 1406 -66.27 -4.52 -3.60
CA SER A 1406 -65.12 -4.45 -4.48
C SER A 1406 -64.99 -3.11 -5.19
N THR A 1407 -65.87 -2.15 -4.91
CA THR A 1407 -65.84 -0.85 -5.57
C THR A 1407 -65.66 0.30 -4.57
N VAL A 1408 -65.09 0.03 -3.41
CA VAL A 1408 -64.86 1.02 -2.38
C VAL A 1408 -63.36 1.33 -2.33
N PRO A 1409 -62.93 2.50 -2.77
CA PRO A 1409 -61.50 2.83 -2.70
C PRO A 1409 -61.03 3.01 -1.25
N ILE A 1410 -59.78 2.67 -1.01
CA ILE A 1410 -59.17 2.77 0.31
C ILE A 1410 -57.83 3.49 0.18
N HIS A 1411 -57.57 4.41 1.10
CA HIS A 1411 -56.32 5.15 1.14
C HIS A 1411 -55.58 4.86 2.43
N TYR A 1412 -54.25 4.94 2.39
CA TYR A 1412 -53.41 4.63 3.52
C TYR A 1412 -52.47 5.80 3.80
N ALA A 1413 -52.12 5.95 5.08
CA ALA A 1413 -51.22 7.02 5.50
C ALA A 1413 -49.78 6.54 5.48
N TYR A 1414 -48.87 7.48 5.22
CA TYR A 1414 -47.45 7.18 5.11
C TYR A 1414 -46.64 8.19 5.92
N ASN A 1415 -45.42 7.81 6.27
CA ASN A 1415 -44.50 8.69 6.96
C ASN A 1415 -43.07 8.26 6.66
N MET A 1416 -42.13 9.15 6.90
CA MET A 1416 -40.72 8.91 6.59
C MET A 1416 -40.00 8.32 7.80
N THR A 1417 -39.35 7.19 7.59
CA THR A 1417 -38.52 6.57 8.61
C THR A 1417 -37.22 7.36 8.75
N ARG A 1418 -36.56 7.22 9.90
CA ARG A 1418 -35.32 7.95 10.16
C ARG A 1418 -34.22 7.59 9.17
N VAL A 1419 -34.35 6.47 8.46
CA VAL A 1419 -33.40 6.10 7.42
C VAL A 1419 -33.94 6.42 6.03
N GLY A 1420 -34.89 7.34 5.94
CA GLY A 1420 -35.44 7.73 4.65
C GLY A 1420 -36.25 6.66 3.94
N ARG A 1421 -37.10 5.94 4.66
CA ARG A 1421 -37.95 4.90 4.10
C ARG A 1421 -39.40 5.26 4.30
N MET A 1422 -40.20 5.12 3.25
CA MET A 1422 -41.65 5.33 3.36
C MET A 1422 -42.29 4.09 3.96
N GLN A 1423 -42.92 4.24 5.12
CA GLN A 1423 -43.51 3.13 5.85
C GLN A 1423 -44.98 3.40 6.11
N MET A 1424 -45.82 2.40 5.84
CA MET A 1424 -47.24 2.52 6.12
C MET A 1424 -47.50 2.57 7.62
N LEU A 1425 -48.43 3.42 8.02
CA LEU A 1425 -48.80 3.52 9.42
C LEU A 1425 -49.69 2.34 9.81
N GLY A 1426 -49.47 1.83 11.02
CA GLY A 1426 -50.21 0.69 11.53
C GLY A 1426 -49.31 -0.52 11.72
N LYS A 1427 -49.91 -1.58 12.28
CA LYS A 1427 -49.19 -2.80 12.55
C LYS A 1427 -49.33 -3.81 11.42
N TYR A 1428 -50.55 -4.08 10.98
CA TYR A 1428 -50.83 -5.06 9.93
C TYR A 1428 -51.50 -4.34 8.77
N ASN A 1429 -50.80 -4.23 7.65
CA ASN A 1429 -51.29 -3.57 6.45
C ASN A 1429 -50.75 -4.34 5.24
N PRO A 1430 -51.19 -4.02 4.01
CA PRO A 1430 -50.64 -4.74 2.85
C PRO A 1430 -49.13 -4.68 2.73
N GLN A 1431 -48.50 -3.58 3.17
CA GLN A 1431 -47.05 -3.45 3.04
C GLN A 1431 -46.29 -4.28 4.07
N SER A 1432 -46.93 -4.71 5.16
CA SER A 1432 -46.26 -5.42 6.23
C SER A 1432 -46.68 -6.88 6.33
N ALA A 1433 -47.98 -7.17 6.31
CA ALA A 1433 -48.50 -8.51 6.49
C ALA A 1433 -48.74 -9.17 5.13
N LYS A 1434 -48.22 -10.39 4.97
CA LYS A 1434 -48.40 -11.11 3.72
C LYS A 1434 -49.83 -11.63 3.57
N LEU A 1435 -50.49 -11.95 4.69
CA LEU A 1435 -51.88 -12.39 4.62
C LEU A 1435 -52.78 -11.28 4.10
N VAL A 1436 -52.58 -10.05 4.58
CA VAL A 1436 -53.37 -8.92 4.12
C VAL A 1436 -52.96 -8.48 2.71
N ARG A 1437 -51.72 -8.77 2.31
CA ARG A 1437 -51.24 -8.36 1.00
C ARG A 1437 -52.03 -9.03 -0.12
N GLU A 1438 -52.48 -10.26 0.09
CA GLU A 1438 -53.18 -11.01 -0.95
C GLU A 1438 -54.68 -10.76 -0.96
N ALA A 1439 -55.19 -9.90 -0.09
CA ALA A 1439 -56.62 -9.61 -0.04
C ALA A 1439 -56.97 -8.19 -0.46
N ILE A 1440 -56.05 -7.24 -0.27
CA ILE A 1440 -56.27 -5.85 -0.67
C ILE A 1440 -55.16 -5.47 -1.64
N LEU A 1441 -55.54 -5.12 -2.86
CA LEU A 1441 -54.58 -4.86 -3.93
C LEU A 1441 -54.83 -3.50 -4.57
N PRO A 1442 -53.77 -2.80 -4.96
CA PRO A 1442 -53.92 -1.59 -5.77
C PRO A 1442 -53.76 -1.81 -7.28
N THR A 1443 -53.57 -3.05 -7.72
CA THR A 1443 -53.29 -3.36 -9.11
C THR A 1443 -54.50 -3.99 -9.79
N LYS A 1444 -54.64 -3.74 -11.08
CA LYS A 1444 -55.72 -4.31 -11.87
C LYS A 1444 -55.27 -4.35 -13.33
N ALA A 1445 -55.88 -5.26 -14.09
CA ALA A 1445 -55.53 -5.41 -15.50
C ALA A 1445 -56.66 -6.13 -16.22
N THR A 1446 -56.72 -5.89 -17.53
CA THR A 1446 -57.64 -6.59 -18.43
C THR A 1446 -56.82 -7.21 -19.55
N LEU A 1447 -56.99 -8.52 -19.74
CA LEU A 1447 -56.15 -9.28 -20.66
C LEU A 1447 -57.02 -10.05 -21.65
N ASP A 1448 -56.43 -10.33 -22.81
CA ASP A 1448 -57.06 -11.13 -23.86
C ASP A 1448 -56.36 -12.49 -23.86
N LEU A 1449 -56.97 -13.46 -23.19
CA LEU A 1449 -56.40 -14.80 -23.06
C LEU A 1449 -57.11 -15.82 -23.95
N SER A 1450 -57.72 -15.37 -25.05
CA SER A 1450 -58.39 -16.30 -25.96
C SER A 1450 -57.40 -17.09 -26.80
N ASN A 1451 -56.15 -16.63 -26.90
CA ASN A 1451 -55.11 -17.32 -27.64
C ASN A 1451 -53.88 -17.47 -26.76
N GLN A 1452 -53.24 -18.65 -26.84
CA GLN A 1452 -52.08 -18.93 -26.01
C GLN A 1452 -50.79 -18.35 -26.56
N ASN A 1453 -50.81 -17.78 -27.77
CA ASN A 1453 -49.63 -17.18 -28.37
C ASN A 1453 -49.64 -15.65 -28.26
N ASN A 1454 -50.64 -15.08 -27.59
CA ASN A 1454 -50.71 -13.64 -27.43
C ASN A 1454 -49.66 -13.15 -26.45
N GLU A 1455 -49.29 -11.87 -26.60
CA GLU A 1455 -48.39 -11.25 -25.64
C GLU A 1455 -49.05 -11.04 -24.28
N ASP A 1456 -50.38 -11.00 -24.24
CA ASP A 1456 -51.07 -10.89 -22.95
C ASP A 1456 -50.98 -12.18 -22.15
N PHE A 1457 -51.00 -13.33 -22.84
CA PHE A 1457 -50.89 -14.60 -22.16
C PHE A 1457 -49.50 -14.83 -21.59
N SER A 1458 -48.48 -14.26 -22.22
CA SER A 1458 -47.13 -14.38 -21.70
C SER A 1458 -46.97 -13.64 -20.38
N ALA A 1459 -47.65 -12.51 -20.22
CA ALA A 1459 -47.63 -11.81 -18.94
C ALA A 1459 -48.39 -12.57 -17.88
N PHE A 1460 -49.48 -13.24 -18.26
CA PHE A 1460 -50.23 -14.07 -17.32
C PHE A 1460 -49.40 -15.24 -16.83
N GLN A 1461 -48.64 -15.87 -17.72
CA GLN A 1461 -47.79 -16.98 -17.32
C GLN A 1461 -46.65 -16.53 -16.42
N LEU A 1462 -46.10 -15.34 -16.70
CA LEU A 1462 -44.98 -14.83 -15.90
C LEU A 1462 -45.41 -14.60 -14.45
N GLY A 1463 -46.61 -14.05 -14.26
CA GLY A 1463 -47.08 -13.82 -12.90
C GLY A 1463 -47.32 -15.09 -12.11
N LEU A 1464 -47.87 -16.11 -12.78
CA LEU A 1464 -48.12 -17.38 -12.10
C LEU A 1464 -46.82 -18.08 -11.73
N ALA A 1465 -45.85 -18.07 -12.64
CA ALA A 1465 -44.58 -18.77 -12.39
C ALA A 1465 -43.84 -18.16 -11.21
N GLN A 1466 -43.80 -16.83 -11.12
CA GLN A 1466 -43.10 -16.18 -10.02
C GLN A 1466 -43.77 -16.47 -8.68
N ALA A 1467 -45.09 -16.64 -8.67
CA ALA A 1467 -45.79 -16.93 -7.42
C ALA A 1467 -45.57 -18.37 -6.96
N LEU A 1468 -45.17 -19.27 -7.85
CA LEU A 1468 -44.93 -20.67 -7.51
C LEU A 1468 -43.46 -20.97 -7.28
N ASP A 1469 -42.67 -19.96 -6.87
CA ASP A 1469 -41.26 -20.12 -6.53
C ASP A 1469 -40.46 -20.66 -7.71
N ILE A 1470 -40.46 -19.88 -8.79
CA ILE A 1470 -39.67 -20.17 -9.98
C ILE A 1470 -38.79 -18.97 -10.28
N LYS A 1471 -37.51 -19.22 -10.49
CA LYS A 1471 -36.53 -18.16 -10.74
C LYS A 1471 -36.73 -17.63 -12.16
N VAL A 1472 -37.69 -16.72 -12.30
CA VAL A 1472 -38.05 -16.20 -13.61
C VAL A 1472 -36.99 -15.24 -14.15
N HIS A 1473 -36.13 -14.70 -13.30
CA HIS A 1473 -35.12 -13.75 -13.72
C HIS A 1473 -33.82 -14.41 -14.15
N THR A 1474 -33.75 -15.74 -14.13
CA THR A 1474 -32.56 -16.46 -14.55
C THR A 1474 -32.80 -17.33 -15.78
N MET A 1475 -33.92 -17.14 -16.48
CA MET A 1475 -34.25 -17.99 -17.62
C MET A 1475 -35.05 -17.18 -18.62
N THR A 1476 -35.09 -17.68 -19.85
CA THR A 1476 -35.83 -17.03 -20.92
C THR A 1476 -37.34 -17.32 -20.79
N ARG A 1477 -38.13 -16.58 -21.55
CA ARG A 1477 -39.58 -16.72 -21.48
C ARG A 1477 -40.03 -18.11 -21.94
N GLU A 1478 -39.41 -18.63 -23.00
CA GLU A 1478 -39.80 -19.94 -23.52
C GLU A 1478 -39.51 -21.05 -22.51
N VAL A 1479 -38.36 -20.98 -21.85
CA VAL A 1479 -38.00 -22.00 -20.87
C VAL A 1479 -38.94 -21.94 -19.67
N MET A 1480 -39.28 -20.73 -19.22
CA MET A 1480 -40.18 -20.58 -18.08
C MET A 1480 -41.56 -21.15 -18.38
N SER A 1481 -42.04 -20.96 -19.62
CA SER A 1481 -43.36 -21.48 -19.98
C SER A 1481 -43.39 -23.00 -19.91
N ASP A 1482 -42.32 -23.65 -20.36
CA ASP A 1482 -42.25 -25.11 -20.29
C ASP A 1482 -42.27 -25.60 -18.84
N GLU A 1483 -41.55 -24.90 -17.95
CA GLU A 1483 -41.52 -25.29 -16.55
C GLU A 1483 -42.89 -25.17 -15.90
N LEU A 1484 -43.63 -24.10 -16.23
CA LEU A 1484 -44.94 -23.91 -15.64
C LEU A 1484 -45.94 -24.97 -16.11
N THR A 1485 -45.81 -25.40 -17.37
CA THR A 1485 -46.75 -26.37 -17.92
C THR A 1485 -46.66 -27.71 -17.19
N LYS A 1486 -45.44 -28.14 -16.85
CA LYS A 1486 -45.27 -29.41 -16.15
C LYS A 1486 -45.94 -29.37 -14.78
N LEU A 1487 -45.79 -28.25 -14.06
CA LEU A 1487 -46.40 -28.14 -12.73
C LEU A 1487 -47.91 -28.16 -12.82
N LEU A 1488 -48.49 -27.47 -13.81
CA LEU A 1488 -49.94 -27.36 -13.90
C LEU A 1488 -50.60 -28.71 -14.16
N GLU A 1489 -50.00 -29.52 -15.02
CA GLU A 1489 -50.56 -30.83 -15.36
C GLU A 1489 -50.00 -31.94 -14.49
N GLY A 1490 -49.14 -31.64 -13.53
CA GLY A 1490 -48.54 -32.66 -12.70
C GLY A 1490 -48.97 -32.59 -11.24
N ASN A 1491 -48.11 -32.05 -10.39
CA ASN A 1491 -48.37 -32.03 -8.95
C ASN A 1491 -49.55 -31.12 -8.61
N LEU A 1492 -49.69 -30.00 -9.32
CA LEU A 1492 -50.71 -29.01 -8.98
C LEU A 1492 -52.08 -29.35 -9.53
N LYS A 1493 -52.21 -30.41 -10.32
CA LYS A 1493 -53.51 -30.76 -10.89
C LYS A 1493 -54.57 -31.07 -9.84
N PRO A 1494 -54.31 -31.90 -8.82
CA PRO A 1494 -55.35 -32.12 -7.80
C PRO A 1494 -55.77 -30.85 -7.07
N ALA A 1495 -54.85 -29.91 -6.85
CA ALA A 1495 -55.21 -28.67 -6.18
C ALA A 1495 -56.06 -27.77 -7.07
N ILE A 1496 -55.78 -27.77 -8.38
CA ILE A 1496 -56.57 -26.96 -9.29
C ILE A 1496 -57.99 -27.50 -9.41
N ASP A 1497 -58.14 -28.82 -9.39
CA ASP A 1497 -59.47 -29.42 -9.49
C ASP A 1497 -60.32 -29.03 -8.29
N MET A 1498 -59.74 -29.01 -7.09
CA MET A 1498 -60.48 -28.60 -5.91
C MET A 1498 -60.89 -27.12 -5.99
N MET A 1499 -59.99 -26.27 -6.50
CA MET A 1499 -60.30 -24.85 -6.62
C MET A 1499 -61.35 -24.59 -7.69
N VAL A 1500 -61.37 -25.40 -8.74
CA VAL A 1500 -62.39 -25.23 -9.79
C VAL A 1500 -63.78 -25.48 -9.22
N GLU A 1501 -63.92 -26.53 -8.41
CA GLU A 1501 -65.22 -26.83 -7.79
C GLU A 1501 -65.61 -25.74 -6.80
N PHE A 1502 -64.63 -25.12 -6.13
CA PHE A 1502 -64.94 -24.09 -5.14
C PHE A 1502 -65.60 -22.87 -5.79
N ASN A 1503 -65.13 -22.48 -6.97
CA ASN A 1503 -65.67 -21.29 -7.63
C ASN A 1503 -67.13 -21.48 -8.01
N THR A 1504 -67.48 -22.65 -8.54
CA THR A 1504 -68.85 -22.89 -8.99
C THR A 1504 -69.80 -23.16 -7.83
N THR A 1505 -69.32 -23.82 -6.79
CA THR A 1505 -70.18 -24.25 -5.68
C THR A 1505 -69.98 -23.44 -4.41
N GLY A 1506 -68.73 -23.19 -4.00
CA GLY A 1506 -68.46 -22.48 -2.77
C GLY A 1506 -68.21 -23.35 -1.56
N SER A 1507 -67.85 -24.62 -1.74
CA SER A 1507 -67.61 -25.54 -0.64
C SER A 1507 -66.26 -26.20 -0.81
N LEU A 1508 -65.69 -26.65 0.31
CA LEU A 1508 -64.40 -27.31 0.32
C LEU A 1508 -64.49 -28.67 1.00
N PRO A 1509 -63.66 -29.63 0.60
CA PRO A 1509 -63.68 -30.94 1.25
C PRO A 1509 -63.07 -30.89 2.64
N GLU A 1510 -63.33 -31.94 3.42
CA GLU A 1510 -62.81 -32.02 4.78
C GLU A 1510 -61.29 -32.16 4.79
N ASN A 1511 -60.72 -32.70 3.71
CA ASN A 1511 -59.27 -32.89 3.60
C ASN A 1511 -58.63 -31.86 2.69
N ALA A 1512 -59.11 -30.61 2.73
CA ALA A 1512 -58.55 -29.57 1.87
C ALA A 1512 -57.12 -29.22 2.24
N VAL A 1513 -56.77 -29.28 3.53
CA VAL A 1513 -55.42 -28.96 3.95
C VAL A 1513 -54.43 -29.98 3.41
N ASP A 1514 -54.79 -31.27 3.45
CA ASP A 1514 -53.90 -32.31 2.95
C ASP A 1514 -53.69 -32.19 1.45
N VAL A 1515 -54.73 -31.82 0.71
CA VAL A 1515 -54.61 -31.68 -0.74
C VAL A 1515 -53.64 -30.57 -1.09
N LEU A 1516 -53.76 -29.42 -0.41
CA LEU A 1516 -52.87 -28.31 -0.69
C LEU A 1516 -51.45 -28.57 -0.20
N ASN A 1517 -51.31 -29.29 0.91
CA ASN A 1517 -49.97 -29.59 1.42
C ASN A 1517 -49.20 -30.50 0.47
N THR A 1518 -49.86 -31.52 -0.07
CA THR A 1518 -49.18 -32.44 -0.98
C THR A 1518 -48.85 -31.77 -2.30
N ALA A 1519 -49.75 -30.95 -2.82
CA ALA A 1519 -49.54 -30.33 -4.13
C ALA A 1519 -48.45 -29.28 -4.08
N LEU A 1520 -48.48 -28.41 -3.06
CA LEU A 1520 -47.51 -27.33 -2.99
C LEU A 1520 -46.14 -27.81 -2.52
N GLY A 1521 -46.11 -28.43 -1.33
CA GLY A 1521 -44.86 -28.92 -0.79
C GLY A 1521 -43.94 -27.84 -0.29
N ASP A 1522 -42.83 -27.62 -0.99
CA ASP A 1522 -41.86 -26.61 -0.60
C ASP A 1522 -42.18 -25.22 -1.15
N ARG A 1523 -43.20 -25.11 -2.02
CA ARG A 1523 -43.61 -23.83 -2.59
C ARG A 1523 -44.76 -23.19 -1.84
N LYS A 1524 -45.12 -23.74 -0.68
CA LYS A 1524 -46.26 -23.21 0.08
C LYS A 1524 -46.00 -21.78 0.52
N SER A 1525 -46.97 -20.91 0.27
CA SER A 1525 -46.89 -19.50 0.65
C SER A 1525 -48.27 -18.89 0.46
N PHE A 1526 -48.43 -17.66 0.93
CA PHE A 1526 -49.69 -16.96 0.77
C PHE A 1526 -49.90 -16.46 -0.66
N VAL A 1527 -48.83 -16.07 -1.34
CA VAL A 1527 -48.95 -15.62 -2.72
C VAL A 1527 -49.20 -16.78 -3.66
N ALA A 1528 -48.81 -18.00 -3.29
CA ALA A 1528 -49.07 -19.16 -4.13
C ALA A 1528 -50.53 -19.58 -4.09
N LEU A 1529 -51.27 -19.20 -3.05
CA LEU A 1529 -52.69 -19.53 -2.99
C LEU A 1529 -53.48 -18.74 -4.02
N MET A 1530 -53.13 -17.47 -4.22
CA MET A 1530 -53.82 -16.66 -5.22
C MET A 1530 -53.58 -17.15 -6.63
N ALA A 1531 -52.37 -17.66 -6.90
CA ALA A 1531 -52.07 -18.19 -8.24
C ALA A 1531 -52.97 -19.36 -8.59
N LEU A 1532 -53.23 -20.25 -7.62
CA LEU A 1532 -54.13 -21.37 -7.88
C LEU A 1532 -55.56 -20.89 -8.13
N MET A 1533 -56.01 -19.89 -7.37
CA MET A 1533 -57.37 -19.39 -7.54
C MET A 1533 -57.51 -18.64 -8.87
N GLU A 1534 -56.52 -17.81 -9.20
CA GLU A 1534 -56.59 -17.03 -10.43
C GLU A 1534 -56.59 -17.93 -11.65
N TYR A 1535 -55.74 -18.97 -11.64
CA TYR A 1535 -55.71 -19.89 -12.77
C TYR A 1535 -57.01 -20.69 -12.89
N SER A 1536 -57.57 -21.12 -11.75
CA SER A 1536 -58.82 -21.87 -11.78
C SER A 1536 -59.98 -21.00 -12.25
N ARG A 1537 -59.99 -19.71 -11.89
CA ARG A 1537 -61.03 -18.82 -12.37
C ARG A 1537 -60.95 -18.63 -13.88
N TYR A 1538 -59.75 -18.61 -14.44
CA TYR A 1538 -59.58 -18.47 -15.88
C TYR A 1538 -60.11 -19.70 -16.63
N LEU A 1539 -60.01 -20.88 -16.02
CA LEU A 1539 -60.42 -22.11 -16.71
C LEU A 1539 -61.94 -22.16 -16.90
N VAL A 1540 -62.71 -21.51 -16.02
CA VAL A 1540 -64.16 -21.55 -16.08
C VAL A 1540 -64.75 -20.24 -16.63
N ALA A 1541 -63.90 -19.32 -17.08
CA ALA A 1541 -64.38 -18.05 -17.61
C ALA A 1541 -65.11 -18.27 -18.93
N GLU A 1542 -66.31 -17.70 -19.04
CA GLU A 1542 -67.08 -17.82 -20.28
C GLU A 1542 -66.54 -16.91 -21.37
N ASP A 1543 -65.90 -15.81 -21.01
CA ASP A 1543 -65.33 -14.85 -21.96
C ASP A 1543 -63.87 -14.60 -21.56
N LYS A 1544 -62.96 -15.34 -22.19
CA LYS A 1544 -61.54 -15.22 -21.89
C LYS A 1544 -60.86 -14.03 -22.58
N SER A 1545 -61.58 -13.32 -23.45
CA SER A 1545 -61.01 -12.18 -24.16
C SER A 1545 -61.05 -10.89 -23.35
N ALA A 1546 -61.72 -10.89 -22.20
CA ALA A 1546 -61.80 -9.71 -21.35
C ALA A 1546 -61.62 -10.09 -19.88
N PHE A 1547 -60.62 -10.94 -19.62
CA PHE A 1547 -60.38 -11.39 -18.26
C PHE A 1547 -59.81 -10.26 -17.41
N VAL A 1548 -60.36 -10.08 -16.22
CA VAL A 1548 -59.92 -9.06 -15.27
C VAL A 1548 -59.35 -9.77 -14.05
N THR A 1549 -58.10 -9.46 -13.71
CA THR A 1549 -57.42 -10.12 -12.61
C THR A 1549 -56.56 -9.10 -11.86
N PRO A 1550 -56.40 -9.28 -10.55
CA PRO A 1550 -55.46 -8.45 -9.79
C PRO A 1550 -54.06 -9.02 -9.64
N LEU A 1551 -53.73 -10.09 -10.36
CA LEU A 1551 -52.41 -10.69 -10.28
C LEU A 1551 -51.33 -9.69 -10.70
N TYR A 1552 -50.18 -9.78 -10.06
CA TYR A 1552 -49.11 -8.81 -10.26
C TYR A 1552 -47.78 -9.53 -10.47
N VAL A 1553 -46.80 -8.78 -10.95
CA VAL A 1553 -45.42 -9.24 -11.09
C VAL A 1553 -44.53 -8.30 -10.28
N GLU A 1554 -43.69 -8.86 -9.43
CA GLU A 1554 -42.83 -8.08 -8.56
C GLU A 1554 -41.46 -7.92 -9.17
N ALA A 1555 -41.02 -6.68 -9.33
CA ALA A 1555 -39.68 -6.37 -9.82
C ALA A 1555 -38.74 -6.32 -8.62
N ASP A 1556 -38.04 -7.42 -8.37
CA ASP A 1556 -37.20 -7.57 -7.20
C ASP A 1556 -35.73 -7.37 -7.57
N GLY A 1557 -35.04 -6.55 -6.78
CA GLY A 1557 -33.63 -6.32 -7.03
C GLY A 1557 -32.77 -7.51 -6.63
N VAL A 1558 -31.67 -7.68 -7.36
CA VAL A 1558 -30.75 -8.77 -7.12
C VAL A 1558 -29.64 -8.26 -6.19
N THR A 1559 -29.66 -8.71 -4.94
CA THR A 1559 -28.72 -8.28 -3.91
C THR A 1559 -28.62 -6.76 -3.86
N ASN A 1560 -29.76 -6.14 -3.52
CA ASN A 1560 -29.86 -4.68 -3.53
C ASN A 1560 -28.88 -4.04 -2.56
N GLY A 1561 -28.72 -4.63 -1.38
CA GLY A 1561 -27.88 -4.06 -0.35
C GLY A 1561 -26.42 -3.95 -0.74
N PRO A 1562 -25.74 -5.10 -0.90
CA PRO A 1562 -24.30 -5.05 -1.23
C PRO A 1562 -23.98 -4.32 -2.51
N ILE A 1563 -24.81 -4.45 -3.55
CA ILE A 1563 -24.49 -3.83 -4.83
C ILE A 1563 -24.50 -2.31 -4.72
N ASN A 1564 -25.44 -1.76 -3.95
CA ASN A 1564 -25.48 -0.30 -3.77
C ASN A 1564 -24.22 0.21 -3.08
N ALA A 1565 -23.72 -0.54 -2.10
CA ALA A 1565 -22.53 -0.10 -1.38
C ALA A 1565 -21.30 -0.04 -2.28
N MET A 1566 -21.11 -1.06 -3.12
CA MET A 1566 -19.94 -1.08 -4.00
C MET A 1566 -20.01 -0.03 -5.10
N MET A 1567 -21.17 0.58 -5.32
CA MET A 1567 -21.32 1.61 -6.34
C MET A 1567 -21.26 3.02 -5.79
N LEU A 1568 -21.68 3.22 -4.54
CA LEU A 1568 -21.74 4.56 -3.96
C LEU A 1568 -20.51 4.91 -3.13
N MET A 1569 -19.86 3.92 -2.52
CA MET A 1569 -18.79 4.17 -1.56
C MET A 1569 -17.51 3.44 -1.97
N THR A 1570 -17.21 3.41 -3.25
CA THR A 1570 -15.98 2.81 -3.76
C THR A 1570 -15.14 3.87 -4.46
N GLY A 1571 -13.88 4.01 -4.04
CA GLY A 1571 -12.96 4.95 -4.62
C GLY A 1571 -11.77 4.25 -5.27
N GLY A 1572 -10.96 5.06 -5.96
CA GLY A 1572 -9.76 4.56 -6.59
C GLY A 1572 -9.99 4.12 -8.03
N LEU A 1573 -8.92 3.57 -8.60
CA LEU A 1573 -8.95 3.13 -9.98
C LEU A 1573 -9.82 1.89 -10.15
N PHE A 1574 -10.29 1.68 -11.38
CA PHE A 1574 -11.10 0.51 -11.70
C PHE A 1574 -10.24 -0.72 -11.80
N THR A 1575 -10.80 -1.86 -11.38
CA THR A 1575 -10.13 -3.15 -11.43
C THR A 1575 -10.99 -4.16 -12.18
N PRO A 1576 -10.38 -5.13 -12.84
CA PRO A 1576 -11.18 -6.16 -13.53
C PRO A 1576 -12.07 -6.96 -12.60
N ASP A 1577 -11.66 -7.18 -11.35
CA ASP A 1577 -12.50 -7.91 -10.41
C ASP A 1577 -13.80 -7.16 -10.12
N TRP A 1578 -13.71 -5.83 -9.99
CA TRP A 1578 -14.91 -5.03 -9.74
C TRP A 1578 -15.87 -5.13 -10.92
N ILE A 1579 -15.36 -5.10 -12.14
CA ILE A 1579 -16.21 -5.18 -13.32
C ILE A 1579 -16.95 -6.52 -13.37
N ARG A 1580 -16.24 -7.61 -13.10
CA ARG A 1580 -16.87 -8.93 -13.13
C ARG A 1580 -17.94 -9.06 -12.03
N ASN A 1581 -17.63 -8.57 -10.82
CA ASN A 1581 -18.56 -8.73 -9.71
C ASN A 1581 -19.76 -7.81 -9.82
N ILE A 1582 -19.56 -6.59 -10.36
CA ILE A 1582 -20.68 -5.66 -10.51
C ILE A 1582 -21.64 -6.11 -11.60
N ALA A 1583 -21.19 -6.99 -12.51
CA ALA A 1583 -22.09 -7.49 -13.55
C ALA A 1583 -23.18 -8.36 -12.96
N LYS A 1584 -22.91 -9.03 -11.83
CA LYS A 1584 -23.94 -9.84 -11.19
C LYS A 1584 -25.04 -9.00 -10.58
N GLY A 1585 -24.82 -7.70 -10.40
CA GLY A 1585 -25.84 -6.83 -9.85
C GLY A 1585 -26.76 -6.25 -10.91
N GLY A 1586 -26.31 -6.27 -12.16
CA GLY A 1586 -27.14 -5.79 -13.26
C GLY A 1586 -26.54 -4.60 -14.00
N LEU A 1587 -25.25 -4.34 -13.79
CA LEU A 1587 -24.55 -3.26 -14.48
C LEU A 1587 -23.67 -3.88 -15.55
N PHE A 1588 -24.03 -3.66 -16.82
CA PHE A 1588 -23.34 -4.25 -17.96
C PHE A 1588 -22.63 -3.14 -18.74
N ILE A 1589 -21.36 -3.36 -19.04
CA ILE A 1589 -20.53 -2.40 -19.77
C ILE A 1589 -20.22 -2.98 -21.14
N GLY A 1590 -20.56 -2.24 -22.19
CA GLY A 1590 -20.27 -2.66 -23.53
C GLY A 1590 -21.26 -3.63 -24.14
N SER A 1591 -22.37 -3.91 -23.46
CA SER A 1591 -23.38 -4.83 -23.98
C SER A 1591 -24.70 -4.09 -24.14
N PRO A 1592 -25.01 -3.61 -25.35
CA PRO A 1592 -26.27 -2.86 -25.53
C PRO A 1592 -27.48 -3.78 -25.47
N ASN A 1593 -28.53 -3.28 -24.80
CA ASN A 1593 -29.82 -3.96 -24.71
C ASN A 1593 -29.68 -5.38 -24.16
N LYS A 1594 -28.81 -5.54 -23.16
CA LYS A 1594 -28.60 -6.82 -22.51
C LYS A 1594 -29.42 -6.89 -21.23
N THR A 1595 -30.18 -7.97 -21.07
CA THR A 1595 -31.01 -8.19 -19.90
C THR A 1595 -30.34 -9.19 -18.96
N MET A 1596 -30.92 -9.32 -17.76
CA MET A 1596 -30.38 -10.24 -16.77
C MET A 1596 -30.65 -11.69 -17.15
N ASN A 1597 -31.76 -11.95 -17.84
CA ASN A 1597 -32.07 -13.32 -18.25
C ASN A 1597 -31.03 -13.86 -19.23
N GLU A 1598 -30.47 -12.98 -20.08
CA GLU A 1598 -29.42 -13.39 -20.98
C GLU A 1598 -28.10 -13.60 -20.26
N HIS A 1599 -27.83 -12.80 -19.22
CA HIS A 1599 -26.57 -12.93 -18.48
C HIS A 1599 -26.51 -14.25 -17.72
N ARG A 1600 -27.59 -14.59 -17.01
CA ARG A 1600 -27.58 -15.83 -16.23
C ARG A 1600 -27.63 -17.06 -17.12
N SER A 1601 -28.30 -16.98 -18.27
CA SER A 1601 -28.46 -18.16 -19.11
C SER A 1601 -27.17 -18.50 -19.86
N THR A 1602 -26.38 -17.51 -20.23
CA THR A 1602 -25.22 -17.74 -21.09
C THR A 1602 -23.90 -17.29 -20.48
N ALA A 1603 -23.87 -16.16 -19.77
CA ALA A 1603 -22.61 -15.57 -19.35
C ALA A 1603 -22.15 -16.10 -18.00
N ASP A 1604 -22.96 -15.91 -16.96
CA ASP A 1604 -22.56 -16.30 -15.60
C ASP A 1604 -23.79 -16.66 -14.81
N ASN A 1605 -23.80 -17.84 -14.21
CA ASN A 1605 -24.93 -18.33 -13.43
C ASN A 1605 -24.69 -18.24 -11.93
N ASN A 1606 -23.65 -17.54 -11.49
CA ASN A 1606 -23.33 -17.39 -10.08
C ASN A 1606 -23.62 -15.97 -9.64
N ASP A 1607 -24.34 -15.84 -8.53
CA ASP A 1607 -24.68 -14.54 -7.98
C ASP A 1607 -23.64 -14.14 -6.93
N LEU A 1608 -23.89 -13.05 -6.21
CA LEU A 1608 -22.94 -12.59 -5.20
C LEU A 1608 -22.89 -13.52 -4.00
N TYR A 1609 -24.01 -14.14 -3.65
CA TYR A 1609 -24.01 -15.08 -2.53
C TYR A 1609 -23.16 -16.30 -2.83
N GLN A 1610 -23.23 -16.82 -4.06
CA GLN A 1610 -22.42 -17.97 -4.42
C GLN A 1610 -20.95 -17.62 -4.54
N ALA A 1611 -20.64 -16.40 -5.00
CA ALA A 1611 -19.25 -16.00 -5.16
C ALA A 1611 -18.51 -15.95 -3.82
N SER A 1612 -19.18 -15.43 -2.78
CA SER A 1612 -18.55 -15.36 -1.46
C SER A 1612 -18.39 -16.74 -0.84
N THR A 1613 -19.31 -17.67 -1.15
CA THR A 1613 -19.20 -19.02 -0.63
C THR A 1613 -17.94 -19.71 -1.17
N ASN A 1614 -17.66 -19.53 -2.45
CA ASN A 1614 -16.46 -20.12 -3.04
C ASN A 1614 -15.20 -19.55 -2.40
N ALA A 1615 -15.18 -18.25 -2.13
CA ALA A 1615 -14.03 -17.64 -1.48
C ALA A 1615 -13.88 -18.11 -0.04
N LEU A 1616 -15.00 -18.42 0.62
CA LEU A 1616 -14.93 -18.93 1.99
C LEU A 1616 -14.21 -20.27 2.04
N MET A 1617 -14.46 -21.12 1.05
CA MET A 1617 -13.77 -22.41 1.00
C MET A 1617 -12.26 -22.22 0.83
N GLU A 1618 -11.86 -21.24 0.01
CA GLU A 1618 -10.44 -20.97 -0.17
C GLU A 1618 -9.79 -20.51 1.12
N SER A 1619 -10.45 -19.65 1.88
CA SER A 1619 -9.90 -19.16 3.14
C SER A 1619 -9.83 -20.28 4.19
N LEU A 1620 -10.84 -21.16 4.20
CA LEU A 1620 -10.87 -22.24 5.18
C LEU A 1620 -9.70 -23.20 4.98
N GLY A 1621 -9.38 -23.52 3.73
CA GLY A 1621 -8.27 -24.42 3.46
C GLY A 1621 -6.94 -23.83 3.87
N LYS A 1622 -6.77 -22.52 3.71
CA LYS A 1622 -5.52 -21.87 4.10
C LYS A 1622 -5.36 -21.88 5.62
N LEU A 1623 -6.45 -21.71 6.36
CA LEU A 1623 -6.37 -21.72 7.82
C LEU A 1623 -5.94 -23.08 8.35
N ARG A 1624 -6.48 -24.16 7.78
CA ARG A 1624 -6.11 -25.49 8.21
C ARG A 1624 -4.64 -25.79 7.91
N SER A 1625 -4.16 -25.36 6.74
CA SER A 1625 -2.76 -25.60 6.38
C SER A 1625 -1.80 -24.84 7.29
N ASN A 1626 -2.22 -23.69 7.81
CA ASN A 1626 -1.36 -22.94 8.73
C ASN A 1626 -1.09 -23.72 10.01
N TYR A 1627 -2.11 -24.41 10.54
CA TYR A 1627 -1.99 -25.19 11.76
C TYR A 1627 -1.93 -26.68 11.48
N ALA A 1628 -1.26 -27.07 10.39
CA ALA A 1628 -1.17 -28.49 10.04
C ALA A 1628 -0.39 -29.28 11.10
N SER A 1629 0.68 -28.70 11.63
CA SER A 1629 1.50 -29.38 12.62
C SER A 1629 0.91 -29.34 14.02
N ASN A 1630 -0.17 -28.59 14.24
CA ASN A 1630 -0.79 -28.46 15.55
C ASN A 1630 -1.94 -29.47 15.64
N MET A 1631 -1.67 -30.61 16.26
CA MET A 1631 -2.71 -31.64 16.39
C MET A 1631 -3.91 -31.18 17.22
N PRO A 1632 -3.75 -30.57 18.40
CA PRO A 1632 -4.94 -30.12 19.14
C PRO A 1632 -5.79 -29.12 18.40
N ILE A 1633 -5.16 -28.24 17.61
CA ILE A 1633 -5.92 -27.25 16.86
C ILE A 1633 -6.70 -27.92 15.73
N GLN A 1634 -6.09 -28.91 15.07
CA GLN A 1634 -6.76 -29.60 13.98
C GLN A 1634 -8.02 -30.32 14.47
N SER A 1635 -7.95 -30.95 15.65
CA SER A 1635 -9.11 -31.66 16.18
C SER A 1635 -10.24 -30.70 16.50
N GLN A 1636 -9.92 -29.51 17.03
CA GLN A 1636 -10.96 -28.54 17.37
C GLN A 1636 -11.71 -28.06 16.13
N ILE A 1637 -10.99 -27.84 15.04
CA ILE A 1637 -11.64 -27.41 13.80
C ILE A 1637 -12.55 -28.52 13.26
N ASP A 1638 -12.10 -29.77 13.38
CA ASP A 1638 -12.90 -30.90 12.90
C ASP A 1638 -14.22 -31.00 13.67
N SER A 1639 -14.17 -30.80 14.99
CA SER A 1639 -15.37 -30.89 15.81
C SER A 1639 -16.39 -29.82 15.43
N LEU A 1640 -15.92 -28.60 15.17
CA LEU A 1640 -16.83 -27.52 14.81
C LEU A 1640 -17.53 -27.81 13.48
N LEU A 1641 -16.79 -28.31 12.49
CA LEU A 1641 -17.39 -28.63 11.21
C LEU A 1641 -18.29 -29.85 11.31
N SER A 1642 -17.92 -30.81 12.15
CA SER A 1642 -18.75 -32.01 12.31
C SER A 1642 -20.09 -31.68 12.93
N LEU A 1643 -20.11 -30.82 13.95
CA LEU A 1643 -21.37 -30.45 14.58
C LEU A 1643 -22.29 -29.70 13.62
N MET A 1644 -21.73 -28.78 12.83
CA MET A 1644 -22.53 -28.05 11.87
C MET A 1644 -23.02 -28.93 10.72
N ASP A 1645 -22.31 -30.03 10.44
CA ASP A 1645 -22.74 -30.93 9.37
C ASP A 1645 -23.98 -31.72 9.77
N LEU A 1646 -24.12 -32.03 11.07
CA LEU A 1646 -25.24 -32.88 11.50
C LEU A 1646 -26.57 -32.14 11.48
N PHE A 1647 -26.56 -30.82 11.68
CA PHE A 1647 -27.79 -30.07 11.87
C PHE A 1647 -28.04 -28.97 10.84
N LEU A 1648 -27.09 -28.68 9.95
CA LEU A 1648 -27.27 -27.65 8.94
C LEU A 1648 -27.24 -28.26 7.56
N PRO A 1649 -28.25 -27.99 6.72
CA PRO A 1649 -28.24 -28.58 5.36
C PRO A 1649 -27.21 -27.96 4.44
N ASP A 1650 -26.65 -26.81 4.79
CA ASP A 1650 -25.67 -26.15 3.93
C ASP A 1650 -24.26 -26.67 4.13
N ILE A 1651 -24.04 -27.54 5.12
CA ILE A 1651 -22.73 -28.12 5.39
C ILE A 1651 -22.83 -29.63 5.19
N ASN A 1652 -21.94 -30.17 4.36
CA ASN A 1652 -21.91 -31.60 4.08
C ASN A 1652 -20.48 -32.08 4.03
N LEU A 1653 -20.23 -33.23 4.66
CA LEU A 1653 -18.92 -33.86 4.66
C LEU A 1653 -18.99 -35.18 3.92
N GLY A 1654 -18.13 -35.35 2.92
CA GLY A 1654 -18.09 -36.58 2.17
C GLY A 1654 -17.45 -37.72 2.95
N GLU A 1655 -17.55 -38.92 2.38
CA GLU A 1655 -16.95 -40.09 3.00
C GLU A 1655 -15.42 -40.00 3.05
N ASN A 1656 -14.82 -39.18 2.19
CA ASN A 1656 -13.39 -38.97 2.18
C ASN A 1656 -12.95 -37.79 3.02
N GLY A 1657 -13.87 -37.13 3.72
CA GLY A 1657 -13.55 -35.98 4.53
C GLY A 1657 -13.65 -34.65 3.81
N ALA A 1658 -13.99 -34.64 2.53
CA ALA A 1658 -14.09 -33.40 1.79
C ALA A 1658 -15.26 -32.57 2.27
N LEU A 1659 -15.07 -31.26 2.34
CA LEU A 1659 -16.08 -30.32 2.81
C LEU A 1659 -16.76 -29.67 1.61
N GLU A 1660 -18.09 -29.64 1.63
CA GLU A 1660 -18.88 -29.02 0.57
C GLU A 1660 -19.82 -27.99 1.20
N LEU A 1661 -19.85 -26.79 0.62
CA LEU A 1661 -20.67 -25.70 1.11
C LEU A 1661 -21.64 -25.25 0.03
N LYS A 1662 -22.74 -24.65 0.48
CA LYS A 1662 -23.79 -24.18 -0.41
C LYS A 1662 -23.93 -22.67 -0.27
N ARG A 1663 -24.57 -22.06 -1.27
CA ARG A 1663 -24.72 -20.61 -1.32
C ARG A 1663 -25.61 -20.07 -0.22
N GLY A 1664 -26.37 -20.91 0.46
CA GLY A 1664 -27.25 -20.46 1.53
C GLY A 1664 -26.58 -20.19 2.85
N ILE A 1665 -25.28 -20.46 2.97
CA ILE A 1665 -24.56 -20.22 4.21
C ILE A 1665 -24.03 -18.80 4.32
N ALA A 1666 -24.09 -18.01 3.24
CA ALA A 1666 -23.57 -16.66 3.24
C ALA A 1666 -24.65 -15.60 3.00
N LYS A 1667 -25.92 -15.99 2.98
CA LYS A 1667 -26.99 -15.03 2.77
C LYS A 1667 -27.04 -14.01 3.91
N ASN A 1668 -27.32 -14.50 5.13
CA ASN A 1668 -27.38 -13.61 6.29
C ASN A 1668 -26.06 -12.91 6.59
N PRO A 1669 -24.90 -13.59 6.61
CA PRO A 1669 -23.66 -12.86 6.93
C PRO A 1669 -23.34 -11.73 5.97
N LEU A 1670 -23.64 -11.89 4.68
CA LEU A 1670 -23.31 -10.84 3.71
C LEU A 1670 -24.22 -9.62 3.90
N THR A 1671 -25.51 -9.85 4.16
CA THR A 1671 -26.45 -8.74 4.31
C THR A 1671 -26.13 -7.89 5.53
N ILE A 1672 -25.82 -8.53 6.66
CA ILE A 1672 -25.57 -7.78 7.88
C ILE A 1672 -24.15 -7.24 7.94
N THR A 1673 -23.23 -7.76 7.13
CA THR A 1673 -21.88 -7.19 7.07
C THR A 1673 -21.94 -5.77 6.50
N ILE A 1674 -22.75 -5.55 5.46
CA ILE A 1674 -22.93 -4.21 4.93
C ILE A 1674 -23.64 -3.32 5.93
N TYR A 1675 -24.46 -3.91 6.80
CA TYR A 1675 -25.20 -3.17 7.82
C TYR A 1675 -24.35 -2.80 9.03
N GLY A 1676 -23.02 -2.90 8.92
CA GLY A 1676 -22.13 -2.47 9.98
C GLY A 1676 -22.03 -3.42 11.17
N SER A 1677 -22.64 -4.60 11.09
CA SER A 1677 -22.57 -5.55 12.20
C SER A 1677 -21.15 -6.07 12.34
N GLY A 1678 -20.70 -6.21 13.59
CA GLY A 1678 -19.37 -6.69 13.87
C GLY A 1678 -19.24 -8.20 13.70
N ALA A 1679 -18.01 -8.68 13.90
CA ALA A 1679 -17.76 -10.11 13.80
C ALA A 1679 -18.48 -10.89 14.87
N ARG A 1680 -18.61 -10.32 16.08
CA ARG A 1680 -19.31 -11.01 17.15
C ARG A 1680 -20.79 -11.18 16.85
N GLY A 1681 -21.39 -10.23 16.14
CA GLY A 1681 -22.79 -10.35 15.77
C GLY A 1681 -23.04 -11.51 14.82
N ILE A 1682 -22.16 -11.70 13.84
CA ILE A 1682 -22.32 -12.80 12.90
C ILE A 1682 -22.14 -14.14 13.62
N ALA A 1683 -21.17 -14.22 14.52
CA ALA A 1683 -20.92 -15.47 15.24
C ALA A 1683 -22.12 -15.85 16.11
N GLY A 1684 -22.74 -14.87 16.77
CA GLY A 1684 -23.89 -15.16 17.61
C GLY A 1684 -25.07 -15.68 16.81
N LYS A 1685 -25.31 -15.10 15.63
CA LYS A 1685 -26.43 -15.55 14.81
C LYS A 1685 -26.16 -16.92 14.21
N LEU A 1686 -24.91 -17.22 13.84
CA LEU A 1686 -24.58 -18.52 13.29
C LEU A 1686 -24.79 -19.63 14.33
N VAL A 1687 -24.40 -19.38 15.58
CA VAL A 1687 -24.59 -20.36 16.63
C VAL A 1687 -26.08 -20.56 16.93
N SER A 1688 -26.85 -19.47 16.88
CA SER A 1688 -28.28 -19.56 17.16
C SER A 1688 -29.00 -20.47 16.17
N SER A 1689 -28.49 -20.55 14.94
CA SER A 1689 -29.10 -21.45 13.95
C SER A 1689 -28.89 -22.91 14.34
N VAL A 1690 -27.71 -23.23 14.88
CA VAL A 1690 -27.42 -24.61 15.26
C VAL A 1690 -28.27 -25.04 16.45
N THR A 1691 -28.40 -24.16 17.45
CA THR A 1691 -29.16 -24.52 18.64
C THR A 1691 -30.64 -24.70 18.34
N ASP A 1692 -31.17 -23.95 17.36
CA ASP A 1692 -32.56 -24.11 16.98
C ASP A 1692 -32.82 -25.51 16.41
N ALA A 1693 -31.90 -26.01 15.59
CA ALA A 1693 -32.03 -27.35 15.04
C ALA A 1693 -31.89 -28.41 16.13
N ILE A 1694 -31.03 -28.19 17.12
CA ILE A 1694 -30.86 -29.16 18.20
C ILE A 1694 -32.15 -29.27 19.02
N TYR A 1695 -32.76 -28.13 19.34
CA TYR A 1695 -34.01 -28.16 20.12
C TYR A 1695 -35.11 -28.87 19.37
N GLU A 1696 -35.19 -28.65 18.05
CA GLU A 1696 -36.21 -29.32 17.24
C GLU A 1696 -36.00 -30.83 17.24
N ARG A 1697 -34.74 -31.27 17.23
CA ARG A 1697 -34.46 -32.70 17.25
C ARG A 1697 -34.83 -33.33 18.58
N MET A 1698 -34.83 -32.55 19.67
CA MET A 1698 -35.25 -33.08 20.96
C MET A 1698 -36.73 -33.41 20.98
N SER A 1699 -37.54 -32.63 20.24
CA SER A 1699 -38.98 -32.92 20.18
C SER A 1699 -39.24 -34.24 19.49
N ASP A 1700 -38.45 -34.58 18.46
CA ASP A 1700 -38.60 -35.86 17.78
C ASP A 1700 -38.29 -37.02 18.70
N VAL A 1701 -37.39 -36.82 19.68
CA VAL A 1701 -37.10 -37.87 20.64
C VAL A 1701 -38.32 -38.18 21.49
N LEU A 1702 -39.02 -37.14 21.96
CA LEU A 1702 -40.22 -37.35 22.76
C LEU A 1702 -41.32 -38.04 21.96
N LYS A 1703 -41.49 -37.63 20.69
CA LYS A 1703 -42.52 -38.24 19.86
C LYS A 1703 -42.22 -39.71 19.61
N ALA A 1704 -40.95 -40.05 19.36
CA ALA A 1704 -40.60 -41.44 19.09
C ALA A 1704 -40.75 -42.31 20.33
N ARG A 1705 -40.45 -41.77 21.51
CA ARG A 1705 -40.57 -42.55 22.75
C ARG A 1705 -42.02 -42.91 23.03
N ALA A 1706 -42.96 -42.00 22.75
CA ALA A 1706 -44.37 -42.29 22.99
C ALA A 1706 -44.86 -43.42 22.10
N LYS A 1707 -44.46 -43.42 20.83
CA LYS A 1707 -44.88 -44.48 19.92
C LYS A 1707 -44.27 -45.83 20.34
N ASP A 1708 -43.00 -45.83 20.72
CA ASP A 1708 -42.32 -47.06 21.13
C ASP A 1708 -41.44 -46.79 22.33
N PRO A 1709 -41.84 -47.23 23.53
CA PRO A 1709 -41.01 -46.98 24.72
C PRO A 1709 -39.75 -47.82 24.77
N ASN A 1710 -39.59 -48.82 23.90
CA ASN A 1710 -38.42 -49.67 23.90
C ASN A 1710 -37.38 -49.26 22.85
N ILE A 1711 -37.56 -48.11 22.22
CA ILE A 1711 -36.62 -47.67 21.20
C ILE A 1711 -35.32 -47.23 21.86
N SER A 1712 -34.23 -47.30 21.09
CA SER A 1712 -32.92 -46.90 21.59
C SER A 1712 -32.74 -45.39 21.48
N ALA A 1713 -31.80 -44.88 22.26
CA ALA A 1713 -31.54 -43.43 22.24
C ALA A 1713 -31.00 -42.98 20.89
N ALA A 1714 -30.11 -43.77 20.29
CA ALA A 1714 -29.55 -43.41 18.99
C ALA A 1714 -30.62 -43.39 17.91
N MET A 1715 -31.51 -44.39 17.90
CA MET A 1715 -32.53 -44.46 16.87
C MET A 1715 -33.63 -43.43 17.10
N ALA A 1716 -33.86 -43.04 18.36
CA ALA A 1716 -34.85 -42.00 18.63
C ALA A 1716 -34.39 -40.64 18.14
N MET A 1717 -33.08 -40.43 18.03
CA MET A 1717 -32.52 -39.15 17.59
C MET A 1717 -32.30 -39.12 16.09
N PHE A 1718 -31.52 -40.06 15.56
CA PHE A 1718 -31.11 -40.07 14.17
C PHE A 1718 -31.76 -41.23 13.41
N GLY A 1719 -33.03 -41.50 13.69
CA GLY A 1719 -33.71 -42.61 13.05
C GLY A 1719 -33.88 -42.42 11.55
N LYS A 1720 -34.30 -41.22 11.14
CA LYS A 1720 -34.52 -40.93 9.73
C LYS A 1720 -33.27 -40.42 9.02
N GLN A 1721 -32.19 -40.18 9.74
CA GLN A 1721 -30.94 -39.73 9.15
C GLN A 1721 -29.92 -40.86 8.99
N ALA A 1722 -30.28 -42.08 9.37
CA ALA A 1722 -29.39 -43.23 9.28
C ALA A 1722 -30.12 -44.39 8.61
N ALA A 1723 -29.42 -45.09 7.72
CA ALA A 1723 -30.01 -46.24 7.05
C ALA A 1723 -30.10 -47.46 7.95
N SER A 1724 -29.13 -47.66 8.83
CA SER A 1724 -29.08 -48.82 9.71
C SER A 1724 -28.86 -48.35 11.14
N GLU A 1725 -29.12 -49.27 12.08
CA GLU A 1725 -28.92 -48.95 13.49
C GLU A 1725 -27.46 -48.66 13.80
N ALA A 1726 -26.54 -49.41 13.19
CA ALA A 1726 -25.12 -49.16 13.41
C ALA A 1726 -24.72 -47.77 12.93
N HIS A 1727 -25.32 -47.30 11.84
CA HIS A 1727 -25.07 -45.93 11.40
C HIS A 1727 -25.61 -44.92 12.40
N ALA A 1728 -26.76 -45.22 13.01
CA ALA A 1728 -27.33 -44.31 14.01
C ALA A 1728 -26.44 -44.22 15.24
N GLU A 1729 -25.85 -45.33 15.67
CA GLU A 1729 -24.93 -45.30 16.80
C GLU A 1729 -23.70 -44.47 16.49
N GLU A 1730 -23.24 -44.48 15.22
CA GLU A 1730 -22.09 -43.68 14.84
C GLU A 1730 -22.38 -42.19 14.99
N LEU A 1731 -23.59 -41.77 14.60
CA LEU A 1731 -23.93 -40.35 14.69
C LEU A 1731 -24.07 -39.90 16.14
N LEU A 1732 -24.61 -40.76 17.00
CA LEU A 1732 -24.78 -40.40 18.41
C LEU A 1732 -23.43 -40.18 19.08
N ALA A 1733 -22.44 -41.01 18.77
CA ALA A 1733 -21.11 -40.84 19.35
C ALA A 1733 -20.50 -39.51 18.91
N ARG A 1734 -20.71 -39.13 17.64
CA ARG A 1734 -20.18 -37.85 17.15
C ARG A 1734 -20.79 -36.68 17.90
N PHE A 1735 -22.10 -36.71 18.13
CA PHE A 1735 -22.77 -35.58 18.76
C PHE A 1735 -22.28 -35.36 20.19
N LEU A 1736 -22.15 -36.43 20.96
CA LEU A 1736 -21.72 -36.30 22.35
C LEU A 1736 -20.29 -35.78 22.43
N LYS A 1737 -19.40 -36.29 21.57
CA LYS A 1737 -18.00 -35.87 21.61
C LYS A 1737 -17.83 -34.42 21.19
N ASP A 1738 -18.54 -33.99 20.15
CA ASP A 1738 -18.40 -32.64 19.65
C ASP A 1738 -18.86 -31.61 20.68
N MET A 1739 -20.00 -31.86 21.33
CA MET A 1739 -20.53 -30.90 22.30
C MET A 1739 -19.59 -30.77 23.50
N GLU A 1740 -19.05 -31.89 23.99
CA GLU A 1740 -18.12 -31.83 25.11
C GLU A 1740 -16.84 -31.09 24.72
N THR A 1741 -16.31 -31.36 23.53
CA THR A 1741 -15.08 -30.71 23.09
C THR A 1741 -15.28 -29.21 22.90
N LEU A 1742 -16.39 -28.82 22.27
CA LEU A 1742 -16.62 -27.41 21.95
C LEU A 1742 -17.00 -26.58 23.16
N THR A 1743 -17.30 -27.21 24.30
CA THR A 1743 -17.66 -26.49 25.51
C THR A 1743 -16.59 -26.57 26.60
N SER A 1744 -15.57 -27.38 26.42
CA SER A 1744 -14.53 -27.55 27.42
C SER A 1744 -13.37 -26.58 27.21
N THR A 1745 -12.85 -26.49 26.00
CA THR A 1745 -11.72 -25.64 25.67
C THR A 1745 -12.12 -24.60 24.63
N VAL A 1746 -11.50 -23.43 24.72
CA VAL A 1746 -11.76 -22.33 23.80
C VAL A 1746 -10.45 -21.81 23.24
N PRO A 1747 -10.41 -21.27 22.02
CA PRO A 1747 -9.17 -20.70 21.49
C PRO A 1747 -8.98 -19.26 21.92
N VAL A 1748 -7.74 -18.93 22.28
CA VAL A 1748 -7.38 -17.59 22.72
C VAL A 1748 -6.32 -17.05 21.76
N LYS A 1749 -6.58 -15.89 21.19
CA LYS A 1749 -5.68 -15.27 20.22
C LYS A 1749 -4.74 -14.32 20.97
N ARG A 1750 -3.46 -14.68 21.03
CA ARG A 1750 -2.44 -13.85 21.64
C ARG A 1750 -1.22 -13.80 20.74
N LYS A 1751 -0.58 -12.63 20.69
CA LYS A 1751 0.63 -12.38 19.89
C LYS A 1751 0.48 -12.79 18.43
N GLY A 1752 -0.76 -12.94 17.96
CA GLY A 1752 -1.00 -13.31 16.58
C GLY A 1752 -1.17 -14.80 16.32
N VAL A 1753 -1.21 -15.63 17.37
CA VAL A 1753 -1.38 -17.07 17.22
C VAL A 1753 -2.53 -17.52 18.11
N LEU A 1754 -3.06 -18.70 17.80
CA LEU A 1754 -4.19 -19.27 18.52
C LEU A 1754 -3.70 -20.37 19.45
N GLU A 1755 -4.14 -20.30 20.70
CA GLU A 1755 -3.81 -21.30 21.71
C GLU A 1755 -5.09 -21.80 22.37
N LEU A 1756 -5.13 -23.10 22.63
CA LEU A 1756 -6.28 -23.70 23.28
C LEU A 1756 -6.17 -23.54 24.80
N GLN A 1757 -7.24 -23.02 25.41
CA GLN A 1757 -7.28 -22.78 26.84
C GLN A 1757 -8.50 -23.47 27.44
N SER A 1758 -8.30 -24.26 28.49
CA SER A 1758 -9.39 -24.96 29.11
C SER A 1758 -10.26 -24.01 29.94
N THR A 1759 -11.55 -24.28 29.96
CA THR A 1759 -12.50 -23.48 30.73
C THR A 1759 -12.98 -24.17 32.01
N GLY A 1760 -12.93 -25.50 32.05
CA GLY A 1760 -13.36 -26.22 33.23
C GLY A 1760 -14.86 -26.35 33.41
N THR A 1761 -15.64 -25.96 32.41
CA THR A 1761 -17.11 -25.99 32.47
C THR A 1761 -17.67 -26.80 31.32
N GLY A 1762 -17.10 -27.99 31.09
CA GLY A 1762 -17.55 -28.84 30.01
C GLY A 1762 -18.93 -29.43 30.27
N ALA A 1763 -19.48 -30.00 29.22
CA ALA A 1763 -20.82 -30.60 29.27
C ALA A 1763 -20.71 -32.06 29.70
N LYS A 1764 -21.39 -32.41 30.79
CA LYS A 1764 -21.37 -33.76 31.32
C LYS A 1764 -22.76 -34.12 31.81
N GLY A 1765 -23.01 -35.42 31.90
CA GLY A 1765 -24.28 -35.94 32.38
C GLY A 1765 -25.14 -36.45 31.23
N LYS A 1766 -26.34 -36.92 31.62
CA LYS A 1766 -27.31 -37.45 30.67
C LYS A 1766 -28.34 -36.38 30.36
N ILE A 1767 -28.63 -36.19 29.07
CA ILE A 1767 -29.52 -35.10 28.66
C ILE A 1767 -30.96 -35.42 29.01
N ASN A 1768 -31.79 -34.37 29.04
CA ASN A 1768 -33.23 -34.51 29.23
C ASN A 1768 -33.92 -33.82 28.06
N PRO A 1769 -34.57 -34.56 27.16
CA PRO A 1769 -35.12 -33.92 25.95
C PRO A 1769 -36.16 -32.85 26.22
N LYS A 1770 -36.90 -32.96 27.32
CA LYS A 1770 -37.97 -32.01 27.58
C LYS A 1770 -37.42 -30.62 27.92
N THR A 1771 -36.35 -30.55 28.69
CA THR A 1771 -35.83 -29.27 29.19
C THR A 1771 -34.34 -29.11 28.90
N TYR A 1772 -33.85 -29.68 27.81
CA TYR A 1772 -32.45 -29.51 27.44
C TYR A 1772 -32.23 -28.08 26.97
N THR A 1773 -31.20 -27.43 27.52
CA THR A 1773 -30.92 -26.04 27.19
C THR A 1773 -29.42 -25.82 27.21
N ILE A 1774 -28.95 -24.93 26.32
CA ILE A 1774 -27.55 -24.53 26.25
C ILE A 1774 -27.50 -23.04 26.56
N LYS A 1775 -26.82 -22.69 27.65
CA LYS A 1775 -26.73 -21.30 28.09
C LYS A 1775 -25.54 -21.18 29.04
N GLY A 1776 -25.38 -19.97 29.60
CA GLY A 1776 -24.32 -19.76 30.56
C GLY A 1776 -22.95 -19.80 29.91
N GLU A 1777 -22.00 -20.42 30.61
CA GLU A 1777 -20.64 -20.53 30.09
C GLU A 1777 -20.57 -21.46 28.89
N GLN A 1778 -21.51 -22.41 28.79
CA GLN A 1778 -21.53 -23.32 27.64
C GLN A 1778 -21.82 -22.56 26.35
N LEU A 1779 -22.75 -21.60 26.39
CA LEU A 1779 -23.07 -20.83 25.19
C LEU A 1779 -21.89 -19.96 24.77
N LYS A 1780 -21.20 -19.36 25.73
CA LYS A 1780 -20.06 -18.50 25.41
C LYS A 1780 -18.91 -19.31 24.80
N ALA A 1781 -18.72 -20.54 25.25
CA ALA A 1781 -17.67 -21.38 24.69
C ALA A 1781 -17.94 -21.70 23.22
N LEU A 1782 -19.20 -21.95 22.87
CA LEU A 1782 -19.54 -22.24 21.48
C LEU A 1782 -19.26 -21.05 20.59
N GLN A 1783 -19.59 -19.83 21.06
CA GLN A 1783 -19.39 -18.65 20.24
C GLN A 1783 -17.91 -18.33 20.05
N GLU A 1784 -17.07 -18.63 21.04
CA GLU A 1784 -15.65 -18.40 20.90
C GLU A 1784 -15.05 -19.28 19.80
N ASN A 1785 -15.44 -20.55 19.76
CA ASN A 1785 -14.94 -21.44 18.71
C ASN A 1785 -15.43 -21.01 17.34
N MET A 1786 -16.70 -20.59 17.24
CA MET A 1786 -17.25 -20.17 15.95
C MET A 1786 -16.60 -18.88 15.46
N LEU A 1787 -16.24 -17.98 16.37
CA LEU A 1787 -15.70 -16.68 15.97
C LEU A 1787 -14.32 -16.82 15.33
N HIS A 1788 -13.46 -17.65 15.91
CA HIS A 1788 -12.07 -17.73 15.46
C HIS A 1788 -11.84 -18.78 14.38
N PHE A 1789 -12.73 -19.74 14.22
CA PHE A 1789 -12.53 -20.83 13.27
C PHE A 1789 -13.42 -20.74 12.03
N PHE A 1790 -14.52 -20.02 12.10
CA PHE A 1790 -15.42 -19.94 10.95
C PHE A 1790 -15.73 -18.51 10.53
N VAL A 1791 -15.86 -17.59 11.48
CA VAL A 1791 -16.20 -16.21 11.14
C VAL A 1791 -15.03 -15.52 10.44
N GLU A 1792 -13.81 -15.71 10.96
CA GLU A 1792 -12.64 -15.08 10.35
C GLU A 1792 -12.41 -15.51 8.91
N PRO A 1793 -12.44 -16.80 8.56
CA PRO A 1793 -12.39 -17.14 7.13
C PRO A 1793 -13.58 -16.60 6.34
N LEU A 1794 -14.75 -16.51 6.96
CA LEU A 1794 -15.93 -16.02 6.26
C LEU A 1794 -15.78 -14.54 5.91
N ARG A 1795 -15.26 -13.73 6.84
CA ARG A 1795 -15.10 -12.31 6.59
C ARG A 1795 -14.00 -12.02 5.56
N ASN A 1796 -13.02 -12.91 5.43
CA ASN A 1796 -12.01 -12.73 4.39
C ASN A 1796 -12.58 -12.94 3.00
N GLY A 1797 -13.48 -13.92 2.86
CA GLY A 1797 -14.11 -14.16 1.57
C GLY A 1797 -15.02 -13.03 1.14
N ILE A 1798 -15.76 -12.45 2.08
CA ILE A 1798 -16.65 -11.34 1.76
C ILE A 1798 -15.86 -10.14 1.28
N THR A 1799 -14.74 -9.83 1.96
CA THR A 1799 -13.92 -8.70 1.58
C THR A 1799 -13.33 -8.88 0.18
N GLN A 1800 -12.98 -10.11 -0.19
CA GLN A 1800 -12.39 -10.36 -1.50
C GLN A 1800 -13.38 -10.10 -2.63
N THR A 1801 -14.68 -10.29 -2.37
CA THR A 1801 -15.68 -10.12 -3.42
C THR A 1801 -16.08 -8.65 -3.57
N VAL A 1802 -16.53 -8.02 -2.48
CA VAL A 1802 -16.96 -6.63 -2.55
C VAL A 1802 -15.81 -5.68 -2.84
N GLY A 1803 -14.60 -6.02 -2.41
CA GLY A 1803 -13.44 -5.19 -2.69
C GLY A 1803 -12.75 -4.67 -1.45
N GLU A 1804 -11.42 -4.49 -1.53
CA GLU A 1804 -10.68 -3.96 -0.40
C GLU A 1804 -10.91 -2.47 -0.22
N SER A 1805 -11.23 -1.75 -1.29
CA SER A 1805 -11.45 -0.32 -1.18
C SER A 1805 -12.78 0.01 -0.50
N LEU A 1806 -13.80 -0.83 -0.69
CA LEU A 1806 -15.09 -0.57 -0.07
C LEU A 1806 -15.03 -0.68 1.44
N VAL A 1807 -14.30 -1.67 1.96
CA VAL A 1807 -14.17 -1.83 3.40
C VAL A 1807 -13.32 -0.74 4.02
N TYR A 1808 -12.49 -0.06 3.21
CA TYR A 1808 -11.71 1.07 3.72
C TYR A 1808 -12.59 2.29 3.92
N SER A 1809 -13.56 2.50 3.04
CA SER A 1809 -14.47 3.64 3.17
C SER A 1809 -15.38 3.48 4.38
N THR A 1810 -15.80 2.25 4.68
CA THR A 1810 -16.68 2.01 5.83
C THR A 1810 -15.98 2.29 7.15
N GLU A 1811 -14.68 2.01 7.22
CA GLU A 1811 -13.94 2.24 8.46
C GLU A 1811 -13.84 3.74 8.77
N GLN A 1812 -13.52 4.55 7.77
CA GLN A 1812 -13.39 5.99 7.99
C GLN A 1812 -14.74 6.61 8.30
N LEU A 1813 -15.81 6.15 7.65
CA LEU A 1813 -17.14 6.66 7.93
C LEU A 1813 -17.56 6.37 9.36
N GLN A 1814 -17.26 5.17 9.85
CA GLN A 1814 -17.62 4.81 11.21
C GLN A 1814 -16.86 5.66 12.23
N LYS A 1815 -15.55 5.87 12.00
CA LYS A 1815 -14.75 6.66 12.93
C LYS A 1815 -15.22 8.11 12.96
N ALA A 1816 -15.54 8.68 11.80
CA ALA A 1816 -15.94 10.09 11.74
C ALA A 1816 -17.25 10.33 12.45
N THR A 1817 -18.22 9.43 12.29
CA THR A 1817 -19.53 9.63 12.90
C THR A 1817 -19.49 9.40 14.40
N GLN A 1818 -18.74 8.38 14.84
CA GLN A 1818 -18.67 8.09 16.27
C GLN A 1818 -18.00 9.22 17.05
N ILE A 1819 -16.92 9.78 16.50
CA ILE A 1819 -16.22 10.87 17.17
C ILE A 1819 -17.12 12.08 17.30
N GLN A 1820 -17.87 12.41 16.25
CA GLN A 1820 -18.77 13.56 16.30
C GLN A 1820 -19.86 13.37 17.34
N SER A 1821 -20.41 12.16 17.44
CA SER A 1821 -21.50 11.90 18.38
C SER A 1821 -21.03 11.99 19.83
N VAL A 1822 -19.77 11.60 20.10
CA VAL A 1822 -19.26 11.65 21.46
C VAL A 1822 -19.17 13.09 21.95
N VAL A 1823 -18.68 13.99 21.11
CA VAL A 1823 -18.55 15.39 21.50
C VAL A 1823 -19.92 16.02 21.71
N LEU A 1824 -20.88 15.72 20.83
CA LEU A 1824 -22.21 16.29 20.96
C LEU A 1824 -22.88 15.84 22.25
N GLU A 1825 -22.71 14.58 22.63
CA GLU A 1825 -23.35 14.08 23.85
C GLU A 1825 -22.74 14.71 25.09
N ASP A 1826 -21.43 14.99 25.08
CA ASP A 1826 -20.79 15.56 26.26
C ASP A 1826 -21.17 17.01 26.47
N MET A 1827 -21.25 17.79 25.37
CA MET A 1827 -21.62 19.19 25.49
C MET A 1827 -23.06 19.35 25.98
N PHE A 1828 -23.96 18.47 25.52
CA PHE A 1828 -25.35 18.55 25.97
C PHE A 1828 -25.47 18.31 27.47
N LYS A 1829 -24.77 17.29 27.97
CA LYS A 1829 -24.83 17.00 29.40
C LYS A 1829 -24.13 18.07 30.22
N GLN A 1830 -23.06 18.66 29.70
CA GLN A 1830 -22.33 19.69 30.43
C GLN A 1830 -23.07 21.02 30.45
N ARG A 1831 -24.02 21.22 29.53
CA ARG A 1831 -24.75 22.49 29.46
C ARG A 1831 -26.03 22.49 30.26
N VAL A 1832 -26.63 21.32 30.52
CA VAL A 1832 -27.81 21.28 31.38
C VAL A 1832 -27.45 21.27 32.86
N GLN A 1833 -26.22 20.88 33.20
CA GLN A 1833 -25.79 20.93 34.60
C GLN A 1833 -25.42 22.35 35.04
N GLU A 1834 -24.97 23.18 34.11
CA GLU A 1834 -24.71 24.58 34.44
C GLU A 1834 -26.01 25.35 34.61
N LYS A 1835 -27.02 25.02 33.81
CA LYS A 1835 -28.33 25.68 33.96
C LYS A 1835 -28.99 25.30 35.27
N LEU A 1836 -28.89 24.03 35.67
CA LEU A 1836 -29.50 23.59 36.92
C LEU A 1836 -28.85 24.28 38.12
N ALA A 1837 -27.54 24.48 38.07
CA ALA A 1837 -26.85 25.18 39.15
C ALA A 1837 -27.32 26.63 39.27
N GLU A 1838 -27.81 27.23 38.19
CA GLU A 1838 -28.34 28.58 38.25
C GLU A 1838 -29.71 28.61 38.92
N LYS A 1839 -30.53 27.59 38.68
CA LYS A 1839 -31.85 27.52 39.28
C LYS A 1839 -31.79 27.31 40.79
N ALA A 1840 -30.66 26.82 41.32
CA ALA A 1840 -30.53 26.64 42.75
C ALA A 1840 -30.54 27.96 43.51
N LYS A 1841 -30.31 29.07 42.82
CA LYS A 1841 -30.37 30.40 43.42
C LYS A 1841 -31.74 31.04 43.29
N ASP A 1842 -32.71 30.33 42.70
CA ASP A 1842 -34.05 30.87 42.51
C ASP A 1842 -34.94 30.38 43.64
N PRO A 1843 -35.48 31.28 44.48
CA PRO A 1843 -36.36 30.82 45.58
C PRO A 1843 -37.60 30.11 45.09
N THR A 1844 -38.15 30.48 43.94
CA THR A 1844 -39.37 29.89 43.42
C THR A 1844 -39.12 28.56 42.71
N TRP A 1845 -37.94 27.95 42.87
CA TRP A 1845 -37.60 26.70 42.21
C TRP A 1845 -37.38 25.62 43.25
N LYS A 1846 -37.85 24.41 42.95
CA LYS A 1846 -37.67 23.25 43.80
C LYS A 1846 -37.09 22.11 42.98
N LYS A 1847 -36.21 21.32 43.60
CA LYS A 1847 -35.61 20.20 42.90
C LYS A 1847 -36.67 19.21 42.44
N GLY A 1848 -36.58 18.79 41.19
CA GLY A 1848 -37.58 17.93 40.58
C GLY A 1848 -38.39 18.60 39.50
N ASP A 1849 -38.35 19.93 39.40
CA ASP A 1849 -39.05 20.63 38.34
C ASP A 1849 -38.31 20.59 37.01
N PHE A 1850 -37.02 20.23 37.04
CA PHE A 1850 -36.18 20.16 35.84
C PHE A 1850 -36.14 21.49 35.11
N LEU A 1851 -35.81 21.46 33.82
CA LEU A 1851 -35.65 22.67 33.04
C LEU A 1851 -36.96 23.02 32.34
N THR A 1852 -36.90 23.97 31.41
CA THR A 1852 -38.05 24.45 30.67
C THR A 1852 -37.88 24.11 29.19
N GLN A 1853 -39.01 24.00 28.49
CA GLN A 1853 -38.95 23.75 27.05
C GLN A 1853 -38.25 24.88 26.31
N LYS A 1854 -38.47 26.12 26.75
CA LYS A 1854 -37.74 27.25 26.18
C LYS A 1854 -36.24 27.14 26.48
N GLU A 1855 -35.89 26.74 27.70
CA GLU A 1855 -34.48 26.58 28.04
C GLU A 1855 -33.86 25.39 27.33
N LEU A 1856 -34.62 24.30 27.15
CA LEU A 1856 -34.09 23.13 26.46
C LEU A 1856 -33.83 23.43 24.98
N ASN A 1857 -34.66 24.26 24.36
CA ASN A 1857 -34.45 24.61 22.96
C ASN A 1857 -33.20 25.44 22.76
N ASP A 1858 -32.86 26.30 23.73
CA ASP A 1858 -31.67 27.12 23.63
C ASP A 1858 -30.41 26.26 23.69
N ILE A 1859 -30.41 25.22 24.51
CA ILE A 1859 -29.25 24.34 24.61
C ILE A 1859 -29.03 23.62 23.28
N GLN A 1860 -30.11 23.12 22.66
CA GLN A 1860 -29.98 22.45 21.38
C GLN A 1860 -29.55 23.41 20.28
N ALA A 1861 -30.01 24.66 20.34
CA ALA A 1861 -29.63 25.64 19.33
C ALA A 1861 -28.15 25.99 19.42
N SER A 1862 -27.56 25.91 20.61
CA SER A 1862 -26.14 26.19 20.77
C SER A 1862 -25.25 25.13 20.15
N LEU A 1863 -25.81 23.98 19.76
CA LEU A 1863 -25.05 22.91 19.12
C LEU A 1863 -25.04 23.02 17.61
N ASN A 1864 -25.62 24.09 17.05
CA ASN A 1864 -25.75 24.19 15.59
C ASN A 1864 -24.41 24.41 14.92
N ASN A 1865 -23.43 24.99 15.63
CA ASN A 1865 -22.12 25.24 15.04
C ASN A 1865 -21.25 24.00 14.95
N LEU A 1866 -21.79 22.84 15.28
CA LEU A 1866 -21.07 21.57 15.17
C LEU A 1866 -21.63 20.67 14.09
N ALA A 1867 -22.63 21.12 13.34
CA ALA A 1867 -23.26 20.38 12.25
C ALA A 1867 -23.76 19.02 12.71
N PRO A 1868 -24.81 18.98 13.54
CA PRO A 1868 -25.32 17.68 14.01
C PRO A 1868 -26.07 16.89 12.94
N MET A 1869 -26.48 17.54 11.85
CA MET A 1869 -27.29 16.89 10.83
C MET A 1869 -26.55 16.89 9.49
N ILE A 1870 -26.83 15.86 8.70
CA ILE A 1870 -26.23 15.67 7.38
C ILE A 1870 -27.29 15.95 6.32
N GLU A 1871 -26.96 16.83 5.36
CA GLU A 1871 -27.88 17.22 4.30
C GLU A 1871 -27.32 16.77 2.97
N THR A 1872 -28.15 16.09 2.17
CA THR A 1872 -27.77 15.65 0.84
C THR A 1872 -28.43 16.45 -0.27
N GLY A 1873 -29.24 17.45 0.08
CA GLY A 1873 -29.98 18.24 -0.87
C GLY A 1873 -31.43 17.83 -1.02
N SER A 1874 -31.75 16.58 -0.73
CA SER A 1874 -33.13 16.09 -0.74
C SER A 1874 -33.48 15.23 0.47
N GLN A 1875 -32.51 14.86 1.30
CA GLN A 1875 -32.76 14.05 2.48
C GLN A 1875 -31.98 14.62 3.65
N THR A 1876 -32.47 14.36 4.86
CA THR A 1876 -31.82 14.80 6.08
C THR A 1876 -31.69 13.63 7.04
N PHE A 1877 -30.53 13.54 7.70
CA PHE A 1877 -30.26 12.46 8.64
C PHE A 1877 -29.72 13.05 9.95
N TYR A 1878 -30.09 12.41 11.06
CA TYR A 1878 -29.63 12.81 12.40
C TYR A 1878 -29.26 11.52 13.13
N ILE A 1879 -27.98 11.16 13.05
CA ILE A 1879 -27.54 9.86 13.55
C ILE A 1879 -27.60 9.80 15.07
N ALA A 1880 -27.20 10.88 15.74
CA ALA A 1880 -27.07 10.87 17.19
C ALA A 1880 -28.38 11.12 17.93
N GLY A 1881 -29.47 11.37 17.22
CA GLY A 1881 -30.73 11.67 17.90
C GLY A 1881 -31.32 10.43 18.55
N SER A 1882 -31.84 10.61 19.76
CA SER A 1882 -32.45 9.55 20.53
C SER A 1882 -33.22 10.17 21.69
N GLU A 1883 -33.97 9.32 22.40
CA GLU A 1883 -34.72 9.73 23.59
C GLU A 1883 -34.27 8.85 24.75
N ASN A 1884 -33.58 9.46 25.72
CA ASN A 1884 -33.03 8.72 26.84
C ASN A 1884 -33.35 9.45 28.14
N ALA A 1885 -33.39 8.68 29.23
CA ALA A 1885 -33.65 9.20 30.56
C ALA A 1885 -32.37 9.44 31.37
N GLU A 1886 -31.20 9.30 30.73
CA GLU A 1886 -29.94 9.46 31.46
C GLU A 1886 -29.72 10.92 31.87
N VAL A 1887 -30.14 11.87 31.03
CA VAL A 1887 -29.88 13.29 31.31
C VAL A 1887 -30.68 13.74 32.53
N ALA A 1888 -31.97 13.42 32.57
CA ALA A 1888 -32.81 13.86 33.68
C ALA A 1888 -32.41 13.15 34.98
N ASN A 1889 -32.31 11.82 34.93
CA ASN A 1889 -31.90 11.00 36.07
C ASN A 1889 -32.77 11.27 37.30
N GLN A 1890 -34.08 11.35 37.08
CA GLN A 1890 -35.01 11.58 38.18
C GLN A 1890 -36.38 11.04 37.79
N VAL A 1891 -37.23 10.84 38.80
CA VAL A 1891 -38.55 10.29 38.61
C VAL A 1891 -39.52 11.40 38.23
N LEU A 1892 -40.41 11.10 37.28
CA LEU A 1892 -41.38 12.08 36.81
C LEU A 1892 -42.64 12.09 37.68
N ALA A 1893 -43.33 10.96 37.76
CA ALA A 1893 -44.56 10.89 38.55
C ALA A 1893 -44.85 9.43 38.88
N THR A 1894 -45.60 9.23 39.96
CA THR A 1894 -46.08 7.92 40.39
C THR A 1894 -47.60 7.99 40.56
N ASN A 1895 -48.17 6.92 41.08
CA ASN A 1895 -49.60 6.87 41.38
C ASN A 1895 -49.84 7.14 42.86
N LEU A 1896 -51.09 7.03 43.29
CA LEU A 1896 -51.44 7.29 44.68
C LEU A 1896 -50.98 6.21 45.63
N ASP A 1897 -50.50 5.07 45.12
CA ASP A 1897 -49.97 3.99 45.94
C ASP A 1897 -48.45 3.97 45.97
N ASP A 1898 -47.80 5.04 45.51
CA ASP A 1898 -46.34 5.12 45.45
C ASP A 1898 -45.73 4.01 44.60
N ARG A 1899 -46.43 3.59 43.56
CA ARG A 1899 -45.97 2.58 42.62
C ARG A 1899 -46.03 3.14 41.20
N MET A 1900 -45.66 2.29 40.24
CA MET A 1900 -45.64 2.66 38.83
C MET A 1900 -44.80 3.92 38.60
N ARG A 1901 -43.61 3.94 39.21
CA ARG A 1901 -42.71 5.07 39.07
C ARG A 1901 -42.24 5.20 37.63
N VAL A 1902 -42.38 6.38 37.06
CA VAL A 1902 -42.07 6.64 35.66
C VAL A 1902 -40.86 7.57 35.61
N PRO A 1903 -39.73 7.15 35.07
CA PRO A 1903 -38.61 8.07 34.88
C PRO A 1903 -38.92 9.10 33.80
N MET A 1904 -38.27 10.25 33.93
CA MET A 1904 -38.45 11.35 32.98
C MET A 1904 -37.44 11.20 31.84
N SER A 1905 -37.94 11.17 30.61
CA SER A 1905 -37.11 11.02 29.43
C SER A 1905 -37.27 12.24 28.54
N ILE A 1906 -36.14 12.74 28.02
CA ILE A 1906 -36.12 13.89 27.14
C ILE A 1906 -35.41 13.50 25.84
N TYR A 1907 -35.48 14.40 24.87
CA TYR A 1907 -34.87 14.17 23.56
C TYR A 1907 -33.47 14.76 23.58
N ALA A 1908 -32.46 13.89 23.66
CA ALA A 1908 -31.07 14.31 23.79
C ALA A 1908 -30.20 13.46 22.89
N PRO A 1909 -29.05 13.98 22.45
CA PRO A 1909 -28.14 13.19 21.63
C PRO A 1909 -27.52 12.05 22.41
N ALA A 1910 -27.10 11.02 21.68
CA ALA A 1910 -26.49 9.84 22.25
C ALA A 1910 -25.40 9.34 21.31
N GLN A 1911 -24.54 8.46 21.83
CA GLN A 1911 -23.46 7.91 21.04
C GLN A 1911 -24.01 7.06 19.89
N ALA A 1912 -23.32 7.10 18.76
CA ALA A 1912 -23.79 6.42 17.56
C ALA A 1912 -23.33 4.97 17.49
N GLY A 1913 -22.03 4.72 17.67
CA GLY A 1913 -21.50 3.38 17.57
C GLY A 1913 -21.24 2.97 16.14
N VAL A 1914 -21.90 1.90 15.69
CA VAL A 1914 -21.78 1.42 14.32
C VAL A 1914 -23.02 1.74 13.50
N ALA A 1915 -23.89 2.62 13.99
CA ALA A 1915 -25.12 2.97 13.29
C ALA A 1915 -24.90 3.90 12.11
N GLY A 1916 -23.68 4.44 11.95
CA GLY A 1916 -23.43 5.35 10.84
C GLY A 1916 -23.50 4.66 9.48
N ILE A 1917 -22.97 3.44 9.39
CA ILE A 1917 -22.97 2.73 8.11
C ILE A 1917 -24.37 2.43 7.60
N PRO A 1918 -25.30 1.87 8.40
CA PRO A 1918 -26.65 1.64 7.88
C PRO A 1918 -27.38 2.91 7.47
N PHE A 1919 -27.10 4.03 8.14
CA PHE A 1919 -27.82 5.27 7.83
C PHE A 1919 -27.56 5.73 6.41
N MET A 1920 -26.31 5.66 5.95
CA MET A 1920 -25.96 6.15 4.64
C MET A 1920 -26.07 5.09 3.55
N THR A 1921 -25.96 3.81 3.90
CA THR A 1921 -26.12 2.76 2.90
C THR A 1921 -27.58 2.59 2.49
N ILE A 1922 -28.50 2.74 3.44
CA ILE A 1922 -29.92 2.58 3.14
C ILE A 1922 -30.55 3.91 2.73
N GLY A 1923 -30.18 5.01 3.42
CA GLY A 1923 -30.79 6.29 3.12
C GLY A 1923 -30.50 6.76 1.71
N THR A 1924 -29.25 6.68 1.28
CA THR A 1924 -28.86 7.06 -0.06
C THR A 1924 -28.93 5.91 -1.06
N GLY A 1925 -29.35 4.72 -0.62
CA GLY A 1925 -29.48 3.59 -1.50
C GLY A 1925 -30.90 3.38 -1.98
N ASP A 1926 -31.59 2.39 -1.43
CA ASP A 1926 -32.96 2.12 -1.83
C ASP A 1926 -33.93 3.18 -1.34
N GLY A 1927 -33.57 3.92 -0.29
CA GLY A 1927 -34.45 4.99 0.18
C GLY A 1927 -34.57 6.12 -0.83
N MET A 1928 -33.47 6.51 -1.45
CA MET A 1928 -33.50 7.56 -2.45
C MET A 1928 -34.07 7.06 -3.78
N MET A 1929 -33.84 5.79 -4.12
CA MET A 1929 -34.35 5.24 -5.37
C MET A 1929 -35.88 5.28 -5.40
N MET A 1930 -36.52 4.93 -4.28
CA MET A 1930 -37.98 4.91 -4.23
C MET A 1930 -38.56 6.31 -4.14
N GLN A 1931 -37.83 7.25 -3.53
CA GLN A 1931 -38.28 8.63 -3.52
C GLN A 1931 -38.32 9.21 -4.93
N THR A 1932 -37.31 8.91 -5.74
CA THR A 1932 -37.29 9.37 -7.13
C THR A 1932 -38.41 8.70 -7.93
N LEU A 1933 -38.64 7.41 -7.69
CA LEU A 1933 -39.64 6.67 -8.48
C LEU A 1933 -41.06 7.19 -8.27
N SER A 1934 -41.32 7.85 -7.15
CA SER A 1934 -42.67 8.36 -6.87
C SER A 1934 -42.89 9.78 -7.37
N THR A 1935 -41.81 10.51 -7.67
CA THR A 1935 -41.91 11.89 -8.12
C THR A 1935 -41.30 12.13 -9.50
N MET A 1936 -40.77 11.10 -10.14
CA MET A 1936 -40.15 11.28 -11.45
C MET A 1936 -41.21 11.58 -12.52
N LYS A 1937 -40.74 12.15 -13.62
CA LYS A 1937 -41.63 12.44 -14.75
C LYS A 1937 -42.11 11.12 -15.37
N GLY A 1938 -43.42 11.01 -15.56
CA GLY A 1938 -43.98 9.77 -16.06
C GLY A 1938 -43.84 8.61 -15.09
N ALA A 1939 -44.06 8.87 -13.80
CA ALA A 1939 -43.90 7.84 -12.79
C ALA A 1939 -44.98 6.77 -12.93
N PRO A 1940 -44.67 5.52 -12.59
CA PRO A 1940 -45.68 4.47 -12.65
C PRO A 1940 -46.82 4.71 -11.69
N LYS A 1941 -48.00 4.20 -12.06
CA LYS A 1941 -49.21 4.39 -11.28
C LYS A 1941 -49.77 3.04 -10.83
N ASN A 1942 -50.47 3.07 -9.69
CA ASN A 1942 -51.15 1.89 -9.15
C ASN A 1942 -50.15 0.76 -8.85
N THR A 1943 -49.20 1.06 -7.98
CA THR A 1943 -48.20 0.09 -7.57
C THR A 1943 -48.04 0.13 -6.06
N LEU A 1944 -47.64 -1.01 -5.49
CA LEU A 1944 -47.31 -1.12 -4.08
C LEU A 1944 -45.79 -1.12 -3.94
N LYS A 1945 -45.27 -0.15 -3.19
CA LYS A 1945 -43.83 0.06 -3.08
C LYS A 1945 -43.33 -0.48 -1.75
N ILE A 1946 -43.04 -1.77 -1.73
CA ILE A 1946 -42.28 -2.36 -0.63
C ILE A 1946 -40.81 -2.03 -0.84
N PHE A 1947 -40.03 -2.06 0.24
CA PHE A 1947 -38.61 -1.75 0.12
C PHE A 1947 -37.91 -2.72 -0.82
N ASP A 1948 -37.06 -2.18 -1.69
CA ASP A 1948 -36.38 -2.91 -2.76
C ASP A 1948 -37.32 -3.89 -3.47
N GLY A 1949 -38.48 -3.37 -3.87
CA GLY A 1949 -39.45 -4.16 -4.60
C GLY A 1949 -40.60 -3.29 -5.08
N MET A 1950 -41.38 -3.85 -5.99
CA MET A 1950 -42.54 -3.13 -6.53
C MET A 1950 -43.45 -4.12 -7.23
N ASN A 1951 -44.73 -4.11 -6.87
CA ASN A 1951 -45.73 -4.93 -7.52
C ASN A 1951 -46.37 -4.14 -8.65
N ILE A 1952 -46.39 -4.71 -9.85
CA ILE A 1952 -46.87 -4.05 -11.06
C ILE A 1952 -47.98 -4.88 -11.68
N GLY A 1953 -49.01 -4.21 -12.16
CA GLY A 1953 -50.07 -4.90 -12.86
C GLY A 1953 -49.61 -5.49 -14.18
N LEU A 1954 -50.36 -6.48 -14.66
CA LEU A 1954 -49.96 -7.22 -15.84
C LEU A 1954 -50.06 -6.40 -17.13
N ASN A 1955 -50.73 -5.25 -17.10
CA ASN A 1955 -50.88 -4.43 -18.30
C ASN A 1955 -49.77 -3.40 -18.46
N ASP A 1956 -48.89 -3.24 -17.47
CA ASP A 1956 -47.84 -2.24 -17.53
C ASP A 1956 -46.52 -2.76 -16.99
N ILE A 1957 -46.24 -4.05 -17.16
CA ILE A 1957 -45.01 -4.62 -16.60
C ILE A 1957 -43.79 -4.11 -17.36
N THR A 1958 -43.89 -3.98 -18.68
CA THR A 1958 -42.73 -3.60 -19.48
C THR A 1958 -42.33 -2.14 -19.22
N ASP A 1959 -43.30 -1.23 -19.23
CA ASP A 1959 -42.97 0.19 -19.10
C ASP A 1959 -42.55 0.54 -17.68
N ALA A 1960 -43.19 -0.07 -16.68
CA ALA A 1960 -42.87 0.27 -15.29
C ALA A 1960 -41.51 -0.29 -14.88
N SER A 1961 -41.10 -1.41 -15.46
CA SER A 1961 -39.79 -1.97 -15.13
C SER A 1961 -38.65 -1.11 -15.67
N ARG A 1962 -38.84 -0.53 -16.85
CA ARG A 1962 -37.83 0.35 -17.42
C ARG A 1962 -37.67 1.61 -16.59
N LYS A 1963 -38.78 2.15 -16.07
CA LYS A 1963 -38.70 3.31 -15.20
C LYS A 1963 -38.03 3.00 -13.88
N ALA A 1964 -38.22 1.78 -13.37
CA ALA A 1964 -37.57 1.38 -12.11
C ALA A 1964 -36.05 1.36 -12.27
N ASN A 1965 -35.56 0.85 -13.41
CA ASN A 1965 -34.12 0.85 -13.65
C ASN A 1965 -33.59 2.26 -13.85
N GLU A 1966 -34.41 3.15 -14.41
CA GLU A 1966 -33.98 4.55 -14.54
C GLU A 1966 -33.80 5.20 -13.18
N ALA A 1967 -34.67 4.91 -12.22
CA ALA A 1967 -34.53 5.46 -10.88
C ALA A 1967 -33.29 4.92 -10.18
N VAL A 1968 -32.92 3.67 -10.45
CA VAL A 1968 -31.71 3.09 -9.85
C VAL A 1968 -30.48 3.83 -10.35
N TYR A 1969 -30.44 4.16 -11.64
CA TYR A 1969 -29.30 4.89 -12.20
C TYR A 1969 -29.18 6.27 -11.58
N THR A 1970 -30.31 6.93 -11.33
CA THR A 1970 -30.26 8.27 -10.73
C THR A 1970 -29.68 8.22 -9.32
N SER A 1971 -30.05 7.21 -8.54
CA SER A 1971 -29.55 7.10 -7.17
C SER A 1971 -28.07 6.75 -7.12
N TRP A 1972 -27.50 6.26 -8.21
CA TRP A 1972 -26.08 5.90 -8.25
C TRP A 1972 -25.18 7.09 -8.54
N GLN A 1973 -25.74 8.28 -8.75
CA GLN A 1973 -24.95 9.49 -8.96
C GLN A 1973 -24.69 10.26 -7.67
N GLY A 1974 -25.13 9.72 -6.52
CA GLY A 1974 -24.91 10.40 -5.26
C GLY A 1974 -23.52 10.16 -4.71
N ASN A 1975 -23.22 10.90 -3.64
CA ASN A 1975 -21.92 10.83 -2.98
C ASN A 1975 -22.13 10.92 -1.47
N PRO A 1976 -22.47 9.80 -0.82
CA PRO A 1976 -22.71 9.83 0.63
C PRO A 1976 -21.50 10.26 1.43
N ILE A 1977 -20.28 9.92 0.97
CA ILE A 1977 -19.09 10.28 1.72
C ILE A 1977 -18.87 11.80 1.68
N LYS A 1978 -19.16 12.42 0.54
CA LYS A 1978 -18.98 13.86 0.42
C LYS A 1978 -19.92 14.62 1.37
N ASN A 1979 -21.16 14.13 1.52
CA ASN A 1979 -22.09 14.78 2.44
C ASN A 1979 -21.61 14.68 3.88
N VAL A 1980 -21.04 13.53 4.25
CA VAL A 1980 -20.52 13.36 5.60
C VAL A 1980 -19.29 14.23 5.80
N TYR A 1981 -18.44 14.35 4.77
CA TYR A 1981 -17.22 15.14 4.89
C TYR A 1981 -17.54 16.62 5.12
N GLU A 1982 -18.57 17.13 4.44
CA GLU A 1982 -18.93 18.54 4.59
C GLU A 1982 -19.40 18.85 6.00
N SER A 1983 -20.12 17.93 6.63
CA SER A 1983 -20.55 18.14 8.01
C SER A 1983 -19.40 17.95 8.99
N TYR A 1984 -18.49 17.01 8.69
CA TYR A 1984 -17.37 16.76 9.60
C TYR A 1984 -16.32 17.87 9.53
N ALA A 1985 -16.18 18.51 8.37
CA ALA A 1985 -15.21 19.59 8.24
C ALA A 1985 -15.61 20.82 9.05
N LYS A 1986 -16.91 21.09 9.14
CA LYS A 1986 -17.38 22.22 9.93
C LYS A 1986 -17.26 21.94 11.42
N PHE A 1987 -17.47 20.68 11.83
CA PHE A 1987 -17.36 20.32 13.24
C PHE A 1987 -15.92 20.49 13.74
N MET A 1988 -14.94 20.11 12.92
CA MET A 1988 -13.54 20.25 13.32
C MET A 1988 -13.10 21.70 13.41
N LYS A 1989 -13.82 22.62 12.75
CA LYS A 1989 -13.44 24.02 12.78
C LYS A 1989 -13.81 24.70 14.08
N ASN A 1990 -14.87 24.24 14.75
CA ASN A 1990 -15.37 24.90 15.94
C ASN A 1990 -15.20 24.10 17.22
N VAL A 1991 -14.80 22.82 17.12
CA VAL A 1991 -14.69 21.99 18.31
C VAL A 1991 -13.50 22.44 19.16
N ASP A 1992 -13.57 22.17 20.46
CA ASP A 1992 -12.49 22.47 21.40
C ASP A 1992 -12.33 21.27 22.32
N PHE A 1993 -11.24 20.52 22.12
CA PHE A 1993 -11.05 19.28 22.88
C PHE A 1993 -10.64 19.53 24.31
N SER A 1994 -10.11 20.72 24.63
CA SER A 1994 -9.65 21.00 25.97
C SER A 1994 -10.78 21.15 26.98
N LYS A 1995 -12.02 21.30 26.53
CA LYS A 1995 -13.17 21.46 27.41
C LYS A 1995 -13.96 20.17 27.58
N LEU A 1996 -13.44 19.05 27.12
CA LEU A 1996 -14.12 17.76 27.23
C LEU A 1996 -13.81 17.10 28.56
N SER A 1997 -14.78 16.32 29.04
CA SER A 1997 -14.58 15.56 30.27
C SER A 1997 -13.55 14.46 30.04
N PRO A 1998 -12.86 14.02 31.10
CA PRO A 1998 -11.88 12.93 30.94
C PRO A 1998 -12.49 11.64 30.40
N GLU A 1999 -13.75 11.36 30.74
CA GLU A 1999 -14.41 10.18 30.20
C GLU A 1999 -14.60 10.29 28.69
N ALA A 2000 -14.95 11.48 28.21
CA ALA A 2000 -15.14 11.68 26.78
C ALA A 2000 -13.84 11.52 26.01
N LEU A 2001 -12.74 12.04 26.57
CA LEU A 2001 -11.45 11.93 25.88
C LEU A 2001 -11.01 10.49 25.73
N GLU A 2002 -11.40 9.62 26.66
CA GLU A 2002 -11.05 8.21 26.55
C GLU A 2002 -11.81 7.53 25.41
N ALA A 2003 -13.05 7.95 25.15
CA ALA A 2003 -13.84 7.35 24.08
C ALA A 2003 -13.33 7.78 22.71
N ILE A 2004 -12.90 9.04 22.58
CA ILE A 2004 -12.39 9.52 21.29
C ILE A 2004 -11.07 8.83 20.96
N GLY A 2005 -10.22 8.60 21.96
CA GLY A 2005 -8.96 7.93 21.74
C GLY A 2005 -9.11 6.50 21.28
N LYS A 2006 -10.24 5.86 21.57
CA LYS A 2006 -10.50 4.50 21.11
C LYS A 2006 -10.87 4.42 19.64
N SER A 2007 -11.14 5.57 18.99
CA SER A 2007 -11.53 5.59 17.59
C SER A 2007 -10.50 6.27 16.69
N ALA A 2008 -9.61 7.09 17.24
CA ALA A 2008 -8.64 7.83 16.43
C ALA A 2008 -7.22 7.33 16.57
N LEU A 2009 -6.91 6.57 17.62
CA LEU A 2009 -5.55 6.12 17.88
C LEU A 2009 -5.50 4.60 17.98
N GLU A 2010 -4.31 4.05 17.82
CA GLU A 2010 -4.08 2.63 17.98
C GLU A 2010 -4.01 2.27 19.46
N TYR A 2011 -3.95 0.96 19.74
CA TYR A 2011 -3.97 0.49 21.12
C TYR A 2011 -2.77 1.00 21.89
N ASP A 2012 -1.58 0.95 21.28
CA ASP A 2012 -0.36 1.35 22.00
C ASP A 2012 -0.28 2.87 22.16
N GLN A 2013 -0.89 3.62 21.26
CA GLN A 2013 -0.79 5.07 21.27
C GLN A 2013 -1.80 5.76 22.19
N ARG A 2014 -2.80 5.03 22.68
CA ARG A 2014 -3.86 5.62 23.49
C ARG A 2014 -3.74 5.26 24.96
N GLU A 2015 -2.62 4.71 25.41
CA GLU A 2015 -2.45 4.40 26.82
C GLU A 2015 -2.22 5.67 27.63
N ASN A 2016 -1.45 6.62 27.10
CA ASN A 2016 -1.17 7.86 27.79
C ASN A 2016 -1.22 9.05 26.84
N ALA A 2017 -2.09 9.00 25.85
CA ALA A 2017 -2.19 10.07 24.86
C ALA A 2017 -2.69 11.36 25.51
N THR A 2018 -2.13 12.48 25.06
CA THR A 2018 -2.52 13.79 25.57
C THR A 2018 -3.67 14.37 24.73
N VAL A 2019 -4.09 15.58 25.08
CA VAL A 2019 -5.16 16.23 24.35
C VAL A 2019 -4.70 16.61 22.94
N ASP A 2020 -3.44 17.03 22.80
CA ASP A 2020 -2.93 17.41 21.49
C ASP A 2020 -2.84 16.21 20.55
N ASP A 2021 -2.46 15.05 21.08
CA ASP A 2021 -2.39 13.85 20.24
C ASP A 2021 -3.77 13.46 19.70
N ILE A 2022 -4.80 13.55 20.54
CA ILE A 2022 -6.15 13.23 20.10
C ILE A 2022 -6.63 14.21 19.05
N ALA A 2023 -6.36 15.51 19.25
CA ALA A 2023 -6.79 16.52 18.29
C ALA A 2023 -6.10 16.34 16.95
N ASN A 2024 -4.79 16.02 16.96
CA ASN A 2024 -4.08 15.80 15.71
C ASN A 2024 -4.58 14.57 14.98
N ALA A 2025 -4.91 13.51 15.71
CA ALA A 2025 -5.40 12.29 15.09
C ALA A 2025 -6.79 12.47 14.50
N ALA A 2026 -7.61 13.33 15.10
CA ALA A 2026 -8.95 13.56 14.58
C ALA A 2026 -8.93 14.32 13.26
N SER A 2027 -7.93 15.19 13.06
CA SER A 2027 -7.83 15.93 11.81
C SER A 2027 -7.37 15.06 10.65
N LEU A 2028 -6.67 13.95 10.94
CA LEU A 2028 -6.25 13.05 9.87
C LEU A 2028 -7.45 12.40 9.19
N ILE A 2029 -8.48 12.06 9.96
CA ILE A 2029 -9.68 11.47 9.39
C ILE A 2029 -10.37 12.45 8.45
N GLU A 2030 -10.25 13.75 8.72
CA GLU A 2030 -10.88 14.76 7.87
C GLU A 2030 -10.32 14.72 6.45
N ARG A 2031 -9.00 14.59 6.33
CA ARG A 2031 -8.38 14.54 4.99
C ARG A 2031 -8.50 13.17 4.35
N ASN A 2032 -8.83 12.13 5.12
CA ASN A 2032 -9.08 10.83 4.52
C ASN A 2032 -10.44 10.80 3.82
N LEU A 2033 -11.44 11.45 4.42
CA LEU A 2033 -12.75 11.54 3.78
C LEU A 2033 -12.71 12.37 2.51
N ARG A 2034 -11.90 13.43 2.50
CA ARG A 2034 -11.79 14.28 1.32
C ARG A 2034 -11.20 13.50 0.14
N ASN A 2035 -10.18 12.69 0.39
CA ASN A 2035 -9.58 11.90 -0.69
C ASN A 2035 -10.55 10.86 -1.22
N ILE A 2036 -11.31 10.21 -0.33
CA ILE A 2036 -12.28 9.21 -0.77
C ILE A 2036 -13.40 9.88 -1.57
N ALA A 2037 -13.88 11.03 -1.11
CA ALA A 2037 -14.98 11.71 -1.78
C ALA A 2037 -14.60 12.15 -3.18
N LEU A 2038 -13.36 12.63 -3.35
CA LEU A 2038 -12.92 13.08 -4.67
C LEU A 2038 -12.86 11.91 -5.66
N GLY A 2039 -12.40 10.75 -5.20
CA GLY A 2039 -12.33 9.60 -6.09
C GLY A 2039 -13.69 9.10 -6.54
N VAL A 2040 -14.68 9.15 -5.64
CA VAL A 2040 -16.03 8.71 -6.00
C VAL A 2040 -16.62 9.64 -7.05
N ASP A 2041 -16.38 10.95 -6.93
CA ASP A 2041 -16.93 11.90 -7.89
C ASP A 2041 -16.39 11.67 -9.29
N ILE A 2042 -15.09 11.37 -9.41
CA ILE A 2042 -14.48 11.17 -10.71
C ILE A 2042 -15.01 9.90 -11.36
N ARG A 2043 -15.19 8.83 -10.57
CA ARG A 2043 -15.62 7.55 -11.12
C ARG A 2043 -17.01 7.66 -11.74
N HIS A 2044 -17.92 8.38 -11.09
CA HIS A 2044 -19.26 8.55 -11.65
C HIS A 2044 -19.24 9.38 -12.93
N LYS A 2045 -18.34 10.36 -13.02
CA LYS A 2045 -18.22 11.16 -14.23
C LYS A 2045 -17.75 10.31 -15.40
N VAL A 2046 -16.80 9.40 -15.16
CA VAL A 2046 -16.26 8.59 -16.24
C VAL A 2046 -17.29 7.58 -16.73
N LEU A 2047 -18.00 6.94 -15.80
CA LEU A 2047 -18.97 5.91 -16.17
C LEU A 2047 -20.14 6.47 -16.99
N ASP A 2048 -20.39 7.78 -16.92
CA ASP A 2048 -21.48 8.39 -17.65
C ASP A 2048 -21.16 8.62 -19.13
N LYS A 2049 -19.91 8.47 -19.54
CA LYS A 2049 -19.50 8.71 -20.91
C LYS A 2049 -19.53 7.45 -21.77
N VAL A 2050 -19.83 6.29 -21.19
CA VAL A 2050 -19.83 5.03 -21.92
C VAL A 2050 -21.25 4.47 -21.94
N ASN A 2051 -21.47 3.52 -22.83
CA ASN A 2051 -22.77 2.89 -22.97
C ASN A 2051 -22.96 1.83 -21.90
N LEU A 2052 -24.09 1.92 -21.18
CA LEU A 2052 -24.38 1.01 -20.09
C LEU A 2052 -25.79 0.48 -20.21
N SER A 2053 -26.02 -0.68 -19.59
CA SER A 2053 -27.34 -1.28 -19.50
C SER A 2053 -27.62 -1.64 -18.05
N ILE A 2054 -28.76 -1.18 -17.53
CA ILE A 2054 -29.11 -1.34 -16.12
C ILE A 2054 -30.28 -2.29 -16.04
N ASP A 2055 -30.11 -3.40 -15.31
CA ASP A 2055 -31.17 -4.37 -15.10
C ASP A 2055 -31.18 -4.84 -13.65
N GLN A 2056 -31.09 -3.88 -12.72
CA GLN A 2056 -31.13 -4.22 -11.30
C GLN A 2056 -32.47 -4.85 -10.92
N MET A 2057 -33.56 -4.31 -11.45
CA MET A 2057 -34.87 -4.94 -11.34
C MET A 2057 -35.00 -5.91 -12.51
N ALA A 2058 -34.75 -7.19 -12.26
CA ALA A 2058 -34.54 -8.17 -13.30
C ALA A 2058 -35.75 -9.06 -13.57
N ALA A 2059 -36.91 -8.74 -13.01
CA ALA A 2059 -38.06 -9.64 -13.13
C ALA A 2059 -38.54 -9.74 -14.57
N VAL A 2060 -38.77 -8.61 -15.22
CA VAL A 2060 -39.40 -8.61 -16.53
C VAL A 2060 -38.39 -8.71 -17.66
N GLY A 2061 -37.28 -7.99 -17.56
CA GLY A 2061 -36.30 -7.98 -18.63
C GLY A 2061 -36.41 -6.78 -19.53
N ALA A 2062 -36.52 -5.60 -18.93
CA ALA A 2062 -36.61 -4.33 -19.66
C ALA A 2062 -35.51 -3.42 -19.14
N PRO A 2063 -34.32 -3.47 -19.73
CA PRO A 2063 -33.19 -2.68 -19.22
C PRO A 2063 -33.31 -1.22 -19.64
N TYR A 2064 -32.47 -0.39 -19.02
CA TYR A 2064 -32.41 1.04 -19.28
C TYR A 2064 -31.04 1.39 -19.83
N GLN A 2065 -31.02 2.26 -20.84
CA GLN A 2065 -29.79 2.66 -21.51
C GLN A 2065 -29.44 4.09 -21.12
N ASN A 2066 -28.15 4.32 -20.84
CA ASN A 2066 -27.66 5.62 -20.41
C ASN A 2066 -27.16 6.48 -21.58
N ASN A 2067 -27.40 6.02 -22.82
CA ASN A 2067 -27.09 6.76 -24.05
C ASN A 2067 -25.66 7.33 -24.06
N GLY A 2068 -24.71 6.52 -23.57
CA GLY A 2068 -23.31 6.90 -23.67
C GLY A 2068 -22.81 6.86 -25.10
N LYS A 2069 -21.76 7.64 -25.35
CA LYS A 2069 -21.23 7.82 -26.70
C LYS A 2069 -19.84 7.21 -26.89
N ILE A 2070 -19.41 6.35 -25.98
CA ILE A 2070 -18.14 5.66 -26.09
C ILE A 2070 -18.41 4.16 -26.12
N ASP A 2071 -17.89 3.48 -27.13
CA ASP A 2071 -18.15 2.07 -27.33
C ASP A 2071 -17.04 1.24 -26.67
N LEU A 2072 -17.44 0.35 -25.76
CA LEU A 2072 -16.52 -0.55 -25.08
C LEU A 2072 -16.89 -2.01 -25.35
N SER A 2073 -17.48 -2.28 -26.51
CA SER A 2073 -17.88 -3.63 -26.84
C SER A 2073 -16.71 -4.42 -27.41
N ASN A 2074 -16.88 -5.74 -27.47
CA ASN A 2074 -15.85 -6.66 -27.94
C ASN A 2074 -14.54 -6.49 -27.17
N MET A 2075 -14.66 -6.32 -25.86
CA MET A 2075 -13.50 -6.11 -25.00
C MET A 2075 -13.62 -7.00 -23.77
N THR A 2076 -12.50 -7.56 -23.36
CA THR A 2076 -12.43 -8.32 -22.12
C THR A 2076 -12.45 -7.38 -20.92
N PRO A 2077 -12.83 -7.88 -19.73
CA PRO A 2077 -12.79 -7.01 -18.55
C PRO A 2077 -11.42 -6.42 -18.27
N GLU A 2078 -10.34 -7.14 -18.61
CA GLU A 2078 -9.01 -6.58 -18.46
C GLU A 2078 -8.80 -5.39 -19.39
N GLN A 2079 -9.29 -5.49 -20.63
CA GLN A 2079 -9.14 -4.38 -21.58
C GLN A 2079 -10.04 -3.21 -21.23
N GLN A 2080 -11.23 -3.47 -20.67
CA GLN A 2080 -12.13 -2.39 -20.32
C GLN A 2080 -11.61 -1.59 -19.14
N ALA A 2081 -10.93 -2.24 -18.20
CA ALA A 2081 -10.37 -1.53 -17.05
C ALA A 2081 -9.30 -0.53 -17.49
N ASP A 2082 -8.47 -0.91 -18.46
CA ASP A 2082 -7.46 0.01 -18.96
C ASP A 2082 -8.09 1.22 -19.63
N GLU A 2083 -9.15 1.00 -20.41
CA GLU A 2083 -9.85 2.11 -21.04
C GLU A 2083 -10.49 3.03 -20.02
N LEU A 2084 -11.09 2.46 -18.97
CA LEU A 2084 -11.70 3.28 -17.94
C LEU A 2084 -10.65 4.04 -17.13
N ASN A 2085 -9.50 3.41 -16.88
CA ASN A 2085 -8.45 4.08 -16.13
C ASN A 2085 -7.82 5.21 -16.93
N LYS A 2086 -7.86 5.14 -18.26
CA LYS A 2086 -7.36 6.23 -19.08
C LYS A 2086 -8.19 7.50 -18.89
N LEU A 2087 -9.52 7.35 -18.82
CA LEU A 2087 -10.38 8.50 -18.62
C LEU A 2087 -10.28 9.01 -17.18
N PHE A 2088 -9.98 8.13 -16.22
CA PHE A 2088 -9.82 8.57 -14.84
C PHE A 2088 -8.65 9.53 -14.70
N ARG A 2089 -7.53 9.23 -15.36
CA ARG A 2089 -6.35 10.09 -15.25
C ARG A 2089 -6.54 11.40 -16.01
N GLU A 2090 -7.39 11.41 -17.05
CA GLU A 2090 -7.64 12.64 -17.78
C GLU A 2090 -8.52 13.60 -16.98
N GLU A 2091 -9.46 13.07 -16.19
CA GLU A 2091 -10.30 13.93 -15.37
C GLU A 2091 -9.50 14.60 -14.26
N LEU A 2092 -8.56 13.85 -13.66
CA LEU A 2092 -7.74 14.42 -12.60
C LEU A 2092 -6.86 15.57 -13.12
N GLU A 2093 -6.31 15.40 -14.32
CA GLU A 2093 -5.44 16.43 -14.88
C GLU A 2093 -6.20 17.72 -15.16
N ALA A 2094 -7.42 17.61 -15.67
CA ALA A 2094 -8.20 18.81 -15.98
C ALA A 2094 -8.54 19.60 -14.73
N ARG A 2095 -8.95 18.92 -13.66
CA ARG A 2095 -9.30 19.61 -12.43
C ARG A 2095 -8.08 20.31 -11.82
N LYS A 2096 -6.93 19.63 -11.80
CA LYS A 2096 -5.72 20.27 -11.29
C LYS A 2096 -5.29 21.44 -12.17
N GLN A 2097 -5.41 21.29 -13.49
CA GLN A 2097 -5.07 22.39 -14.39
C GLN A 2097 -6.00 23.57 -14.20
N LYS A 2098 -7.29 23.31 -13.98
CA LYS A 2098 -8.24 24.39 -13.73
C LYS A 2098 -7.89 25.15 -12.45
N VAL A 2099 -7.50 24.41 -11.40
CA VAL A 2099 -7.12 25.05 -10.14
C VAL A 2099 -5.89 25.94 -10.35
N ALA A 2100 -4.92 25.45 -11.11
CA ALA A 2100 -3.71 26.23 -11.37
C ALA A 2100 -4.02 27.52 -12.12
N LYS A 2101 -4.93 27.45 -13.09
CA LYS A 2101 -5.33 28.64 -13.84
C LYS A 2101 -6.06 29.64 -12.95
N VAL A 2124 5.98 29.41 -37.86
CA VAL A 2124 7.24 29.71 -38.53
C VAL A 2124 8.24 28.59 -38.30
N GLY A 2125 8.07 27.87 -37.19
CA GLY A 2125 8.95 26.76 -36.86
C GLY A 2125 8.18 25.67 -36.14
N ARG A 2126 8.85 24.53 -35.99
CA ARG A 2126 8.26 23.40 -35.28
C ARG A 2126 8.05 23.74 -33.81
N GLU A 2127 6.96 23.23 -33.25
CA GLU A 2127 6.57 23.52 -31.87
C GLU A 2127 6.77 22.28 -31.00
N HIS A 2128 7.29 22.49 -29.80
CA HIS A 2128 7.44 21.40 -28.84
C HIS A 2128 6.06 20.86 -28.45
N LYS A 2129 6.01 19.55 -28.16
CA LYS A 2129 4.75 18.95 -27.78
C LYS A 2129 4.33 19.33 -26.37
N ALA A 2130 5.27 19.32 -25.42
CA ALA A 2130 4.97 19.56 -24.02
C ALA A 2130 4.97 21.03 -23.64
N SER A 2131 5.32 21.93 -24.56
CA SER A 2131 5.34 23.35 -24.26
C SER A 2131 5.19 24.13 -25.57
N GLY A 2132 4.78 25.38 -25.44
CA GLY A 2132 4.57 26.23 -26.60
C GLY A 2132 5.82 26.76 -27.26
N VAL A 2133 7.00 26.37 -26.75
CA VAL A 2133 8.25 26.82 -27.34
C VAL A 2133 8.40 26.26 -28.75
N ARG A 2134 8.81 27.13 -29.68
CA ARG A 2134 9.08 26.74 -31.04
C ARG A 2134 10.58 26.72 -31.30
N ILE A 2135 11.01 25.83 -32.19
CA ILE A 2135 12.42 25.60 -32.48
C ILE A 2135 12.68 25.96 -33.93
N LEU A 2136 13.66 26.82 -34.18
CA LEU A 2136 14.11 27.16 -35.52
C LEU A 2136 15.55 26.68 -35.69
N SER A 2137 15.78 25.85 -36.70
CA SER A 2137 17.08 25.25 -36.94
C SER A 2137 17.80 25.98 -38.06
N ALA A 2138 18.95 25.44 -38.47
CA ALA A 2138 19.71 26.01 -39.56
C ALA A 2138 19.00 25.76 -40.89
N THR A 2139 19.35 26.58 -41.89
CA THR A 2139 18.74 26.53 -43.22
C THR A 2139 17.22 26.67 -43.12
N ALA A 2140 16.76 27.57 -42.24
CA ALA A 2140 15.34 27.84 -42.09
C ALA A 2140 15.02 29.32 -41.99
N ILE A 2141 16.03 30.20 -42.02
CA ILE A 2141 15.80 31.64 -41.92
C ILE A 2141 16.53 32.35 -43.07
N ARG A 2142 16.75 31.61 -44.16
CA ARG A 2142 17.42 32.21 -45.32
C ARG A 2142 16.58 33.32 -45.94
N ASN A 2143 15.27 33.10 -46.05
CA ASN A 2143 14.38 34.10 -46.63
C ASN A 2143 14.22 35.33 -45.74
N LEU A 2144 14.64 35.25 -44.48
CA LEU A 2144 14.45 36.34 -43.53
C LEU A 2144 15.23 37.60 -43.90
N ALA A 2145 16.19 37.50 -44.83
CA ALA A 2145 16.89 38.70 -45.29
C ALA A 2145 15.95 39.67 -45.96
N LYS A 2146 15.04 39.17 -46.79
CA LYS A 2146 14.07 40.04 -47.46
C LYS A 2146 13.03 40.59 -46.49
N ILE A 2147 12.64 39.78 -45.50
CA ILE A 2147 11.55 40.15 -44.59
C ILE A 2147 11.91 41.42 -43.82
N SER A 2148 13.18 41.55 -43.42
CA SER A 2148 13.59 42.73 -42.68
C SER A 2148 13.58 43.99 -43.53
N ASN A 2149 13.53 43.87 -44.85
CA ASN A 2149 13.55 44.97 -45.81
C ASN A 2149 14.55 46.05 -45.44
N LEU A 2150 15.73 45.64 -44.98
CA LEU A 2150 16.80 46.55 -44.64
C LEU A 2150 17.46 47.08 -45.92
N PRO A 2151 18.22 48.17 -45.83
CA PRO A 2151 18.87 48.72 -47.02
C PRO A 2151 19.76 47.69 -47.70
N SER A 2152 19.77 47.74 -49.04
CA SER A 2152 20.45 46.71 -49.83
C SER A 2152 21.94 46.69 -49.59
N THR A 2153 22.53 47.83 -49.20
CA THR A 2153 23.98 47.86 -48.96
C THR A 2153 24.35 46.95 -47.80
N GLN A 2154 23.58 46.98 -46.72
CA GLN A 2154 23.80 46.10 -45.58
C GLN A 2154 22.97 44.83 -45.63
N ALA A 2155 22.13 44.67 -46.66
CA ALA A 2155 21.34 43.45 -46.78
C ALA A 2155 22.22 42.25 -47.13
N ALA A 2156 23.25 42.47 -47.95
CA ALA A 2156 24.16 41.39 -48.32
C ALA A 2156 24.97 40.90 -47.14
N THR A 2157 25.09 41.70 -46.07
CA THR A 2157 25.82 41.27 -44.89
C THR A 2157 25.16 40.06 -44.24
N LEU A 2158 23.83 40.08 -44.13
CA LEU A 2158 23.11 38.96 -43.52
C LEU A 2158 23.29 37.68 -44.31
N ALA A 2159 23.44 37.79 -45.63
CA ALA A 2159 23.69 36.60 -46.45
C ALA A 2159 25.01 35.94 -46.07
N GLU A 2160 25.98 36.72 -45.62
CA GLU A 2160 27.24 36.15 -45.16
C GLU A 2160 27.16 35.70 -43.71
N ILE A 2161 26.40 36.42 -42.89
CA ILE A 2161 26.22 36.03 -41.49
C ILE A 2161 25.42 34.73 -41.41
N GLN A 2162 24.44 34.55 -42.29
CA GLN A 2162 23.64 33.34 -42.30
C GLN A 2162 24.49 32.11 -42.61
N LYS A 2163 25.42 32.25 -43.56
CA LYS A 2163 26.28 31.12 -43.92
C LYS A 2163 27.17 30.71 -42.76
N SER A 2164 27.72 31.70 -42.04
CA SER A 2164 28.66 31.39 -40.95
C SER A 2164 27.97 30.63 -39.82
N LEU A 2165 26.81 31.13 -39.37
CA LEU A 2165 26.13 30.50 -38.25
C LEU A 2165 25.54 29.14 -38.62
N ALA A 2166 25.08 28.99 -39.87
CA ALA A 2166 24.55 27.70 -40.30
C ALA A 2166 25.65 26.64 -40.46
N ALA A 2167 26.91 27.06 -40.57
CA ALA A 2167 28.00 26.11 -40.70
C ALA A 2167 28.25 25.36 -39.41
N LYS A 2168 28.03 25.99 -38.26
CA LYS A 2168 28.30 25.39 -36.96
C LYS A 2168 27.02 25.03 -36.21
N ASP A 2169 25.90 24.88 -36.92
CA ASP A 2169 24.65 24.37 -36.37
C ASP A 2169 24.15 25.26 -35.22
N TYR A 2170 23.81 26.49 -35.56
CA TYR A 2170 23.18 27.42 -34.62
C TYR A 2170 21.66 27.31 -34.76
N LYS A 2171 20.99 26.99 -33.67
CA LYS A 2171 19.53 26.88 -33.65
C LYS A 2171 18.95 27.94 -32.71
N ILE A 2172 17.73 28.37 -33.02
CA ILE A 2172 17.07 29.46 -32.32
C ILE A 2172 15.82 28.92 -31.63
N ILE A 2173 15.68 29.22 -30.33
CA ILE A 2173 14.54 28.81 -29.53
C ILE A 2173 13.90 30.05 -28.95
N TYR A 2174 12.59 30.20 -29.16
CA TYR A 2174 11.88 31.40 -28.73
C TYR A 2174 10.51 31.01 -28.19
N GLY A 2175 9.97 31.89 -27.35
CA GLY A 2175 8.65 31.68 -26.78
C GLY A 2175 8.36 32.72 -25.71
N THR A 2176 7.22 32.54 -25.06
CA THR A 2176 6.83 33.39 -23.96
C THR A 2176 7.71 33.09 -22.74
N PRO A 2177 7.79 34.03 -21.79
CA PRO A 2177 8.64 33.78 -20.60
C PRO A 2177 8.29 32.50 -19.86
N THR A 2178 7.01 32.16 -19.77
CA THR A 2178 6.63 30.92 -19.11
C THR A 2178 6.99 29.71 -19.96
N GLN A 2179 6.74 29.77 -21.26
CA GLN A 2179 7.02 28.63 -22.14
C GLN A 2179 8.52 28.33 -22.21
N VAL A 2180 9.35 29.37 -22.30
CA VAL A 2180 10.79 29.14 -22.39
C VAL A 2180 11.39 28.71 -21.06
N ALA A 2181 10.73 29.06 -19.94
CA ALA A 2181 11.21 28.61 -18.63
C ALA A 2181 10.87 27.14 -18.39
N GLU A 2182 9.68 26.72 -18.84
CA GLU A 2182 9.28 25.33 -18.66
C GLU A 2182 10.12 24.38 -19.50
N TYR A 2183 10.57 24.83 -20.67
CA TYR A 2183 11.40 23.99 -21.53
C TYR A 2183 12.73 23.66 -20.86
N ALA A 2184 13.32 24.64 -20.17
CA ALA A 2184 14.63 24.44 -19.55
C ALA A 2184 14.59 23.34 -18.49
N ARG A 2185 13.52 23.30 -17.69
CA ARG A 2185 13.43 22.31 -16.62
C ARG A 2185 13.37 20.90 -17.18
N GLN A 2186 12.63 20.70 -18.27
CA GLN A 2186 12.50 19.35 -18.84
C GLN A 2186 13.82 18.85 -19.42
N LYS A 2187 14.61 19.75 -20.01
CA LYS A 2187 15.85 19.38 -20.67
C LYS A 2187 17.08 19.65 -19.81
N ASN A 2188 16.91 20.05 -18.56
CA ASN A 2188 18.00 20.34 -17.64
C ASN A 2188 18.96 21.39 -18.22
N VAL A 2189 18.41 22.59 -18.44
CA VAL A 2189 19.13 23.68 -19.06
C VAL A 2189 19.18 24.85 -18.08
N THR A 2190 20.37 25.40 -17.86
CA THR A 2190 20.54 26.56 -17.01
C THR A 2190 20.22 27.82 -17.81
N GLU A 2191 19.26 28.60 -17.32
CA GLU A 2191 18.81 29.80 -18.00
C GLU A 2191 19.46 31.05 -17.41
N LEU A 2192 19.54 32.09 -18.22
CA LEU A 2192 20.13 33.37 -17.84
C LEU A 2192 19.25 34.53 -18.28
N THR A 2193 17.94 34.40 -18.09
CA THR A 2193 17.03 35.49 -18.41
C THR A 2193 17.24 36.65 -17.45
N SER A 2194 17.23 37.86 -17.99
CA SER A 2194 17.50 39.07 -17.22
C SER A 2194 16.20 39.85 -17.01
N GLN A 2195 15.77 39.95 -15.76
CA GLN A 2195 14.59 40.72 -15.39
C GLN A 2195 14.56 40.84 -13.87
N GLU A 2196 14.14 42.00 -13.38
CA GLU A 2196 14.03 42.26 -11.96
C GLU A 2196 12.68 42.90 -11.66
N MET A 2197 12.37 43.04 -10.37
CA MET A 2197 11.10 43.65 -9.98
C MET A 2197 11.00 45.09 -10.45
N GLU A 2198 12.12 45.83 -10.42
CA GLU A 2198 12.14 47.14 -11.03
C GLU A 2198 11.97 47.06 -12.55
N GLU A 2199 12.60 46.06 -13.18
CA GLU A 2199 12.41 45.86 -14.61
C GLU A 2199 11.04 45.27 -14.91
N ALA A 2200 10.45 44.55 -13.95
CA ALA A 2200 9.10 44.01 -14.15
C ALA A 2200 8.08 45.13 -14.32
N GLN A 2201 8.24 46.21 -13.56
CA GLN A 2201 7.39 47.38 -13.76
C GLN A 2201 7.58 47.96 -15.15
N ALA A 2202 8.83 48.03 -15.62
CA ALA A 2202 9.09 48.43 -17.00
C ALA A 2202 8.56 47.38 -17.98
N GLY A 2203 8.81 46.11 -17.70
CA GLY A 2203 8.28 45.04 -18.51
C GLY A 2203 9.09 44.68 -19.73
N ASN A 2204 10.38 44.36 -19.54
CA ASN A 2204 11.25 43.94 -20.63
C ASN A 2204 12.02 42.69 -20.20
N ILE A 2205 12.06 41.71 -21.10
CA ILE A 2205 12.73 40.43 -20.83
C ILE A 2205 13.77 40.19 -21.92
N TYR A 2206 14.94 39.70 -21.51
CA TYR A 2206 16.02 39.37 -22.43
C TYR A 2206 16.38 37.91 -22.31
N GLY A 2207 16.81 37.32 -23.42
CA GLY A 2207 17.22 35.93 -23.48
C GLY A 2207 18.68 35.76 -23.16
N TRP A 2208 19.24 34.65 -23.64
CA TRP A 2208 20.65 34.35 -23.43
C TRP A 2208 21.13 33.43 -24.55
N THR A 2209 22.44 33.37 -24.69
CA THR A 2209 23.08 32.53 -25.70
C THR A 2209 23.96 31.49 -25.01
N ASN A 2210 23.86 30.24 -25.46
CA ASN A 2210 24.64 29.14 -24.91
C ASN A 2210 25.78 28.84 -25.88
N PHE A 2211 26.96 29.39 -25.59
CA PHE A 2211 28.11 29.25 -26.47
C PHE A 2211 28.68 27.83 -26.47
N ASP A 2212 28.31 27.00 -25.49
CA ASP A 2212 28.86 25.65 -25.42
C ASP A 2212 28.27 24.75 -26.49
N ASP A 2213 26.97 24.84 -26.73
CA ASP A 2213 26.28 24.00 -27.72
C ASP A 2213 25.69 24.80 -28.86
N LYS A 2214 26.03 26.08 -28.99
CA LYS A 2214 25.59 26.92 -30.11
C LYS A 2214 24.06 26.97 -30.20
N THR A 2215 23.44 27.52 -29.16
CA THR A 2215 22.00 27.67 -29.12
C THR A 2215 21.65 29.08 -28.63
N ILE A 2216 20.69 29.71 -29.30
CA ILE A 2216 20.22 31.05 -28.95
C ILE A 2216 18.81 30.93 -28.40
N TYR A 2217 18.58 31.54 -27.24
CA TYR A 2217 17.28 31.53 -26.58
C TYR A 2217 16.72 32.94 -26.55
N LEU A 2218 15.50 33.11 -27.06
CA LEU A 2218 14.84 34.40 -27.15
C LEU A 2218 13.50 34.36 -26.42
N VAL A 2219 13.12 35.50 -25.87
CA VAL A 2219 11.88 35.65 -25.13
C VAL A 2219 11.04 36.72 -25.81
N SER A 2220 9.88 36.32 -26.34
CA SER A 2220 8.97 37.20 -27.04
C SER A 2220 9.68 38.05 -28.10
N PRO A 2221 10.28 37.42 -29.10
CA PRO A 2221 11.12 38.15 -30.05
C PRO A 2221 10.29 38.95 -31.06
N SER A 2222 10.92 39.98 -31.59
CA SER A 2222 10.38 40.77 -32.70
C SER A 2222 11.30 40.61 -33.91
N MET A 2223 10.96 41.32 -34.99
CA MET A 2223 11.78 41.25 -36.19
C MET A 2223 13.15 41.89 -35.97
N GLU A 2224 13.20 42.97 -35.21
CA GLU A 2224 14.47 43.66 -34.98
C GLU A 2224 15.40 42.84 -34.10
N THR A 2225 14.88 42.29 -33.00
CA THR A 2225 15.72 41.56 -32.06
C THR A 2225 16.32 40.30 -32.68
N LEU A 2226 15.55 39.61 -33.52
CA LEU A 2226 16.07 38.42 -34.18
C LEU A 2226 17.25 38.75 -35.08
N ILE A 2227 17.14 39.84 -35.84
CA ILE A 2227 18.24 40.25 -36.71
C ILE A 2227 19.43 40.72 -35.88
N HIS A 2228 19.17 41.39 -34.76
CA HIS A 2228 20.25 41.91 -33.93
C HIS A 2228 21.09 40.80 -33.32
N GLU A 2229 20.48 39.64 -33.04
CA GLU A 2229 21.21 38.55 -32.42
C GLU A 2229 22.13 37.83 -33.39
N LEU A 2230 21.75 37.75 -34.67
CA LEU A 2230 22.59 37.07 -35.65
C LEU A 2230 23.93 37.78 -35.83
N VAL A 2231 23.90 39.12 -35.88
CA VAL A 2231 25.14 39.88 -36.00
C VAL A 2231 25.86 40.06 -34.68
N HIS A 2232 25.22 39.68 -33.56
CA HIS A 2232 25.86 39.74 -32.26
C HIS A 2232 26.59 38.43 -31.94
N ALA A 2233 25.96 37.29 -32.22
CA ALA A 2233 26.62 36.01 -32.01
C ALA A 2233 27.82 35.85 -32.94
N SER A 2234 27.70 36.30 -34.18
CA SER A 2234 28.81 36.21 -35.13
C SER A 2234 29.98 37.06 -34.68
N THR A 2235 29.71 38.25 -34.15
CA THR A 2235 30.79 39.14 -33.71
C THR A 2235 31.57 38.54 -32.55
N PHE A 2236 30.87 37.92 -31.59
CA PHE A 2236 31.54 37.35 -30.43
C PHE A 2236 32.42 36.16 -30.77
N GLU A 2237 32.16 35.49 -31.90
CA GLU A 2237 33.01 34.39 -32.31
C GLU A 2237 34.42 34.86 -32.65
N GLU A 2238 34.53 36.02 -33.30
CA GLU A 2238 35.85 36.56 -33.62
C GLU A 2238 36.62 36.93 -32.36
N VAL A 2239 35.92 37.49 -31.36
CA VAL A 2239 36.57 37.83 -30.10
C VAL A 2239 37.08 36.58 -29.40
N TYR A 2240 36.27 35.52 -29.39
CA TYR A 2240 36.67 34.27 -28.74
C TYR A 2240 37.88 33.66 -29.43
N SER A 2241 37.88 33.64 -30.77
CA SER A 2241 38.97 33.02 -31.51
C SER A 2241 40.28 33.77 -31.30
N PHE A 2242 40.22 35.11 -31.30
CA PHE A 2242 41.43 35.90 -31.15
C PHE A 2242 42.10 35.66 -29.79
N TYR A 2243 41.29 35.60 -28.72
CA TYR A 2243 41.83 35.44 -27.38
C TYR A 2243 42.14 34.00 -27.02
N GLN A 2244 41.82 33.04 -27.88
CA GLN A 2244 42.17 31.65 -27.67
C GLN A 2244 43.50 31.27 -28.29
N GLY A 2245 44.23 32.23 -28.86
CA GLY A 2245 45.47 31.96 -29.54
C GLY A 2245 45.34 31.56 -30.99
N ASN A 2246 44.13 31.57 -31.54
CA ASN A 2246 43.92 31.21 -32.94
C ASN A 2246 44.28 32.38 -33.84
N GLU A 2247 44.13 32.17 -35.14
CA GLU A 2247 44.38 33.19 -36.14
C GLU A 2247 43.07 33.76 -36.67
N VAL A 2248 43.09 35.05 -36.98
CA VAL A 2248 41.93 35.76 -37.51
C VAL A 2248 42.34 36.50 -38.78
N SER A 2249 41.37 37.11 -39.43
CA SER A 2249 41.64 37.92 -40.60
C SER A 2249 42.47 39.15 -40.19
N PRO A 2250 43.39 39.59 -41.06
CA PRO A 2250 44.21 40.77 -40.70
C PRO A 2250 43.39 42.00 -40.40
N THR A 2251 42.27 42.21 -41.10
CA THR A 2251 41.40 43.34 -40.80
C THR A 2251 40.78 43.21 -39.41
N SER A 2252 40.34 42.00 -39.06
CA SER A 2252 39.74 41.78 -37.75
C SER A 2252 40.76 41.92 -36.62
N LYS A 2253 42.02 41.53 -36.87
CA LYS A 2253 43.04 41.63 -35.84
C LYS A 2253 43.27 43.08 -35.41
N GLN A 2254 43.30 43.99 -36.38
CA GLN A 2254 43.49 45.41 -36.04
C GLN A 2254 42.29 45.98 -35.32
N ALA A 2255 41.08 45.58 -35.73
CA ALA A 2255 39.87 46.11 -35.11
C ALA A 2255 39.79 45.72 -33.64
N ILE A 2256 40.09 44.45 -33.32
CA ILE A 2256 40.07 44.02 -31.93
C ILE A 2256 41.18 44.72 -31.14
N GLU A 2257 42.37 44.83 -31.74
CA GLU A 2257 43.48 45.51 -31.07
C GLU A 2257 43.15 46.98 -30.82
N ASN A 2258 42.53 47.65 -31.80
CA ASN A 2258 42.12 49.04 -31.61
C ASN A 2258 41.10 49.16 -30.49
N LEU A 2259 40.14 48.23 -30.43
CA LEU A 2259 39.15 48.24 -29.36
C LEU A 2259 39.81 48.00 -28.01
N GLU A 2260 40.80 47.10 -27.96
CA GLU A 2260 41.46 46.78 -26.71
C GLU A 2260 42.19 47.99 -26.13
N GLY A 2261 42.85 48.77 -26.99
CA GLY A 2261 43.53 49.96 -26.52
C GLY A 2261 42.58 51.01 -25.97
N LEU A 2262 41.41 51.15 -26.59
CA LEU A 2262 40.43 52.11 -26.11
C LEU A 2262 39.93 51.75 -24.71
N MET A 2263 39.79 50.44 -24.43
CA MET A 2263 39.29 50.02 -23.13
C MET A 2263 40.22 50.44 -22.00
N GLU A 2264 41.53 50.52 -22.28
CA GLU A 2264 42.48 50.95 -21.25
C GLU A 2264 42.19 52.39 -20.82
N GLN A 2265 41.94 53.27 -21.78
CA GLN A 2265 41.57 54.65 -21.46
C GLN A 2265 40.10 54.79 -21.08
N PHE A 2266 39.28 53.77 -21.32
CA PHE A 2266 37.88 53.83 -20.94
C PHE A 2266 37.72 53.90 -19.42
N ARG A 2267 38.57 53.19 -18.69
CA ARG A 2267 38.49 53.13 -17.24
C ARG A 2267 39.34 54.22 -16.56
N SER A 2268 39.63 55.31 -17.27
CA SER A 2268 40.42 56.39 -16.70
C SER A 2268 39.87 57.77 -17.05
N LEU A 2269 38.60 57.86 -17.45
CA LEU A 2269 38.01 59.12 -17.86
C LEU A 2269 37.45 59.89 -16.65
N ASP A 2270 37.03 61.12 -16.90
CA ASP A 2270 36.38 61.96 -15.89
C ASP A 2270 34.97 62.24 -16.35
N ILE A 2271 34.00 61.89 -15.52
CA ILE A 2271 32.58 61.99 -15.86
C ILE A 2271 31.89 63.12 -15.10
N SER A 2272 32.67 64.02 -14.49
CA SER A 2272 32.09 65.07 -13.66
C SER A 2272 31.29 66.09 -14.47
N LYS A 2273 31.54 66.20 -15.77
CA LYS A 2273 30.89 67.20 -16.60
C LYS A 2273 29.76 66.62 -17.45
N ASP A 2274 29.38 65.37 -17.22
CA ASP A 2274 28.38 64.69 -18.04
C ASP A 2274 27.00 64.73 -17.38
N SER A 2275 26.00 64.34 -18.17
CA SER A 2275 24.63 64.33 -17.69
C SER A 2275 24.45 63.28 -16.60
N PRO A 2276 23.53 63.52 -15.66
CA PRO A 2276 23.30 62.53 -14.60
C PRO A 2276 22.88 61.16 -15.10
N GLU A 2277 22.12 61.09 -16.20
CA GLU A 2277 21.73 59.80 -16.74
C GLU A 2277 22.89 59.08 -17.41
N MET A 2278 23.88 59.83 -17.90
CA MET A 2278 25.05 59.21 -18.52
C MET A 2278 25.98 58.61 -17.47
N ARG A 2279 26.04 59.20 -16.28
CA ARG A 2279 26.93 58.70 -15.24
C ARG A 2279 26.51 57.32 -14.77
N GLU A 2280 25.20 57.06 -14.68
CA GLU A 2280 24.72 55.75 -14.25
C GLU A 2280 25.13 54.66 -15.22
N ALA A 2281 25.06 54.95 -16.52
CA ALA A 2281 25.46 53.97 -17.53
C ALA A 2281 26.95 53.64 -17.42
N TYR A 2282 27.78 54.66 -17.20
CA TYR A 2282 29.22 54.42 -17.08
C TYR A 2282 29.55 53.66 -15.79
N ALA A 2283 28.83 53.96 -14.70
CA ALA A 2283 29.12 53.32 -13.43
C ALA A 2283 28.88 51.81 -13.49
N ASP A 2284 27.80 51.39 -14.15
CA ASP A 2284 27.50 49.97 -14.25
C ASP A 2284 28.53 49.23 -15.10
N ALA A 2285 28.98 49.85 -16.19
CA ALA A 2285 29.91 49.18 -17.09
C ALA A 2285 31.25 48.90 -16.42
N ILE A 2286 31.75 49.85 -15.62
CA ILE A 2286 33.06 49.69 -15.00
C ILE A 2286 33.04 48.56 -13.99
N ALA A 2287 31.98 48.45 -13.18
CA ALA A 2287 31.93 47.44 -12.13
C ALA A 2287 32.00 46.03 -12.70
N THR A 2288 31.26 45.77 -13.78
CA THR A 2288 31.28 44.43 -14.37
C THR A 2288 32.57 44.18 -15.15
N ILE A 2289 33.14 45.22 -15.76
CA ILE A 2289 34.36 45.04 -16.54
C ILE A 2289 35.53 44.70 -15.63
N GLU A 2290 35.67 45.43 -14.52
CA GLU A 2290 36.80 45.20 -13.62
C GLU A 2290 36.69 43.86 -12.91
N GLY A 2291 35.48 43.33 -12.77
CA GLY A 2291 35.32 42.03 -12.12
C GLY A 2291 35.95 40.91 -12.92
N HIS A 2292 35.81 40.95 -14.25
CA HIS A 2292 36.42 39.92 -15.09
C HIS A 2292 37.94 40.04 -15.09
N LEU A 2293 38.46 41.26 -15.05
CA LEU A 2293 39.90 41.46 -15.08
C LEU A 2293 40.56 41.06 -13.76
N SER A 2294 39.86 41.23 -12.64
CA SER A 2294 40.39 40.92 -11.31
C SER A 2294 39.90 39.57 -10.80
N ASN A 2295 39.71 38.61 -11.69
CA ASN A 2295 39.21 37.28 -11.33
C ASN A 2295 40.34 36.27 -11.44
N GLY A 2296 40.50 35.46 -10.40
CA GLY A 2296 41.61 34.53 -10.33
C GLY A 2296 41.25 33.07 -10.45
N PHE A 2297 39.98 32.73 -10.24
CA PHE A 2297 39.53 31.35 -10.29
C PHE A 2297 38.87 30.99 -11.63
N VAL A 2298 38.93 31.88 -12.62
CA VAL A 2298 38.40 31.63 -13.95
C VAL A 2298 39.55 31.71 -14.95
N ASP A 2299 39.47 30.88 -15.98
CA ASP A 2299 40.51 30.84 -17.00
C ASP A 2299 40.70 32.22 -17.62
N PRO A 2300 41.93 32.75 -17.65
CA PRO A 2300 42.12 34.11 -18.17
C PRO A 2300 41.66 34.29 -19.61
N ALA A 2301 41.76 33.25 -20.45
CA ALA A 2301 41.28 33.37 -21.83
C ALA A 2301 39.78 33.61 -21.87
N ILE A 2302 39.03 32.93 -21.00
CA ILE A 2302 37.57 33.13 -20.95
C ILE A 2302 37.25 34.51 -20.37
N SER A 2303 37.96 34.90 -19.31
CA SER A 2303 37.67 36.17 -18.65
C SER A 2303 38.01 37.37 -19.54
N LYS A 2304 39.08 37.26 -20.32
CA LYS A 2304 39.48 38.36 -21.18
C LYS A 2304 38.44 38.63 -22.25
N ALA A 2305 37.88 37.58 -22.85
CA ALA A 2305 36.88 37.76 -23.89
C ALA A 2305 35.59 38.35 -23.33
N ALA A 2306 35.19 37.94 -22.12
CA ALA A 2306 33.96 38.43 -21.54
C ALA A 2306 34.03 39.92 -21.24
N ALA A 2307 35.20 40.40 -20.78
CA ALA A 2307 35.34 41.82 -20.44
C ALA A 2307 35.19 42.70 -21.67
N LEU A 2308 35.78 42.28 -22.80
CA LEU A 2308 35.68 43.08 -24.01
C LEU A 2308 34.27 43.10 -24.57
N ASN A 2309 33.55 41.98 -24.46
CA ASN A 2309 32.19 41.92 -24.99
C ASN A 2309 31.27 42.88 -24.25
N GLU A 2310 31.44 43.01 -22.94
CA GLU A 2310 30.65 43.96 -22.17
C GLU A 2310 30.96 45.40 -22.57
N PHE A 2311 32.20 45.68 -22.99
CA PHE A 2311 32.56 47.03 -23.38
C PHE A 2311 31.78 47.49 -24.61
N MET A 2312 31.63 46.62 -25.60
CA MET A 2312 30.91 46.99 -26.81
C MET A 2312 29.43 47.25 -26.52
N ALA A 2313 28.84 46.47 -25.61
CA ALA A 2313 27.42 46.64 -25.31
C ALA A 2313 27.13 48.01 -24.73
N TRP A 2314 28.03 48.51 -23.88
CA TRP A 2314 27.83 49.84 -23.29
C TRP A 2314 27.84 50.93 -24.35
N GLY A 2315 28.75 50.83 -25.33
CA GLY A 2315 28.83 51.86 -26.36
C GLY A 2315 27.60 51.89 -27.25
N LEU A 2316 27.10 50.72 -27.65
CA LEU A 2316 25.93 50.67 -28.52
C LEU A 2316 24.66 51.10 -27.80
N ALA A 2317 24.56 50.82 -26.49
CA ALA A 2317 23.34 51.14 -25.75
C ALA A 2317 23.15 52.65 -25.61
N ASN A 2318 24.24 53.40 -25.43
CA ASN A 2318 24.17 54.83 -25.14
C ASN A 2318 24.41 55.70 -26.37
N ARG A 2319 24.41 55.12 -27.57
CA ARG A 2319 24.61 55.91 -28.78
C ARG A 2319 23.48 56.91 -28.98
N ALA A 2320 22.24 56.46 -28.77
CA ALA A 2320 21.09 57.32 -29.05
C ALA A 2320 21.04 58.51 -28.10
N LEU A 2321 21.17 58.27 -26.79
CA LEU A 2321 21.01 59.33 -25.81
C LEU A 2321 22.22 60.25 -25.73
N ALA A 2322 23.37 59.83 -26.26
CA ALA A 2322 24.56 60.68 -26.24
C ALA A 2322 24.70 61.52 -27.50
N ALA A 2323 24.17 61.05 -28.63
CA ALA A 2323 24.23 61.83 -29.86
C ALA A 2323 23.38 63.09 -29.78
N LYS A 2324 22.40 63.13 -28.88
CA LYS A 2324 21.55 64.30 -28.70
C LYS A 2324 21.63 64.78 -27.27
N GLN A 2325 21.15 66.02 -27.05
CA GLN A 2325 21.11 66.70 -25.77
C GLN A 2325 22.37 66.49 -24.93
N LYS A 2326 23.53 66.52 -25.58
CA LYS A 2326 24.80 66.32 -24.89
C LYS A 2326 25.85 67.25 -25.49
N ARG A 2327 26.88 67.53 -24.69
CA ARG A 2327 28.00 68.36 -25.12
C ARG A 2327 29.11 67.48 -25.69
N THR A 2328 30.24 68.09 -26.02
CA THR A 2328 31.39 67.36 -26.56
C THR A 2328 32.37 67.05 -25.43
N SER A 2329 31.93 66.19 -24.53
CA SER A 2329 32.76 65.77 -23.41
C SER A 2329 33.70 64.65 -23.85
N SER A 2330 34.62 64.29 -22.96
CA SER A 2330 35.55 63.19 -23.24
C SER A 2330 34.80 61.87 -23.37
N LEU A 2331 33.80 61.65 -22.52
CA LEU A 2331 33.01 60.42 -22.60
C LEU A 2331 32.19 60.36 -23.89
N VAL A 2332 31.67 61.51 -24.32
CA VAL A 2332 30.84 61.54 -25.53
C VAL A 2332 31.65 61.13 -26.74
N GLN A 2333 32.88 61.65 -26.86
CA GLN A 2333 33.74 61.25 -27.97
C GLN A 2333 34.10 59.77 -27.92
N MET A 2334 34.18 59.22 -26.71
CA MET A 2334 34.46 57.79 -26.57
C MET A 2334 33.35 56.94 -27.19
N VAL A 2335 32.10 57.36 -27.01
CA VAL A 2335 30.97 56.61 -27.57
C VAL A 2335 31.02 56.61 -29.08
N LYS A 2336 31.39 57.74 -29.68
CA LYS A 2336 31.45 57.81 -31.14
C LYS A 2336 32.59 56.99 -31.71
N ASP A 2337 33.72 56.89 -30.98
CA ASP A 2337 34.87 56.15 -31.50
C ASP A 2337 34.61 54.65 -31.48
N VAL A 2338 34.05 54.13 -30.38
CA VAL A 2338 33.81 52.69 -30.27
C VAL A 2338 32.79 52.24 -31.31
N TYR A 2339 31.80 53.08 -31.62
CA TYR A 2339 30.81 52.74 -32.63
C TYR A 2339 31.47 52.53 -33.99
N GLN A 2340 32.44 53.37 -34.34
CA GLN A 2340 33.16 53.19 -35.59
C GLN A 2340 34.09 51.97 -35.55
N ALA A 2341 34.64 51.66 -34.38
CA ALA A 2341 35.54 50.51 -34.25
C ALA A 2341 34.81 49.21 -34.55
N ILE A 2342 33.58 49.07 -34.05
CA ILE A 2342 32.79 47.88 -34.34
C ILE A 2342 32.43 47.82 -35.82
N LYS A 2343 32.23 48.98 -36.46
CA LYS A 2343 31.82 49.00 -37.86
C LYS A 2343 32.87 48.36 -38.76
N LYS A 2344 34.15 48.65 -38.51
CA LYS A 2344 35.21 48.02 -39.29
C LYS A 2344 35.27 46.52 -39.03
N LEU A 2345 35.06 46.11 -37.77
CA LEU A 2345 35.10 44.68 -37.45
C LEU A 2345 33.97 43.92 -38.12
N ILE A 2346 32.77 44.50 -38.14
CA ILE A 2346 31.61 43.79 -38.68
C ILE A 2346 31.73 43.65 -40.20
N TRP A 2347 32.09 44.74 -40.88
CA TRP A 2347 32.06 44.76 -42.34
C TRP A 2347 33.32 44.21 -42.99
N GLY A 2348 34.40 44.03 -42.24
CA GLY A 2348 35.60 43.51 -42.85
C GLY A 2348 36.29 44.55 -43.72
N ARG A 2349 37.03 44.06 -44.73
CA ARG A 2349 37.83 44.94 -45.57
C ARG A 2349 37.02 45.68 -46.62
N LYS A 2350 35.79 45.25 -46.90
CA LYS A 2350 35.00 45.92 -47.91
C LYS A 2350 34.43 47.24 -47.37
N GLN A 2351 33.90 48.05 -48.28
CA GLN A 2351 33.43 49.37 -47.92
C GLN A 2351 32.24 49.30 -46.96
N ALA A 2352 32.27 50.15 -45.94
CA ALA A 2352 31.24 50.27 -44.92
C ALA A 2352 30.39 51.50 -45.16
N PRO A 2353 29.18 51.55 -44.60
CA PRO A 2353 28.37 52.76 -44.74
C PRO A 2353 29.03 53.96 -44.08
N ALA A 2354 28.72 55.14 -44.60
CA ALA A 2354 29.37 56.38 -44.17
C ALA A 2354 29.13 56.64 -42.69
N LEU A 2355 29.90 57.57 -42.14
CA LEU A 2355 29.81 57.90 -40.72
C LEU A 2355 28.45 58.49 -40.38
N GLY A 2356 27.97 58.16 -39.19
CA GLY A 2356 26.67 58.64 -38.73
C GLY A 2356 25.48 57.86 -39.25
N GLU A 2357 25.70 56.83 -40.05
CA GLU A 2357 24.59 56.05 -40.59
C GLU A 2357 24.15 54.99 -39.58
N ASP A 2358 22.85 54.72 -39.57
CA ASP A 2358 22.30 53.70 -38.70
C ASP A 2358 22.84 52.32 -39.09
N MET A 2359 23.15 51.51 -38.08
CA MET A 2359 23.77 50.21 -38.34
C MET A 2359 22.75 49.20 -38.85
N PHE A 2360 21.81 48.83 -38.00
CA PHE A 2360 20.77 47.85 -38.32
C PHE A 2360 19.46 48.28 -37.70
N SER A 2361 19.10 49.55 -37.88
CA SER A 2361 17.94 50.16 -37.22
C SER A 2361 18.11 50.13 -35.70
N ASN A 2362 19.11 50.88 -35.24
CA ASN A 2362 19.46 51.00 -33.83
C ASN A 2362 19.87 49.65 -33.25
N LEU A 2363 20.98 49.15 -33.78
CA LEU A 2363 21.54 47.88 -33.34
C LEU A 2363 21.89 47.92 -31.85
N LEU A 2364 21.64 46.81 -31.17
CA LEU A 2364 21.92 46.69 -29.75
C LEU A 2364 22.36 45.28 -29.42
N PHE A 2365 23.17 45.15 -28.38
CA PHE A 2365 23.57 43.85 -27.82
C PHE A 2365 22.91 43.70 -26.47
N ASN A 2366 22.10 42.65 -26.32
CA ASN A 2366 21.30 42.47 -25.11
C ASN A 2366 21.35 41.06 -24.53
N SER A 2367 21.69 40.04 -25.30
CA SER A 2367 21.69 38.68 -24.79
C SER A 2367 23.01 38.37 -24.06
N ALA A 2368 22.90 37.55 -23.03
CA ALA A 2368 24.05 37.13 -22.24
C ALA A 2368 24.67 35.87 -22.83
N ILE A 2369 25.93 35.63 -22.49
CA ILE A 2369 26.68 34.50 -22.99
C ILE A 2369 26.98 33.55 -21.85
N LEU A 2370 27.11 32.26 -22.18
CA LEU A 2370 27.47 31.22 -21.23
C LEU A 2370 28.82 30.63 -21.64
N MET A 2371 29.75 30.60 -20.68
CA MET A 2371 31.10 30.09 -20.94
C MET A 2371 31.57 29.29 -19.74
N ARG A 2372 32.32 28.23 -20.00
CA ARG A 2372 32.86 27.36 -18.95
C ARG A 2372 34.27 26.93 -19.33
N SER A 2373 35.04 26.52 -18.33
CA SER A 2373 36.42 26.12 -18.54
C SER A 2373 36.85 25.22 -17.40
N GLN A 2374 38.07 24.70 -17.50
CA GLN A 2374 38.58 23.77 -16.51
C GLN A 2374 38.97 24.51 -15.23
N PRO A 2375 38.65 23.96 -14.06
CA PRO A 2375 39.08 24.57 -12.81
C PRO A 2375 40.58 24.39 -12.58
N THR A 2376 41.13 25.26 -11.73
CA THR A 2376 42.56 25.26 -11.45
C THR A 2376 42.91 24.17 -10.44
N THR A 2377 44.22 23.90 -10.33
CA THR A 2377 44.69 22.89 -9.40
C THR A 2377 44.43 23.29 -7.96
N GLN A 2378 44.62 24.57 -7.62
CA GLN A 2378 44.39 25.03 -6.26
C GLN A 2378 42.93 24.93 -5.85
N ALA A 2379 42.01 24.88 -6.81
CA ALA A 2379 40.59 24.82 -6.48
C ALA A 2379 40.20 23.47 -5.91
N VAL A 2380 40.67 22.38 -6.51
CA VAL A 2380 40.26 21.06 -6.08
C VAL A 2380 41.13 20.55 -4.93
N ALA A 2381 42.39 20.97 -4.87
CA ALA A 2381 43.26 20.51 -3.78
C ALA A 2381 42.85 21.09 -2.43
N LYS A 2382 42.38 22.34 -2.42
CA LYS A 2382 41.97 22.98 -1.18
C LYS A 2382 40.57 22.57 -0.72
N ASP A 2383 39.81 21.87 -1.57
CA ASP A 2383 38.44 21.50 -1.22
C ASP A 2383 38.41 20.37 -0.20
N GLY A 2384 39.29 19.37 -0.36
CA GLY A 2384 39.25 18.20 0.48
C GLY A 2384 40.28 18.19 1.60
N THR A 2385 40.82 19.37 1.93
CA THR A 2385 41.86 19.45 2.95
C THR A 2385 41.32 19.02 4.32
N LEU A 2386 40.11 19.44 4.65
CA LEU A 2386 39.54 19.22 5.99
C LEU A 2386 38.52 18.08 6.00
N PHE A 2387 38.62 17.13 5.08
CA PHE A 2387 37.75 15.97 5.10
C PHE A 2387 38.05 15.09 6.32
N HIS A 2388 37.00 14.63 6.99
CA HIS A 2388 37.17 13.73 8.12
C HIS A 2388 35.90 12.91 8.30
N SER A 2389 36.08 11.63 8.62
CA SER A 2389 34.99 10.70 8.84
C SER A 2389 35.58 9.40 9.38
N LYS A 2390 34.73 8.59 10.02
CA LYS A 2390 35.19 7.32 10.56
C LYS A 2390 35.65 6.37 9.47
N ALA A 2391 34.89 6.27 8.38
CA ALA A 2391 35.27 5.42 7.27
C ALA A 2391 36.35 6.04 6.39
N TYR A 2392 36.58 7.35 6.52
CA TYR A 2392 37.59 8.05 5.73
C TYR A 2392 38.86 8.35 6.51
N GLY A 2393 38.78 8.46 7.83
CA GLY A 2393 39.92 8.83 8.66
C GLY A 2393 39.65 10.15 9.34
N ASN A 2394 39.91 10.19 10.64
CA ASN A 2394 39.65 11.36 11.47
C ASN A 2394 40.86 11.67 12.34
N ASN A 2395 42.05 11.65 11.74
CA ASN A 2395 43.28 12.01 12.44
C ASN A 2395 43.49 13.51 12.34
N GLU A 2396 43.57 14.18 13.49
CA GLU A 2396 43.66 15.63 13.50
C GLU A 2396 45.05 16.11 13.10
N ARG A 2397 46.09 15.36 13.48
CA ARG A 2397 47.46 15.80 13.20
C ARG A 2397 47.76 15.82 11.71
N LEU A 2398 47.09 14.96 10.93
CA LEU A 2398 47.33 14.93 9.49
C LEU A 2398 46.69 16.12 8.79
N SER A 2399 45.51 16.55 9.27
CA SER A 2399 44.86 17.72 8.67
C SER A 2399 45.68 18.99 8.87
N GLN A 2400 46.25 19.16 10.07
CA GLN A 2400 47.11 20.31 10.32
C GLN A 2400 48.38 20.25 9.48
N LEU A 2401 48.95 19.05 9.32
CA LEU A 2401 50.12 18.89 8.47
C LEU A 2401 49.80 19.23 7.02
N ASN A 2402 48.60 18.86 6.56
CA ASN A 2402 48.18 19.17 5.21
C ASN A 2402 47.94 20.66 5.01
N GLN A 2403 47.65 21.40 6.08
CA GLN A 2403 47.41 22.84 5.94
C GLN A 2403 48.70 23.60 5.69
N THR A 2404 49.78 23.25 6.40
CA THR A 2404 51.07 23.88 6.17
C THR A 2404 51.65 23.52 4.81
N PHE A 2405 51.26 22.39 4.23
CA PHE A 2405 51.70 22.05 2.89
C PHE A 2405 51.14 23.02 1.86
N ASP A 2406 49.87 23.44 2.03
CA ASP A 2406 49.25 24.34 1.07
C ASP A 2406 49.93 25.70 1.06
N LYS A 2407 50.33 26.19 2.24
CA LYS A 2407 50.97 27.51 2.30
C LYS A 2407 52.30 27.52 1.56
N LEU A 2408 53.07 26.44 1.67
CA LEU A 2408 54.42 26.40 1.13
C LEU A 2408 54.47 25.99 -0.34
N VAL A 2409 53.56 25.13 -0.80
CA VAL A 2409 53.69 24.54 -2.13
C VAL A 2409 52.51 24.92 -3.01
N THR A 2410 51.29 24.57 -2.58
CA THR A 2410 50.13 24.70 -3.45
C THR A 2410 49.81 26.15 -3.78
N ASP A 2411 50.09 27.07 -2.84
CA ASP A 2411 49.74 28.47 -3.06
C ASP A 2411 50.57 29.10 -4.18
N TYR A 2412 51.78 28.61 -4.41
CA TYR A 2412 52.71 29.24 -5.34
C TYR A 2412 52.76 28.55 -6.69
N LEU A 2413 51.85 27.61 -6.96
CA LEU A 2413 51.74 27.06 -8.30
C LEU A 2413 51.11 28.08 -9.24
N ARG A 2414 51.41 27.93 -10.53
CA ARG A 2414 50.86 28.85 -11.52
C ARG A 2414 49.35 28.69 -11.62
N THR A 2415 48.65 29.81 -11.80
CA THR A 2415 47.20 29.82 -11.75
C THR A 2415 46.55 29.18 -12.98
N ASP A 2416 47.29 28.98 -14.06
CA ASP A 2416 46.72 28.38 -15.25
C ASP A 2416 46.36 26.92 -15.00
N PRO A 2417 45.29 26.43 -15.62
CA PRO A 2417 44.93 25.02 -15.47
C PRO A 2417 46.01 24.09 -15.99
N VAL A 2418 46.13 22.93 -15.35
CA VAL A 2418 47.19 21.99 -15.71
C VAL A 2418 46.88 21.33 -17.05
N THR A 2419 47.90 20.72 -17.64
CA THR A 2419 47.77 20.02 -18.92
C THR A 2419 48.27 18.58 -18.78
N GLU A 2420 48.38 17.87 -19.91
CA GLU A 2420 48.83 16.48 -19.92
C GLU A 2420 49.82 16.31 -21.06
N VAL A 2421 51.11 16.38 -20.72
CA VAL A 2421 52.19 16.20 -21.68
C VAL A 2421 53.08 15.06 -21.20
N GLU A 2422 53.87 14.52 -22.12
CA GLU A 2422 54.76 13.41 -21.77
C GLU A 2422 55.80 13.84 -20.73
N ARG A 2423 56.27 15.08 -20.83
CA ARG A 2423 57.16 15.68 -19.83
C ARG A 2423 58.38 14.82 -19.57
N ARG A 2424 59.21 14.67 -20.59
CA ARG A 2424 60.47 13.94 -20.46
C ARG A 2424 61.54 14.88 -19.91
N GLY A 2425 62.14 14.51 -18.78
CA GLY A 2425 63.14 15.34 -18.16
C GLY A 2425 63.92 14.66 -17.05
N ASN A 2426 64.31 15.41 -16.04
CA ASN A 2426 65.07 14.89 -14.90
C ASN A 2426 64.23 14.80 -13.64
N VAL A 2427 63.52 15.86 -13.28
CA VAL A 2427 62.64 15.82 -12.12
C VAL A 2427 61.47 14.87 -12.38
N ALA A 2428 60.99 14.84 -13.62
CA ALA A 2428 59.89 13.94 -13.98
C ALA A 2428 60.26 12.48 -13.76
N ASN A 2429 61.54 12.14 -13.79
CA ASN A 2429 61.95 10.79 -13.42
C ASN A 2429 61.84 10.55 -11.93
N ALA A 2430 62.08 11.59 -11.12
CA ALA A 2430 62.00 11.44 -9.67
C ALA A 2430 60.57 11.26 -9.19
N LEU A 2431 59.61 11.93 -9.84
CA LEU A 2431 58.22 11.81 -9.41
C LEU A 2431 57.63 10.46 -9.80
N MET A 2432 58.03 9.92 -10.95
CA MET A 2432 57.56 8.60 -11.34
C MET A 2432 58.13 7.52 -10.42
N SER A 2433 59.40 7.67 -10.02
CA SER A 2433 60.00 6.71 -9.11
C SER A 2433 59.38 6.80 -7.71
N ALA A 2434 59.09 8.02 -7.25
CA ALA A 2434 58.53 8.20 -5.92
C ALA A 2434 57.09 7.71 -5.84
N THR A 2435 56.35 7.77 -6.95
CA THR A 2435 54.99 7.27 -6.96
C THR A 2435 54.94 5.76 -6.76
N ARG A 2436 55.88 5.03 -7.38
CA ARG A 2436 55.90 3.58 -7.25
C ARG A 2436 56.25 3.15 -5.82
N LEU A 2437 57.16 3.89 -5.17
CA LEU A 2437 57.56 3.51 -3.81
C LEU A 2437 56.46 3.76 -2.80
N VAL A 2438 55.61 4.76 -3.03
CA VAL A 2438 54.49 5.02 -2.12
C VAL A 2438 53.53 3.85 -2.12
N ARG A 2439 53.21 3.33 -3.30
CA ARG A 2439 52.33 2.16 -3.39
C ARG A 2439 53.00 0.92 -2.80
N ASP A 2440 54.31 0.75 -3.05
CA ASP A 2440 55.00 -0.44 -2.58
C ASP A 2440 55.09 -0.48 -1.05
N VAL A 2441 55.15 0.68 -0.41
CA VAL A 2441 55.24 0.71 1.05
C VAL A 2441 53.95 0.20 1.68
N GLN A 2442 52.80 0.60 1.14
CA GLN A 2442 51.52 0.20 1.70
C GLN A 2442 51.22 -1.29 1.46
N SER A 2443 51.88 -1.91 0.49
CA SER A 2443 51.68 -3.32 0.20
C SER A 2443 52.63 -4.23 0.98
N HIS A 2444 53.46 -3.67 1.85
CA HIS A 2444 54.47 -4.44 2.56
C HIS A 2444 54.48 -4.11 4.04
N GLY A 2445 53.29 -4.08 4.65
CA GLY A 2445 53.16 -4.04 6.10
C GLY A 2445 52.50 -2.79 6.66
N PHE A 2446 52.48 -1.69 5.93
CA PHE A 2446 51.98 -0.42 6.45
C PHE A 2446 50.64 -0.09 5.79
N ASN A 2447 49.57 -0.57 6.40
CA ASN A 2447 48.22 -0.22 5.95
C ASN A 2447 47.90 1.21 6.33
N MET A 2448 47.12 1.88 5.48
CA MET A 2448 46.78 3.28 5.68
C MET A 2448 45.33 3.52 5.28
N THR A 2449 44.74 4.55 5.88
CA THR A 2449 43.40 4.97 5.51
C THR A 2449 43.47 5.87 4.28
N ALA A 2450 42.28 6.26 3.79
CA ALA A 2450 42.22 7.13 2.62
C ALA A 2450 42.75 8.53 2.93
N GLN A 2451 42.62 8.98 4.18
CA GLN A 2451 43.15 10.28 4.56
C GLN A 2451 44.67 10.25 4.66
N GLU A 2452 45.22 9.17 5.23
CA GLU A 2452 46.66 9.07 5.36
C GLU A 2452 47.34 8.85 4.01
N GLN A 2453 46.67 8.15 3.09
CA GLN A 2453 47.28 7.86 1.80
C GLN A 2453 47.51 9.12 0.98
N SER A 2454 46.56 10.05 1.00
CA SER A 2454 46.69 11.26 0.21
C SER A 2454 47.81 12.15 0.72
N VAL A 2455 47.92 12.32 2.04
CA VAL A 2455 48.97 13.15 2.61
C VAL A 2455 50.33 12.51 2.38
N PHE A 2456 50.41 11.18 2.44
CA PHE A 2456 51.66 10.49 2.17
C PHE A 2456 52.13 10.73 0.74
N GLN A 2457 51.21 10.70 -0.22
CA GLN A 2457 51.58 10.89 -1.62
C GLN A 2457 52.01 12.32 -1.89
N MET A 2458 51.29 13.30 -1.33
CA MET A 2458 51.56 14.70 -1.64
C MET A 2458 52.89 15.16 -1.04
N VAL A 2459 53.14 14.83 0.22
CA VAL A 2459 54.35 15.29 0.90
C VAL A 2459 55.58 14.66 0.26
N THR A 2460 55.53 13.36 -0.05
CA THR A 2460 56.69 12.69 -0.62
C THR A 2460 57.07 13.28 -1.97
N ALA A 2461 56.07 13.60 -2.80
CA ALA A 2461 56.37 14.18 -4.11
C ALA A 2461 56.99 15.56 -3.97
N ALA A 2462 56.74 16.25 -2.86
CA ALA A 2462 57.35 17.56 -2.65
C ALA A 2462 58.83 17.44 -2.32
N LEU A 2463 59.20 16.46 -1.51
CA LEU A 2463 60.60 16.22 -1.20
C LEU A 2463 61.34 15.56 -2.36
N ALA A 2464 60.64 14.80 -3.19
CA ALA A 2464 61.29 14.10 -4.29
C ALA A 2464 61.77 15.07 -5.35
N THR A 2465 61.00 16.12 -5.64
CA THR A 2465 61.40 17.07 -6.67
C THR A 2465 62.50 18.00 -6.16
N GLU A 2466 62.55 18.23 -4.85
CA GLU A 2466 63.60 19.10 -4.30
C GLU A 2466 64.95 18.39 -4.29
N ALA A 2467 64.96 17.10 -3.98
CA ALA A 2467 66.21 16.35 -3.96
C ALA A 2467 66.80 16.20 -5.35
N ALA A 2468 65.97 16.25 -6.39
CA ALA A 2468 66.44 16.13 -7.76
C ALA A 2468 67.04 17.43 -8.29
N ILE A 2469 66.94 18.52 -7.56
CA ILE A 2469 67.51 19.81 -7.93
C ILE A 2469 68.71 20.16 -7.05
N ASP A 2470 68.57 19.99 -5.74
CA ASP A 2470 69.67 20.23 -4.81
C ASP A 2470 70.20 18.91 -4.30
N PRO A 2471 71.40 18.49 -4.71
CA PRO A 2471 71.91 17.18 -4.28
C PRO A 2471 72.16 17.08 -2.79
N HIS A 2472 72.32 18.19 -2.08
CA HIS A 2472 72.65 18.18 -0.66
C HIS A 2472 71.45 18.46 0.24
N ALA A 2473 70.23 18.32 -0.31
CA ALA A 2473 69.04 18.60 0.49
C ALA A 2473 68.83 17.55 1.58
N MET A 2474 69.23 16.30 1.34
CA MET A 2474 69.00 15.20 2.27
C MET A 2474 70.22 14.90 3.13
N ALA A 2475 71.11 15.87 3.31
CA ALA A 2475 72.30 15.64 4.13
C ALA A 2475 71.93 15.42 5.60
N ARG A 2476 70.99 16.21 6.11
CA ARG A 2476 70.62 16.08 7.52
C ARG A 2476 69.82 14.80 7.78
N ALA A 2477 68.96 14.42 6.83
CA ALA A 2477 68.15 13.22 7.01
C ALA A 2477 68.99 11.95 7.06
N GLN A 2478 70.19 11.98 6.47
CA GLN A 2478 71.05 10.80 6.52
C GLN A 2478 71.52 10.53 7.95
N GLU A 2479 71.84 11.57 8.71
CA GLU A 2479 72.29 11.38 10.09
C GLU A 2479 71.20 10.76 10.95
N LEU A 2480 69.95 11.20 10.77
CA LEU A 2480 68.86 10.68 11.59
C LEU A 2480 68.47 9.27 11.17
N TYR A 2481 68.59 8.94 9.88
CA TYR A 2481 68.23 7.60 9.43
C TYR A 2481 69.22 6.55 9.93
N THR A 2482 70.52 6.87 9.90
CA THR A 2482 71.52 5.90 10.32
C THR A 2482 71.44 5.65 11.82
N HIS A 2483 71.14 6.69 12.60
CA HIS A 2483 71.03 6.53 14.05
C HIS A 2483 69.86 5.63 14.43
N VAL A 2484 68.75 5.75 13.70
CA VAL A 2484 67.56 4.94 14.02
C VAL A 2484 67.85 3.47 13.75
N MET A 2485 68.60 3.16 12.70
CA MET A 2485 68.86 1.78 12.32
C MET A 2485 69.71 1.02 13.33
N LYS A 2486 70.33 1.72 14.28
CA LYS A 2486 71.16 1.04 15.28
C LYS A 2486 70.35 0.50 16.44
N HIS A 2487 69.15 1.02 16.68
CA HIS A 2487 68.34 0.65 17.84
C HIS A 2487 66.98 0.07 17.42
N LEU A 2488 66.92 -0.57 16.27
CA LEU A 2488 65.68 -1.13 15.75
C LEU A 2488 65.75 -2.64 15.73
N THR A 2489 64.66 -3.28 16.14
CA THR A 2489 64.57 -4.75 16.17
C THR A 2489 63.18 -5.17 15.73
N VAL A 2490 63.06 -6.45 15.38
CA VAL A 2490 61.78 -6.99 14.94
C VAL A 2490 60.76 -6.98 16.07
N GLU A 2491 61.21 -7.21 17.31
CA GLU A 2491 60.30 -7.27 18.44
C GLU A 2491 59.58 -5.95 18.69
N HIS A 2492 60.08 -4.85 18.14
CA HIS A 2492 59.39 -3.56 18.29
C HIS A 2492 58.08 -3.52 17.52
N PHE A 2493 57.89 -4.39 16.54
CA PHE A 2493 56.71 -4.37 15.69
C PHE A 2493 55.68 -5.43 16.08
N MET A 2494 55.85 -6.10 17.21
CA MET A 2494 54.96 -7.18 17.64
C MET A 2494 54.19 -6.73 18.87
N ALA A 2495 52.87 -6.79 18.81
CA ALA A 2495 52.05 -6.45 19.97
C ALA A 2495 52.26 -7.45 21.10
N ASP A 2496 52.35 -8.75 20.77
CA ASP A 2496 52.64 -9.78 21.75
C ASP A 2496 54.04 -10.33 21.49
N PRO A 2497 55.03 -9.97 22.31
CA PRO A 2497 56.41 -10.40 22.02
C PRO A 2497 56.61 -11.91 22.06
N ASP A 2498 55.74 -12.65 22.71
CA ASP A 2498 55.88 -14.09 22.86
C ASP A 2498 54.68 -14.84 22.31
N SER A 2499 54.22 -14.43 21.13
CA SER A 2499 53.07 -15.09 20.52
C SER A 2499 53.46 -16.47 19.98
N THR A 2500 52.43 -17.27 19.67
CA THR A 2500 52.64 -18.61 19.12
C THR A 2500 52.23 -18.71 17.65
N ASN A 2501 51.34 -17.85 17.19
CA ASN A 2501 50.90 -17.89 15.81
C ASN A 2501 52.05 -17.48 14.90
N PRO A 2502 52.47 -18.31 13.95
CA PRO A 2502 53.57 -17.92 13.06
C PRO A 2502 53.25 -16.71 12.18
N ALA A 2503 51.97 -16.42 11.95
CA ALA A 2503 51.63 -15.30 11.09
C ALA A 2503 51.92 -13.96 11.75
N ASP A 2504 51.91 -13.92 13.09
CA ASP A 2504 52.20 -12.66 13.79
C ASP A 2504 53.64 -12.22 13.57
N ARG A 2505 54.59 -13.18 13.61
CA ARG A 2505 55.99 -12.85 13.40
C ARG A 2505 56.26 -12.48 11.94
N TYR A 2506 55.54 -13.09 11.00
CA TYR A 2506 55.75 -12.81 9.59
C TYR A 2506 55.47 -11.34 9.27
N TYR A 2507 54.36 -10.81 9.80
CA TYR A 2507 54.00 -9.43 9.48
C TYR A 2507 54.99 -8.44 10.08
N ALA A 2508 55.48 -8.71 11.29
CA ALA A 2508 56.46 -7.83 11.90
C ALA A 2508 57.76 -7.81 11.12
N GLN A 2509 58.22 -8.98 10.67
CA GLN A 2509 59.42 -9.03 9.84
C GLN A 2509 59.19 -8.32 8.52
N GLN A 2510 57.95 -8.32 8.02
CA GLN A 2510 57.65 -7.61 6.78
C GLN A 2510 57.88 -6.12 6.91
N LYS A 2511 57.47 -5.53 8.04
CA LYS A 2511 57.66 -4.10 8.25
C LYS A 2511 59.12 -3.74 8.48
N TYR A 2512 59.88 -4.64 9.11
CA TYR A 2512 61.29 -4.36 9.37
C TYR A 2512 62.08 -4.24 8.08
N ASP A 2513 61.77 -5.10 7.09
CA ASP A 2513 62.54 -5.10 5.84
C ASP A 2513 62.36 -3.79 5.07
N THR A 2514 61.13 -3.25 5.05
CA THR A 2514 60.89 -2.01 4.31
C THR A 2514 61.68 -0.85 4.92
N ILE A 2515 61.70 -0.75 6.24
CA ILE A 2515 62.53 0.28 6.89
C ILE A 2515 64.00 0.04 6.59
N SER A 2516 64.43 -1.22 6.62
CA SER A 2516 65.79 -1.57 6.24
C SER A 2516 66.05 -1.42 4.75
N GLY A 2517 65.00 -1.26 3.94
CA GLY A 2517 65.14 -1.09 2.51
C GLY A 2517 65.27 -2.37 1.72
N ALA A 2518 65.15 -3.53 2.36
CA ALA A 2518 65.30 -4.80 1.64
C ALA A 2518 64.13 -5.02 0.68
N ASN A 2519 62.90 -4.77 1.14
CA ASN A 2519 61.74 -4.98 0.28
C ASN A 2519 61.73 -4.00 -0.90
N LEU A 2520 62.07 -2.74 -0.64
CA LEU A 2520 62.02 -1.73 -1.70
C LEU A 2520 63.17 -1.86 -2.69
N VAL A 2521 64.29 -2.43 -2.27
CA VAL A 2521 65.47 -2.59 -3.11
C VAL A 2521 65.94 -1.26 -3.67
N THR A 2529 68.59 7.40 -5.85
CA THR A 2529 67.67 6.26 -5.86
C THR A 2529 66.31 6.67 -5.31
N SER A 2530 66.25 7.86 -4.72
CA SER A 2530 65.03 8.44 -4.15
C SER A 2530 64.45 7.58 -3.04
N LEU A 2531 65.25 6.73 -2.42
CA LEU A 2531 64.78 5.93 -1.29
C LEU A 2531 64.69 6.77 -0.02
N LEU A 2532 65.63 7.69 0.17
CA LEU A 2532 65.62 8.54 1.35
C LEU A 2532 64.39 9.44 1.44
N PRO A 2533 63.95 10.13 0.38
CA PRO A 2533 62.74 10.97 0.52
C PRO A 2533 61.51 10.19 0.96
N THR A 2534 61.38 8.93 0.54
CA THR A 2534 60.23 8.13 0.95
C THR A 2534 60.24 7.89 2.45
N PHE A 2535 61.41 7.56 3.01
CA PHE A 2535 61.51 7.33 4.44
C PHE A 2535 61.17 8.58 5.25
N LEU A 2536 61.66 9.74 4.78
CA LEU A 2536 61.34 10.99 5.47
C LEU A 2536 59.85 11.29 5.42
N GLY A 2537 59.22 11.02 4.28
CA GLY A 2537 57.77 11.21 4.19
C GLY A 2537 57.00 10.26 5.08
N LEU A 2538 57.42 9.00 5.14
CA LEU A 2538 56.72 8.02 5.96
C LEU A 2538 56.86 8.33 7.45
N ALA A 2539 58.00 8.87 7.87
CA ALA A 2539 58.25 9.13 9.28
C ALA A 2539 57.36 10.24 9.84
N MET A 2540 56.66 10.99 8.98
CA MET A 2540 55.80 12.08 9.43
C MET A 2540 54.33 11.70 9.49
N VAL A 2541 53.89 10.73 8.68
CA VAL A 2541 52.48 10.40 8.57
C VAL A 2541 52.10 9.20 9.43
N ASN A 2542 52.92 8.14 9.42
CA ASN A 2542 52.59 6.93 10.15
C ASN A 2542 52.62 7.19 11.66
N GLU A 2543 51.64 6.66 12.37
CA GLU A 2543 51.53 6.85 13.81
C GLU A 2543 52.12 5.70 14.61
N GLU A 2544 52.14 4.48 14.05
CA GLU A 2544 52.73 3.36 14.77
C GLU A 2544 54.24 3.45 14.78
N LEU A 2545 54.85 3.87 13.66
CA LEU A 2545 56.29 3.99 13.58
C LEU A 2545 56.81 5.11 14.48
N ARG A 2546 56.05 6.20 14.59
CA ARG A 2546 56.49 7.33 15.41
C ARG A 2546 56.55 6.97 16.88
N SER A 2547 55.67 6.07 17.34
CA SER A 2547 55.71 5.64 18.73
C SER A 2547 57.02 4.90 19.04
N ILE A 2548 57.47 4.05 18.11
CA ILE A 2548 58.71 3.32 18.31
C ILE A 2548 59.90 4.27 18.28
N ILE A 2549 59.90 5.22 17.35
CA ILE A 2549 61.06 6.09 17.15
C ILE A 2549 61.28 6.99 18.35
N LYS A 2550 60.20 7.53 18.93
CA LYS A 2550 60.33 8.53 19.98
C LYS A 2550 60.99 7.99 21.24
N GLU A 2551 61.02 6.66 21.42
CA GLU A 2551 61.62 6.07 22.60
C GLU A 2551 63.12 5.83 22.46
N MET A 2552 63.68 6.02 21.27
CA MET A 2552 65.10 5.80 21.08
C MET A 2552 65.92 6.88 21.77
N PRO A 2553 67.13 6.56 22.21
CA PRO A 2553 67.97 7.57 22.87
C PRO A 2553 68.40 8.66 21.89
N VAL A 2554 68.61 9.86 22.45
CA VAL A 2554 69.02 11.02 21.67
C VAL A 2554 70.55 11.11 21.66
N PRO A 2555 71.17 11.38 20.52
CA PRO A 2555 72.63 11.50 20.49
C PRO A 2555 73.11 12.67 21.35
N LYS A 2556 74.32 12.53 21.89
CA LYS A 2556 74.88 13.57 22.74
C LYS A 2556 75.13 14.86 21.98
N ALA A 2557 75.36 14.78 20.66
CA ALA A 2557 75.56 15.98 19.86
C ALA A 2557 74.28 16.79 19.72
N ASP A 2558 73.13 16.12 19.67
CA ASP A 2558 71.84 16.77 19.52
C ASP A 2558 71.10 16.94 20.84
N LYS A 2559 71.76 16.67 21.97
CA LYS A 2559 71.14 16.85 23.27
C LYS A 2559 70.93 18.32 23.61
N LYS A 2560 71.69 19.21 22.98
CA LYS A 2560 71.54 20.64 23.27
C LYS A 2560 70.17 21.16 22.83
N LEU A 2561 69.68 20.67 21.68
CA LEU A 2561 68.40 21.14 21.17
C LEU A 2561 67.26 20.82 22.13
N GLY A 2562 67.26 19.61 22.68
CA GLY A 2562 66.22 19.23 23.62
C GLY A 2562 64.93 18.76 22.96
N ASN A 2563 65.04 17.95 21.91
CA ASN A 2563 63.88 17.44 21.20
C ASN A 2563 64.03 15.94 20.97
N ASP A 2564 62.89 15.25 20.91
CA ASP A 2564 62.89 13.83 20.62
C ASP A 2564 63.15 13.57 19.14
N ILE A 2565 63.42 12.31 18.81
CA ILE A 2565 63.80 11.96 17.45
C ILE A 2565 62.63 12.20 16.49
N ASP A 2566 61.40 11.93 16.94
CA ASP A 2566 60.25 12.10 16.06
C ASP A 2566 60.05 13.57 15.67
N THR A 2567 60.23 14.49 16.61
CA THR A 2567 60.10 15.91 16.28
C THR A 2567 61.29 16.40 15.46
N LEU A 2568 62.47 15.81 15.66
CA LEU A 2568 63.61 16.16 14.82
C LEU A 2568 63.38 15.76 13.38
N LEU A 2569 62.68 14.65 13.16
CA LEU A 2569 62.40 14.20 11.80
C LEU A 2569 61.34 15.07 11.13
N THR A 2570 60.33 15.52 11.90
CA THR A 2570 59.30 16.37 11.32
C THR A 2570 59.79 17.79 11.10
N ASN A 2571 60.80 18.24 11.86
CA ASN A 2571 61.38 19.55 11.63
C ASN A 2571 62.30 19.56 10.43
N ALA A 2572 62.94 18.42 10.12
CA ALA A 2572 63.77 18.35 8.92
C ALA A 2572 62.93 18.35 7.65
N GLY A 2573 61.70 17.83 7.73
CA GLY A 2573 60.84 17.81 6.55
C GLY A 2573 60.44 19.20 6.10
N THR A 2574 60.08 20.07 7.04
CA THR A 2574 59.68 21.43 6.67
C THR A 2574 60.85 22.24 6.14
N GLN A 2575 62.08 21.92 6.55
CA GLN A 2575 63.24 22.63 6.03
C GLN A 2575 63.42 22.40 4.54
N VAL A 2576 63.19 21.16 4.09
CA VAL A 2576 63.32 20.84 2.67
C VAL A 2576 62.26 21.59 1.86
N MET A 2577 61.02 21.59 2.34
CA MET A 2577 59.95 22.28 1.63
C MET A 2577 60.14 23.79 1.62
N GLU A 2578 60.71 24.35 2.70
CA GLU A 2578 60.93 25.79 2.75
C GLU A 2578 61.96 26.23 1.70
N SER A 2579 62.98 25.40 1.46
CA SER A 2579 63.94 25.70 0.41
C SER A 2579 63.27 25.66 -0.96
N LEU A 2580 62.36 24.70 -1.17
CA LEU A 2580 61.63 24.62 -2.43
C LEU A 2580 60.67 25.80 -2.58
N ASN A 2581 60.14 26.31 -1.47
CA ASN A 2581 59.24 27.46 -1.55
C ASN A 2581 59.96 28.68 -2.10
N ARG A 2582 61.20 28.91 -1.69
CA ARG A 2582 61.97 30.03 -2.22
C ARG A 2582 62.27 29.85 -3.70
N ARG A 2583 62.45 28.59 -4.15
CA ARG A 2583 62.73 28.34 -5.56
C ARG A 2583 61.55 28.75 -6.44
N MET A 2584 60.33 28.45 -6.01
CA MET A 2584 59.15 28.77 -6.81
C MET A 2584 58.72 30.22 -6.67
N ALA A 2585 59.21 30.93 -5.65
CA ALA A 2585 58.80 32.31 -5.41
C ALA A 2585 59.70 33.33 -6.08
N GLY A 2586 60.69 32.90 -6.83
CA GLY A 2586 61.61 33.78 -7.52
C GLY A 2586 61.30 33.93 -8.99
N ASP A 2587 62.34 34.17 -9.78
CA ASP A 2587 62.22 34.34 -11.23
C ASP A 2587 62.23 32.96 -11.87
N GLN A 2588 61.04 32.36 -11.99
CA GLN A 2588 60.94 30.99 -12.49
C GLN A 2588 61.39 30.89 -13.95
N LYS A 2589 61.01 31.85 -14.78
CA LYS A 2589 61.30 31.75 -16.21
C LYS A 2589 62.80 31.78 -16.49
N ALA A 2590 63.52 32.67 -15.79
CA ALA A 2590 64.96 32.75 -16.02
C ALA A 2590 65.72 31.61 -15.36
N THR A 2591 65.21 31.07 -14.26
CA THR A 2591 65.88 29.98 -13.55
C THR A 2591 65.74 28.66 -14.30
N ASN A 2592 64.83 28.58 -15.28
CA ASN A 2592 64.61 27.37 -16.07
C ASN A 2592 64.10 26.22 -15.19
N VAL A 2593 63.19 26.54 -14.27
CA VAL A 2593 62.51 25.57 -13.44
C VAL A 2593 61.00 25.56 -13.68
N GLN A 2594 60.53 26.28 -14.70
CA GLN A 2594 59.10 26.34 -14.98
C GLN A 2594 58.57 24.98 -15.39
N ASP A 2595 59.33 24.24 -16.20
CA ASP A 2595 58.87 22.92 -16.63
C ASP A 2595 58.82 21.94 -15.47
N SER A 2596 59.77 22.04 -14.54
CA SER A 2596 59.78 21.14 -13.39
C SER A 2596 58.55 21.34 -12.50
N ILE A 2597 58.15 22.60 -12.29
CA ILE A 2597 56.99 22.87 -11.46
C ILE A 2597 55.72 22.35 -12.14
N ASP A 2598 55.65 22.44 -13.47
CA ASP A 2598 54.51 21.91 -14.19
C ASP A 2598 54.35 20.41 -13.98
N ALA A 2599 55.45 19.71 -13.71
CA ALA A 2599 55.37 18.29 -13.39
C ALA A 2599 54.86 18.05 -11.98
N LEU A 2600 55.22 18.92 -11.02
CA LEU A 2600 54.75 18.76 -9.67
C LEU A 2600 53.26 19.06 -9.54
N SER A 2601 52.75 20.01 -10.33
CA SER A 2601 51.34 20.35 -10.25
C SER A 2601 50.45 19.23 -10.78
N GLU A 2602 50.94 18.46 -11.77
CA GLU A 2602 50.17 17.33 -12.27
C GLU A 2602 49.98 16.26 -11.20
N THR A 2603 51.04 15.98 -10.43
CA THR A 2603 50.93 14.97 -9.39
C THR A 2603 49.95 15.39 -8.30
N ILE A 2604 49.97 16.67 -7.92
CA ILE A 2604 49.03 17.16 -6.92
C ILE A 2604 47.60 17.08 -7.45
N MET A 2605 47.40 17.39 -8.74
CA MET A 2605 46.08 17.33 -9.33
C MET A 2605 45.54 15.90 -9.31
N ALA A 2606 46.38 14.92 -9.63
CA ALA A 2606 45.94 13.53 -9.67
C ALA A 2606 45.54 13.03 -8.29
N ALA A 2607 46.33 13.39 -7.27
CA ALA A 2607 46.03 12.93 -5.91
C ALA A 2607 44.84 13.65 -5.30
N ALA A 2608 44.51 14.85 -5.79
CA ALA A 2608 43.37 15.58 -5.25
C ALA A 2608 42.06 14.97 -5.75
N LEU A 2609 42.02 14.53 -7.01
CA LEU A 2609 40.81 13.94 -7.57
C LEU A 2609 40.58 12.52 -7.06
N LYS A 2610 41.60 11.83 -6.56
CA LYS A 2610 41.42 10.48 -6.07
C LYS A 2610 40.70 10.47 -4.73
N ARG A 2611 41.03 11.41 -3.85
CA ARG A 2611 40.36 11.48 -2.56
C ARG A 2611 38.98 12.13 -2.65
N GLU A 2612 38.64 12.72 -3.79
CA GLU A 2612 37.28 13.18 -4.04
C GLU A 2612 36.36 12.04 -4.46
N SER A 2613 36.90 10.87 -4.80
CA SER A 2613 36.10 9.73 -5.21
C SER A 2613 35.83 8.77 -4.06
N PHE A 2614 36.83 8.51 -3.20
CA PHE A 2614 36.59 7.72 -2.00
C PHE A 2614 35.60 8.42 -1.09
N TYR A 2615 35.82 9.71 -0.84
CA TYR A 2615 34.77 10.56 -0.31
C TYR A 2615 33.64 10.65 -1.34
N ASP A 2616 32.40 10.75 -0.84
CA ASP A 2616 31.14 10.66 -1.56
C ASP A 2616 30.82 9.21 -1.94
N ALA A 2617 31.76 8.28 -1.78
CA ALA A 2617 31.45 6.86 -1.89
C ALA A 2617 31.10 6.24 -0.55
N VAL A 2618 31.30 6.97 0.55
CA VAL A 2618 30.94 6.50 1.89
C VAL A 2618 30.07 7.56 2.54
N ALA A 2619 29.33 8.33 1.73
CA ALA A 2619 28.54 9.45 2.21
C ALA A 2619 27.21 8.98 2.81
N THR A 2620 27.32 8.17 3.85
CA THR A 2620 26.19 7.66 4.61
C THR A 2620 26.56 7.68 6.08
N PRO A 2621 25.57 7.73 6.98
CA PRO A 2621 25.89 7.70 8.42
C PRO A 2621 26.69 6.47 8.83
N THR A 2622 26.42 5.32 8.23
CA THR A 2622 27.18 4.11 8.54
C THR A 2622 28.49 4.03 7.78
N GLY A 2623 28.69 4.85 6.75
CA GLY A 2623 29.94 4.83 6.00
C GLY A 2623 30.20 3.52 5.29
N ASN A 2624 29.19 2.94 4.66
CA ASN A 2624 29.30 1.65 4.00
C ASN A 2624 29.16 1.83 2.49
N PHE A 2625 29.92 1.02 1.74
CA PHE A 2625 29.82 1.06 0.29
C PHE A 2625 28.42 0.65 -0.18
N ILE A 2626 27.88 -0.42 0.40
CA ILE A 2626 26.57 -0.92 -0.05
C ILE A 2626 25.46 0.04 0.35
N ASP A 2627 25.54 0.62 1.55
CA ASP A 2627 24.48 1.49 2.03
C ASP A 2627 24.35 2.74 1.15
N ARG A 2628 25.47 3.31 0.73
CA ARG A 2628 25.42 4.48 -0.15
C ARG A 2628 24.81 4.13 -1.50
N ALA A 2629 25.14 2.96 -2.03
CA ALA A 2629 24.60 2.55 -3.33
C ALA A 2629 23.09 2.36 -3.28
N ASN A 2630 22.58 1.78 -2.19
CA ASN A 2630 21.14 1.55 -2.07
C ASN A 2630 20.37 2.86 -2.01
N GLN A 2631 20.93 3.87 -1.34
CA GLN A 2631 20.25 5.16 -1.22
C GLN A 2631 20.13 5.85 -2.57
N TYR A 2632 21.17 5.78 -3.40
CA TYR A 2632 21.13 6.44 -4.70
C TYR A 2632 20.08 5.81 -5.60
N VAL A 2633 19.98 4.48 -5.61
CA VAL A 2633 19.00 3.81 -6.47
C VAL A 2633 17.59 4.12 -6.02
N THR A 2634 17.36 4.19 -4.70
CA THR A 2634 16.03 4.46 -4.19
C THR A 2634 15.55 5.85 -4.60
N ASP A 2635 16.42 6.85 -4.52
CA ASP A 2635 16.03 8.20 -4.88
C ASP A 2635 15.81 8.35 -6.39
N SER A 2636 16.46 7.50 -7.19
CA SER A 2636 16.30 7.54 -8.63
C SER A 2636 15.02 6.86 -9.10
N ILE A 2637 14.36 6.09 -8.24
CA ILE A 2637 13.10 5.44 -8.60
C ILE A 2637 11.91 6.32 -8.28
N GLU A 2638 11.98 7.08 -7.19
CA GLU A 2638 10.91 8.01 -6.86
C GLU A 2638 10.78 9.11 -7.91
N ARG A 2639 11.90 9.49 -8.54
CA ARG A 2639 11.85 10.47 -9.61
C ARG A 2639 11.09 9.94 -10.82
N LEU A 2640 11.23 8.64 -11.12
CA LEU A 2640 10.55 8.06 -12.26
C LEU A 2640 9.06 7.86 -12.01
N SER A 2641 8.68 7.57 -10.77
CA SER A 2641 7.27 7.35 -10.43
C SER A 2641 6.62 8.68 -10.06
N GLU A 2642 6.52 9.54 -11.06
CA GLU A 2642 5.89 10.85 -10.89
C GLU A 2642 5.07 11.22 -12.11
N ALA A 2664 4.98 -1.81 6.52
CA ALA A 2664 4.63 -0.87 7.57
C ALA A 2664 4.36 -1.59 8.89
N HIS A 2665 3.78 -2.79 8.79
CA HIS A 2665 3.48 -3.60 9.96
C HIS A 2665 4.60 -4.58 10.29
N LEU A 2666 5.10 -5.29 9.26
CA LEU A 2666 6.19 -6.24 9.48
C LEU A 2666 7.49 -5.55 9.82
N ALA A 2667 7.61 -4.24 9.59
CA ALA A 2667 8.80 -3.50 9.99
C ALA A 2667 8.91 -3.39 11.51
N LYS A 2668 7.81 -3.62 12.23
CA LYS A 2668 7.82 -3.59 13.69
C LYS A 2668 8.14 -4.95 14.29
N LEU A 2669 7.66 -6.03 13.65
CA LEU A 2669 7.91 -7.37 14.18
C LEU A 2669 9.39 -7.71 14.12
N THR A 2670 10.07 -7.35 13.03
CA THR A 2670 11.50 -7.64 12.93
C THR A 2670 12.31 -6.85 13.96
N ALA A 2671 11.81 -5.69 14.38
CA ALA A 2671 12.50 -4.94 15.44
C ALA A 2671 12.45 -5.67 16.77
N ALA A 2672 11.36 -6.41 17.02
CA ALA A 2672 11.26 -7.17 18.27
C ALA A 2672 12.16 -8.41 18.24
N ILE A 2673 12.44 -8.93 17.05
CA ILE A 2673 13.30 -10.11 16.95
C ILE A 2673 14.74 -9.76 17.30
N ALA A 2674 15.22 -8.62 16.82
CA ALA A 2674 16.60 -8.20 17.05
C ALA A 2674 16.80 -7.54 18.42
N SER A 2675 15.71 -7.31 19.17
CA SER A 2675 15.79 -6.68 20.48
C SER A 2675 15.50 -7.65 21.61
N GLU A 2676 15.56 -8.95 21.35
CA GLU A 2676 15.28 -9.94 22.39
C GLU A 2676 16.39 -9.92 23.44
N LYS A 2677 15.98 -9.98 24.71
CA LYS A 2677 16.91 -9.94 25.83
C LYS A 2677 16.72 -11.13 26.77
N GLN A 2678 16.15 -12.22 26.29
CA GLN A 2678 15.85 -13.36 27.16
C GLN A 2678 17.08 -14.23 27.39
N GLY A 2679 17.65 -14.77 26.33
CA GLY A 2679 18.77 -15.68 26.45
C GLY A 2679 18.36 -17.12 26.23
N GLU A 2680 17.22 -17.52 26.82
CA GLU A 2680 16.66 -18.83 26.56
C GLU A 2680 15.84 -18.87 25.28
N ILE A 2681 15.46 -17.70 24.75
CA ILE A 2681 14.73 -17.63 23.49
C ILE A 2681 15.68 -17.52 22.31
N VAL A 2682 16.71 -16.68 22.43
CA VAL A 2682 17.70 -16.55 21.36
C VAL A 2682 18.54 -17.80 21.15
N ALA A 2683 18.47 -18.75 22.08
CA ALA A 2683 19.23 -20.00 21.94
C ALA A 2683 18.53 -21.03 21.08
N GLN A 2684 17.29 -20.77 20.65
CA GLN A 2684 16.55 -21.70 19.81
C GLN A 2684 16.71 -21.41 18.32
N GLY A 2685 17.51 -20.41 17.95
CA GLY A 2685 17.69 -20.06 16.57
C GLY A 2685 16.77 -18.93 16.14
N VAL A 2686 16.94 -18.50 14.89
CA VAL A 2686 16.14 -17.41 14.35
C VAL A 2686 14.93 -17.91 13.55
N MET A 2687 14.97 -19.16 13.07
CA MET A 2687 13.81 -19.70 12.36
C MET A 2687 12.62 -19.86 13.30
N THR A 2688 12.86 -20.32 14.53
CA THR A 2688 11.77 -20.49 15.49
C THR A 2688 11.14 -19.15 15.85
N ALA A 2689 11.96 -18.12 16.07
CA ALA A 2689 11.44 -16.82 16.45
C ALA A 2689 10.57 -16.22 15.35
N MET A 2690 10.99 -16.37 14.09
CA MET A 2690 10.19 -15.84 12.98
C MET A 2690 8.89 -16.61 12.81
N ASN A 2691 8.93 -17.94 12.99
CA ASN A 2691 7.71 -18.72 12.94
C ASN A 2691 6.77 -18.36 14.08
N GLN A 2692 7.31 -18.19 15.28
CA GLN A 2692 6.49 -17.81 16.43
C GLN A 2692 6.04 -16.36 16.34
N GLY A 2693 6.82 -15.52 15.66
CA GLY A 2693 6.53 -14.11 15.55
C GLY A 2693 5.49 -13.72 14.52
N LYS A 2694 4.97 -14.67 13.75
CA LYS A 2694 3.90 -14.48 12.77
C LYS A 2694 4.36 -13.65 11.57
N VAL A 2695 5.60 -13.15 11.57
CA VAL A 2695 6.09 -12.23 10.56
C VAL A 2695 6.07 -12.83 9.15
N TRP A 2696 5.86 -14.14 9.01
CA TRP A 2696 5.84 -14.75 7.69
C TRP A 2696 4.62 -14.38 6.86
N GLN A 2697 3.57 -13.83 7.48
CA GLN A 2697 2.34 -13.53 6.76
C GLN A 2697 2.45 -12.25 5.92
N PRO A 2698 2.94 -11.13 6.46
CA PRO A 2698 3.09 -9.94 5.62
C PRO A 2698 4.02 -10.15 4.43
N PHE A 2699 5.03 -11.02 4.57
CA PHE A 2699 5.93 -11.30 3.45
C PHE A 2699 5.21 -12.02 2.33
N HIS A 2700 4.24 -12.88 2.66
CA HIS A 2700 3.54 -13.64 1.63
C HIS A 2700 2.71 -12.74 0.73
N ASP A 2701 2.12 -11.69 1.29
CA ASP A 2701 1.25 -10.81 0.51
C ASP A 2701 2.02 -10.10 -0.60
N LEU A 2702 3.22 -9.62 -0.30
CA LEU A 2702 3.98 -8.88 -1.30
C LEU A 2702 4.45 -9.78 -2.43
N VAL A 2703 4.96 -10.96 -2.11
CA VAL A 2703 5.47 -11.86 -3.15
C VAL A 2703 4.35 -12.37 -4.03
N ASN A 2704 3.14 -12.51 -3.48
CA ASN A 2704 2.02 -12.99 -4.28
C ASN A 2704 1.66 -12.02 -5.39
N ASP A 2705 1.89 -10.72 -5.19
CA ASP A 2705 1.66 -9.74 -6.24
C ASP A 2705 2.75 -9.79 -7.30
N ILE A 2706 4.00 -10.01 -6.89
CA ILE A 2706 5.10 -10.06 -7.84
C ILE A 2706 4.96 -11.26 -8.76
N VAL A 2707 4.67 -12.44 -8.18
CA VAL A 2707 4.52 -13.65 -8.99
C VAL A 2707 3.29 -13.56 -9.87
N GLY A 2708 2.20 -12.99 -9.35
CA GLY A 2708 0.96 -12.87 -10.09
C GLY A 2708 -0.16 -13.77 -9.62
N ARG A 2709 0.01 -14.48 -8.51
CA ARG A 2709 -1.06 -15.34 -7.99
C ARG A 2709 -2.27 -14.51 -7.58
N THR A 2710 -2.03 -13.36 -6.94
CA THR A 2710 -3.10 -12.49 -6.47
C THR A 2710 -3.08 -11.20 -7.28
N LYS A 2711 -4.22 -10.85 -7.87
CA LYS A 2711 -4.33 -9.66 -8.69
C LYS A 2711 -4.28 -8.40 -7.84
N THR A 2712 -3.66 -7.36 -8.39
CA THR A 2712 -3.58 -6.08 -7.70
C THR A 2712 -3.51 -4.97 -8.74
N ASN A 2713 -3.83 -3.75 -8.31
CA ASN A 2713 -3.84 -2.58 -9.19
C ASN A 2713 -2.56 -1.77 -9.13
N ALA A 2714 -1.59 -2.19 -8.33
CA ALA A 2714 -0.34 -1.45 -8.20
C ALA A 2714 0.54 -1.66 -9.43
N ASN A 2715 1.28 -0.62 -9.81
CA ASN A 2715 2.18 -0.69 -10.94
C ASN A 2715 3.53 -1.25 -10.50
N VAL A 2716 4.48 -1.30 -11.44
CA VAL A 2716 5.80 -1.86 -11.14
C VAL A 2716 6.53 -0.99 -10.13
N TYR A 2717 6.48 0.33 -10.29
CA TYR A 2717 7.21 1.22 -9.41
C TYR A 2717 6.70 1.20 -7.97
N ASP A 2718 5.43 0.83 -7.77
CA ASP A 2718 4.91 0.77 -6.41
C ASP A 2718 5.44 -0.45 -5.66
N LEU A 2719 5.56 -1.58 -6.35
CA LEU A 2719 6.06 -2.80 -5.71
C LEU A 2719 7.57 -2.76 -5.52
N ILE A 2720 8.30 -2.11 -6.43
CA ILE A 2720 9.76 -2.01 -6.29
C ILE A 2720 10.12 -1.20 -5.05
N LYS A 2721 9.36 -0.15 -4.77
CA LYS A 2721 9.59 0.64 -3.57
C LYS A 2721 9.30 -0.14 -2.30
N LEU A 2722 8.51 -1.22 -2.39
CA LEU A 2722 8.16 -2.01 -1.21
C LEU A 2722 9.18 -3.09 -0.92
N VAL A 2723 9.70 -3.75 -1.95
CA VAL A 2723 10.69 -4.81 -1.73
C VAL A 2723 12.01 -4.22 -1.24
N LYS A 2724 12.41 -3.09 -1.80
CA LYS A 2724 13.66 -2.45 -1.38
C LYS A 2724 13.55 -1.78 -0.02
N SER A 2725 12.34 -1.57 0.49
CA SER A 2725 12.17 -1.02 1.83
C SER A 2725 12.31 -2.08 2.91
N GLN A 2726 12.03 -3.36 2.60
CA GLN A 2726 12.20 -4.42 3.57
C GLN A 2726 13.66 -4.78 3.77
N ILE A 2727 14.46 -4.73 2.70
CA ILE A 2727 15.88 -5.07 2.79
C ILE A 2727 16.60 -4.11 3.70
N SER A 2728 16.35 -2.81 3.56
CA SER A 2728 17.00 -1.81 4.40
C SER A 2728 16.56 -1.91 5.86
N GLN A 2729 15.39 -2.50 6.13
CA GLN A 2729 14.94 -2.65 7.51
C GLN A 2729 15.72 -3.73 8.23
N ASP A 2730 16.00 -4.85 7.55
CA ASP A 2730 16.75 -5.93 8.18
C ASP A 2730 18.21 -5.53 8.40
N ARG A 2731 18.80 -4.82 7.44
CA ARG A 2731 20.18 -4.38 7.60
C ARG A 2731 20.31 -3.39 8.75
N GLN A 2732 19.33 -2.49 8.90
CA GLN A 2732 19.37 -1.53 10.00
C GLN A 2732 19.25 -2.22 11.35
N GLN A 2733 18.40 -3.26 11.44
CA GLN A 2733 18.14 -3.88 12.74
C GLN A 2733 19.22 -4.89 13.13
N PHE A 2734 19.66 -5.72 12.18
CA PHE A 2734 20.56 -6.81 12.51
C PHE A 2734 22.03 -6.44 12.47
N ARG A 2735 22.40 -5.48 11.62
CA ARG A 2735 23.81 -5.09 11.51
C ARG A 2735 24.18 -3.91 12.41
N GLU A 2736 23.20 -3.17 12.92
CA GLU A 2736 23.47 -1.99 13.72
C GLU A 2736 22.87 -2.04 15.11
N HIS A 2737 21.66 -2.56 15.26
CA HIS A 2737 20.98 -2.57 16.56
C HIS A 2737 21.30 -3.81 17.38
N LEU A 2738 21.47 -4.96 16.73
CA LEU A 2738 21.80 -6.18 17.45
C LEU A 2738 23.12 -6.10 18.20
N PRO A 2739 24.22 -5.61 17.60
CA PRO A 2739 25.48 -5.52 18.37
C PRO A 2739 25.39 -4.64 19.60
N THR A 2740 24.48 -3.66 19.63
CA THR A 2740 24.34 -2.82 20.81
C THR A 2740 23.68 -3.56 21.96
N VAL A 2741 22.77 -4.49 21.65
CA VAL A 2741 22.13 -5.28 22.70
C VAL A 2741 23.16 -6.18 23.40
N ILE A 2742 24.03 -6.82 22.62
CA ILE A 2742 25.05 -7.68 23.20
C ILE A 2742 26.00 -6.87 24.07
N ALA A 2743 26.44 -5.71 23.58
CA ALA A 2743 27.37 -4.88 24.34
C ALA A 2743 26.73 -4.26 25.58
N GLY A 2744 25.40 -4.21 25.63
CA GLY A 2744 24.73 -3.62 26.78
C GLY A 2744 24.60 -4.53 27.98
N LYS A 2745 25.00 -5.80 27.86
CA LYS A 2745 24.95 -6.72 28.98
C LYS A 2745 26.17 -6.60 29.90
N PHE A 2746 27.22 -5.91 29.47
CA PHE A 2746 28.41 -5.69 30.28
C PHE A 2746 28.31 -4.34 30.97
N SER A 2747 28.74 -4.30 32.23
CA SER A 2747 28.80 -3.07 33.00
C SER A 2747 30.07 -2.26 32.73
N ARG A 2748 30.73 -2.53 31.60
CA ARG A 2748 32.01 -1.91 31.28
C ARG A 2748 32.13 -1.79 29.77
N LYS A 2749 33.06 -0.95 29.33
CA LYS A 2749 33.39 -0.79 27.91
C LYS A 2749 34.60 -1.66 27.61
N LEU A 2750 34.39 -2.75 26.89
CA LEU A 2750 35.48 -3.66 26.57
C LEU A 2750 36.43 -3.03 25.56
N THR A 2751 37.72 -3.32 25.72
CA THR A 2751 38.71 -2.83 24.78
C THR A 2751 38.64 -3.63 23.47
N ASP A 2752 39.26 -3.08 22.43
CA ASP A 2752 39.25 -3.75 21.13
C ASP A 2752 40.02 -5.06 21.18
N THR A 2753 40.97 -5.20 22.11
CA THR A 2753 41.67 -6.46 22.25
C THR A 2753 40.81 -7.52 22.94
N GLU A 2754 39.96 -7.10 23.88
CA GLU A 2754 39.08 -8.05 24.56
C GLU A 2754 38.01 -8.58 23.62
N TRP A 2755 37.52 -7.73 22.72
CA TRP A 2755 36.55 -8.19 21.73
C TRP A 2755 37.16 -9.19 20.76
N SER A 2756 38.44 -9.05 20.45
CA SER A 2756 39.11 -10.01 19.58
C SER A 2756 39.41 -11.32 20.29
N ALA A 2757 39.74 -11.27 21.59
CA ALA A 2757 39.96 -12.50 22.33
C ALA A 2757 38.67 -13.30 22.48
N MET A 2758 37.55 -12.61 22.68
CA MET A 2758 36.26 -13.31 22.74
C MET A 2758 35.88 -13.92 21.41
N HIS A 2759 36.27 -13.27 20.30
CA HIS A 2759 35.99 -13.83 18.98
C HIS A 2759 36.72 -15.15 18.78
N THR A 2760 37.98 -15.22 19.19
CA THR A 2760 38.76 -16.45 19.02
C THR A 2760 38.30 -17.54 19.98
N GLY A 2761 38.00 -17.16 21.22
CA GLY A 2761 37.65 -18.14 22.24
C GLY A 2761 36.28 -18.77 22.05
N LEU A 2762 35.23 -17.94 22.03
CA LEU A 2762 33.88 -18.47 21.90
C LEU A 2762 33.57 -18.89 20.46
N GLY A 2763 34.08 -18.16 19.48
CA GLY A 2763 33.70 -18.38 18.10
C GLY A 2763 34.48 -19.44 17.36
N LYS A 2764 35.80 -19.29 17.30
CA LYS A 2764 36.62 -20.16 16.47
C LYS A 2764 36.88 -21.53 17.08
N THR A 2765 36.57 -21.71 18.38
CA THR A 2765 36.78 -23.00 19.04
C THR A 2765 35.52 -23.85 19.11
N ASP A 2766 34.39 -23.35 18.60
CA ASP A 2766 33.12 -24.06 18.64
C ASP A 2766 32.76 -24.48 20.07
N LEU A 2767 32.78 -23.49 20.97
CA LEU A 2767 32.53 -23.78 22.39
C LEU A 2767 31.07 -24.10 22.66
N ALA A 2768 30.17 -23.83 21.72
CA ALA A 2768 28.75 -24.10 21.96
C ALA A 2768 28.43 -25.58 22.03
N VAL A 2769 29.33 -26.44 21.56
CA VAL A 2769 29.09 -27.89 21.61
C VAL A 2769 29.20 -28.44 23.01
N LEU A 2770 29.73 -27.68 23.95
CA LEU A 2770 29.84 -28.13 25.34
C LEU A 2770 28.54 -28.02 26.11
N ARG A 2771 27.55 -27.30 25.59
CA ARG A 2771 26.28 -27.13 26.29
C ARG A 2771 25.42 -28.39 26.27
N GLU A 2772 25.77 -29.39 25.45
CA GLU A 2772 24.98 -30.60 25.41
C GLU A 2772 25.15 -31.44 26.67
N THR A 2773 26.33 -31.41 27.29
CA THR A 2773 26.62 -32.26 28.44
C THR A 2773 26.99 -31.50 29.70
N MET A 2774 27.24 -30.20 29.61
CA MET A 2774 27.65 -29.40 30.76
C MET A 2774 26.72 -28.20 30.93
N SER A 2775 26.56 -27.77 32.18
CA SER A 2775 25.76 -26.60 32.47
C SER A 2775 26.51 -25.33 32.09
N MET A 2776 25.81 -24.20 32.16
CA MET A 2776 26.43 -22.92 31.84
C MET A 2776 27.44 -22.52 32.91
N ALA A 2777 27.23 -22.93 34.16
CA ALA A 2777 28.18 -22.60 35.22
C ALA A 2777 29.45 -23.43 35.10
N GLU A 2778 29.35 -24.67 34.61
CA GLU A 2778 30.54 -25.50 34.47
C GLU A 2778 31.46 -25.00 33.37
N ILE A 2779 30.91 -24.43 32.31
CA ILE A 2779 31.73 -23.89 31.23
C ILE A 2779 32.56 -22.71 31.73
N ARG A 2780 31.95 -21.84 32.54
CA ARG A 2780 32.69 -20.73 33.11
C ARG A 2780 33.80 -21.19 34.05
N ASP A 2781 33.68 -22.41 34.60
CA ASP A 2781 34.76 -22.96 35.42
C ASP A 2781 35.93 -23.43 34.58
N LEU A 2782 35.68 -23.90 33.36
CA LEU A 2782 36.76 -24.33 32.48
C LEU A 2782 37.65 -23.16 32.09
N LEU A 2783 37.06 -22.01 31.78
CA LEU A 2783 37.83 -20.85 31.37
C LEU A 2783 38.64 -20.25 32.52
N SER A 2784 38.24 -20.48 33.76
CA SER A 2784 38.93 -19.92 34.92
C SER A 2784 39.98 -20.86 35.51
N SER A 2785 40.16 -22.05 34.94
CA SER A 2785 41.11 -23.01 35.48
C SER A 2785 41.73 -23.80 34.34
N SER A 2786 43.05 -23.71 34.20
CA SER A 2786 43.75 -24.51 33.20
C SER A 2786 43.86 -25.97 33.62
N LYS A 2787 43.91 -26.23 34.94
CA LYS A 2787 43.98 -27.61 35.41
C LYS A 2787 42.71 -28.38 35.11
N LYS A 2788 41.56 -27.72 35.15
CA LYS A 2788 40.30 -28.38 34.82
C LYS A 2788 40.28 -28.85 33.38
N VAL A 2789 40.82 -28.04 32.47
CA VAL A 2789 40.86 -28.42 31.06
C VAL A 2789 41.74 -29.64 30.86
N LYS A 2790 42.89 -29.68 31.54
CA LYS A 2790 43.78 -30.83 31.39
C LYS A 2790 43.20 -32.08 32.04
N ASP A 2791 42.36 -31.91 33.06
CA ASP A 2791 41.73 -33.06 33.70
C ASP A 2791 40.59 -33.62 32.84
N GLU A 2792 39.86 -32.75 32.15
CA GLU A 2792 38.77 -33.22 31.31
C GLU A 2792 39.29 -34.00 30.11
N ILE A 2793 40.43 -33.58 29.56
CA ILE A 2793 41.01 -34.27 28.42
C ILE A 2793 41.44 -35.68 28.80
N SER A 2794 42.03 -35.84 29.99
CA SER A 2794 42.56 -37.14 30.39
C SER A 2794 41.45 -38.19 30.50
N THR A 2795 40.31 -37.82 31.08
CA THR A 2795 39.21 -38.78 31.20
C THR A 2795 38.52 -39.01 29.87
N LEU A 2796 38.46 -38.00 29.00
CA LEU A 2796 37.82 -38.15 27.71
C LEU A 2796 38.65 -39.04 26.78
N GLU A 2797 39.98 -38.91 26.84
CA GLU A 2797 40.84 -39.71 25.98
C GLU A 2797 40.74 -41.20 26.33
N LYS A 2798 40.65 -41.52 27.62
CA LYS A 2798 40.58 -42.91 28.03
C LYS A 2798 39.29 -43.58 27.54
N GLU A 2799 38.17 -42.86 27.62
CA GLU A 2799 36.90 -43.43 27.20
C GLU A 2799 36.88 -43.70 25.70
N ILE A 2800 37.38 -42.76 24.90
CA ILE A 2800 37.38 -42.94 23.45
C ILE A 2800 38.33 -44.04 23.03
N GLN A 2801 39.43 -44.22 23.77
CA GLN A 2801 40.40 -45.27 23.43
C GLN A 2801 39.78 -46.65 23.48
N ASN A 2802 38.90 -46.89 24.46
CA ASN A 2802 38.24 -48.18 24.57
C ASN A 2802 37.36 -48.45 23.35
N GLN A 2803 36.61 -47.45 22.91
CA GLN A 2803 35.71 -47.66 21.76
C GLN A 2803 36.49 -47.76 20.46
N ALA A 2804 37.47 -46.87 20.26
CA ALA A 2804 38.21 -46.86 19.00
C ALA A 2804 39.00 -48.14 18.78
N GLY A 2805 39.67 -48.62 19.82
CA GLY A 2805 40.45 -49.84 19.69
C GLY A 2805 41.77 -49.58 18.98
N ARG A 2806 42.03 -50.36 17.94
CA ARG A 2806 43.27 -50.23 17.18
C ARG A 2806 43.34 -48.96 16.34
N ASN A 2807 42.22 -48.28 16.13
CA ASN A 2807 42.18 -47.05 15.36
C ASN A 2807 42.37 -45.81 16.21
N TRP A 2808 42.90 -45.96 17.43
CA TRP A 2808 43.07 -44.81 18.31
C TRP A 2808 44.16 -43.88 17.80
N ASN A 2809 45.20 -44.41 17.17
CA ASN A 2809 46.30 -43.58 16.68
C ASN A 2809 45.83 -42.63 15.59
N LEU A 2810 44.98 -43.11 14.68
CA LEU A 2810 44.51 -42.27 13.58
C LEU A 2810 43.51 -41.23 14.07
N VAL A 2811 42.64 -41.59 15.01
CA VAL A 2811 41.66 -40.64 15.53
C VAL A 2811 42.35 -39.49 16.24
N GLN A 2812 43.38 -39.79 17.04
CA GLN A 2812 44.11 -38.75 17.73
C GLN A 2812 44.82 -37.82 16.75
N LYS A 2813 45.43 -38.39 15.72
CA LYS A 2813 46.18 -37.57 14.76
C LYS A 2813 45.28 -36.60 14.01
N LYS A 2814 44.12 -37.09 13.54
CA LYS A 2814 43.25 -36.24 12.74
C LYS A 2814 42.56 -35.18 13.58
N SER A 2815 42.29 -35.47 14.85
CA SER A 2815 41.64 -34.48 15.71
C SER A 2815 42.61 -33.38 16.12
N LYS A 2816 43.90 -33.68 16.19
CA LYS A 2816 44.89 -32.64 16.47
C LYS A 2816 45.13 -31.77 15.25
N GLN A 2817 45.11 -32.36 14.06
CA GLN A 2817 45.28 -31.58 12.84
C GLN A 2817 44.13 -30.60 12.63
N LEU A 2818 42.89 -31.04 12.93
CA LEU A 2818 41.74 -30.16 12.79
C LEU A 2818 41.84 -28.98 13.75
N ALA A 2819 42.28 -29.22 14.98
CA ALA A 2819 42.41 -28.13 15.94
C ALA A 2819 43.46 -27.11 15.50
N GLN A 2820 44.45 -27.55 14.71
CA GLN A 2820 45.45 -26.61 14.20
C GLN A 2820 44.83 -25.66 13.18
N TYR A 2821 43.95 -26.16 12.32
CA TYR A 2821 43.36 -25.31 11.28
C TYR A 2821 42.37 -24.31 11.86
N MET A 2822 41.60 -24.72 12.87
CA MET A 2822 40.57 -23.85 13.42
C MET A 2822 41.16 -22.63 14.13
N ILE A 2823 42.42 -22.68 14.52
CA ILE A 2823 43.06 -21.59 15.26
C ILE A 2823 44.09 -20.87 14.41
N MET A 2824 45.12 -21.58 13.95
CA MET A 2824 46.22 -20.97 13.21
C MET A 2824 46.03 -21.00 11.70
N GLY A 2825 44.99 -21.67 11.21
CA GLY A 2825 44.68 -21.64 9.79
C GLY A 2825 45.53 -22.53 8.92
N GLU A 2826 46.42 -23.34 9.51
CA GLU A 2826 47.28 -24.21 8.72
C GLU A 2826 46.50 -25.40 8.19
N VAL A 2827 46.81 -25.79 6.94
CA VAL A 2827 46.19 -26.92 6.28
C VAL A 2827 47.24 -28.01 6.14
N GLY A 2828 46.92 -29.21 6.63
CA GLY A 2828 47.80 -30.36 6.53
C GLY A 2828 47.54 -31.20 5.31
N ASN A 2829 47.79 -32.49 5.43
CA ASN A 2829 47.59 -33.45 4.35
C ASN A 2829 46.32 -34.24 4.62
N ASN A 2830 45.39 -34.23 3.66
CA ASN A 2830 44.11 -34.92 3.76
C ASN A 2830 43.33 -34.43 4.99
N LEU A 2831 43.00 -33.14 4.98
CA LEU A 2831 42.31 -32.53 6.10
C LEU A 2831 40.85 -32.98 6.14
N LEU A 2832 40.40 -33.39 7.33
CA LEU A 2832 39.00 -33.71 7.58
C LEU A 2832 38.37 -32.57 8.36
N ARG A 2833 37.27 -32.03 7.83
CA ARG A 2833 36.76 -30.75 8.29
C ARG A 2833 35.85 -30.84 9.51
N ASN A 2834 35.38 -32.03 9.88
CA ASN A 2834 34.46 -32.15 11.00
C ASN A 2834 34.56 -33.54 11.60
N ALA A 2835 33.94 -33.70 12.77
CA ALA A 2835 33.98 -34.98 13.48
C ALA A 2835 33.20 -36.07 12.76
N HIS A 2836 32.22 -35.72 11.94
CA HIS A 2836 31.48 -36.73 11.19
C HIS A 2836 32.39 -37.43 10.19
N ALA A 2837 33.28 -36.69 9.54
CA ALA A 2837 34.23 -37.30 8.62
C ALA A 2837 35.35 -38.01 9.36
N ILE A 2838 35.75 -37.50 10.53
CA ILE A 2838 36.79 -38.16 11.31
C ILE A 2838 36.29 -39.50 11.84
N SER A 2839 35.01 -39.56 12.22
CA SER A 2839 34.47 -40.80 12.77
C SER A 2839 34.50 -41.93 11.75
N ARG A 2840 34.33 -41.62 10.47
CA ARG A 2840 34.40 -42.63 9.42
C ARG A 2840 35.81 -42.84 8.88
N LEU A 2841 36.77 -41.99 9.28
CA LEU A 2841 38.16 -42.11 8.85
C LEU A 2841 38.27 -42.13 7.32
N LEU A 2842 37.62 -41.16 6.68
CA LEU A 2842 37.62 -41.09 5.22
C LEU A 2842 39.03 -40.85 4.71
N GLY A 2843 39.41 -41.61 3.68
CA GLY A 2843 40.72 -41.47 3.07
C GLY A 2843 41.84 -42.19 3.79
N GLU A 2844 41.57 -42.86 4.90
CA GLU A 2844 42.60 -43.57 5.66
C GLU A 2844 42.37 -45.08 5.64
N ARG A 2845 41.19 -45.54 6.06
CA ARG A 2845 40.87 -46.96 6.06
C ARG A 2845 39.43 -47.14 5.61
N ILE A 2846 39.15 -48.32 5.06
CA ILE A 2846 37.80 -48.65 4.65
C ILE A 2846 36.99 -49.04 5.88
N THR A 2847 35.95 -48.26 6.18
CA THR A 2847 35.17 -48.44 7.40
C THR A 2847 33.69 -48.31 7.06
N ASN A 2848 32.87 -49.16 7.66
CA ASN A 2848 31.45 -49.26 7.34
C ASN A 2848 30.55 -48.53 8.33
N GLY A 2849 31.11 -47.67 9.17
CA GLY A 2849 30.31 -46.94 10.14
C GLY A 2849 31.14 -46.03 11.02
N PRO A 2850 30.54 -45.52 12.09
CA PRO A 2850 31.30 -44.70 13.03
C PRO A 2850 32.28 -45.55 13.84
N VAL A 2851 33.56 -45.18 13.79
CA VAL A 2851 34.56 -45.90 14.57
C VAL A 2851 34.33 -45.69 16.06
N ALA A 2852 34.05 -44.45 16.46
CA ALA A 2852 33.75 -44.13 17.85
C ALA A 2852 32.50 -43.27 17.94
N ASP A 2853 32.19 -42.77 19.14
CA ASP A 2853 31.03 -41.92 19.31
C ASP A 2853 31.29 -40.55 18.70
N VAL A 2854 30.34 -40.07 17.89
CA VAL A 2854 30.49 -38.78 17.24
C VAL A 2854 30.49 -37.65 18.27
N ALA A 2855 29.58 -37.73 19.25
CA ALA A 2855 29.49 -36.67 20.25
C ALA A 2855 30.75 -36.60 21.11
N ALA A 2856 31.33 -37.76 21.44
CA ALA A 2856 32.56 -37.77 22.23
C ALA A 2856 33.72 -37.14 21.46
N ILE A 2857 33.80 -37.41 20.15
CA ILE A 2857 34.88 -36.84 19.34
C ILE A 2857 34.73 -35.33 19.24
N ASP A 2858 33.49 -34.84 19.17
CA ASP A 2858 33.26 -33.40 19.09
C ASP A 2858 33.80 -32.68 20.32
N LYS A 2859 33.59 -33.26 21.51
CA LYS A 2859 34.06 -32.63 22.74
C LYS A 2859 35.59 -32.59 22.79
N LEU A 2860 36.25 -33.66 22.34
CA LEU A 2860 37.71 -33.71 22.39
C LEU A 2860 38.33 -32.68 21.45
N ILE A 2861 37.76 -32.49 20.26
CA ILE A 2861 38.35 -31.59 19.28
C ILE A 2861 38.34 -30.15 19.80
N THR A 2862 37.21 -29.71 20.34
CA THR A 2862 37.11 -28.34 20.82
C THR A 2862 37.91 -28.12 22.10
N LEU A 2863 38.19 -29.18 22.86
CA LEU A 2863 39.07 -29.07 24.01
C LEU A 2863 40.54 -28.98 23.60
N TYR A 2864 40.90 -29.67 22.51
CA TYR A 2864 42.28 -29.58 22.00
C TYR A 2864 42.59 -28.19 21.51
N SER A 2865 41.66 -27.56 20.79
CA SER A 2865 41.91 -26.25 20.22
C SER A 2865 41.86 -25.14 21.27
N LEU A 2866 41.25 -25.40 22.43
CA LEU A 2866 41.26 -24.41 23.50
C LEU A 2866 42.65 -24.25 24.09
N GLU A 2867 43.49 -25.29 24.00
CA GLU A 2867 44.85 -25.22 24.50
C GLU A 2867 45.81 -24.54 23.54
N LEU A 2868 45.41 -24.34 22.28
CA LEU A 2868 46.26 -23.69 21.30
C LEU A 2868 46.20 -22.18 21.37
N MET A 2869 45.29 -21.62 22.16
CA MET A 2869 45.15 -20.17 22.25
C MET A 2869 46.33 -19.56 22.98
N ASN A 2870 46.58 -18.28 22.70
CA ASN A 2870 47.69 -17.57 23.32
C ASN A 2870 47.50 -17.46 24.83
N LYS A 2871 48.62 -17.51 25.55
CA LYS A 2871 48.56 -17.40 27.00
C LYS A 2871 48.00 -16.06 27.44
N SER A 2872 48.39 -14.98 26.76
CA SER A 2872 47.83 -13.67 27.06
C SER A 2872 46.34 -13.62 26.74
N ASP A 2873 45.94 -14.26 25.64
CA ASP A 2873 44.52 -14.26 25.27
C ASP A 2873 43.68 -15.00 26.30
N ARG A 2874 44.17 -16.15 26.79
CA ARG A 2874 43.42 -16.91 27.78
C ARG A 2874 43.26 -16.15 29.09
N ASP A 2875 44.25 -15.33 29.45
CA ASP A 2875 44.16 -14.56 30.68
C ASP A 2875 43.04 -13.53 30.63
N LEU A 2876 42.79 -12.94 29.46
CA LEU A 2876 41.71 -11.98 29.32
C LEU A 2876 40.35 -12.64 29.55
N LEU A 2877 40.17 -13.85 29.03
CA LEU A 2877 38.89 -14.54 29.17
C LEU A 2877 38.64 -14.99 30.60
N SER A 2878 39.71 -15.30 31.35
CA SER A 2878 39.54 -15.75 32.72
C SER A 2878 38.93 -14.67 33.61
N GLU A 2879 39.39 -13.42 33.45
CA GLU A 2879 38.87 -12.34 34.27
C GLU A 2879 37.44 -11.98 33.91
N LEU A 2880 37.12 -12.02 32.61
CA LEU A 2880 35.75 -11.71 32.18
C LEU A 2880 34.76 -12.75 32.69
N ALA A 2881 35.17 -14.02 32.74
CA ALA A 2881 34.29 -15.09 33.20
C ALA A 2881 33.99 -15.02 34.69
N GLN A 2882 34.69 -14.19 35.44
CA GLN A 2882 34.49 -14.08 36.88
C GLN A 2882 33.85 -12.78 37.33
N SER A 2883 34.01 -11.70 36.57
CA SER A 2883 33.46 -10.40 36.94
C SER A 2883 32.31 -9.96 36.05
N GLU A 2884 31.99 -10.73 35.02
CA GLU A 2884 30.92 -10.40 34.06
C GLU A 2884 30.03 -11.62 33.83
N VAL A 2885 29.58 -12.23 34.92
CA VAL A 2885 28.88 -13.51 34.85
C VAL A 2885 27.63 -13.39 33.98
N GLU A 2886 26.83 -12.35 34.20
CA GLU A 2886 25.59 -12.23 33.44
C GLU A 2886 25.86 -11.89 31.97
N GLY A 2887 26.89 -11.09 31.69
CA GLY A 2887 27.21 -10.77 30.31
C GLY A 2887 27.76 -11.95 29.54
N MET A 2888 28.61 -12.76 30.18
CA MET A 2888 29.24 -13.88 29.48
C MET A 2888 28.23 -14.96 29.15
N GLU A 2889 27.30 -15.25 30.06
CA GLU A 2889 26.32 -16.30 29.81
C GLU A 2889 25.42 -15.96 28.64
N PHE A 2890 25.02 -14.68 28.52
CA PHE A 2890 24.19 -14.26 27.40
C PHE A 2890 24.94 -14.39 26.08
N SER A 2891 26.23 -14.04 26.06
CA SER A 2891 27.02 -14.14 24.84
C SER A 2891 27.18 -15.59 24.40
N ILE A 2892 27.35 -16.50 25.37
CA ILE A 2892 27.49 -17.92 25.04
C ILE A 2892 26.19 -18.44 24.45
N ALA A 2893 25.04 -18.00 24.97
CA ALA A 2893 23.75 -18.47 24.49
C ALA A 2893 23.52 -18.07 23.04
N TYR A 2894 24.05 -16.91 22.62
CA TYR A 2894 23.88 -16.48 21.23
C TYR A 2894 24.57 -17.45 20.28
N MET A 2895 25.78 -17.92 20.63
CA MET A 2895 26.48 -18.87 19.78
C MET A 2895 25.77 -20.21 19.71
N VAL A 2896 24.96 -20.56 20.72
CA VAL A 2896 24.16 -21.77 20.64
C VAL A 2896 23.06 -21.61 19.60
N GLY A 2897 22.42 -20.45 19.57
CA GLY A 2897 21.37 -20.22 18.58
C GLY A 2897 21.91 -20.18 17.16
N GLN A 2898 23.11 -19.62 16.98
CA GLN A 2898 23.72 -19.60 15.65
C GLN A 2898 24.10 -20.99 15.19
N ARG A 2899 24.44 -21.89 16.11
CA ARG A 2899 24.88 -23.23 15.74
C ARG A 2899 23.71 -24.11 15.31
N THR A 2900 22.55 -23.98 15.96
CA THR A 2900 21.40 -24.81 15.64
C THR A 2900 20.90 -24.57 14.23
N GLU A 2901 20.88 -23.30 13.79
CA GLU A 2901 20.39 -22.99 12.45
C GLU A 2901 21.26 -23.62 11.38
N GLU A 2902 22.59 -23.57 11.56
CA GLU A 2902 23.49 -24.20 10.61
C GLU A 2902 23.33 -25.73 10.63
N MET A 2903 23.17 -26.31 11.81
CA MET A 2903 23.02 -27.76 11.90
C MET A 2903 21.71 -28.22 11.29
N ARG A 2904 20.67 -27.40 11.35
CA ARG A 2904 19.39 -27.77 10.73
C ARG A 2904 19.53 -27.92 9.22
N LYS A 2905 20.25 -27.00 8.57
CA LYS A 2905 20.42 -27.05 7.13
C LYS A 2905 21.45 -28.09 6.71
N ALA A 2906 22.46 -28.33 7.55
CA ALA A 2906 23.54 -29.24 7.16
C ALA A 2906 23.10 -30.69 7.19
N LYS A 2907 22.26 -31.06 8.17
CA LYS A 2907 21.86 -32.45 8.33
C LYS A 2907 20.89 -32.92 7.26
N GLY A 2908 20.37 -32.02 6.42
CA GLY A 2908 19.42 -32.43 5.41
C GLY A 2908 20.01 -33.35 4.34
N ASP A 2909 21.25 -33.05 3.92
CA ASP A 2909 21.91 -33.80 2.87
C ASP A 2909 23.20 -34.42 3.39
N ASN A 2910 23.48 -35.64 2.96
CA ASN A 2910 24.69 -36.33 3.40
C ASN A 2910 25.94 -35.85 2.69
N ARG A 2911 25.81 -35.20 1.51
CA ARG A 2911 26.98 -34.68 0.82
C ARG A 2911 27.53 -33.44 1.51
N THR A 2912 26.64 -32.58 2.02
CA THR A 2912 27.05 -31.41 2.76
C THR A 2912 27.24 -31.67 4.24
N LEU A 2913 26.87 -32.86 4.71
CA LEU A 2913 27.08 -33.21 6.12
C LEU A 2913 28.53 -33.55 6.42
N LEU A 2914 29.23 -34.13 5.45
CA LEU A 2914 30.62 -34.53 5.63
C LEU A 2914 31.62 -33.47 5.18
N ASN A 2915 31.15 -32.30 4.73
CA ASN A 2915 32.04 -31.30 4.17
C ASN A 2915 31.95 -29.93 4.82
N HIS A 2916 30.96 -29.67 5.68
CA HIS A 2916 30.85 -28.37 6.32
C HIS A 2916 31.99 -28.16 7.32
N PHE A 2917 32.50 -26.94 7.37
CA PHE A 2917 33.60 -26.63 8.27
C PHE A 2917 33.10 -26.52 9.71
N LYS A 2918 33.92 -26.98 10.64
CA LYS A 2918 33.61 -26.90 12.06
C LYS A 2918 34.16 -25.60 12.64
N GLY A 2919 33.36 -24.95 13.47
CA GLY A 2919 33.76 -23.69 14.09
C GLY A 2919 33.92 -22.54 13.12
N TYR A 2920 32.98 -22.38 12.20
CA TYR A 2920 33.03 -21.29 11.22
C TYR A 2920 32.34 -20.05 11.79
N ILE A 2921 32.96 -18.90 11.56
CA ILE A 2921 32.40 -17.62 11.98
C ILE A 2921 32.90 -16.55 11.02
N PRO A 2922 32.03 -15.67 10.53
CA PRO A 2922 32.43 -14.74 9.46
C PRO A 2922 33.45 -13.71 9.93
N VAL A 2923 34.21 -13.22 8.95
CA VAL A 2923 35.21 -12.17 9.17
C VAL A 2923 35.28 -11.31 7.92
N GLU A 2924 35.40 -10.00 8.11
CA GLU A 2924 35.35 -9.04 7.02
C GLU A 2924 36.71 -8.38 6.82
N ASN A 2925 37.01 -8.06 5.56
CA ASN A 2925 38.27 -7.43 5.20
C ASN A 2925 38.19 -5.93 5.45
N GLN A 2926 39.20 -5.20 4.99
CA GLN A 2926 39.22 -3.74 5.10
C GLN A 2926 38.55 -3.12 3.88
N GLN A 2927 37.75 -2.09 4.11
CA GLN A 2927 37.00 -1.44 3.05
C GLN A 2927 37.94 -0.73 2.09
N GLY A 2928 38.13 -1.30 0.90
CA GLY A 2928 38.94 -0.66 -0.12
C GLY A 2928 40.05 -1.52 -0.69
N VAL A 2929 40.57 -2.44 0.11
CA VAL A 2929 41.70 -3.26 -0.32
C VAL A 2929 41.22 -4.42 -1.17
N ASN A 2930 42.15 -5.08 -1.87
CA ASN A 2930 41.84 -6.21 -2.72
C ASN A 2930 43.07 -7.09 -2.84
N LEU A 2931 42.85 -8.41 -2.81
CA LEU A 2931 43.93 -9.37 -2.95
C LEU A 2931 43.48 -10.47 -3.90
N ILE A 2932 44.29 -10.73 -4.93
CA ILE A 2932 43.98 -11.74 -5.93
C ILE A 2932 45.20 -12.63 -6.16
N ILE A 2933 44.95 -13.79 -6.77
CA ILE A 2933 46.00 -14.69 -7.22
C ILE A 2933 45.83 -14.85 -8.73
N ALA A 2934 46.88 -14.50 -9.49
CA ALA A 2934 46.78 -14.45 -10.94
C ALA A 2934 48.03 -15.06 -11.56
N ASP A 2935 47.88 -15.51 -12.81
CA ASP A 2935 49.01 -16.04 -13.56
C ASP A 2935 49.99 -14.93 -13.90
N ASP A 2936 51.28 -15.26 -13.85
CA ASP A 2936 52.31 -14.25 -14.04
C ASP A 2936 52.34 -13.75 -15.49
N LYS A 2937 52.28 -14.68 -16.45
CA LYS A 2937 52.38 -14.29 -17.86
C LYS A 2937 51.19 -13.47 -18.31
N GLU A 2938 49.98 -13.87 -17.89
CA GLU A 2938 48.79 -13.14 -18.30
C GLU A 2938 48.70 -11.77 -17.64
N PHE A 2939 49.23 -11.64 -16.42
CA PHE A 2939 49.17 -10.37 -15.72
C PHE A 2939 50.17 -9.37 -16.27
N ALA A 2940 51.27 -9.84 -16.86
CA ALA A 2940 52.30 -8.92 -17.36
C ALA A 2940 51.80 -8.09 -18.53
N LYS A 2941 51.04 -8.71 -19.43
CA LYS A 2941 50.62 -8.01 -20.65
C LYS A 2941 49.55 -6.96 -20.38
N LEU A 2942 48.91 -6.99 -19.21
CA LEU A 2942 47.92 -5.96 -18.89
C LEU A 2942 48.57 -4.65 -18.52
N ASN A 2943 49.79 -4.70 -17.96
CA ASN A 2943 50.55 -3.50 -17.59
C ASN A 2943 49.77 -2.61 -16.61
N SER A 2944 49.06 -3.25 -15.68
CA SER A 2944 48.33 -2.51 -14.67
C SER A 2944 49.29 -1.80 -13.72
N GLN A 2945 48.89 -0.61 -13.27
CA GLN A 2945 49.71 0.22 -12.40
C GLN A 2945 49.12 0.34 -10.99
N SER A 2946 48.23 -0.56 -10.61
CA SER A 2946 47.61 -0.54 -9.29
C SER A 2946 47.88 -1.79 -8.47
N PHE A 2947 48.65 -2.75 -8.99
CA PHE A 2947 48.92 -4.01 -8.31
C PHE A 2947 50.40 -4.14 -8.02
N THR A 2948 50.72 -4.74 -6.87
CA THR A 2948 52.09 -4.97 -6.45
C THR A 2948 52.25 -6.43 -6.08
N ARG A 2949 53.26 -7.09 -6.63
CA ARG A 2949 53.52 -8.49 -6.32
C ARG A 2949 54.14 -8.61 -4.93
N ILE A 2950 53.52 -9.40 -4.06
CA ILE A 2950 53.94 -9.55 -2.68
C ILE A 2950 54.38 -10.97 -2.35
N GLY A 2951 54.44 -11.86 -3.33
CA GLY A 2951 54.85 -13.23 -3.06
C GLY A 2951 54.57 -14.12 -4.25
N THR A 2952 54.99 -15.37 -4.11
CA THR A 2952 54.81 -16.37 -5.15
C THR A 2952 53.99 -17.53 -4.62
N TYR A 2953 53.31 -18.22 -5.53
CA TYR A 2953 52.44 -19.35 -5.20
C TYR A 2953 53.19 -20.64 -5.53
N GLN A 2954 53.55 -21.38 -4.49
CA GLN A 2954 54.34 -22.60 -4.70
C GLN A 2954 53.46 -23.77 -5.13
N GLY A 2955 52.31 -23.96 -4.49
CA GLY A 2955 51.45 -25.08 -4.80
C GLY A 2955 51.95 -26.37 -4.20
N SER A 2956 51.32 -27.46 -4.62
CA SER A 2956 51.65 -28.80 -4.18
C SER A 2956 52.32 -29.58 -5.30
N THR A 2957 52.86 -30.75 -4.95
CA THR A 2957 53.53 -31.61 -5.92
C THR A 2957 52.58 -32.54 -6.66
N GLY A 2958 51.31 -32.61 -6.26
CA GLY A 2958 50.35 -33.46 -6.93
C GLY A 2958 49.75 -32.87 -8.19
N PHE A 2959 49.89 -31.56 -8.41
CA PHE A 2959 49.36 -30.90 -9.59
C PHE A 2959 50.43 -29.98 -10.17
N ARG A 2960 50.56 -30.00 -11.49
CA ARG A 2960 51.53 -29.18 -12.20
C ARG A 2960 50.80 -28.08 -12.96
N THR A 2961 51.28 -26.85 -12.80
CA THR A 2961 50.65 -25.69 -13.45
C THR A 2961 51.71 -24.61 -13.61
N GLY A 2962 51.32 -23.53 -14.29
CA GLY A 2962 52.22 -22.42 -14.52
C GLY A 2962 52.50 -21.63 -13.26
N SER A 2963 53.49 -20.75 -13.36
CA SER A 2963 53.88 -19.93 -12.22
C SER A 2963 52.79 -18.92 -11.88
N LYS A 2964 52.44 -18.86 -10.61
CA LYS A 2964 51.42 -17.93 -10.10
C LYS A 2964 52.03 -17.06 -9.01
N GLY A 2965 51.25 -16.08 -8.56
CA GLY A 2965 51.72 -15.18 -7.53
C GLY A 2965 50.59 -14.41 -6.89
N TYR A 2966 50.92 -13.69 -5.84
CA TYR A 2966 49.97 -12.86 -5.10
C TYR A 2966 50.15 -11.40 -5.48
N TYR A 2967 49.03 -10.72 -5.75
CA TYR A 2967 49.04 -9.30 -6.07
C TYR A 2967 48.08 -8.57 -5.16
N PHE A 2968 48.51 -7.42 -4.65
CA PHE A 2968 47.76 -6.66 -3.66
C PHE A 2968 47.52 -5.24 -4.19
N SER A 2969 46.33 -4.71 -3.88
CA SER A 2969 45.95 -3.37 -4.30
C SER A 2969 45.59 -2.55 -3.07
N PRO A 2970 46.26 -1.43 -2.82
CA PRO A 2970 45.95 -0.62 -1.62
C PRO A 2970 44.59 0.06 -1.70
N VAL A 2971 44.30 0.89 -0.69
CA VAL A 2971 42.97 1.49 -0.57
C VAL A 2971 42.64 2.32 -1.79
N ALA A 2972 41.43 2.15 -2.32
CA ALA A 2972 40.94 2.92 -3.45
C ALA A 2972 39.41 2.87 -3.42
N ALA A 2973 38.77 3.33 -4.49
CA ALA A 2973 37.33 3.30 -4.63
C ALA A 2973 36.94 2.26 -5.68
N ARG A 2974 35.99 1.41 -5.33
CA ARG A 2974 35.58 0.29 -6.18
C ARG A 2974 34.15 0.48 -6.65
N ALA A 2975 33.81 -0.24 -7.71
CA ALA A 2975 32.46 -0.19 -8.26
C ALA A 2975 31.45 -0.75 -7.27
N PRO A 2976 30.23 -0.21 -7.25
CA PRO A 2976 29.23 -0.70 -6.30
C PRO A 2976 28.84 -2.14 -6.57
N TYR A 2977 28.45 -2.83 -5.50
CA TYR A 2977 27.96 -4.21 -5.56
C TYR A 2977 29.01 -5.16 -6.15
N SER A 2978 30.29 -4.89 -5.88
CA SER A 2978 31.37 -5.76 -6.30
C SER A 2978 32.20 -6.29 -5.15
N GLN A 2979 32.12 -5.69 -3.97
CA GLN A 2979 32.86 -6.15 -2.80
C GLN A 2979 32.08 -5.78 -1.55
N GLY A 2980 32.39 -6.45 -0.46
CA GLY A 2980 31.71 -6.24 0.81
C GLY A 2980 30.54 -7.16 1.06
N ILE A 2981 30.07 -7.89 0.04
CA ILE A 2981 28.99 -8.85 0.19
C ILE A 2981 29.44 -10.17 -0.42
N LEU A 2982 28.77 -11.25 -0.01
CA LEU A 2982 29.12 -12.57 -0.52
C LEU A 2982 28.74 -12.72 -2.00
N GLN A 2983 27.69 -12.03 -2.43
CA GLN A 2983 27.21 -12.09 -3.82
C GLN A 2983 27.02 -13.53 -4.29
N ASN A 2984 26.37 -14.32 -3.44
CA ASN A 2984 26.08 -15.71 -3.73
C ASN A 2984 24.57 -15.91 -3.83
N VAL A 2985 24.13 -16.67 -4.84
CA VAL A 2985 22.72 -16.94 -5.04
C VAL A 2985 22.28 -18.26 -4.40
N ARG A 2986 23.22 -19.01 -3.81
CA ARG A 2986 22.92 -20.29 -3.19
C ARG A 2986 23.08 -20.20 -1.68
N ASN A 2987 22.25 -20.94 -0.96
CA ASN A 2987 22.34 -20.98 0.49
C ASN A 2987 23.59 -21.72 0.92
N THR A 2988 24.17 -21.27 2.04
CA THR A 2988 25.38 -21.86 2.60
C THR A 2988 25.12 -22.31 4.02
N ALA A 2989 25.61 -23.51 4.35
CA ALA A 2989 25.51 -24.05 5.70
C ALA A 2989 26.88 -24.53 6.12
N GLY A 2990 27.40 -23.98 7.21
CA GLY A 2990 28.72 -24.35 7.67
C GLY A 2990 29.86 -23.79 6.84
N GLY A 2991 29.61 -22.75 6.06
CA GLY A 2991 30.62 -22.15 5.22
C GLY A 2991 30.76 -22.76 3.84
N VAL A 2992 29.96 -23.78 3.50
CA VAL A 2992 30.02 -24.44 2.21
C VAL A 2992 28.64 -24.42 1.57
N ASP A 2993 28.61 -24.60 0.26
CA ASP A 2993 27.35 -24.60 -0.48
C ASP A 2993 26.54 -25.83 -0.12
N ILE A 2994 25.23 -25.65 -0.02
CA ILE A 2994 24.32 -26.75 0.31
C ILE A 2994 24.07 -27.58 -0.93
N GLY A 2995 24.35 -28.88 -0.85
CA GLY A 2995 24.10 -29.78 -1.96
C GLY A 2995 25.35 -30.30 -2.63
N THR A 2996 26.34 -29.42 -2.80
CA THR A 2996 27.59 -29.79 -3.46
C THR A 2996 28.76 -29.92 -2.50
N GLY A 2997 28.85 -29.04 -1.51
CA GLY A 2997 29.94 -29.06 -0.55
C GLY A 2997 31.10 -28.16 -0.88
N PHE A 2998 31.03 -27.40 -1.97
CA PHE A 2998 32.11 -26.48 -2.31
C PHE A 2998 32.11 -25.30 -1.35
N THR A 2999 33.31 -24.80 -1.04
CA THR A 2999 33.46 -23.74 -0.06
C THR A 2999 33.11 -22.39 -0.66
N LEU A 3000 32.41 -21.57 0.12
CA LEU A 3000 32.05 -20.22 -0.29
C LEU A 3000 32.38 -19.15 0.75
N GLY A 3001 32.62 -19.52 2.01
CA GLY A 3001 32.92 -18.56 3.05
C GLY A 3001 34.36 -18.11 3.13
N THR A 3002 35.25 -18.67 2.31
CA THR A 3002 36.65 -18.30 2.29
C THR A 3002 37.08 -18.14 0.82
N MET A 3003 38.38 -17.92 0.63
CA MET A 3003 38.95 -17.75 -0.70
C MET A 3003 39.87 -18.91 -1.03
N VAL A 3004 39.75 -19.42 -2.25
CA VAL A 3004 40.60 -20.50 -2.75
C VAL A 3004 41.16 -20.07 -4.10
N ALA A 3005 42.31 -20.65 -4.45
CA ALA A 3005 42.97 -20.30 -5.70
C ALA A 3005 42.34 -20.97 -6.91
N GLY A 3006 41.51 -21.99 -6.71
CA GLY A 3006 40.88 -22.66 -7.82
C GLY A 3006 40.12 -23.88 -7.33
N ARG A 3007 39.62 -24.65 -8.30
CA ARG A 3007 38.87 -25.86 -8.00
C ARG A 3007 38.95 -26.80 -9.19
N ILE A 3008 39.20 -28.08 -8.92
CA ILE A 3008 39.33 -29.11 -9.95
C ILE A 3008 38.20 -30.11 -9.75
N THR A 3009 37.39 -30.31 -10.80
CA THR A 3009 36.22 -31.16 -10.70
C THR A 3009 36.13 -32.21 -11.81
N ASP A 3010 36.98 -32.17 -12.82
CA ASP A 3010 36.88 -33.14 -13.92
C ASP A 3010 37.25 -34.53 -13.43
N LYS A 3011 36.48 -35.52 -13.90
CA LYS A 3011 36.71 -36.90 -13.47
C LYS A 3011 38.07 -37.44 -13.90
N PRO A 3012 38.49 -37.34 -15.17
CA PRO A 3012 39.80 -37.91 -15.53
C PRO A 3012 40.97 -37.26 -14.81
N THR A 3013 40.90 -35.95 -14.56
CA THR A 3013 42.02 -35.26 -13.92
C THR A 3013 42.07 -35.52 -12.42
N VAL A 3014 40.91 -35.68 -11.77
CA VAL A 3014 40.88 -35.91 -10.32
C VAL A 3014 41.56 -37.24 -9.99
N GLU A 3015 41.29 -38.28 -10.78
CA GLU A 3015 41.92 -39.57 -10.55
C GLU A 3015 43.43 -39.50 -10.75
N ARG A 3016 43.90 -38.53 -11.55
CA ARG A 3016 45.34 -38.36 -11.70
C ARG A 3016 45.97 -37.77 -10.45
N ILE A 3017 45.28 -36.83 -9.81
CA ILE A 3017 45.79 -36.26 -8.56
C ILE A 3017 45.75 -37.29 -7.44
N THR A 3018 44.75 -38.18 -7.44
CA THR A 3018 44.52 -39.06 -6.30
C THR A 3018 45.70 -39.98 -6.05
N LYS A 3019 46.20 -40.64 -7.09
CA LYS A 3019 47.31 -41.58 -6.87
C LYS A 3019 48.66 -40.89 -6.83
N ALA A 3020 48.75 -39.62 -7.22
CA ALA A 3020 49.99 -38.87 -7.08
C ALA A 3020 50.25 -38.47 -5.63
N LEU A 3021 49.19 -38.17 -4.88
CA LEU A 3021 49.32 -37.82 -3.47
C LEU A 3021 49.49 -39.04 -2.57
N ALA A 3022 49.27 -40.25 -3.09
CA ALA A 3022 49.49 -41.44 -2.28
C ALA A 3022 50.97 -41.63 -1.96
N LYS A 3023 51.86 -41.13 -2.81
CA LYS A 3023 53.29 -41.21 -2.52
C LYS A 3023 53.69 -40.23 -1.43
N GLY A 3024 53.16 -39.02 -1.48
CA GLY A 3024 53.50 -38.00 -0.52
C GLY A 3024 53.20 -36.62 -1.06
N GLU A 3025 53.10 -35.67 -0.13
CA GLU A 3025 52.77 -34.29 -0.46
C GLU A 3025 53.83 -33.35 0.08
N ARG A 3026 54.20 -32.35 -0.72
CA ARG A 3026 55.17 -31.35 -0.31
C ARG A 3026 54.77 -30.00 -0.91
N GLY A 3027 54.81 -28.96 -0.10
CA GLY A 3027 54.50 -27.63 -0.55
C GLY A 3027 53.89 -26.80 0.56
N ARG A 3028 53.89 -25.48 0.35
CA ARG A 3028 53.31 -24.56 1.32
C ARG A 3028 51.80 -24.47 1.20
N GLU A 3029 51.22 -24.91 0.09
CA GLU A 3029 49.78 -24.81 -0.16
C GLU A 3029 49.25 -26.15 -0.64
N PRO A 3030 48.95 -27.06 0.28
CA PRO A 3030 48.43 -28.37 -0.11
C PRO A 3030 46.98 -28.28 -0.57
N LEU A 3031 46.54 -29.35 -1.22
CA LEU A 3031 45.18 -29.42 -1.76
C LEU A 3031 44.24 -30.07 -0.76
N MET A 3032 42.98 -29.61 -0.78
CA MET A 3032 41.95 -30.13 0.10
C MET A 3032 40.93 -30.92 -0.71
N PRO A 3033 40.60 -32.14 -0.30
CA PRO A 3033 39.66 -32.96 -1.06
C PRO A 3033 38.21 -32.74 -0.65
N ILE A 3034 37.31 -33.16 -1.54
CA ILE A 3034 35.88 -33.14 -1.32
C ILE A 3034 35.37 -34.58 -1.39
N TYR A 3035 34.68 -35.02 -0.35
CA TYR A 3035 34.32 -36.41 -0.18
C TYR A 3035 32.85 -36.66 -0.51
N ASN A 3036 32.58 -37.81 -1.12
CA ASN A 3036 31.23 -38.19 -1.52
C ASN A 3036 30.49 -38.82 -0.34
N SER A 3037 29.27 -39.26 -0.59
CA SER A 3037 28.49 -39.93 0.44
C SER A 3037 28.99 -41.35 0.69
N LYS A 3038 29.60 -41.97 -0.31
CA LYS A 3038 30.12 -43.33 -0.17
C LYS A 3038 31.58 -43.36 0.24
N GLY A 3039 32.20 -42.20 0.47
CA GLY A 3039 33.59 -42.14 0.89
C GLY A 3039 34.60 -41.93 -0.20
N GLN A 3040 34.17 -41.65 -1.43
CA GLN A 3040 35.08 -41.41 -2.54
C GLN A 3040 35.43 -39.93 -2.61
N VAL A 3041 36.23 -39.57 -3.61
CA VAL A 3041 36.67 -38.19 -3.83
C VAL A 3041 36.09 -37.71 -5.14
N VAL A 3042 35.46 -36.54 -5.13
CA VAL A 3042 34.81 -35.99 -6.31
C VAL A 3042 35.44 -34.70 -6.79
N ALA A 3043 36.31 -34.06 -6.00
CA ALA A 3043 36.90 -32.79 -6.39
C ALA A 3043 38.12 -32.52 -5.53
N TYR A 3044 38.83 -31.45 -5.88
CA TYR A 3044 39.97 -30.96 -5.12
C TYR A 3044 39.98 -29.44 -5.18
N GLU A 3045 40.64 -28.83 -4.21
CA GLU A 3045 40.69 -27.38 -4.10
C GLU A 3045 42.12 -26.93 -3.80
N GLN A 3046 42.42 -25.70 -4.21
CA GLN A 3046 43.74 -25.10 -3.97
C GLN A 3046 43.62 -24.10 -2.83
N SER A 3047 44.34 -24.38 -1.73
CA SER A 3047 44.24 -23.56 -0.54
C SER A 3047 45.07 -22.28 -0.70
N VAL A 3048 44.99 -21.42 0.32
CA VAL A 3048 45.67 -20.14 0.33
C VAL A 3048 46.56 -20.06 1.56
N ASP A 3049 47.78 -19.57 1.38
CA ASP A 3049 48.72 -19.44 2.49
C ASP A 3049 48.14 -18.53 3.57
N PRO A 3050 48.10 -18.96 4.83
CA PRO A 3050 47.54 -18.10 5.89
C PRO A 3050 48.29 -16.79 6.07
N ASN A 3051 49.58 -16.75 5.74
CA ASN A 3051 50.36 -15.53 5.95
C ASN A 3051 49.88 -14.42 5.04
N MET A 3052 49.45 -14.75 3.82
CA MET A 3052 49.00 -13.73 2.87
C MET A 3052 47.68 -13.08 3.28
N LEU A 3053 46.96 -13.64 4.25
CA LEU A 3053 45.73 -13.04 4.73
C LEU A 3053 45.97 -11.91 5.71
N LYS A 3054 47.20 -11.72 6.18
CA LYS A 3054 47.49 -10.64 7.12
C LYS A 3054 47.41 -9.28 6.46
N HIS A 3055 47.66 -9.21 5.15
CA HIS A 3055 47.64 -7.92 4.46
C HIS A 3055 46.23 -7.32 4.39
N LEU A 3056 45.20 -8.17 4.44
CA LEU A 3056 43.84 -7.69 4.27
C LEU A 3056 43.32 -6.91 5.47
N ASN A 3057 44.03 -6.92 6.59
CA ASN A 3057 43.62 -6.19 7.80
C ASN A 3057 42.20 -6.57 8.22
N GLN A 3058 41.98 -7.87 8.35
CA GLN A 3058 40.65 -8.38 8.65
C GLN A 3058 40.22 -7.98 10.05
N ASP A 3059 38.91 -7.83 10.22
CA ASP A 3059 38.31 -7.45 11.50
C ASP A 3059 37.71 -8.68 12.17
N ASN A 3060 37.88 -8.76 13.49
CA ASN A 3060 37.37 -9.88 14.29
C ASN A 3060 36.66 -9.36 15.54
N HIS A 3061 35.81 -8.36 15.37
CA HIS A 3061 35.01 -7.85 16.48
C HIS A 3061 33.86 -8.81 16.72
N PHE A 3062 33.82 -9.40 17.93
CA PHE A 3062 32.86 -10.46 18.21
C PHE A 3062 31.42 -9.95 18.11
N ALA A 3063 31.14 -8.80 18.74
CA ALA A 3063 29.77 -8.28 18.76
C ALA A 3063 29.29 -7.94 17.36
N LYS A 3064 30.16 -7.33 16.54
CA LYS A 3064 29.74 -6.89 15.21
C LYS A 3064 29.53 -8.07 14.27
N MET A 3065 30.38 -9.08 14.35
CA MET A 3065 30.30 -10.19 13.41
C MET A 3065 29.16 -11.15 13.71
N VAL A 3066 28.65 -11.16 14.95
CA VAL A 3066 27.46 -11.94 15.24
C VAL A 3066 26.23 -11.31 14.58
N GLY A 3067 26.16 -9.98 14.60
CA GLY A 3067 25.07 -9.31 13.92
C GLY A 3067 25.08 -9.53 12.42
N VAL A 3068 26.27 -9.58 11.82
CA VAL A 3068 26.39 -9.91 10.41
C VAL A 3068 25.95 -11.35 10.16
N TRP A 3069 26.24 -12.25 11.11
CA TRP A 3069 25.90 -13.65 10.94
C TRP A 3069 24.39 -13.86 10.95
N ARG A 3070 23.70 -13.29 11.95
CA ARG A 3070 22.25 -13.47 12.04
C ARG A 3070 21.52 -12.75 10.92
N GLY A 3071 21.99 -11.54 10.56
CA GLY A 3071 21.35 -10.80 9.48
C GLY A 3071 21.49 -11.45 8.13
N ARG A 3072 22.46 -12.35 7.98
CA ARG A 3072 22.65 -13.09 6.73
C ARG A 3072 21.83 -14.38 6.71
N GLN A 3073 21.62 -15.01 7.86
CA GLN A 3073 20.76 -16.18 7.91
C GLN A 3073 19.31 -15.83 7.61
N VAL A 3074 18.86 -14.65 8.06
CA VAL A 3074 17.51 -14.20 7.77
C VAL A 3074 17.32 -14.00 6.27
N GLU A 3075 18.31 -13.39 5.62
CA GLU A 3075 18.22 -13.13 4.19
C GLU A 3075 18.16 -14.42 3.40
N GLU A 3076 18.91 -15.44 3.82
CA GLU A 3076 18.87 -16.73 3.13
C GLU A 3076 17.50 -17.39 3.27
N ALA A 3077 16.86 -17.23 4.44
CA ALA A 3077 15.54 -17.82 4.64
C ALA A 3077 14.50 -17.20 3.72
N LYS A 3078 14.55 -15.87 3.54
CA LYS A 3078 13.58 -15.20 2.68
C LYS A 3078 13.71 -15.64 1.23
N ALA A 3079 14.95 -15.81 0.75
CA ALA A 3079 15.15 -16.30 -0.61
C ALA A 3079 14.69 -17.74 -0.76
N GLN A 3080 14.71 -18.51 0.32
CA GLN A 3080 14.24 -19.89 0.26
C GLN A 3080 12.72 -19.95 0.19
N ARG A 3081 12.03 -19.06 0.93
CA ARG A 3081 10.58 -19.04 0.88
C ARG A 3081 10.06 -18.55 -0.46
N PHE A 3082 10.79 -17.63 -1.11
CA PHE A 3082 10.37 -17.12 -2.41
C PHE A 3082 10.33 -18.24 -3.45
N ASN A 3083 11.27 -19.17 -3.38
CA ASN A 3083 11.27 -20.29 -4.32
C ASN A 3083 10.13 -21.25 -4.09
N ASP A 3084 9.56 -21.27 -2.88
CA ASP A 3084 8.41 -22.12 -2.61
C ASP A 3084 7.14 -21.55 -3.23
N ILE A 3085 7.00 -20.23 -3.24
CA ILE A 3085 5.82 -19.61 -3.83
C ILE A 3085 5.81 -19.81 -5.34
N LEU A 3086 6.99 -19.79 -5.97
CA LEU A 3086 7.07 -20.03 -7.40
C LEU A 3086 6.59 -21.43 -7.76
N ILE A 3087 6.87 -22.41 -6.89
CA ILE A 3087 6.39 -23.77 -7.13
C ILE A 3087 4.88 -23.83 -7.02
N GLU A 3088 4.30 -23.07 -6.09
CA GLU A 3088 2.84 -23.04 -5.98
C GLU A 3088 2.20 -22.49 -7.25
N GLN A 3089 2.78 -21.44 -7.83
CA GLN A 3089 2.27 -20.89 -9.07
C GLN A 3089 2.38 -21.90 -10.21
N LEU A 3090 3.50 -22.64 -10.25
CA LEU A 3090 3.68 -23.64 -11.30
C LEU A 3090 2.66 -24.76 -11.20
N HIS A 3091 2.23 -25.09 -9.97
CA HIS A 3091 1.20 -26.11 -9.81
C HIS A 3091 -0.17 -25.58 -10.21
N ALA A 3092 -0.44 -24.31 -9.94
CA ALA A 3092 -1.74 -23.73 -10.28
C ALA A 3092 -1.96 -23.71 -11.79
N MET A 3093 -0.93 -23.35 -12.55
CA MET A 3093 -1.05 -23.35 -14.01
C MET A 3093 -1.27 -24.77 -14.54
N TYR A 3094 -0.57 -25.75 -13.97
CA TYR A 3094 -0.72 -27.13 -14.42
C TYR A 3094 -2.10 -27.68 -14.10
N GLU A 3095 -2.72 -27.22 -13.01
CA GLU A 3095 -4.02 -27.74 -12.62
C GLU A 3095 -5.11 -27.31 -13.61
N LYS A 3096 -5.10 -26.03 -14.01
CA LYS A 3096 -6.16 -25.52 -14.88
C LYS A 3096 -6.13 -26.19 -16.25
N ASP A 3097 -4.94 -26.37 -16.81
CA ASP A 3097 -4.83 -26.92 -18.16
C ASP A 3097 -5.37 -28.35 -18.23
N ILE A 3098 -5.07 -29.16 -17.22
CA ILE A 3098 -5.59 -30.53 -17.20
C ILE A 3098 -7.10 -30.53 -17.00
N LYS A 3099 -7.60 -29.61 -16.18
CA LYS A 3099 -9.04 -29.52 -15.95
C LYS A 3099 -9.79 -29.15 -17.22
N ASP A 3100 -9.23 -28.22 -18.01
CA ASP A 3100 -9.89 -27.82 -19.25
C ASP A 3100 -9.99 -28.98 -20.23
N SER A 3101 -8.92 -29.76 -20.37
CA SER A 3101 -8.93 -30.90 -21.26
C SER A 3101 -7.83 -31.86 -20.82
N SER A 3102 -8.12 -33.17 -20.90
CA SER A 3102 -7.15 -34.18 -20.51
C SER A 3102 -6.02 -34.33 -21.52
N ALA A 3103 -6.15 -33.77 -22.71
CA ALA A 3103 -5.11 -33.87 -23.74
C ALA A 3103 -4.01 -32.83 -23.57
N ASN A 3104 -4.16 -31.89 -22.62
CA ASN A 3104 -3.15 -30.87 -22.42
C ASN A 3104 -1.88 -31.39 -21.74
N LYS A 3105 -1.91 -32.62 -21.23
CA LYS A 3105 -0.72 -33.18 -20.59
C LYS A 3105 0.38 -33.54 -21.57
N SER A 3106 0.10 -33.51 -22.87
CA SER A 3106 1.10 -33.88 -23.87
C SER A 3106 2.21 -32.85 -24.01
N GLN A 3107 2.09 -31.68 -23.39
CA GLN A 3107 3.08 -30.62 -23.50
C GLN A 3107 3.68 -30.29 -22.15
N TYR A 3108 3.93 -31.30 -21.32
CA TYR A 3108 4.55 -31.14 -20.03
C TYR A 3108 5.65 -32.16 -19.84
N VAL A 3109 6.69 -31.76 -19.12
CA VAL A 3109 7.87 -32.60 -18.87
C VAL A 3109 8.05 -32.73 -17.38
N ASN A 3110 8.26 -33.95 -16.90
CA ASN A 3110 8.49 -34.21 -15.49
C ASN A 3110 9.96 -33.93 -15.17
N LEU A 3111 10.20 -32.89 -14.37
CA LEU A 3111 11.57 -32.51 -14.05
C LEU A 3111 12.24 -33.52 -13.14
N LEU A 3112 11.53 -33.99 -12.10
CA LEU A 3112 12.11 -34.91 -11.14
C LEU A 3112 12.17 -36.34 -11.64
N GLY A 3113 11.54 -36.64 -12.77
CA GLY A 3113 11.61 -37.98 -13.34
C GLY A 3113 12.95 -38.25 -14.01
N LYS A 3114 12.96 -39.21 -14.94
CA LYS A 3114 14.20 -39.53 -15.65
C LYS A 3114 14.54 -38.40 -16.61
N ILE A 3115 15.80 -37.99 -16.61
CA ILE A 3115 16.30 -36.91 -17.47
C ILE A 3115 17.29 -37.50 -18.46
N ASP A 3116 17.06 -37.27 -19.75
CA ASP A 3116 17.92 -37.86 -20.77
C ASP A 3116 19.28 -37.16 -20.83
N ASP A 3117 19.29 -35.83 -20.69
CA ASP A 3117 20.53 -35.08 -20.79
C ASP A 3117 21.41 -35.35 -19.57
N PRO A 3118 22.64 -35.82 -19.75
CA PRO A 3118 23.47 -36.19 -18.59
C PRO A 3118 23.88 -34.99 -17.73
N VAL A 3119 24.35 -33.91 -18.38
CA VAL A 3119 24.78 -32.74 -17.63
C VAL A 3119 23.60 -32.11 -16.90
N LEU A 3120 22.43 -32.09 -17.53
CA LEU A 3120 21.23 -31.57 -16.86
C LEU A 3120 20.83 -32.47 -15.69
N ALA A 3121 20.93 -33.80 -15.88
CA ALA A 3121 20.51 -34.73 -14.84
C ALA A 3121 21.36 -34.60 -13.58
N ASP A 3122 22.67 -34.42 -13.75
CA ASP A 3122 23.56 -34.33 -12.59
C ASP A 3122 23.24 -33.11 -11.74
N ALA A 3123 22.96 -31.97 -12.39
CA ALA A 3123 22.61 -30.76 -11.65
C ALA A 3123 21.29 -30.91 -10.91
N ILE A 3124 20.39 -31.76 -11.42
CA ILE A 3124 19.11 -31.97 -10.75
C ILE A 3124 19.30 -32.73 -9.43
N ASN A 3125 20.23 -33.69 -9.43
CA ASN A 3125 20.45 -34.49 -8.22
C ASN A 3125 20.96 -33.65 -7.07
N LEU A 3126 21.87 -32.71 -7.35
CA LEU A 3126 22.44 -31.85 -6.32
C LEU A 3126 21.54 -30.67 -5.96
N MET A 3127 20.29 -30.69 -6.39
CA MET A 3127 19.34 -29.62 -6.07
C MET A 3127 19.04 -29.61 -4.58
N ASN A 3128 18.73 -28.42 -4.07
CA ASN A 3128 18.48 -28.23 -2.64
C ASN A 3128 17.36 -29.16 -2.17
N ILE A 3129 17.57 -29.77 -1.00
CA ILE A 3129 16.61 -30.74 -0.49
C ILE A 3129 15.36 -30.06 0.09
N GLU A 3130 15.45 -28.79 0.46
CA GLU A 3130 14.29 -28.11 1.02
C GLU A 3130 13.26 -27.80 -0.05
N THR A 3131 13.71 -27.47 -1.27
CA THR A 3131 12.79 -27.24 -2.38
C THR A 3131 12.24 -28.55 -2.94
N ARG A 3132 13.01 -29.63 -2.83
CA ARG A 3132 12.54 -30.92 -3.33
C ARG A 3132 11.32 -31.41 -2.57
N HIS A 3133 11.32 -31.27 -1.25
CA HIS A 3133 10.19 -31.73 -0.45
C HIS A 3133 8.95 -30.88 -0.68
N LYS A 3134 9.13 -29.58 -0.88
CA LYS A 3134 7.99 -28.70 -1.15
C LYS A 3134 7.31 -29.06 -2.46
N ALA A 3135 8.10 -29.34 -3.50
CA ALA A 3135 7.53 -29.74 -4.78
C ALA A 3135 6.79 -31.07 -4.68
N GLU A 3136 7.34 -32.01 -3.90
CA GLU A 3136 6.68 -33.30 -3.75
C GLU A 3136 5.41 -33.20 -2.92
N GLU A 3137 5.32 -32.19 -2.04
CA GLU A 3137 4.13 -32.04 -1.20
C GLU A 3137 2.90 -31.72 -2.05
N LEU A 3138 3.04 -30.87 -3.06
CA LEU A 3138 1.92 -30.46 -3.89
C LEU A 3138 1.65 -31.42 -5.04
N PHE A 3139 2.70 -31.85 -5.74
CA PHE A 3139 2.51 -32.68 -6.93
C PHE A 3139 2.31 -34.15 -6.57
N GLY A 3140 3.29 -34.76 -5.93
CA GLY A 3140 3.22 -36.17 -5.59
C GLY A 3140 4.62 -36.70 -5.30
N LYS A 3141 4.78 -38.01 -5.53
CA LYS A 3141 6.06 -38.68 -5.32
C LYS A 3141 6.90 -38.54 -6.58
N ASP A 3142 7.94 -37.72 -6.51
CA ASP A 3142 8.84 -37.46 -7.63
C ASP A 3142 8.07 -36.95 -8.86
N GLU A 3143 7.38 -35.83 -8.65
CA GLU A 3143 6.59 -35.20 -9.70
C GLU A 3143 6.87 -33.70 -9.73
N LEU A 3144 7.22 -33.19 -10.91
CA LEU A 3144 7.37 -31.75 -11.12
C LEU A 3144 7.17 -31.49 -12.60
N TRP A 3145 5.99 -30.99 -12.97
CA TRP A 3145 5.61 -30.81 -14.35
C TRP A 3145 5.70 -29.33 -14.73
N VAL A 3146 6.37 -29.06 -15.85
CA VAL A 3146 6.51 -27.70 -16.37
C VAL A 3146 6.24 -27.73 -17.87
N ARG A 3147 5.92 -26.55 -18.42
CA ARG A 3147 5.67 -26.43 -19.84
C ARG A 3147 6.96 -26.64 -20.63
N ARG A 3148 6.86 -27.37 -21.74
CA ARG A 3148 8.05 -27.68 -22.53
C ARG A 3148 8.55 -26.45 -23.27
N ASP A 3149 7.65 -25.62 -23.78
CA ASP A 3149 8.07 -24.43 -24.50
C ASP A 3149 8.78 -23.44 -23.57
N MET A 3150 8.26 -23.28 -22.35
CA MET A 3150 8.90 -22.36 -21.41
C MET A 3150 10.23 -22.91 -20.90
N LEU A 3151 10.40 -24.24 -20.91
CA LEU A 3151 11.65 -24.83 -20.47
C LEU A 3151 12.76 -24.69 -21.51
N ASN A 3152 12.40 -24.71 -22.80
CA ASN A 3152 13.42 -24.59 -23.85
C ASN A 3152 14.09 -23.23 -23.81
N ASP A 3153 13.34 -22.18 -23.50
CA ASP A 3153 13.92 -20.85 -23.41
C ASP A 3153 14.97 -20.76 -22.31
N ALA A 3154 14.70 -21.40 -21.16
CA ALA A 3154 15.63 -21.38 -20.04
C ALA A 3154 16.93 -22.12 -20.31
N LEU A 3155 16.97 -22.93 -21.38
CA LEU A 3155 18.16 -23.70 -21.73
C LEU A 3155 18.70 -23.31 -23.10
N GLY A 3156 18.49 -22.06 -23.51
CA GLY A 3156 19.06 -21.58 -24.75
C GLY A 3156 20.48 -21.09 -24.67
N TYR A 3157 21.04 -21.02 -23.46
CA TYR A 3157 22.40 -20.52 -23.28
C TYR A 3157 23.45 -21.56 -23.67
N ARG A 3158 23.17 -22.85 -23.44
CA ARG A 3158 24.19 -23.88 -23.59
C ARG A 3158 24.63 -24.07 -25.03
N ALA A 3159 23.85 -23.62 -26.00
CA ALA A 3159 24.23 -23.75 -27.39
C ALA A 3159 25.35 -22.79 -27.81
N ALA A 3160 25.69 -21.82 -26.96
CA ALA A 3160 26.70 -20.83 -27.29
C ALA A 3160 27.84 -20.74 -26.29
N SER A 3161 27.75 -21.39 -25.13
CA SER A 3161 28.76 -21.28 -24.09
C SER A 3161 29.42 -22.64 -23.84
N ILE A 3162 30.69 -22.59 -23.44
CA ILE A 3162 31.46 -23.78 -23.09
C ILE A 3162 32.17 -23.51 -21.77
N GLY A 3163 32.56 -24.59 -21.10
CA GLY A 3163 33.24 -24.51 -19.82
C GLY A 3163 32.31 -24.89 -18.68
N ASP A 3164 32.87 -24.78 -17.47
CA ASP A 3164 32.16 -25.11 -16.24
C ASP A 3164 32.16 -23.90 -15.33
N VAL A 3165 31.02 -23.64 -14.69
CA VAL A 3165 30.90 -22.47 -13.82
C VAL A 3165 31.72 -22.66 -12.55
N TRP A 3166 31.67 -23.85 -11.95
CA TRP A 3166 32.33 -24.06 -10.67
C TRP A 3166 33.85 -23.95 -10.80
N THR A 3167 34.42 -24.45 -11.90
CA THR A 3167 35.86 -24.31 -12.11
C THR A 3167 36.24 -22.85 -12.31
N GLY A 3168 35.41 -22.09 -13.03
CA GLY A 3168 35.66 -20.69 -13.25
C GLY A 3168 36.21 -20.32 -14.61
N ASN A 3169 36.01 -21.16 -15.62
CA ASN A 3169 36.52 -20.93 -16.97
C ASN A 3169 35.40 -21.05 -17.99
N SER A 3170 34.26 -20.44 -17.69
CA SER A 3170 33.11 -20.45 -18.59
C SER A 3170 33.19 -19.24 -19.50
N ARG A 3171 33.35 -19.49 -20.80
CA ARG A 3171 33.50 -18.43 -21.80
C ARG A 3171 32.60 -18.73 -22.99
N TRP A 3172 32.39 -17.70 -23.81
CA TRP A 3172 31.65 -17.88 -25.05
C TRP A 3172 32.45 -18.71 -26.05
N SER A 3173 31.74 -19.49 -26.84
CA SER A 3173 32.39 -20.31 -27.86
C SER A 3173 33.00 -19.42 -28.94
N PRO A 3174 34.06 -19.88 -29.61
CA PRO A 3174 34.67 -19.07 -30.67
C PRO A 3174 33.72 -18.72 -31.80
N SER A 3175 32.73 -19.57 -32.07
CA SER A 3175 31.73 -19.24 -33.08
C SER A 3175 30.91 -18.02 -32.67
N THR A 3176 30.56 -17.94 -31.39
CA THR A 3176 29.76 -16.80 -30.90
C THR A 3176 30.53 -15.49 -31.03
N LEU A 3177 31.81 -15.49 -30.67
CA LEU A 3177 32.60 -14.26 -30.70
C LEU A 3177 32.72 -13.71 -32.10
N ASP A 3178 32.97 -14.58 -33.08
CA ASP A 3178 33.09 -14.13 -34.47
C ASP A 3178 31.78 -13.61 -35.04
N THR A 3179 30.66 -13.88 -34.38
CA THR A 3179 29.37 -13.33 -34.79
C THR A 3179 29.10 -11.98 -34.15
N VAL A 3180 29.40 -11.83 -32.86
CA VAL A 3180 29.20 -10.55 -32.18
C VAL A 3180 30.22 -9.52 -32.66
N LYS A 3181 31.46 -9.94 -32.87
CA LYS A 3181 32.53 -9.02 -33.24
C LYS A 3181 32.23 -8.33 -34.57
N LYS A 3182 31.74 -9.09 -35.55
CA LYS A 3182 31.42 -8.51 -36.85
C LYS A 3182 30.22 -7.57 -36.79
N MET A 3183 29.37 -7.72 -35.78
CA MET A 3183 28.19 -6.86 -35.67
C MET A 3183 28.54 -5.47 -35.15
N PHE A 3184 29.47 -5.39 -34.19
CA PHE A 3184 29.84 -4.10 -33.62
C PHE A 3184 30.60 -3.25 -34.63
N LEU A 3185 31.38 -3.86 -35.51
CA LEU A 3185 32.09 -3.11 -36.54
C LEU A 3185 31.11 -2.43 -37.49
N GLY A 3186 30.06 -3.14 -37.90
CA GLY A 3186 29.07 -2.55 -38.79
C GLY A 3186 28.28 -1.42 -38.13
N ALA A 3187 27.85 -1.63 -36.89
CA ALA A 3187 27.04 -0.63 -36.21
C ALA A 3187 27.85 0.62 -35.89
N PHE A 3188 29.03 0.44 -35.31
CA PHE A 3188 29.89 1.55 -34.95
C PHE A 3188 30.84 1.84 -36.10
N GLY A 3189 31.84 2.69 -35.87
CA GLY A 3189 32.79 3.02 -36.90
C GLY A 3189 33.94 2.02 -36.97
N ASN A 3190 34.56 1.96 -38.16
CA ASN A 3190 35.72 1.09 -38.34
C ASN A 3190 36.88 1.53 -37.46
N LYS A 3191 37.06 2.84 -37.32
CA LYS A 3191 38.11 3.35 -36.43
C LYS A 3191 37.82 3.01 -34.97
N ALA A 3192 36.53 3.03 -34.59
CA ALA A 3192 36.17 2.70 -33.22
C ALA A 3192 36.50 1.25 -32.89
N TYR A 3193 36.30 0.34 -33.85
CA TYR A 3193 36.58 -1.07 -33.60
C TYR A 3193 38.06 -1.32 -33.35
N HIS A 3194 38.94 -0.54 -33.98
CA HIS A 3194 40.38 -0.75 -33.83
C HIS A 3194 40.89 -0.34 -32.45
N VAL A 3195 40.20 0.58 -31.77
CA VAL A 3195 40.66 1.08 -30.48
C VAL A 3195 39.85 0.53 -29.31
N VAL A 3196 38.81 -0.24 -29.57
CA VAL A 3196 37.91 -0.73 -28.54
C VAL A 3196 38.06 -2.23 -28.34
N MET A 3197 38.04 -3.00 -29.43
CA MET A 3197 38.16 -4.46 -29.36
C MET A 3197 39.48 -4.95 -29.93
N ASN A 3198 40.57 -4.25 -29.64
CA ASN A 3198 41.88 -4.76 -30.02
C ASN A 3198 42.13 -6.08 -29.29
N ALA A 3199 42.55 -7.09 -30.05
CA ALA A 3199 42.69 -8.43 -29.53
C ALA A 3199 44.06 -8.73 -28.96
N GLU A 3200 44.98 -7.76 -28.99
CA GLU A 3200 46.33 -8.00 -28.49
C GLU A 3200 46.76 -6.91 -27.51
N ASN A 3201 46.19 -5.73 -27.62
CA ASN A 3201 46.63 -4.58 -26.84
C ASN A 3201 45.44 -3.95 -26.12
N THR A 3202 45.72 -3.41 -24.93
CA THR A 3202 44.72 -2.69 -24.17
C THR A 3202 44.53 -1.28 -24.73
N ILE A 3203 43.47 -0.61 -24.27
CA ILE A 3203 43.14 0.71 -24.76
C ILE A 3203 44.22 1.72 -24.39
N GLN A 3204 44.70 1.66 -23.14
CA GLN A 3204 45.66 2.65 -22.67
C GLN A 3204 46.99 2.59 -23.42
N ASN A 3205 47.30 1.45 -24.04
CA ASN A 3205 48.52 1.33 -24.82
C ASN A 3205 48.39 1.86 -26.24
N LEU A 3206 47.19 2.26 -26.65
CA LEU A 3206 46.95 2.73 -28.01
C LEU A 3206 46.67 4.23 -28.09
N VAL A 3207 46.74 4.96 -26.98
CA VAL A 3207 46.50 6.40 -26.95
C VAL A 3207 47.78 7.09 -26.51
N LYS A 3208 48.22 8.08 -27.29
CA LYS A 3208 49.45 8.80 -27.00
C LYS A 3208 49.27 10.30 -27.16
N ASP A 3209 48.07 10.81 -26.89
CA ASP A 3209 47.80 12.24 -27.00
C ASP A 3209 46.77 12.63 -25.94
N ALA A 3210 46.91 13.85 -25.41
CA ALA A 3210 46.00 14.32 -24.38
C ALA A 3210 44.59 14.55 -24.90
N LYS A 3211 44.44 14.91 -26.18
CA LYS A 3211 43.12 15.13 -26.73
C LYS A 3211 42.38 13.82 -27.02
N THR A 3212 43.13 12.79 -27.44
CA THR A 3212 42.49 11.53 -27.81
C THR A 3212 41.91 10.80 -26.61
N VAL A 3213 42.32 11.15 -25.40
CA VAL A 3213 41.76 10.50 -24.21
C VAL A 3213 40.28 10.83 -24.07
N ILE A 3214 39.91 12.10 -24.33
CA ILE A 3214 38.51 12.50 -24.20
C ILE A 3214 37.64 11.76 -25.20
N VAL A 3215 38.11 11.64 -26.45
CA VAL A 3215 37.33 10.95 -27.48
C VAL A 3215 37.16 9.48 -27.12
N VAL A 3216 38.24 8.83 -26.69
CA VAL A 3216 38.18 7.41 -26.39
C VAL A 3216 37.27 7.14 -25.20
N LYS A 3217 37.35 7.96 -24.16
CA LYS A 3217 36.51 7.78 -22.99
C LYS A 3217 35.04 8.04 -23.25
N ALA A 3218 34.70 8.61 -24.40
CA ALA A 3218 33.30 8.88 -24.74
C ALA A 3218 32.68 7.78 -25.59
N VAL A 3219 33.47 7.14 -26.45
CA VAL A 3219 32.95 6.05 -27.27
C VAL A 3219 32.67 4.80 -26.44
N VAL A 3220 33.30 4.69 -25.26
CA VAL A 3220 33.16 3.48 -24.46
C VAL A 3220 31.73 3.29 -23.99
N VAL A 3221 31.07 4.38 -23.56
CA VAL A 3221 29.74 4.26 -22.98
C VAL A 3221 28.72 3.68 -23.97
N PRO A 3222 28.60 4.17 -25.20
CA PRO A 3222 27.69 3.50 -26.15
C PRO A 3222 28.08 2.06 -26.46
N ALA A 3223 29.38 1.76 -26.47
CA ALA A 3223 29.82 0.40 -26.78
C ALA A 3223 29.39 -0.58 -25.70
N VAL A 3224 29.48 -0.17 -24.43
CA VAL A 3224 29.10 -1.06 -23.34
C VAL A 3224 27.61 -1.36 -23.40
N ASN A 3225 26.78 -0.34 -23.64
CA ASN A 3225 25.34 -0.55 -23.72
C ASN A 3225 24.97 -1.44 -24.91
N PHE A 3226 25.64 -1.24 -26.05
CA PHE A 3226 25.36 -2.06 -27.23
C PHE A 3226 25.68 -3.53 -26.98
N LEU A 3227 26.84 -3.80 -26.36
CA LEU A 3227 27.25 -5.18 -26.12
C LEU A 3227 26.48 -5.83 -24.99
N ALA A 3228 26.07 -5.06 -23.97
CA ALA A 3228 25.33 -5.62 -22.85
C ALA A 3228 23.97 -6.16 -23.29
N ASN A 3229 23.29 -5.46 -24.20
CA ASN A 3229 21.98 -5.90 -24.65
C ASN A 3229 22.07 -7.19 -25.46
N ILE A 3230 23.15 -7.38 -26.22
CA ILE A 3230 23.29 -8.60 -27.01
C ILE A 3230 23.43 -9.81 -26.10
N TYR A 3231 24.24 -9.71 -25.05
CA TYR A 3231 24.39 -10.82 -24.12
C TYR A 3231 23.09 -11.10 -23.37
N GLN A 3232 22.39 -10.03 -22.95
CA GLN A 3232 21.17 -10.21 -22.18
C GLN A 3232 20.09 -10.91 -22.99
N MET A 3233 19.93 -10.52 -24.26
CA MET A 3233 18.92 -11.15 -25.10
C MET A 3233 19.33 -12.55 -25.54
N ILE A 3234 20.62 -12.82 -25.62
CA ILE A 3234 21.08 -14.18 -25.94
C ILE A 3234 20.75 -15.11 -24.78
N GLY A 3235 20.93 -14.64 -23.54
CA GLY A 3235 20.64 -15.46 -22.38
C GLY A 3235 19.17 -15.81 -22.26
N ARG A 3236 18.27 -14.92 -22.69
CA ARG A 3236 16.84 -15.13 -22.55
C ARG A 3236 16.26 -16.06 -23.61
N GLY A 3237 17.11 -16.77 -24.35
CA GLY A 3237 16.65 -17.77 -25.29
C GLY A 3237 16.53 -17.32 -26.74
N VAL A 3238 16.82 -16.06 -27.03
CA VAL A 3238 16.78 -15.60 -28.43
C VAL A 3238 17.95 -16.21 -29.18
N PRO A 3239 17.72 -16.88 -30.31
CA PRO A 3239 18.81 -17.53 -31.03
C PRO A 3239 19.84 -16.53 -31.52
N VAL A 3240 21.10 -16.99 -31.60
CA VAL A 3240 22.19 -16.13 -32.03
C VAL A 3240 22.03 -15.73 -33.49
N LYS A 3241 21.63 -16.69 -34.35
CA LYS A 3241 21.52 -16.43 -35.77
C LYS A 3241 20.41 -15.44 -36.11
N ASP A 3242 19.45 -15.23 -35.20
CA ASP A 3242 18.40 -14.26 -35.45
C ASP A 3242 18.93 -12.84 -35.40
N ILE A 3243 19.74 -12.53 -34.38
CA ILE A 3243 20.29 -11.19 -34.23
C ILE A 3243 21.29 -10.89 -35.33
N ALA A 3244 22.07 -11.90 -35.73
CA ALA A 3244 23.14 -11.67 -36.71
C ALA A 3244 22.59 -11.22 -38.05
N VAL A 3245 21.38 -11.64 -38.41
CA VAL A 3245 20.79 -11.31 -39.71
C VAL A 3245 19.77 -10.20 -39.63
N ASN A 3246 19.47 -9.70 -38.42
CA ASN A 3246 18.44 -8.68 -38.25
C ASN A 3246 18.99 -7.30 -37.94
N ILE A 3247 20.14 -7.20 -37.27
CA ILE A 3247 20.70 -5.88 -36.96
C ILE A 3247 21.05 -5.10 -38.22
N PRO A 3248 21.76 -5.66 -39.20
CA PRO A 3248 21.97 -4.90 -40.45
C PRO A 3248 20.67 -4.54 -41.16
N ARG A 3249 19.66 -5.40 -41.10
CA ARG A 3249 18.37 -5.07 -41.69
C ARG A 3249 17.71 -3.88 -41.00
N LYS A 3250 17.76 -3.86 -39.66
CA LYS A 3250 17.14 -2.77 -38.92
C LYS A 3250 17.94 -1.49 -38.99
N THR A 3251 19.28 -1.59 -39.08
CA THR A 3251 20.10 -0.39 -39.23
C THR A 3251 19.79 0.33 -40.54
N SER A 3252 19.63 -0.43 -41.63
CA SER A 3252 19.32 0.17 -42.91
C SER A 3252 17.95 0.84 -42.90
N GLU A 3253 16.95 0.20 -42.28
CA GLU A 3253 15.62 0.77 -42.23
C GLU A 3253 15.59 2.06 -41.43
N ILE A 3254 16.32 2.10 -40.31
CA ILE A 3254 16.40 3.32 -39.52
C ILE A 3254 17.15 4.40 -40.28
N ASN A 3255 18.23 4.03 -40.97
CA ASN A 3255 19.10 5.01 -41.62
C ASN A 3255 18.30 5.85 -42.61
N GLN A 3256 17.48 5.22 -43.44
CA GLN A 3256 16.70 5.96 -44.42
C GLN A 3256 15.58 6.79 -43.79
N TYR A 3257 15.27 6.57 -42.52
CA TYR A 3257 14.17 7.30 -41.89
C TYR A 3257 14.54 8.76 -41.67
N ILE A 3258 15.72 9.03 -41.12
CA ILE A 3258 16.13 10.42 -40.90
C ILE A 3258 16.31 11.14 -42.22
N LYS A 3259 16.90 10.48 -43.21
CA LYS A 3259 17.10 11.10 -44.52
C LYS A 3259 15.77 11.46 -45.16
N SER A 3260 14.79 10.56 -45.09
CA SER A 3260 13.46 10.86 -45.60
C SER A 3260 12.77 11.92 -44.74
N ARG A 3261 12.93 11.83 -43.41
CA ARG A 3261 12.30 12.81 -42.52
C ARG A 3261 12.89 14.19 -42.71
N LEU A 3262 14.14 14.28 -43.16
CA LEU A 3262 14.80 15.58 -43.31
C LEU A 3262 14.05 16.48 -44.28
N ARG A 3263 13.60 15.93 -45.41
CA ARG A 3263 12.85 16.73 -46.37
C ARG A 3263 11.43 17.02 -45.88
N GLN A 3264 10.84 16.10 -45.12
CA GLN A 3264 9.50 16.35 -44.58
C GLN A 3264 9.53 17.34 -43.43
N ILE A 3265 10.60 17.35 -42.63
CA ILE A 3265 10.65 18.20 -41.45
C ILE A 3265 10.74 19.67 -41.82
N ASP A 3266 11.16 20.00 -43.05
CA ASP A 3266 11.23 21.38 -43.50
C ASP A 3266 10.35 21.67 -44.70
N ALA A 3267 9.65 20.67 -45.25
CA ALA A 3267 8.70 20.92 -46.32
C ALA A 3267 7.53 21.78 -45.86
N GLU A 3268 7.22 21.78 -44.56
CA GLU A 3268 6.18 22.65 -44.05
C GLU A 3268 6.56 24.12 -44.18
N ALA A 3269 7.85 24.42 -44.11
CA ALA A 3269 8.30 25.79 -44.34
C ALA A 3269 8.01 26.23 -45.77
N GLU A 3270 8.23 25.34 -46.74
CA GLU A 3270 7.86 25.63 -48.11
C GLU A 3270 6.35 25.75 -48.27
N LEU A 3271 5.58 24.96 -47.50
CA LEU A 3271 4.13 25.08 -47.53
C LEU A 3271 3.69 26.45 -47.04
N ARG A 3272 4.35 26.97 -46.01
CA ARG A 3272 4.06 28.33 -45.56
C ARG A 3272 4.38 29.35 -46.63
N ALA A 3273 5.44 29.12 -47.39
CA ALA A 3273 5.80 29.98 -48.51
C ALA A 3273 5.04 29.64 -49.79
N ALA A 3274 4.20 28.61 -49.76
CA ALA A 3274 3.40 28.21 -50.92
C ALA A 3274 1.99 28.79 -50.90
N GLU A 3275 1.72 29.73 -49.99
CA GLU A 3275 0.41 30.35 -49.92
C GLU A 3275 0.22 31.29 -51.10
N GLY A 3276 -0.24 30.74 -52.22
CA GLY A 3276 -0.30 31.47 -53.47
C GLY A 3276 -0.75 30.61 -54.64
N ASN A 3277 -0.01 30.64 -55.73
CA ASN A 3277 -0.36 29.85 -56.90
C ASN A 3277 -0.35 28.36 -56.55
N PRO A 3278 -1.26 27.57 -57.12
CA PRO A 3278 -1.33 26.14 -56.79
C PRO A 3278 -0.15 25.33 -57.29
N ASN A 3279 0.69 25.88 -58.17
CA ASN A 3279 1.82 25.13 -58.69
C ASN A 3279 2.79 24.76 -57.56
N LEU A 3280 3.05 25.69 -56.65
CA LEU A 3280 3.87 25.38 -55.48
C LEU A 3280 3.19 24.35 -54.59
N VAL A 3281 1.87 24.50 -54.40
CA VAL A 3281 1.14 23.57 -53.54
C VAL A 3281 1.11 22.17 -54.16
N ARG A 3282 0.91 22.09 -55.47
CA ARG A 3282 0.80 20.79 -56.12
C ARG A 3282 2.09 19.99 -55.98
N LYS A 3283 3.25 20.65 -56.17
CA LYS A 3283 4.53 19.96 -56.03
C LYS A 3283 4.74 19.48 -54.59
N LEU A 3284 4.42 20.33 -53.62
CA LEU A 3284 4.65 19.97 -52.22
C LEU A 3284 3.70 18.88 -51.76
N LYS A 3285 2.44 18.93 -52.18
CA LYS A 3285 1.45 17.97 -51.72
C LYS A 3285 1.81 16.54 -52.14
N THR A 3286 2.27 16.37 -53.38
CA THR A 3286 2.67 15.05 -53.83
C THR A 3286 3.93 14.56 -53.13
N GLU A 3287 4.85 15.48 -52.81
CA GLU A 3287 6.12 15.08 -52.20
C GLU A 3287 5.92 14.56 -50.79
N ILE A 3288 5.16 15.28 -49.96
CA ILE A 3288 5.02 14.90 -48.56
C ILE A 3288 4.19 13.62 -48.44
N GLN A 3289 3.16 13.47 -49.26
CA GLN A 3289 2.31 12.29 -49.17
C GLN A 3289 3.06 11.04 -49.65
N SER A 3290 3.92 11.19 -50.65
CA SER A 3290 4.68 10.05 -51.15
C SER A 3290 5.65 9.53 -50.10
N ILE A 3291 6.30 10.43 -49.36
CA ILE A 3291 7.25 10.02 -48.34
C ILE A 3291 6.54 9.26 -47.21
N THR A 3292 5.38 9.77 -46.78
CA THR A 3292 4.65 9.12 -45.70
C THR A 3292 4.20 7.71 -46.08
N ASP A 3293 3.81 7.52 -47.35
CA ASP A 3293 3.44 6.19 -47.81
C ASP A 3293 4.61 5.23 -47.73
N SER A 3294 5.83 5.72 -48.03
CA SER A 3294 7.01 4.89 -47.86
C SER A 3294 7.24 4.52 -46.40
N HIS A 3295 6.96 5.46 -45.49
CA HIS A 3295 7.10 5.18 -44.06
C HIS A 3295 6.13 4.09 -43.62
N ARG A 3296 4.93 4.07 -44.21
CA ARG A 3296 3.91 3.10 -43.82
C ARG A 3296 4.34 1.68 -44.12
N ARG A 3297 5.21 1.48 -45.11
CA ARG A 3297 5.62 0.16 -45.53
C ARG A 3297 6.83 -0.38 -44.77
N MET A 3298 7.47 0.44 -43.94
CA MET A 3298 8.64 -0.02 -43.20
C MET A 3298 8.26 -1.05 -42.15
N SER A 3299 9.15 -2.02 -41.93
CA SER A 3299 8.89 -3.09 -40.97
C SER A 3299 8.87 -2.58 -39.53
N ILE A 3300 9.48 -1.44 -39.26
CA ILE A 3300 9.50 -0.86 -37.92
C ILE A 3300 8.39 0.16 -37.72
N TRP A 3301 7.39 0.16 -38.60
CA TRP A 3301 6.31 1.15 -38.52
C TRP A 3301 5.52 1.09 -37.23
N PRO A 3302 5.11 -0.09 -36.71
CA PRO A 3302 4.29 -0.08 -35.49
C PRO A 3302 4.96 0.60 -34.30
N LEU A 3303 6.29 0.54 -34.22
CA LEU A 3303 6.98 1.28 -33.16
C LEU A 3303 6.87 2.79 -33.36
N ILE A 3304 6.83 3.24 -34.62
CA ILE A 3304 6.74 4.67 -34.89
C ILE A 3304 5.40 5.22 -34.43
N GLU A 3305 4.31 4.51 -34.71
CA GLU A 3305 2.98 5.00 -34.35
C GLU A 3305 2.83 5.15 -32.84
N ALA A 3306 3.40 4.22 -32.07
CA ALA A 3306 3.34 4.31 -30.62
C ALA A 3306 4.01 5.57 -30.08
N GLY A 3307 4.96 6.13 -30.84
CA GLY A 3307 5.61 7.37 -30.47
C GLY A 3307 6.91 7.22 -29.72
N GLU A 3308 7.17 6.04 -29.13
CA GLU A 3308 8.43 5.84 -28.42
C GLU A 3308 9.62 5.75 -29.36
N PHE A 3309 9.39 5.39 -30.62
CA PHE A 3309 10.47 5.30 -31.58
C PHE A 3309 10.91 6.65 -32.13
N SER A 3310 10.09 7.69 -31.99
CA SER A 3310 10.43 9.01 -32.49
C SER A 3310 10.26 10.07 -31.41
N SER A 3311 10.47 9.70 -30.15
CA SER A 3311 10.38 10.66 -29.06
C SER A 3311 11.47 11.72 -29.18
N ILE A 3312 12.68 11.31 -29.52
CA ILE A 3312 13.80 12.24 -29.66
C ILE A 3312 14.23 12.45 -31.10
N ALA A 3313 13.68 11.67 -32.04
CA ALA A 3313 14.01 11.89 -33.45
C ALA A 3313 13.52 13.25 -33.93
N ASP A 3314 12.31 13.64 -33.54
CA ASP A 3314 11.75 14.92 -33.92
C ASP A 3314 12.05 16.03 -32.93
N ALA A 3315 12.62 15.71 -31.76
CA ALA A 3315 12.91 16.72 -30.77
C ALA A 3315 14.01 17.68 -31.21
N GLY A 3316 14.84 17.28 -32.17
CA GLY A 3316 15.90 18.14 -32.66
C GLY A 3316 16.63 17.53 -33.85
N ILE A 3317 16.85 18.34 -34.88
CA ILE A 3317 17.48 17.89 -36.12
C ILE A 3317 18.76 18.69 -36.32
N SER A 3318 19.87 17.98 -36.50
CA SER A 3318 21.15 18.62 -36.76
C SER A 3318 21.85 17.88 -37.89
N ARG A 3319 22.73 18.60 -38.61
CA ARG A 3319 23.39 18.01 -39.76
C ARG A 3319 24.44 16.99 -39.34
N ASP A 3320 25.15 17.26 -38.24
CA ASP A 3320 26.20 16.34 -37.80
C ASP A 3320 25.64 15.02 -37.27
N ASP A 3321 24.36 14.98 -36.92
CA ASP A 3321 23.74 13.74 -36.44
C ASP A 3321 23.64 12.68 -37.53
N LEU A 3322 23.79 13.05 -38.80
CA LEU A 3322 23.80 12.06 -39.88
C LEU A 3322 24.99 11.12 -39.78
N LEU A 3323 26.06 11.52 -39.11
CA LEU A 3323 27.19 10.63 -38.91
C LEU A 3323 26.80 9.42 -38.07
N VAL A 3324 25.98 9.64 -37.04
CA VAL A 3324 25.54 8.54 -36.19
C VAL A 3324 24.75 7.51 -37.00
N ALA A 3325 23.83 7.99 -37.84
CA ALA A 3325 23.01 7.07 -38.64
C ALA A 3325 23.85 6.36 -39.69
N GLU A 3326 24.93 6.99 -40.15
CA GLU A 3326 25.77 6.37 -41.18
C GLU A 3326 26.65 5.26 -40.62
N GLY A 3327 27.13 5.41 -39.40
CA GLY A 3327 28.04 4.44 -38.81
C GLY A 3327 29.44 4.99 -38.64
N LYS A 3328 29.53 6.29 -38.34
CA LYS A 3328 30.82 6.96 -38.16
C LYS A 3328 30.91 7.56 -36.76
N ILE A 3329 30.57 6.76 -35.75
CA ILE A 3329 30.45 7.27 -34.39
C ILE A 3329 31.78 7.84 -33.90
N HIS A 3330 32.89 7.18 -34.25
CA HIS A 3330 34.19 7.65 -33.78
C HIS A 3330 34.51 9.04 -34.30
N GLU A 3331 34.28 9.27 -35.60
CA GLU A 3331 34.53 10.61 -36.16
C GLU A 3331 33.50 11.61 -35.68
N TYR A 3332 32.29 11.15 -35.35
CA TYR A 3332 31.28 12.05 -34.79
C TYR A 3332 31.69 12.58 -33.43
N MET A 3333 32.49 11.81 -32.69
CA MET A 3333 32.97 12.27 -31.38
C MET A 3333 34.08 13.30 -31.52
N GLU A 3334 34.93 13.18 -32.54
CA GLU A 3334 36.00 14.15 -32.73
C GLU A 3334 35.45 15.53 -33.09
N LYS A 3335 34.40 15.59 -33.90
CA LYS A 3335 33.84 16.87 -34.30
C LYS A 3335 33.29 17.63 -33.11
N LEU A 3336 32.59 16.93 -32.20
CA LEU A 3336 32.09 17.57 -30.99
C LEU A 3336 33.19 17.82 -29.98
N ALA A 3337 34.33 17.13 -30.09
CA ALA A 3337 35.43 17.35 -29.16
C ALA A 3337 36.14 18.66 -29.42
N ASN A 3338 36.28 19.03 -30.71
CA ASN A 3338 36.99 20.26 -31.06
C ASN A 3338 36.23 21.52 -30.65
N LYS A 3339 34.96 21.41 -30.30
CA LYS A 3339 34.20 22.56 -29.82
C LYS A 3339 34.49 22.88 -28.36
N LEU A 3340 35.23 22.03 -27.66
CA LEU A 3340 35.57 22.26 -26.28
C LEU A 3340 36.63 23.38 -26.18
N PRO A 3341 36.70 24.05 -25.02
CA PRO A 3341 37.73 25.07 -24.84
C PRO A 3341 39.12 24.45 -24.85
N GLU A 3342 40.11 25.28 -25.21
CA GLU A 3342 41.48 24.82 -25.33
C GLU A 3342 42.02 24.32 -24.00
N LYS A 3343 41.71 25.02 -22.91
CA LYS A 3343 42.19 24.62 -21.60
C LYS A 3343 41.55 23.33 -21.10
N VAL A 3344 40.40 22.95 -21.64
CA VAL A 3344 39.74 21.72 -21.25
C VAL A 3344 40.20 20.55 -22.11
N ARG A 3345 40.38 20.78 -23.41
CA ARG A 3345 40.77 19.69 -24.31
C ARG A 3345 42.15 19.13 -23.99
N ASN A 3346 43.04 19.96 -23.47
CA ASN A 3346 44.41 19.54 -23.19
C ASN A 3346 44.60 18.99 -21.78
N ALA A 3347 43.53 18.86 -21.00
CA ALA A 3347 43.65 18.28 -19.67
C ALA A 3347 43.60 16.77 -19.68
N GLY A 3348 43.30 16.15 -20.82
CA GLY A 3348 43.32 14.70 -20.91
C GLY A 3348 42.37 14.04 -19.94
N ARG A 3349 42.89 13.08 -19.19
CA ARG A 3349 42.08 12.33 -18.23
C ARG A 3349 41.65 13.18 -17.04
N TYR A 3350 42.25 14.36 -16.84
CA TYR A 3350 41.86 15.26 -15.77
C TYR A 3350 40.75 16.22 -16.17
N ALA A 3351 40.33 16.20 -17.43
CA ALA A 3351 39.35 17.17 -17.90
C ALA A 3351 37.96 16.83 -17.38
N LEU A 3352 37.28 17.82 -16.81
CA LEU A 3352 35.92 17.66 -16.33
C LEU A 3352 34.96 18.20 -17.37
N ILE A 3353 34.07 17.35 -17.86
CA ILE A 3353 33.12 17.71 -18.91
C ILE A 3353 31.79 18.08 -18.24
N ALA A 3354 31.26 19.24 -18.59
CA ALA A 3354 30.02 19.72 -18.03
C ALA A 3354 28.82 19.18 -18.81
N LYS A 3355 27.65 19.26 -18.18
CA LYS A 3355 26.41 18.80 -18.80
C LYS A 3355 25.88 19.76 -19.85
N ASP A 3356 26.41 20.98 -19.92
CA ASP A 3356 25.95 21.98 -20.87
C ASP A 3356 26.68 21.90 -22.22
N THR A 3357 27.79 21.19 -22.30
CA THR A 3357 28.56 21.15 -23.54
C THR A 3357 27.89 20.25 -24.57
N ALA A 3358 28.32 20.40 -25.83
CA ALA A 3358 27.74 19.63 -26.92
C ALA A 3358 28.19 18.18 -26.91
N LEU A 3359 29.42 17.90 -26.47
CA LEU A 3359 29.90 16.53 -26.42
C LEU A 3359 29.10 15.71 -25.41
N PHE A 3360 28.69 16.32 -24.29
CA PHE A 3360 27.91 15.62 -23.29
C PHE A 3360 26.58 15.14 -23.86
N GLN A 3361 25.89 16.01 -24.61
CA GLN A 3361 24.61 15.64 -25.19
C GLN A 3361 24.75 14.76 -26.42
N GLY A 3362 25.94 14.73 -27.03
CA GLY A 3362 26.18 13.81 -28.13
C GLY A 3362 26.18 12.37 -27.67
N ILE A 3363 26.76 12.11 -26.49
CA ILE A 3363 26.77 10.76 -25.94
C ILE A 3363 25.36 10.27 -25.66
N GLN A 3364 24.53 11.15 -25.10
CA GLN A 3364 23.15 10.77 -24.79
C GLN A 3364 22.36 10.42 -26.06
N LYS A 3365 22.60 11.16 -27.13
CA LYS A 3365 21.93 10.85 -28.40
C LYS A 3365 22.31 9.48 -28.92
N THR A 3366 23.60 9.12 -28.78
CA THR A 3366 24.04 7.81 -29.26
C THR A 3366 23.50 6.68 -28.39
N VAL A 3367 23.35 6.91 -27.09
CA VAL A 3367 22.83 5.88 -26.19
C VAL A 3367 21.40 5.52 -26.57
N GLU A 3368 20.56 6.53 -26.82
CA GLU A 3368 19.20 6.27 -27.27
C GLU A 3368 19.15 5.70 -28.68
N TYR A 3369 20.22 5.88 -29.46
CA TYR A 3369 20.29 5.22 -30.76
C TYR A 3369 20.56 3.73 -30.63
N SER A 3370 21.16 3.30 -29.52
CA SER A 3370 21.31 1.86 -29.29
C SER A 3370 19.99 1.24 -28.86
N ASP A 3371 19.19 1.98 -28.08
CA ASP A 3371 17.84 1.52 -27.74
C ASP A 3371 16.92 1.55 -28.95
N PHE A 3372 17.27 2.31 -29.99
CA PHE A 3372 16.54 2.26 -31.25
C PHE A 3372 16.50 0.85 -31.80
N ILE A 3373 17.60 0.11 -31.68
CA ILE A 3373 17.73 -1.20 -32.30
C ILE A 3373 17.30 -2.28 -31.32
N ALA A 3374 17.42 -2.00 -30.03
CA ALA A 3374 17.08 -2.99 -29.01
C ALA A 3374 15.60 -3.34 -29.05
N LYS A 3375 14.73 -2.31 -29.09
CA LYS A 3375 13.30 -2.57 -29.13
C LYS A 3375 12.86 -3.17 -30.45
N ALA A 3376 13.55 -2.84 -31.54
CA ALA A 3376 13.17 -3.38 -32.85
C ALA A 3376 13.35 -4.90 -32.90
N ILE A 3377 14.46 -5.41 -32.35
CA ILE A 3377 14.69 -6.85 -32.36
C ILE A 3377 13.73 -7.57 -31.43
N ILE A 3378 13.48 -6.98 -30.25
CA ILE A 3378 12.61 -7.63 -29.27
C ILE A 3378 11.18 -7.72 -29.80
N TYR A 3379 10.70 -6.65 -30.45
CA TYR A 3379 9.33 -6.63 -30.96
C TYR A 3379 9.13 -7.73 -32.00
N ASP A 3380 10.12 -7.94 -32.88
CA ASP A 3380 10.03 -9.01 -33.86
C ASP A 3380 10.01 -10.38 -33.19
N ASP A 3381 10.82 -10.56 -32.14
CA ASP A 3381 10.91 -11.85 -31.47
C ASP A 3381 9.57 -12.24 -30.85
N LEU A 3382 8.89 -11.30 -30.20
CA LEU A 3382 7.63 -11.59 -29.56
C LEU A 3382 6.48 -11.79 -30.54
N VAL A 3383 6.69 -11.48 -31.82
CA VAL A 3383 5.64 -11.59 -32.82
C VAL A 3383 5.90 -12.74 -33.79
N LYS A 3384 7.14 -12.89 -34.25
CA LYS A 3384 7.45 -13.89 -35.28
C LYS A 3384 7.45 -15.30 -34.70
N ARG A 3385 8.33 -15.57 -33.76
CA ARG A 3385 8.50 -16.92 -33.21
C ARG A 3385 7.78 -17.12 -31.89
N LYS A 3386 7.04 -16.13 -31.40
CA LYS A 3386 6.34 -16.26 -30.13
C LYS A 3386 4.82 -16.27 -30.28
N LYS A 3387 4.29 -15.84 -31.43
CA LYS A 3387 2.85 -15.86 -31.71
C LYS A 3387 2.06 -15.08 -30.65
N LYS A 3388 2.33 -13.78 -30.60
CA LYS A 3388 1.63 -12.87 -29.71
C LYS A 3388 1.00 -11.75 -30.53
N SER A 3389 -0.03 -11.13 -29.95
CA SER A 3389 -0.74 -10.06 -30.62
C SER A 3389 0.16 -8.82 -30.75
N SER A 3390 -0.14 -7.99 -31.75
CA SER A 3390 0.63 -6.78 -31.98
C SER A 3390 0.49 -5.78 -30.84
N SER A 3391 -0.54 -5.92 -30.00
CA SER A 3391 -0.68 -5.07 -28.83
C SER A 3391 -0.04 -5.67 -27.59
N GLU A 3392 0.00 -7.00 -27.48
CA GLU A 3392 0.68 -7.64 -26.37
C GLU A 3392 2.17 -7.37 -26.41
N ALA A 3393 2.78 -7.45 -27.60
CA ALA A 3393 4.21 -7.24 -27.73
C ALA A 3393 4.61 -5.83 -27.34
N LEU A 3394 3.84 -4.83 -27.77
CA LEU A 3394 4.14 -3.45 -27.39
C LEU A 3394 3.90 -3.20 -25.90
N GLY A 3395 3.09 -4.03 -25.25
CA GLY A 3395 2.94 -3.90 -23.81
C GLY A 3395 4.19 -4.24 -23.04
N GLN A 3396 4.90 -5.30 -23.47
CA GLN A 3396 6.10 -5.73 -22.77
C GLN A 3396 7.30 -4.83 -23.05
N VAL A 3397 7.38 -4.27 -24.26
CA VAL A 3397 8.52 -3.42 -24.61
C VAL A 3397 8.56 -2.17 -23.74
N THR A 3398 7.39 -1.58 -23.47
CA THR A 3398 7.34 -0.32 -22.73
C THR A 3398 7.78 -0.46 -21.28
N GLU A 3399 7.81 -1.68 -20.73
CA GLU A 3399 8.14 -1.89 -19.33
C GLU A 3399 9.62 -2.21 -19.10
N GLU A 3400 10.44 -2.21 -20.14
CA GLU A 3400 11.85 -2.56 -20.00
C GLU A 3400 12.80 -1.45 -20.42
N PHE A 3401 12.28 -0.27 -20.79
CA PHE A 3401 13.11 0.87 -21.15
C PHE A 3401 12.59 2.11 -20.45
N ILE A 3402 13.52 3.03 -20.14
CA ILE A 3402 13.20 4.25 -19.42
C ILE A 3402 13.78 5.44 -20.17
N ASN A 3403 13.24 6.62 -19.86
CA ASN A 3403 13.71 7.87 -20.45
C ASN A 3403 14.77 8.47 -19.54
N TYR A 3404 15.97 8.68 -20.08
CA TYR A 3404 17.11 9.09 -19.28
C TYR A 3404 17.11 10.58 -18.94
N ASP A 3405 16.25 11.38 -19.57
CA ASP A 3405 16.22 12.81 -19.30
C ASP A 3405 15.72 13.13 -17.90
N ARG A 3406 15.12 12.17 -17.20
CA ARG A 3406 14.61 12.38 -15.86
C ARG A 3406 15.64 12.13 -14.77
N LEU A 3407 16.83 11.64 -15.11
CA LEU A 3407 17.83 11.24 -14.13
C LEU A 3407 19.18 11.89 -14.45
N PRO A 3408 19.34 13.17 -14.13
CA PRO A 3408 20.67 13.78 -14.20
C PRO A 3408 21.55 13.32 -13.04
N GLY A 3409 22.86 13.51 -13.22
CA GLY A 3409 23.80 13.13 -12.18
C GLY A 3409 23.61 13.95 -10.92
N ARG A 3410 23.86 13.32 -9.78
CA ARG A 3410 23.69 13.95 -8.48
C ARG A 3410 24.94 13.78 -7.62
N PHE A 3411 26.11 13.83 -8.25
CA PHE A 3411 27.37 13.64 -7.55
C PHE A 3411 28.02 15.00 -7.30
N ARG A 3412 29.18 14.96 -6.65
CA ARG A 3412 29.90 16.17 -6.29
C ARG A 3412 30.49 16.86 -7.52
N GLY A 3413 30.74 18.17 -7.36
CA GLY A 3413 31.61 18.86 -8.29
C GLY A 3413 33.07 18.54 -8.03
N TYR A 3414 33.91 18.95 -8.98
CA TYR A 3414 35.35 18.66 -8.94
C TYR A 3414 35.60 17.14 -8.85
N MET A 3415 34.79 16.37 -9.58
CA MET A 3415 34.91 14.92 -9.57
C MET A 3415 34.50 14.38 -10.93
N GLU A 3416 35.22 13.36 -11.39
CA GLU A 3416 34.92 12.69 -12.66
C GLU A 3416 33.76 11.72 -12.42
N SER A 3417 32.54 12.16 -12.71
CA SER A 3417 31.34 11.36 -12.52
C SER A 3417 30.67 10.98 -13.83
N MET A 3418 31.39 11.10 -14.95
CA MET A 3418 30.81 10.76 -16.25
C MET A 3418 30.52 9.27 -16.35
N GLY A 3419 31.50 8.44 -16.03
CA GLY A 3419 31.31 6.99 -16.11
C GLY A 3419 30.48 6.42 -15.00
N LEU A 3420 30.46 7.09 -13.84
CA LEU A 3420 29.66 6.60 -12.71
C LEU A 3420 28.18 6.86 -12.91
N MET A 3421 27.82 7.94 -13.60
CA MET A 3421 26.41 8.26 -13.82
C MET A 3421 25.74 7.20 -14.69
N TRP A 3422 26.44 6.73 -15.74
CA TRP A 3422 25.84 5.75 -16.64
C TRP A 3422 25.73 4.38 -16.00
N PHE A 3423 26.63 4.05 -15.06
CA PHE A 3423 26.54 2.77 -14.37
C PHE A 3423 25.24 2.67 -13.57
N TYR A 3424 24.86 3.74 -12.88
CA TYR A 3424 23.64 3.72 -12.09
C TYR A 3424 22.40 3.76 -12.98
N ASN A 3425 22.46 4.46 -14.11
CA ASN A 3425 21.33 4.47 -15.03
C ASN A 3425 21.07 3.09 -15.61
N PHE A 3426 22.13 2.37 -15.99
CA PHE A 3426 21.97 1.01 -16.48
C PHE A 3426 21.52 0.05 -15.39
N LYS A 3427 21.76 0.37 -14.13
CA LYS A 3427 21.36 -0.51 -13.03
C LYS A 3427 19.84 -0.54 -12.87
N ILE A 3428 19.20 0.63 -12.97
CA ILE A 3428 17.75 0.69 -12.79
C ILE A 3428 17.04 -0.07 -13.90
N ARG A 3429 17.52 0.05 -15.14
CA ARG A 3429 16.91 -0.67 -16.25
C ARG A 3429 17.02 -2.18 -16.06
N SER A 3430 18.05 -2.64 -15.36
CA SER A 3430 18.18 -4.07 -15.09
C SER A 3430 17.18 -4.53 -14.03
N ILE A 3431 16.76 -3.63 -13.15
CA ILE A 3431 15.76 -3.99 -12.14
C ILE A 3431 14.40 -4.21 -12.80
N LYS A 3432 14.04 -3.35 -13.76
CA LYS A 3432 12.76 -3.49 -14.44
C LYS A 3432 12.71 -4.76 -15.27
N VAL A 3433 13.83 -5.14 -15.87
CA VAL A 3433 13.89 -6.37 -16.67
C VAL A 3433 13.64 -7.59 -15.80
N ALA A 3434 14.26 -7.62 -14.62
CA ALA A 3434 14.11 -8.77 -13.73
C ALA A 3434 12.67 -8.91 -13.26
N MET A 3435 12.01 -7.79 -12.97
CA MET A 3435 10.62 -7.85 -12.51
C MET A 3435 9.68 -8.35 -13.60
N SER A 3436 10.00 -8.07 -14.87
CA SER A 3436 9.18 -8.55 -15.97
C SER A 3436 9.39 -10.04 -16.24
N MET A 3437 10.60 -10.55 -15.99
CA MET A 3437 10.87 -11.95 -16.26
C MET A 3437 10.15 -12.87 -15.28
N ILE A 3438 9.88 -12.40 -14.06
CA ILE A 3438 9.19 -13.22 -13.08
C ILE A 3438 7.77 -13.52 -13.53
N ARG A 3439 7.07 -12.50 -14.02
CA ARG A 3439 5.66 -12.67 -14.38
C ARG A 3439 5.50 -13.47 -15.67
N ASN A 3440 6.33 -13.20 -16.67
CA ASN A 3440 6.17 -13.78 -17.99
C ASN A 3440 6.92 -15.10 -18.17
N ASN A 3441 7.66 -15.54 -17.18
CA ASN A 3441 8.38 -16.81 -17.30
C ASN A 3441 8.72 -17.36 -15.91
N PRO A 3442 7.74 -17.93 -15.21
CA PRO A 3442 8.03 -18.51 -13.88
C PRO A 3442 9.01 -19.67 -13.92
N VAL A 3443 9.06 -20.41 -15.04
CA VAL A 3443 9.95 -21.58 -15.12
C VAL A 3443 11.40 -21.14 -15.17
N HIS A 3444 11.70 -20.08 -15.93
CA HIS A 3444 13.08 -19.65 -16.08
C HIS A 3444 13.66 -19.14 -14.76
N SER A 3445 12.84 -18.46 -13.96
CA SER A 3445 13.32 -17.94 -12.68
C SER A 3445 13.68 -19.08 -11.73
N LEU A 3446 12.88 -20.14 -11.70
CA LEU A 3446 13.18 -21.28 -10.83
C LEU A 3446 14.41 -22.03 -11.31
N ILE A 3447 14.57 -22.18 -12.64
CA ILE A 3447 15.72 -22.90 -13.18
C ILE A 3447 17.02 -22.15 -12.91
N ALA A 3448 16.97 -20.81 -12.93
CA ALA A 3448 18.19 -20.01 -12.83
C ALA A 3448 18.97 -20.25 -11.54
N THR A 3449 18.30 -20.73 -10.49
CA THR A 3449 18.97 -21.02 -9.22
C THR A 3449 19.16 -22.51 -8.99
N VAL A 3450 19.07 -23.33 -10.04
CA VAL A 3450 19.24 -24.76 -9.91
C VAL A 3450 20.34 -25.24 -10.85
N VAL A 3451 20.23 -24.89 -12.13
CA VAL A 3451 21.16 -25.35 -13.16
C VAL A 3451 22.26 -24.30 -13.30
N PRO A 3452 23.53 -24.65 -13.09
CA PRO A 3452 24.60 -23.66 -13.27
C PRO A 3452 24.66 -23.16 -14.70
N ALA A 3453 24.95 -21.87 -14.86
CA ALA A 3453 25.01 -21.24 -16.16
C ALA A 3453 25.81 -19.95 -16.04
N PRO A 3454 26.46 -19.51 -17.11
CA PRO A 3454 27.13 -18.20 -17.07
C PRO A 3454 26.12 -17.09 -16.86
N THR A 3455 26.55 -16.06 -16.12
CA THR A 3455 25.71 -14.91 -15.76
C THR A 3455 24.46 -15.35 -15.01
N MET A 3456 24.55 -16.46 -14.29
CA MET A 3456 23.44 -16.94 -13.45
C MET A 3456 23.84 -17.17 -12.01
N PHE A 3457 25.11 -17.47 -11.74
CA PHE A 3457 25.63 -17.61 -10.39
C PHE A 3457 26.66 -16.52 -10.12
N GLY A 3458 26.65 -15.98 -8.91
CA GLY A 3458 27.58 -14.94 -8.54
C GLY A 3458 28.93 -15.46 -8.10
N ASN A 3459 29.41 -15.00 -6.96
CA ASN A 3459 30.70 -15.46 -6.45
C ASN A 3459 30.62 -16.94 -6.10
N VAL A 3460 31.66 -17.67 -6.51
CA VAL A 3460 31.75 -19.11 -6.26
C VAL A 3460 32.93 -19.45 -5.35
N GLY A 3461 33.46 -18.45 -4.63
CA GLY A 3461 34.60 -18.64 -3.77
C GLY A 3461 35.93 -18.31 -4.40
N LEU A 3462 35.98 -18.22 -5.73
CA LEU A 3462 37.20 -17.86 -6.42
C LEU A 3462 37.50 -16.37 -6.24
N PRO A 3463 38.73 -15.94 -6.50
CA PRO A 3463 39.05 -14.51 -6.38
C PRO A 3463 38.17 -13.66 -7.28
N ILE A 3464 37.85 -12.46 -6.80
CA ILE A 3464 36.84 -11.62 -7.45
C ILE A 3464 37.31 -11.24 -8.84
N GLN A 3465 36.41 -11.39 -9.82
CA GLN A 3465 36.65 -11.02 -11.20
C GLN A 3465 35.63 -9.97 -11.62
N ASP A 3466 36.05 -9.06 -12.49
CA ASP A 3466 35.23 -7.95 -12.91
C ASP A 3466 34.45 -8.31 -14.17
N ASN A 3467 33.75 -7.34 -14.75
CA ASN A 3467 33.05 -7.50 -16.01
C ASN A 3467 33.14 -6.18 -16.77
N MET A 3468 32.41 -6.09 -17.88
CA MET A 3468 32.45 -4.86 -18.67
C MET A 3468 31.84 -3.69 -17.93
N LEU A 3469 30.82 -3.96 -17.11
CA LEU A 3469 30.15 -2.89 -16.37
C LEU A 3469 30.98 -2.37 -15.19
N THR A 3470 32.10 -3.03 -14.87
CA THR A 3470 32.85 -2.65 -13.68
C THR A 3470 33.90 -1.58 -14.00
N MET A 3471 34.72 -1.81 -15.03
CA MET A 3471 35.72 -0.81 -15.39
C MET A 3471 35.09 0.45 -15.98
N LEU A 3472 33.86 0.38 -16.47
CA LEU A 3472 33.19 1.57 -16.94
C LEU A 3472 32.96 2.57 -15.80
N ALA A 3473 32.57 2.07 -14.63
CA ALA A 3473 32.31 2.94 -13.50
C ALA A 3473 33.58 3.44 -12.84
N GLU A 3474 34.68 2.70 -12.93
CA GLU A 3474 35.92 3.05 -12.25
C GLU A 3474 36.80 3.99 -13.07
N GLY A 3475 36.49 4.22 -14.34
CA GLY A 3475 37.25 5.14 -15.15
C GLY A 3475 38.60 4.64 -15.61
N ARG A 3476 38.89 3.34 -15.45
CA ARG A 3476 40.17 2.81 -15.88
C ARG A 3476 40.21 2.66 -17.41
N LEU A 3477 41.41 2.41 -17.92
CA LEU A 3477 41.60 2.18 -19.34
C LEU A 3477 42.55 1.03 -19.63
N ASP A 3478 42.91 0.22 -18.64
CA ASP A 3478 43.85 -0.88 -18.83
C ASP A 3478 43.10 -2.19 -19.11
N TYR A 3479 42.31 -2.17 -20.17
CA TYR A 3479 41.54 -3.34 -20.58
C TYR A 3479 41.10 -3.16 -22.02
N SER A 3480 40.40 -4.17 -22.53
CA SER A 3480 39.81 -4.12 -23.87
C SER A 3480 38.64 -5.08 -23.91
N LEU A 3481 37.62 -4.72 -24.70
CA LEU A 3481 36.40 -5.49 -24.80
C LEU A 3481 36.46 -6.56 -25.87
N GLY A 3482 37.65 -7.01 -26.24
CA GLY A 3482 37.79 -7.97 -27.33
C GLY A 3482 38.53 -9.25 -26.99
N PHE A 3483 39.27 -9.26 -25.90
CA PHE A 3483 40.08 -10.42 -25.54
C PHE A 3483 40.11 -10.59 -24.03
N GLY A 3484 40.12 -11.85 -23.60
CA GLY A 3484 40.32 -12.16 -22.20
C GLY A 3484 39.27 -11.51 -21.32
N GLN A 3485 39.73 -10.77 -20.31
CA GLN A 3485 38.83 -10.04 -19.44
C GLN A 3485 38.16 -8.91 -20.20
N GLY A 3486 36.96 -8.55 -19.77
CA GLY A 3486 36.15 -7.57 -20.45
C GLY A 3486 35.11 -8.15 -21.38
N LEU A 3487 35.15 -9.46 -21.63
CA LEU A 3487 34.12 -10.15 -22.38
C LEU A 3487 33.02 -10.70 -21.49
N ARG A 3488 33.09 -10.47 -20.18
CA ARG A 3488 32.12 -10.99 -19.23
C ARG A 3488 30.98 -10.01 -19.05
N ALA A 3489 29.76 -10.56 -18.93
CA ALA A 3489 28.55 -9.79 -18.74
C ALA A 3489 28.02 -9.94 -17.32
N PRO A 3490 27.28 -8.96 -16.82
CA PRO A 3490 26.71 -9.08 -15.47
C PRO A 3490 25.65 -10.18 -15.41
N THR A 3491 25.40 -10.64 -14.19
CA THR A 3491 24.51 -11.77 -13.97
C THR A 3491 23.07 -11.41 -14.36
N LEU A 3492 22.24 -12.45 -14.48
CA LEU A 3492 20.86 -12.29 -14.92
C LEU A 3492 19.85 -12.92 -13.98
N ASN A 3493 20.25 -13.25 -12.75
CA ASN A 3493 19.32 -13.86 -11.81
C ASN A 3493 18.24 -12.87 -11.41
N PRO A 3494 16.95 -13.20 -11.55
CA PRO A 3494 15.89 -12.24 -11.27
C PRO A 3494 15.83 -11.78 -9.82
N TRP A 3495 15.71 -12.72 -8.88
CA TRP A 3495 15.59 -12.36 -7.48
C TRP A 3495 16.89 -11.78 -6.93
N PHE A 3496 18.03 -12.20 -7.47
CA PHE A 3496 19.31 -11.62 -7.06
C PHE A 3496 19.39 -10.14 -7.41
N ASN A 3497 18.92 -9.77 -8.61
CA ASN A 3497 19.01 -8.38 -9.03
C ASN A 3497 18.04 -7.49 -8.27
N LEU A 3498 16.91 -8.04 -7.82
CA LEU A 3498 15.94 -7.24 -7.07
C LEU A 3498 16.49 -6.81 -5.72
N THR A 3499 17.26 -7.68 -5.06
CA THR A 3499 17.78 -7.40 -3.73
C THR A 3499 19.22 -6.91 -3.73
N HIS A 3500 20.01 -7.27 -4.74
CA HIS A 3500 21.41 -6.86 -4.80
C HIS A 3500 21.70 -6.07 -6.07
#